data_3UBQ
#
_entry.id   3UBQ
#
_cell.length_a   66.876
_cell.length_b   116.258
_cell.length_c   118.366
_cell.angle_alpha   60.96
_cell.angle_beta   77.13
_cell.angle_gamma   80.40
#
_symmetry.space_group_name_H-M   'P 1'
#
loop_
_entity.id
_entity.type
_entity.pdbx_description
1 polymer 'hemagglutinin HA1'
2 polymer 'hemagglutinin HA2'
3 branched 2-acetamido-2-deoxy-beta-D-glucopyranose-(1-4)-2-acetamido-2-deoxy-beta-D-glucopyranose
4 branched 'N-acetyl-alpha-neuraminic acid-(2-3)-beta-D-galactopyranose-(1-4)-2-acetamido-2-deoxy-beta-D-glucopyranose'
5 branched 'N-acetyl-alpha-neuraminic acid-(2-3)-beta-D-galactopyranose'
6 non-polymer 2-acetamido-2-deoxy-beta-D-glucopyranose
7 water water
#
loop_
_entity_poly.entity_id
_entity_poly.type
_entity_poly.pdbx_seq_one_letter_code
_entity_poly.pdbx_strand_id
1 'polypeptide(L)'
;PGDTLCIGYHANNSTDTVDTVLEKNVTVTHSVNLLEDKHNGKLCKLRGVAPLHLGKCNIAGWILGNPECESLSTASSWSY
IVETPSSDNGTCYPGDFIDYEELREQLSSVSSFERFEIFPKTSSWPNHDSNKGVTAACPHAGAKSFYKNLIWLVKKGNSY
PKLSKSYINDKGKEVLVLWGIHHPSTSADQQSLYQNADTYVFVCSSRYSKKFKPEIAICPKVRDQEGRMNYYWTLVEPGD
KITFEATGNLVVPRYAFAMERNAGSGIIISDTPVHDCNTTCQTPKGAINTSLPFQNIHPITIGKCPKYVKSTKLRLATGL
RNIPSIQSR
;
A,C,E,G,I,K
2 'polypeptide(L)'
;GLFGAIAGFIEGGWTGMVDGWYGYHHQNEQGSGYAADLKSTQNAIDEITNKVNSVIEKMNTQFTAVGKEFNHLEKRIENL
NKKVDDGFLDIWTYNAELLVLLENERTLDYHDSNVKNLYEKVRSQLKNNAKEIGNGCFEFYHKCDNTCMESVKNGTYDYP
KYSEEAKLNREEIDSGR
;
B,D,F,H,J,L
#
# COMPACT_ATOMS: atom_id res chain seq x y z
N ASP A 3 18.13 47.93 13.53
CA ASP A 3 16.76 48.04 13.04
C ASP A 3 16.55 47.21 11.77
N THR A 4 15.88 46.07 11.91
CA THR A 4 15.68 45.15 10.79
C THR A 4 14.21 44.96 10.41
N LEU A 5 13.98 44.77 9.12
CA LEU A 5 12.66 44.34 8.62
C LEU A 5 12.84 43.10 7.76
N CYS A 6 12.05 42.07 8.04
CA CYS A 6 12.16 40.82 7.30
C CYS A 6 10.88 40.49 6.53
N ILE A 7 11.06 39.93 5.34
CA ILE A 7 9.93 39.40 4.58
C ILE A 7 9.90 37.89 4.75
N GLY A 8 8.72 37.34 5.03
CA GLY A 8 8.60 35.94 5.35
C GLY A 8 7.25 35.33 5.00
N TYR A 9 7.11 34.04 5.27
CA TYR A 9 5.88 33.32 4.95
C TYR A 9 5.38 32.47 6.12
N HIS A 10 4.13 32.06 6.01
CA HIS A 10 3.44 31.35 7.08
C HIS A 10 3.94 29.92 7.31
N ALA A 11 3.90 29.50 8.56
CA ALA A 11 4.04 28.08 8.90
C ALA A 11 3.10 27.73 10.05
N ASN A 12 2.78 26.44 10.18
CA ASN A 12 1.89 25.98 11.24
C ASN A 12 2.18 24.56 11.71
N ASN A 13 1.31 24.03 12.56
CA ASN A 13 1.51 22.73 13.18
C ASN A 13 1.07 21.55 12.31
N SER A 14 0.47 21.87 11.16
CA SER A 14 -0.14 20.86 10.32
C SER A 14 0.82 19.86 9.71
N THR A 15 0.34 18.63 9.56
CA THR A 15 1.12 17.54 9.00
C THR A 15 0.49 17.02 7.71
N ASP A 16 -0.45 17.78 7.17
CA ASP A 16 -1.02 17.45 5.87
C ASP A 16 0.13 17.30 4.86
N THR A 17 0.01 16.31 4.00
CA THR A 17 1.03 16.07 2.99
C THR A 17 0.41 15.95 1.60
N VAL A 18 1.14 16.40 0.57
CA VAL A 18 0.70 16.23 -0.80
C VAL A 18 1.83 15.79 -1.71
N ASP A 19 1.48 15.26 -2.88
CA ASP A 19 2.44 14.88 -3.90
C ASP A 19 2.41 15.90 -5.03
N THR A 20 3.57 16.11 -5.65
CA THR A 20 3.69 16.91 -6.85
C THR A 20 4.42 16.07 -7.87
N VAL A 21 4.35 16.43 -9.14
CA VAL A 21 5.08 15.69 -10.17
C VAL A 21 6.57 15.55 -9.79
N LEU A 22 7.09 16.52 -9.05
CA LEU A 22 8.52 16.52 -8.72
C LEU A 22 8.86 15.85 -7.39
N GLU A 23 7.99 15.98 -6.38
CA GLU A 23 8.32 15.51 -5.05
C GLU A 23 7.16 14.87 -4.33
N LYS A 24 7.41 13.81 -3.56
CA LYS A 24 6.36 13.12 -2.82
C LYS A 24 6.33 13.54 -1.35
N ASN A 25 5.16 13.41 -0.73
CA ASN A 25 4.96 13.70 0.69
C ASN A 25 5.44 15.09 1.15
N VAL A 26 5.04 16.14 0.43
CA VAL A 26 5.39 17.50 0.76
C VAL A 26 4.40 18.11 1.74
N THR A 27 4.84 18.35 2.98
CA THR A 27 3.97 18.95 3.98
C THR A 27 3.53 20.34 3.53
N VAL A 28 2.26 20.69 3.75
CA VAL A 28 1.75 21.99 3.32
C VAL A 28 0.92 22.66 4.40
N THR A 29 0.69 23.96 4.26
CA THR A 29 0.00 24.75 5.29
C THR A 29 -1.51 24.62 5.21
N HIS A 30 -2.02 24.38 4.01
CA HIS A 30 -3.44 24.18 3.80
C HIS A 30 -3.62 23.32 2.57
N SER A 31 -4.63 22.45 2.60
CA SER A 31 -4.95 21.61 1.46
C SER A 31 -6.42 21.19 1.50
N VAL A 32 -6.91 20.72 0.36
CA VAL A 32 -8.26 20.19 0.29
C VAL A 32 -8.23 18.90 -0.53
N ASN A 33 -9.19 18.02 -0.26
CA ASN A 33 -9.32 16.77 -1.00
C ASN A 33 -10.23 16.99 -2.20
N LEU A 34 -9.79 16.52 -3.38
CA LEU A 34 -10.65 16.61 -4.57
C LEU A 34 -11.44 15.33 -4.77
N LEU A 35 -11.18 14.35 -3.91
CA LEU A 35 -11.81 13.04 -4.03
C LEU A 35 -12.93 12.84 -3.01
N GLU A 36 -14.14 12.64 -3.51
CA GLU A 36 -15.26 12.31 -2.62
C GLU A 36 -15.20 10.84 -2.24
N ASP A 37 -14.98 10.57 -0.96
CA ASP A 37 -14.89 9.19 -0.51
C ASP A 37 -15.94 8.85 0.55
N LYS A 38 -16.90 9.77 0.75
CA LYS A 38 -18.00 9.53 1.67
C LYS A 38 -19.35 9.31 0.97
N HIS A 39 -20.14 8.37 1.48
CA HIS A 39 -21.52 8.21 1.08
C HIS A 39 -22.37 8.13 2.34
N ASN A 40 -23.68 8.21 2.21
CA ASN A 40 -24.56 8.26 3.39
C ASN A 40 -25.13 6.92 3.82
N GLY A 41 -24.78 5.86 3.10
CA GLY A 41 -25.23 4.52 3.43
C GLY A 41 -26.73 4.28 3.31
N LYS A 42 -27.40 5.04 2.46
CA LYS A 42 -28.85 4.86 2.25
C LYS A 42 -29.19 4.87 0.77
N LEU A 43 -30.31 4.26 0.41
CA LEU A 43 -30.87 4.44 -0.94
C LEU A 43 -31.89 5.56 -0.84
N CYS A 44 -31.70 6.60 -1.64
CA CYS A 44 -32.53 7.79 -1.49
C CYS A 44 -33.43 8.05 -2.66
N LYS A 45 -34.34 8.99 -2.48
CA LYS A 45 -35.16 9.51 -3.56
C LYS A 45 -34.25 10.25 -4.54
N LEU A 46 -34.31 9.87 -5.81
CA LEU A 46 -33.50 10.50 -6.85
C LEU A 46 -34.33 11.52 -7.64
N ARG A 47 -33.90 12.78 -7.60
CA ARG A 47 -34.62 13.85 -8.28
C ARG A 47 -35.97 14.08 -7.61
N GLY A 48 -36.05 13.75 -6.32
CA GLY A 48 -37.28 13.95 -5.57
C GLY A 48 -38.23 12.76 -5.55
N VAL A 49 -37.93 11.72 -6.32
CA VAL A 49 -38.84 10.58 -6.43
C VAL A 49 -38.27 9.29 -5.82
N ALA A 50 -39.06 8.64 -4.97
CA ALA A 50 -38.65 7.40 -4.32
C ALA A 50 -38.42 6.28 -5.33
N PRO A 51 -37.50 5.35 -5.01
CA PRO A 51 -37.38 4.16 -5.84
C PRO A 51 -38.55 3.24 -5.56
N LEU A 52 -38.69 2.24 -6.42
CA LEU A 52 -39.62 1.17 -6.19
C LEU A 52 -38.79 0.07 -5.57
N HIS A 53 -39.14 -0.35 -4.37
CA HIS A 53 -38.41 -1.42 -3.70
C HIS A 53 -39.26 -2.69 -3.73
N LEU A 54 -38.70 -3.77 -4.27
CA LEU A 54 -39.51 -4.94 -4.60
C LEU A 54 -39.58 -5.98 -3.48
N GLY A 55 -38.99 -5.66 -2.34
CA GLY A 55 -39.04 -6.55 -1.21
C GLY A 55 -38.37 -7.87 -1.49
N LYS A 56 -39.09 -8.96 -1.25
CA LYS A 56 -38.51 -10.29 -1.44
C LYS A 56 -38.74 -10.82 -2.86
N CYS A 57 -39.27 -9.98 -3.73
CA CYS A 57 -39.58 -10.39 -5.10
C CYS A 57 -38.59 -9.77 -6.09
N ASN A 58 -38.42 -10.39 -7.25
CA ASN A 58 -37.67 -9.74 -8.32
C ASN A 58 -38.65 -9.08 -9.27
N ILE A 59 -38.15 -8.42 -10.31
CA ILE A 59 -39.05 -7.76 -11.24
C ILE A 59 -40.11 -8.71 -11.85
N ALA A 60 -39.71 -9.95 -12.14
CA ALA A 60 -40.62 -10.93 -12.72
C ALA A 60 -41.78 -11.26 -11.79
N GLY A 61 -41.46 -11.62 -10.55
CA GLY A 61 -42.47 -11.93 -9.56
C GLY A 61 -43.40 -10.77 -9.32
N TRP A 62 -42.86 -9.57 -9.23
CA TRP A 62 -43.67 -8.38 -8.99
C TRP A 62 -44.64 -8.12 -10.15
N ILE A 63 -44.11 -8.07 -11.37
CA ILE A 63 -44.90 -7.71 -12.54
C ILE A 63 -45.93 -8.76 -12.92
N LEU A 64 -45.63 -10.03 -12.64
CA LEU A 64 -46.58 -11.11 -12.91
C LEU A 64 -47.56 -11.26 -11.76
N GLY A 65 -47.22 -10.71 -10.60
CA GLY A 65 -48.10 -10.78 -9.46
C GLY A 65 -47.92 -12.05 -8.66
N ASN A 66 -46.68 -12.53 -8.58
CA ASN A 66 -46.37 -13.62 -7.67
C ASN A 66 -47.09 -13.36 -6.34
N PRO A 67 -47.73 -14.39 -5.78
CA PRO A 67 -48.55 -14.23 -4.57
C PRO A 67 -47.81 -13.59 -3.40
N GLU A 68 -46.48 -13.68 -3.40
CA GLU A 68 -45.69 -13.12 -2.31
C GLU A 68 -45.40 -11.62 -2.47
N CYS A 69 -45.67 -11.07 -3.64
CA CYS A 69 -45.32 -9.67 -3.89
C CYS A 69 -46.49 -8.73 -3.62
N GLU A 70 -46.18 -7.46 -3.37
CA GLU A 70 -47.23 -6.49 -3.07
C GLU A 70 -47.67 -5.71 -4.30
N SER A 71 -48.81 -6.11 -4.86
CA SER A 71 -49.30 -5.58 -6.13
C SER A 71 -50.12 -4.30 -6.00
N LEU A 72 -49.44 -3.16 -5.99
CA LEU A 72 -50.10 -1.86 -6.15
C LEU A 72 -51.30 -1.64 -5.22
N SER A 73 -51.09 -1.10 -4.01
CA SER A 73 -49.78 -0.74 -3.45
C SER A 73 -48.87 0.08 -4.38
N THR A 74 -47.85 -0.58 -4.90
CA THR A 74 -46.92 -0.03 -5.89
C THR A 74 -47.22 1.42 -6.29
N ALA A 75 -46.29 2.31 -5.95
CA ALA A 75 -46.44 3.72 -6.29
C ALA A 75 -46.83 3.89 -7.76
N SER A 76 -47.32 5.07 -8.12
CA SER A 76 -47.68 5.37 -9.50
C SER A 76 -46.48 5.98 -10.21
N SER A 77 -45.34 5.99 -9.54
CA SER A 77 -44.11 6.53 -10.10
C SER A 77 -42.90 6.14 -9.25
N TRP A 78 -41.75 6.01 -9.90
CA TRP A 78 -40.50 5.75 -9.19
C TRP A 78 -39.31 6.12 -10.08
N SER A 79 -38.19 6.48 -9.44
CA SER A 79 -37.01 6.97 -10.15
C SER A 79 -36.01 5.87 -10.51
N TYR A 80 -36.07 4.76 -9.78
CA TYR A 80 -35.30 3.56 -10.08
C TYR A 80 -35.91 2.39 -9.31
N ILE A 81 -35.40 1.18 -9.53
CA ILE A 81 -35.91 -0.01 -8.86
C ILE A 81 -34.85 -0.63 -7.95
N VAL A 82 -35.27 -1.10 -6.78
CA VAL A 82 -34.38 -1.81 -5.88
C VAL A 82 -34.87 -3.23 -5.62
N GLU A 83 -34.04 -4.21 -5.97
CA GLU A 83 -34.25 -5.59 -5.53
C GLU A 83 -33.21 -5.86 -4.46
N THR A 84 -33.51 -6.77 -3.54
CA THR A 84 -32.49 -7.21 -2.61
C THR A 84 -31.76 -8.39 -3.25
N PRO A 85 -30.53 -8.68 -2.78
CA PRO A 85 -29.74 -9.82 -3.25
C PRO A 85 -30.38 -11.15 -2.85
N SER A 86 -31.37 -11.11 -1.96
CA SER A 86 -31.99 -12.33 -1.48
C SER A 86 -33.39 -12.53 -2.06
N SER A 87 -33.81 -11.64 -2.94
CA SER A 87 -35.13 -11.72 -3.56
C SER A 87 -35.33 -13.04 -4.30
N ASP A 88 -36.21 -13.87 -3.75
CA ASP A 88 -36.34 -15.26 -4.13
C ASP A 88 -37.59 -15.52 -4.97
N ASN A 89 -38.59 -14.66 -4.81
CA ASN A 89 -39.90 -14.89 -5.43
C ASN A 89 -40.03 -14.22 -6.80
N GLY A 90 -39.95 -15.02 -7.85
CA GLY A 90 -40.14 -14.56 -9.21
C GLY A 90 -41.13 -15.42 -9.97
N THR A 91 -40.65 -16.09 -11.02
CA THR A 91 -41.48 -16.98 -11.82
C THR A 91 -41.59 -18.35 -11.13
N CYS A 92 -42.57 -18.49 -10.25
CA CYS A 92 -42.69 -19.69 -9.42
C CYS A 92 -43.02 -20.94 -10.24
N TYR A 93 -43.70 -20.76 -11.37
CA TYR A 93 -43.87 -21.85 -12.32
C TYR A 93 -42.76 -21.71 -13.34
N PRO A 94 -41.88 -22.72 -13.43
CA PRO A 94 -40.63 -22.62 -14.19
C PRO A 94 -40.85 -22.39 -15.67
N GLY A 95 -40.03 -21.51 -16.24
CA GLY A 95 -40.07 -21.26 -17.67
C GLY A 95 -39.18 -20.11 -18.06
N ASP A 96 -39.27 -19.73 -19.33
CA ASP A 96 -38.43 -18.68 -19.88
C ASP A 96 -39.21 -17.37 -19.86
N PHE A 97 -38.58 -16.28 -19.41
CA PHE A 97 -39.22 -14.98 -19.46
C PHE A 97 -38.61 -14.21 -20.62
N ILE A 98 -39.35 -14.11 -21.73
CA ILE A 98 -38.80 -13.57 -22.96
C ILE A 98 -38.50 -12.07 -22.84
N ASP A 99 -37.31 -11.68 -23.29
CA ASP A 99 -36.86 -10.30 -23.25
C ASP A 99 -36.98 -9.71 -21.85
N TYR A 100 -36.64 -10.51 -20.85
CA TYR A 100 -36.73 -10.12 -19.45
C TYR A 100 -35.86 -8.89 -19.14
N GLU A 101 -34.60 -8.92 -19.57
CA GLU A 101 -33.71 -7.78 -19.29
C GLU A 101 -34.25 -6.51 -19.92
N GLU A 102 -34.76 -6.63 -21.15
CA GLU A 102 -35.35 -5.48 -21.82
C GLU A 102 -36.50 -4.90 -20.99
N LEU A 103 -37.39 -5.76 -20.48
CA LEU A 103 -38.50 -5.29 -19.64
C LEU A 103 -38.00 -4.56 -18.41
N ARG A 104 -37.06 -5.19 -17.69
CA ARG A 104 -36.50 -4.60 -16.49
C ARG A 104 -35.99 -3.17 -16.74
N GLU A 105 -35.19 -3.01 -17.80
CA GLU A 105 -34.67 -1.70 -18.18
C GLU A 105 -35.82 -0.73 -18.46
N GLN A 106 -36.83 -1.21 -19.18
CA GLN A 106 -37.94 -0.36 -19.61
C GLN A 106 -38.88 0.04 -18.46
N LEU A 107 -38.92 -0.76 -17.40
CA LEU A 107 -39.67 -0.41 -16.20
C LEU A 107 -38.85 0.36 -15.16
N SER A 108 -37.55 0.52 -15.40
CA SER A 108 -36.67 1.05 -14.36
C SER A 108 -37.09 2.42 -13.83
N SER A 109 -37.63 3.26 -14.71
CA SER A 109 -38.10 4.59 -14.31
C SER A 109 -39.41 4.94 -15.00
N VAL A 110 -40.39 5.33 -14.19
CA VAL A 110 -41.74 5.55 -14.68
C VAL A 110 -42.29 6.80 -14.01
N SER A 111 -43.00 7.63 -14.77
CA SER A 111 -43.62 8.81 -14.17
C SER A 111 -45.10 8.58 -13.87
N SER A 112 -45.65 7.49 -14.43
CA SER A 112 -47.04 7.13 -14.19
C SER A 112 -47.20 5.63 -14.37
N PHE A 113 -47.88 4.98 -13.42
CA PHE A 113 -48.03 3.54 -13.45
C PHE A 113 -49.32 3.13 -12.74
N GLU A 114 -50.22 2.48 -13.47
CA GLU A 114 -51.51 2.07 -12.92
C GLU A 114 -51.88 0.65 -13.32
N ARG A 115 -52.13 -0.19 -12.32
CA ARG A 115 -52.60 -1.55 -12.53
C ARG A 115 -54.12 -1.54 -12.67
N PHE A 116 -54.64 -2.24 -13.67
CA PHE A 116 -56.08 -2.30 -13.89
C PHE A 116 -56.48 -3.64 -14.46
N GLU A 117 -57.72 -4.05 -14.23
CA GLU A 117 -58.19 -5.35 -14.69
C GLU A 117 -58.57 -5.32 -16.16
N ILE A 118 -57.61 -5.66 -17.01
CA ILE A 118 -57.80 -5.67 -18.45
C ILE A 118 -58.91 -6.64 -18.86
N PHE A 119 -58.95 -7.79 -18.21
CA PHE A 119 -59.95 -8.82 -18.48
C PHE A 119 -60.55 -9.32 -17.17
N PRO A 120 -61.64 -8.70 -16.70
CA PRO A 120 -62.25 -9.18 -15.46
C PRO A 120 -62.41 -10.70 -15.42
N LYS A 121 -62.03 -11.30 -14.30
CA LYS A 121 -62.02 -12.75 -14.15
C LYS A 121 -63.38 -13.40 -14.36
N THR A 122 -64.43 -12.72 -13.91
CA THR A 122 -65.76 -13.33 -13.89
C THR A 122 -66.52 -13.25 -15.21
N SER A 123 -66.35 -12.15 -15.94
CA SER A 123 -67.18 -11.90 -17.12
C SER A 123 -66.49 -12.21 -18.45
N SER A 124 -65.17 -12.33 -18.44
CA SER A 124 -64.41 -12.44 -19.68
C SER A 124 -64.40 -13.82 -20.31
N TRP A 125 -64.61 -14.85 -19.49
CA TRP A 125 -64.36 -16.21 -19.96
C TRP A 125 -65.54 -17.14 -19.71
N PRO A 126 -66.69 -16.82 -20.32
CA PRO A 126 -67.90 -17.61 -20.11
C PRO A 126 -67.73 -19.06 -20.56
N ASN A 127 -66.95 -19.27 -21.62
CA ASN A 127 -66.82 -20.61 -22.21
C ASN A 127 -65.66 -21.44 -21.67
N HIS A 128 -64.88 -20.88 -20.75
CA HIS A 128 -63.76 -21.61 -20.18
C HIS A 128 -63.78 -21.50 -18.65
N ASP A 129 -62.98 -22.31 -17.98
CA ASP A 129 -62.96 -22.28 -16.52
C ASP A 129 -61.84 -21.37 -16.03
N SER A 130 -62.21 -20.24 -15.42
CA SER A 130 -61.22 -19.26 -14.98
C SER A 130 -61.00 -19.31 -13.48
N ASN A 131 -61.32 -20.45 -12.87
CA ASN A 131 -61.30 -20.58 -11.42
C ASN A 131 -60.69 -21.90 -10.93
N LYS A 132 -59.69 -22.39 -11.63
CA LYS A 132 -59.01 -23.62 -11.21
C LYS A 132 -57.51 -23.56 -11.43
N GLY A 133 -57.05 -22.45 -12.02
CA GLY A 133 -55.66 -22.33 -12.42
C GLY A 133 -54.69 -22.06 -11.28
N VAL A 134 -54.51 -23.03 -10.40
CA VAL A 134 -53.56 -22.88 -9.30
C VAL A 134 -52.62 -24.08 -9.25
N THR A 135 -51.53 -23.95 -8.50
CA THR A 135 -50.47 -24.95 -8.57
C THR A 135 -49.62 -24.94 -7.32
N ALA A 136 -49.04 -26.09 -7.00
CA ALA A 136 -48.17 -26.19 -5.84
C ALA A 136 -46.87 -25.41 -6.07
N ALA A 137 -46.57 -25.12 -7.34
CA ALA A 137 -45.36 -24.36 -7.67
C ALA A 137 -45.46 -22.91 -7.22
N CYS A 138 -46.68 -22.43 -6.99
CA CYS A 138 -46.91 -21.04 -6.63
C CYS A 138 -47.77 -20.96 -5.38
N PRO A 139 -47.27 -21.53 -4.27
CA PRO A 139 -48.06 -21.60 -3.03
C PRO A 139 -48.23 -20.24 -2.38
N HIS A 140 -49.27 -20.10 -1.57
CA HIS A 140 -49.52 -18.84 -0.90
C HIS A 140 -49.59 -19.04 0.62
N ALA A 141 -50.73 -18.68 1.21
CA ALA A 141 -50.90 -18.86 2.65
C ALA A 141 -51.11 -20.34 2.94
N GLY A 142 -50.12 -21.15 2.60
CA GLY A 142 -50.22 -22.59 2.76
C GLY A 142 -51.32 -23.19 1.89
N ALA A 143 -51.21 -22.96 0.58
CA ALA A 143 -52.21 -23.45 -0.37
C ALA A 143 -51.77 -23.19 -1.80
N LYS A 144 -52.20 -24.04 -2.73
CA LYS A 144 -51.97 -23.80 -4.15
C LYS A 144 -52.51 -22.44 -4.51
N SER A 145 -51.81 -21.74 -5.42
CA SER A 145 -52.17 -20.38 -5.79
C SER A 145 -51.55 -20.07 -7.16
N PHE A 146 -51.51 -18.79 -7.53
CA PHE A 146 -50.99 -18.44 -8.85
C PHE A 146 -50.68 -16.95 -8.94
N TYR A 147 -50.06 -16.55 -10.04
CA TYR A 147 -49.82 -15.13 -10.29
C TYR A 147 -51.15 -14.37 -10.25
N LYS A 148 -51.15 -13.23 -9.58
CA LYS A 148 -52.37 -12.43 -9.44
C LYS A 148 -52.75 -11.76 -10.74
N ASN A 149 -51.77 -11.45 -11.59
CA ASN A 149 -52.03 -10.67 -12.78
C ASN A 149 -52.34 -11.50 -14.01
N LEU A 150 -52.32 -12.82 -13.85
CA LEU A 150 -52.64 -13.72 -14.94
C LEU A 150 -53.70 -14.72 -14.50
N ILE A 151 -54.39 -15.33 -15.47
CA ILE A 151 -55.31 -16.42 -15.17
C ILE A 151 -54.98 -17.65 -16.01
N TRP A 152 -54.72 -18.76 -15.33
CA TRP A 152 -54.47 -20.02 -16.01
C TRP A 152 -55.81 -20.63 -16.44
N LEU A 153 -56.27 -20.30 -17.65
CA LEU A 153 -57.54 -20.83 -18.14
C LEU A 153 -57.46 -22.31 -18.46
N VAL A 154 -58.51 -23.03 -18.10
CA VAL A 154 -58.58 -24.47 -18.26
C VAL A 154 -59.92 -24.82 -18.92
N LYS A 155 -60.03 -26.00 -19.52
CA LYS A 155 -61.26 -26.38 -20.20
C LYS A 155 -62.46 -26.37 -19.26
N LYS A 156 -63.63 -26.03 -19.80
CA LYS A 156 -64.88 -26.09 -19.04
C LYS A 156 -65.58 -27.42 -19.31
N GLY A 157 -65.84 -28.18 -18.24
CA GLY A 157 -66.47 -29.47 -18.40
C GLY A 157 -65.57 -30.43 -19.16
N ASN A 158 -65.83 -30.61 -20.45
CA ASN A 158 -64.97 -31.47 -21.26
C ASN A 158 -64.67 -30.91 -22.64
N SER A 159 -64.76 -29.60 -22.79
CA SER A 159 -64.37 -28.96 -24.03
C SER A 159 -63.67 -27.62 -23.81
N TYR A 160 -62.74 -27.33 -24.71
CA TYR A 160 -62.06 -26.05 -24.74
C TYR A 160 -62.35 -25.44 -26.10
N PRO A 161 -63.40 -24.61 -26.17
CA PRO A 161 -63.79 -23.91 -27.39
C PRO A 161 -62.71 -22.95 -27.85
N LYS A 162 -62.62 -22.69 -29.14
CA LYS A 162 -61.68 -21.69 -29.61
C LYS A 162 -61.93 -20.37 -28.92
N LEU A 163 -60.88 -19.84 -28.31
CA LEU A 163 -60.92 -18.58 -27.55
C LEU A 163 -60.57 -17.41 -28.46
N SER A 164 -61.26 -16.29 -28.24
CA SER A 164 -60.95 -15.06 -28.95
C SER A 164 -61.38 -13.88 -28.09
N LYS A 165 -60.42 -13.03 -27.74
CA LYS A 165 -60.68 -11.91 -26.85
C LYS A 165 -59.69 -10.80 -27.14
N SER A 166 -60.18 -9.57 -27.26
CA SER A 166 -59.32 -8.42 -27.55
C SER A 166 -59.42 -7.37 -26.48
N TYR A 167 -58.39 -6.53 -26.39
CA TYR A 167 -58.43 -5.35 -25.56
C TYR A 167 -58.07 -4.13 -26.38
N ILE A 168 -58.92 -3.12 -26.32
CA ILE A 168 -58.66 -1.85 -26.98
C ILE A 168 -58.19 -0.87 -25.92
N ASN A 169 -57.07 -0.21 -26.18
CA ASN A 169 -56.43 0.67 -25.20
C ASN A 169 -57.12 2.03 -25.10
N ASP A 170 -57.95 2.19 -24.07
CA ASP A 170 -58.63 3.46 -23.81
C ASP A 170 -57.97 4.25 -22.68
N LYS A 171 -56.79 3.80 -22.26
CA LYS A 171 -56.13 4.36 -21.08
C LYS A 171 -55.40 5.68 -21.32
N GLY A 172 -55.16 6.02 -22.58
CA GLY A 172 -54.55 7.31 -22.90
C GLY A 172 -53.04 7.28 -22.89
N LYS A 173 -52.47 6.13 -22.54
CA LYS A 173 -51.03 5.92 -22.60
C LYS A 173 -50.73 4.44 -22.80
N GLU A 174 -49.47 4.13 -23.07
CA GLU A 174 -49.01 2.75 -23.24
C GLU A 174 -49.59 1.82 -22.19
N VAL A 175 -50.01 0.64 -22.63
CA VAL A 175 -50.42 -0.42 -21.73
C VAL A 175 -49.50 -1.63 -21.88
N LEU A 176 -48.87 -2.04 -20.78
CA LEU A 176 -48.05 -3.25 -20.74
C LEU A 176 -48.93 -4.46 -20.46
N VAL A 177 -48.97 -5.39 -21.41
CA VAL A 177 -49.76 -6.59 -21.27
C VAL A 177 -48.84 -7.80 -21.21
N LEU A 178 -49.11 -8.68 -20.26
CA LEU A 178 -48.31 -9.89 -20.10
C LEU A 178 -49.20 -11.11 -20.16
N TRP A 179 -48.64 -12.19 -20.71
CA TRP A 179 -49.35 -13.46 -20.78
C TRP A 179 -48.35 -14.60 -20.71
N GLY A 180 -48.87 -15.81 -20.57
CA GLY A 180 -48.04 -16.99 -20.52
C GLY A 180 -48.54 -18.05 -21.49
N ILE A 181 -47.66 -18.99 -21.81
CA ILE A 181 -48.01 -20.12 -22.66
C ILE A 181 -47.59 -21.35 -21.88
N HIS A 182 -48.53 -22.24 -21.63
CA HIS A 182 -48.23 -23.42 -20.84
C HIS A 182 -47.87 -24.62 -21.70
N HIS A 183 -46.82 -25.32 -21.28
CA HIS A 183 -46.31 -26.49 -21.96
C HIS A 183 -46.34 -27.66 -21.00
N PRO A 184 -47.40 -28.48 -21.07
CA PRO A 184 -47.56 -29.64 -20.18
C PRO A 184 -46.43 -30.64 -20.39
N SER A 185 -46.14 -31.44 -19.36
CA SER A 185 -45.10 -32.45 -19.45
C SER A 185 -45.50 -33.63 -20.35
N THR A 186 -46.80 -33.95 -20.37
CA THR A 186 -47.29 -35.12 -21.11
C THR A 186 -48.59 -34.85 -21.87
N SER A 187 -48.86 -35.69 -22.87
CA SER A 187 -50.12 -35.63 -23.62
C SER A 187 -51.34 -35.83 -22.71
N ALA A 188 -51.19 -36.71 -21.73
CA ALA A 188 -52.23 -36.89 -20.72
C ALA A 188 -52.60 -35.55 -20.09
N ASP A 189 -51.59 -34.78 -19.67
CA ASP A 189 -51.84 -33.51 -19.03
C ASP A 189 -52.43 -32.48 -19.97
N GLN A 190 -51.94 -32.48 -21.21
CA GLN A 190 -52.45 -31.60 -22.23
C GLN A 190 -53.96 -31.76 -22.38
N GLN A 191 -54.40 -33.02 -22.49
CA GLN A 191 -55.82 -33.32 -22.58
C GLN A 191 -56.54 -33.03 -21.27
N SER A 192 -55.94 -33.43 -20.15
CA SER A 192 -56.55 -33.19 -18.85
C SER A 192 -56.87 -31.72 -18.63
N LEU A 193 -56.02 -30.84 -19.17
CA LEU A 193 -56.17 -29.40 -18.96
C LEU A 193 -56.96 -28.73 -20.09
N TYR A 194 -56.64 -29.09 -21.33
CA TYR A 194 -57.14 -28.33 -22.46
C TYR A 194 -58.01 -29.13 -23.44
N GLN A 195 -58.20 -30.42 -23.14
CA GLN A 195 -58.94 -31.34 -24.01
C GLN A 195 -58.28 -31.54 -25.37
N ASN A 196 -58.18 -30.46 -26.13
CA ASN A 196 -57.55 -30.49 -27.46
C ASN A 196 -56.08 -30.91 -27.45
N ALA A 197 -55.73 -31.86 -28.30
CA ALA A 197 -54.40 -32.44 -28.30
C ALA A 197 -53.39 -31.62 -29.10
N ASP A 198 -53.87 -30.97 -30.16
CA ASP A 198 -53.00 -30.12 -30.99
C ASP A 198 -53.50 -28.68 -30.98
N THR A 199 -52.79 -27.81 -30.27
CA THR A 199 -53.29 -26.46 -30.07
C THR A 199 -52.36 -25.38 -30.59
N TYR A 200 -52.83 -24.13 -30.53
CA TYR A 200 -52.01 -23.00 -30.89
C TYR A 200 -52.49 -21.80 -30.10
N VAL A 201 -51.60 -20.82 -29.93
CA VAL A 201 -51.99 -19.52 -29.39
C VAL A 201 -51.50 -18.44 -30.35
N PHE A 202 -52.28 -17.37 -30.46
CA PHE A 202 -51.94 -16.28 -31.34
C PHE A 202 -52.18 -14.97 -30.61
N VAL A 203 -51.22 -14.06 -30.68
CA VAL A 203 -51.35 -12.74 -30.09
C VAL A 203 -50.85 -11.69 -31.07
N CYS A 204 -51.70 -10.71 -31.37
CA CYS A 204 -51.28 -9.65 -32.27
C CYS A 204 -51.97 -8.32 -31.99
N SER A 205 -51.24 -7.24 -32.25
CA SER A 205 -51.76 -5.89 -32.16
C SER A 205 -51.40 -5.23 -33.48
N SER A 206 -51.38 -3.91 -33.53
CA SER A 206 -51.03 -3.24 -34.77
C SER A 206 -49.55 -3.40 -35.08
N ARG A 207 -48.76 -3.72 -34.05
CA ARG A 207 -47.31 -3.79 -34.20
C ARG A 207 -46.74 -5.16 -33.85
N TYR A 208 -47.38 -5.83 -32.90
CA TYR A 208 -46.91 -7.14 -32.42
C TYR A 208 -47.62 -8.25 -33.16
N SER A 209 -46.92 -9.35 -33.39
CA SER A 209 -47.55 -10.55 -33.92
C SER A 209 -46.70 -11.79 -33.65
N LYS A 210 -47.28 -12.76 -32.95
CA LYS A 210 -46.57 -14.02 -32.69
C LYS A 210 -47.53 -15.21 -32.52
N LYS A 211 -47.17 -16.32 -33.15
CA LYS A 211 -47.93 -17.56 -33.03
C LYS A 211 -47.17 -18.52 -32.11
N PHE A 212 -47.88 -19.13 -31.16
CA PHE A 212 -47.24 -20.01 -30.19
C PHE A 212 -47.76 -21.43 -30.37
N LYS A 213 -46.88 -22.40 -30.17
CA LYS A 213 -47.27 -23.79 -30.32
C LYS A 213 -46.75 -24.57 -29.13
N PRO A 214 -47.65 -25.16 -28.34
CA PRO A 214 -47.28 -25.94 -27.16
C PRO A 214 -46.18 -26.95 -27.46
N GLU A 215 -45.25 -27.10 -26.53
CA GLU A 215 -44.13 -28.00 -26.71
C GLU A 215 -44.09 -28.98 -25.57
N ILE A 216 -44.82 -30.08 -25.73
CA ILE A 216 -45.01 -31.07 -24.68
C ILE A 216 -43.77 -31.96 -24.51
N ALA A 217 -43.18 -31.91 -23.32
CA ALA A 217 -42.04 -32.76 -23.00
C ALA A 217 -41.80 -32.80 -21.51
N ILE A 218 -41.22 -33.92 -21.04
CA ILE A 218 -40.89 -34.06 -19.62
C ILE A 218 -39.51 -33.49 -19.34
N CYS A 219 -39.50 -32.32 -18.74
CA CYS A 219 -38.26 -31.62 -18.45
C CYS A 219 -37.84 -31.81 -16.99
N PRO A 220 -36.59 -31.45 -16.67
CA PRO A 220 -36.09 -31.55 -15.30
C PRO A 220 -37.04 -30.88 -14.31
N LYS A 221 -37.24 -31.51 -13.15
CA LYS A 221 -38.20 -30.99 -12.20
C LYS A 221 -37.71 -29.70 -11.55
N VAL A 222 -38.52 -28.65 -11.63
CA VAL A 222 -38.22 -27.38 -10.96
C VAL A 222 -39.45 -26.94 -10.18
N ARG A 223 -39.29 -26.70 -8.89
CA ARG A 223 -40.41 -26.40 -8.01
C ARG A 223 -41.53 -27.42 -8.28
N ASP A 224 -41.14 -28.69 -8.36
CA ASP A 224 -42.07 -29.80 -8.58
C ASP A 224 -42.66 -29.92 -9.99
N GLN A 225 -42.31 -28.99 -10.87
CA GLN A 225 -42.89 -28.99 -12.22
C GLN A 225 -41.97 -29.54 -13.30
N GLU A 226 -42.46 -30.53 -14.03
CA GLU A 226 -41.74 -31.07 -15.17
C GLU A 226 -42.21 -30.37 -16.43
N GLY A 227 -43.32 -29.65 -16.32
CA GLY A 227 -43.81 -28.84 -17.42
C GLY A 227 -43.14 -27.48 -17.33
N ARG A 228 -43.46 -26.61 -18.28
CA ARG A 228 -42.85 -25.29 -18.33
C ARG A 228 -43.92 -24.26 -18.66
N MET A 229 -43.68 -23.02 -18.28
CA MET A 229 -44.57 -21.92 -18.62
C MET A 229 -43.71 -20.75 -19.04
N ASN A 230 -43.80 -20.36 -20.31
CA ASN A 230 -43.05 -19.18 -20.79
C ASN A 230 -43.87 -17.91 -20.71
N TYR A 231 -43.19 -16.81 -20.41
CA TYR A 231 -43.87 -15.54 -20.17
C TYR A 231 -43.52 -14.54 -21.26
N TYR A 232 -44.51 -13.80 -21.73
CA TYR A 232 -44.31 -12.84 -22.80
C TYR A 232 -44.95 -11.51 -22.46
N TRP A 233 -44.51 -10.46 -23.13
CA TRP A 233 -45.06 -9.15 -22.88
C TRP A 233 -44.96 -8.28 -24.11
N THR A 234 -45.83 -7.29 -24.19
CA THR A 234 -45.70 -6.26 -25.22
C THR A 234 -46.35 -4.97 -24.75
N LEU A 235 -46.01 -3.87 -25.40
CA LEU A 235 -46.58 -2.58 -25.06
C LEU A 235 -47.64 -2.19 -26.09
N VAL A 236 -48.87 -1.96 -25.63
CA VAL A 236 -49.96 -1.60 -26.52
C VAL A 236 -50.18 -0.09 -26.48
N GLU A 237 -49.84 0.59 -27.57
CA GLU A 237 -49.91 2.04 -27.61
C GLU A 237 -51.36 2.51 -27.55
N PRO A 238 -51.58 3.78 -27.16
CA PRO A 238 -52.95 4.29 -27.01
C PRO A 238 -53.73 4.28 -28.33
N GLY A 239 -54.94 3.73 -28.27
CA GLY A 239 -55.79 3.63 -29.45
C GLY A 239 -55.76 2.27 -30.11
N ASP A 240 -54.73 1.48 -29.81
CA ASP A 240 -54.58 0.18 -30.46
C ASP A 240 -55.25 -0.95 -29.70
N LYS A 241 -55.43 -2.07 -30.39
CA LYS A 241 -56.06 -3.25 -29.82
C LYS A 241 -55.07 -4.42 -29.79
N ILE A 242 -55.17 -5.24 -28.75
CA ILE A 242 -54.42 -6.49 -28.71
C ILE A 242 -55.39 -7.67 -28.68
N THR A 243 -55.16 -8.65 -29.53
CA THR A 243 -56.07 -9.77 -29.70
C THR A 243 -55.43 -11.09 -29.32
N PHE A 244 -56.17 -11.88 -28.53
CA PHE A 244 -55.72 -13.20 -28.12
C PHE A 244 -56.62 -14.27 -28.73
N GLU A 245 -56.00 -15.30 -29.31
CA GLU A 245 -56.73 -16.40 -29.89
C GLU A 245 -56.09 -17.70 -29.41
N ALA A 246 -56.91 -18.65 -28.96
CA ALA A 246 -56.35 -19.89 -28.43
C ALA A 246 -57.30 -21.06 -28.47
N THR A 247 -56.73 -22.26 -28.64
CA THR A 247 -57.48 -23.48 -28.52
C THR A 247 -56.90 -24.31 -27.38
N GLY A 248 -56.11 -23.64 -26.53
CA GLY A 248 -55.51 -24.24 -25.35
C GLY A 248 -54.22 -23.53 -24.93
N ASN A 249 -53.73 -23.87 -23.74
CA ASN A 249 -52.38 -23.49 -23.31
C ASN A 249 -52.11 -22.00 -23.05
N LEU A 250 -53.12 -21.16 -23.15
CA LEU A 250 -52.92 -19.72 -22.94
C LEU A 250 -53.22 -19.33 -21.50
N VAL A 251 -52.21 -18.77 -20.83
CA VAL A 251 -52.41 -18.15 -19.54
C VAL A 251 -52.76 -16.70 -19.82
N VAL A 252 -54.04 -16.37 -19.68
CA VAL A 252 -54.53 -15.07 -20.09
C VAL A 252 -54.17 -13.94 -19.12
N PRO A 253 -54.05 -12.72 -19.64
CA PRO A 253 -53.89 -11.57 -18.77
C PRO A 253 -55.13 -11.41 -17.91
N ARG A 254 -54.95 -10.94 -16.69
CA ARG A 254 -56.05 -10.51 -15.86
C ARG A 254 -55.90 -9.02 -15.55
N TYR A 255 -54.72 -8.65 -15.05
CA TYR A 255 -54.37 -7.24 -14.87
C TYR A 255 -53.26 -6.80 -15.81
N ALA A 256 -53.35 -5.56 -16.29
CA ALA A 256 -52.30 -4.98 -17.11
C ALA A 256 -51.88 -3.65 -16.50
N PHE A 257 -50.97 -2.95 -17.15
CA PHE A 257 -50.41 -1.73 -16.56
C PHE A 257 -50.36 -0.56 -17.53
N ALA A 258 -51.07 0.50 -17.17
CA ALA A 258 -50.98 1.75 -17.89
C ALA A 258 -49.81 2.56 -17.36
N MET A 259 -48.93 2.98 -18.25
CA MET A 259 -47.70 3.64 -17.81
C MET A 259 -47.18 4.71 -18.75
N GLU A 260 -46.41 5.62 -18.18
CA GLU A 260 -45.63 6.59 -18.94
C GLU A 260 -44.20 6.43 -18.47
N ARG A 261 -43.34 5.93 -19.35
CA ARG A 261 -41.95 5.65 -18.99
C ARG A 261 -41.10 6.89 -19.18
N ASN A 262 -40.09 7.06 -18.32
CA ASN A 262 -39.12 8.12 -18.49
C ASN A 262 -37.93 7.58 -19.29
N ALA A 263 -36.88 8.37 -19.41
CA ALA A 263 -35.64 7.88 -20.02
C ALA A 263 -34.94 6.94 -19.04
N GLY A 264 -33.63 6.82 -19.21
CA GLY A 264 -32.78 5.92 -18.44
C GLY A 264 -33.21 5.39 -17.08
N SER A 265 -32.33 5.58 -16.10
CA SER A 265 -32.40 4.91 -14.81
C SER A 265 -31.99 3.44 -14.89
N GLY A 266 -31.98 2.78 -13.74
CA GLY A 266 -31.52 1.42 -13.67
C GLY A 266 -32.03 0.70 -12.45
N ILE A 267 -31.47 -0.47 -12.20
CA ILE A 267 -31.93 -1.35 -11.15
C ILE A 267 -30.80 -1.57 -10.16
N ILE A 268 -31.05 -1.21 -8.90
CA ILE A 268 -30.07 -1.43 -7.85
C ILE A 268 -30.41 -2.68 -7.05
N ILE A 269 -29.42 -3.55 -6.90
CA ILE A 269 -29.59 -4.80 -6.18
C ILE A 269 -28.73 -4.74 -4.94
N SER A 270 -29.37 -4.56 -3.79
CA SER A 270 -28.66 -4.16 -2.58
C SER A 270 -29.51 -4.30 -1.33
N ASP A 271 -28.86 -4.53 -0.19
CA ASP A 271 -29.54 -4.55 1.12
C ASP A 271 -29.49 -3.17 1.74
N THR A 272 -28.87 -2.21 1.06
CA THR A 272 -28.73 -0.87 1.63
C THR A 272 -30.11 -0.27 1.87
N PRO A 273 -30.35 0.28 3.08
CA PRO A 273 -31.71 0.69 3.44
C PRO A 273 -32.21 1.89 2.66
N VAL A 274 -33.45 1.84 2.21
CA VAL A 274 -34.10 2.96 1.55
C VAL A 274 -34.58 3.97 2.59
N HIS A 275 -34.40 5.26 2.29
CA HIS A 275 -34.68 6.32 3.26
C HIS A 275 -35.47 7.47 2.63
N ASP A 276 -36.01 8.35 3.46
CA ASP A 276 -36.67 9.55 2.97
C ASP A 276 -35.67 10.68 2.77
N CYS A 277 -34.58 10.40 2.05
CA CYS A 277 -33.57 11.39 1.75
C CYS A 277 -33.58 11.67 0.27
N ASN A 278 -33.07 12.83 -0.12
CA ASN A 278 -33.06 13.26 -1.51
C ASN A 278 -31.62 13.25 -1.99
N THR A 279 -31.39 12.84 -3.23
CA THR A 279 -30.04 12.80 -3.77
C THR A 279 -30.02 13.09 -5.27
N THR A 280 -28.84 13.41 -5.80
CA THR A 280 -28.67 13.62 -7.23
C THR A 280 -27.79 12.54 -7.82
N CYS A 281 -27.17 11.74 -6.95
CA CYS A 281 -26.29 10.67 -7.35
C CYS A 281 -26.47 9.48 -6.42
N GLN A 282 -26.82 8.34 -6.98
CA GLN A 282 -27.12 7.18 -6.14
C GLN A 282 -26.19 6.02 -6.47
N THR A 283 -25.77 5.35 -5.42
CA THR A 283 -24.84 4.25 -5.48
C THR A 283 -25.52 3.05 -4.82
N PRO A 284 -25.19 1.83 -5.26
CA PRO A 284 -25.81 0.66 -4.62
C PRO A 284 -25.50 0.57 -3.13
N LYS A 285 -24.49 1.31 -2.67
CA LYS A 285 -24.13 1.24 -1.24
C LYS A 285 -24.43 2.52 -0.44
N GLY A 286 -24.91 3.55 -1.13
CA GLY A 286 -25.28 4.80 -0.47
C GLY A 286 -25.26 5.94 -1.45
N ALA A 287 -25.90 7.06 -1.09
CA ALA A 287 -25.98 8.17 -2.02
C ALA A 287 -24.79 9.10 -1.87
N ILE A 288 -24.45 9.83 -2.92
CA ILE A 288 -23.36 10.78 -2.89
C ILE A 288 -23.89 12.22 -2.89
N ASN A 289 -23.38 13.01 -1.95
CA ASN A 289 -23.75 14.41 -1.83
C ASN A 289 -22.46 15.23 -1.80
N THR A 290 -22.09 15.79 -2.95
CA THR A 290 -20.78 16.41 -3.07
C THR A 290 -20.68 17.29 -4.30
N SER A 291 -19.83 18.31 -4.21
CA SER A 291 -19.56 19.18 -5.34
C SER A 291 -18.30 18.70 -6.03
N LEU A 292 -17.57 17.80 -5.36
CA LEU A 292 -16.33 17.27 -5.89
C LEU A 292 -16.52 16.55 -7.22
N PRO A 293 -15.53 16.66 -8.11
CA PRO A 293 -15.63 16.09 -9.45
C PRO A 293 -15.28 14.60 -9.51
N PHE A 294 -14.68 14.05 -8.46
CA PHE A 294 -14.25 12.66 -8.50
C PHE A 294 -14.72 11.88 -7.28
N GLN A 295 -14.99 10.58 -7.45
CA GLN A 295 -15.42 9.72 -6.36
C GLN A 295 -14.84 8.31 -6.48
N ASN A 296 -14.54 7.69 -5.35
CA ASN A 296 -14.07 6.29 -5.37
C ASN A 296 -15.00 5.30 -4.64
N ILE A 297 -16.27 5.68 -4.53
CA ILE A 297 -17.27 4.89 -3.82
C ILE A 297 -17.71 3.66 -4.62
N HIS A 298 -18.07 3.89 -5.87
CA HIS A 298 -18.65 2.82 -6.69
C HIS A 298 -18.69 3.23 -8.15
N PRO A 299 -18.37 2.29 -9.05
CA PRO A 299 -18.43 2.58 -10.48
C PRO A 299 -19.85 2.64 -11.03
N ILE A 300 -20.78 1.90 -10.42
CA ILE A 300 -22.15 1.83 -10.93
C ILE A 300 -23.08 2.82 -10.22
N THR A 301 -23.30 3.97 -10.84
CA THR A 301 -24.08 5.04 -10.23
C THR A 301 -25.23 5.50 -11.13
N ILE A 302 -26.21 6.17 -10.52
CA ILE A 302 -27.39 6.68 -11.23
C ILE A 302 -27.61 8.13 -10.83
N GLY A 303 -27.65 9.02 -11.81
CA GLY A 303 -27.89 10.43 -11.56
C GLY A 303 -26.87 11.33 -12.23
N LYS A 304 -26.67 12.51 -11.68
CA LYS A 304 -25.60 13.40 -12.12
C LYS A 304 -24.45 13.25 -11.12
N CYS A 305 -23.50 12.37 -11.44
CA CYS A 305 -22.52 11.90 -10.45
C CYS A 305 -21.09 12.39 -10.73
N PRO A 306 -20.24 12.40 -9.68
CA PRO A 306 -18.82 12.60 -9.93
C PRO A 306 -18.30 11.43 -10.73
N LYS A 307 -17.19 11.60 -11.45
CA LYS A 307 -16.59 10.50 -12.19
C LYS A 307 -15.87 9.54 -11.25
N TYR A 308 -16.06 8.26 -11.48
CA TYR A 308 -15.43 7.20 -10.68
C TYR A 308 -13.94 7.03 -11.01
N VAL A 309 -13.11 7.00 -9.97
CA VAL A 309 -11.68 6.76 -10.15
C VAL A 309 -11.18 5.75 -9.11
N LYS A 310 -10.04 5.11 -9.38
CA LYS A 310 -9.48 4.16 -8.44
C LYS A 310 -8.58 4.83 -7.37
N SER A 311 -8.42 6.14 -7.49
CA SER A 311 -7.61 6.89 -6.52
C SER A 311 -8.10 6.64 -5.10
N THR A 312 -7.19 6.76 -4.15
CA THR A 312 -7.53 6.59 -2.74
C THR A 312 -7.60 7.95 -2.07
N LYS A 313 -6.80 8.89 -2.57
CA LYS A 313 -6.84 10.28 -2.14
C LYS A 313 -6.48 11.17 -3.32
N LEU A 314 -6.92 12.43 -3.28
CA LEU A 314 -6.57 13.40 -4.32
C LEU A 314 -6.35 14.77 -3.67
N ARG A 315 -5.28 14.82 -2.88
CA ARG A 315 -4.99 15.98 -2.04
C ARG A 315 -4.48 17.15 -2.89
N LEU A 316 -5.23 18.24 -2.89
CA LEU A 316 -4.87 19.40 -3.68
C LEU A 316 -4.31 20.45 -2.74
N ALA A 317 -3.09 20.91 -3.01
CA ALA A 317 -2.46 21.93 -2.17
C ALA A 317 -3.15 23.27 -2.39
N THR A 318 -3.35 24.00 -1.30
CA THR A 318 -3.94 25.33 -1.38
C THR A 318 -3.00 26.34 -0.73
N GLY A 319 -2.27 25.89 0.30
CA GLY A 319 -1.27 26.69 0.96
C GLY A 319 0.13 26.40 0.47
N LEU A 320 1.13 26.79 1.25
CA LEU A 320 2.51 26.63 0.79
C LEU A 320 3.26 25.52 1.54
N ARG A 321 4.44 25.19 1.05
CA ARG A 321 5.30 24.23 1.70
C ARG A 321 5.47 24.63 3.17
N ASN A 322 5.26 23.68 4.06
CA ASN A 322 5.24 23.98 5.50
C ASN A 322 6.59 23.73 6.15
N ILE A 323 7.27 24.80 6.52
CA ILE A 323 8.63 24.73 7.05
C ILE A 323 8.73 25.39 8.42
N PRO A 324 8.25 24.69 9.47
CA PRO A 324 8.28 25.22 10.84
C PRO A 324 9.70 25.24 11.42
N SER A 325 10.50 24.25 11.02
CA SER A 325 11.89 24.12 11.48
C SER A 325 12.01 24.39 12.97
N GLY B 1 12.59 25.28 -4.81
CA GLY B 1 11.44 25.79 -5.55
C GLY B 1 11.83 26.61 -6.76
N LEU B 2 10.86 26.90 -7.60
CA LEU B 2 11.12 27.54 -8.89
C LEU B 2 11.66 28.97 -8.76
N PHE B 3 11.19 29.70 -7.75
CA PHE B 3 11.57 31.10 -7.57
C PHE B 3 12.59 31.36 -6.47
N GLY B 4 13.10 30.28 -5.89
CA GLY B 4 14.27 30.33 -5.03
C GLY B 4 14.14 31.10 -3.74
N ALA B 5 12.90 31.38 -3.34
CA ALA B 5 12.62 32.10 -2.10
C ALA B 5 12.23 31.13 -0.99
N ILE B 6 11.05 30.52 -1.11
CA ILE B 6 10.58 29.55 -0.13
C ILE B 6 11.53 28.37 -0.06
N ALA B 7 12.06 28.10 1.12
CA ALA B 7 13.10 27.11 1.30
C ALA B 7 14.31 27.43 0.42
N GLY B 8 14.43 28.70 0.04
CA GLY B 8 15.57 29.17 -0.71
C GLY B 8 16.41 30.13 0.12
N PHE B 9 16.38 31.41 -0.24
CA PHE B 9 17.13 32.38 0.53
C PHE B 9 16.39 32.78 1.82
N ILE B 10 15.09 32.49 1.85
CA ILE B 10 14.34 32.55 3.11
C ILE B 10 14.16 31.12 3.58
N GLU B 11 15.11 30.63 4.37
CA GLU B 11 15.22 29.20 4.70
C GLU B 11 13.94 28.55 5.22
N GLY B 12 13.18 29.27 6.04
CA GLY B 12 12.02 28.69 6.67
C GLY B 12 10.83 29.63 6.87
N GLY B 13 9.75 29.09 7.42
CA GLY B 13 8.54 29.85 7.63
C GLY B 13 8.39 30.34 9.06
N TRP B 14 7.32 31.07 9.32
CA TRP B 14 7.12 31.69 10.63
C TRP B 14 5.83 31.23 11.28
N THR B 15 5.93 30.33 12.25
CA THR B 15 4.75 29.92 13.01
C THR B 15 4.11 31.14 13.69
N GLY B 16 4.93 32.15 13.99
CA GLY B 16 4.49 33.31 14.73
C GLY B 16 3.60 34.27 13.94
N MET B 17 3.60 34.13 12.63
CA MET B 17 2.78 34.99 11.78
C MET B 17 1.53 34.23 11.36
N VAL B 18 0.48 34.31 12.18
CA VAL B 18 -0.67 33.45 12.01
C VAL B 18 -1.82 34.10 11.24
N ASP B 19 -1.68 35.38 10.91
CA ASP B 19 -2.78 36.10 10.28
C ASP B 19 -2.67 36.21 8.76
N GLY B 20 -1.79 35.41 8.17
CA GLY B 20 -1.59 35.48 6.74
C GLY B 20 -0.57 34.50 6.18
N TRP B 21 -0.54 34.39 4.86
CA TRP B 21 0.36 33.48 4.17
C TRP B 21 1.76 34.09 4.05
N TYR B 22 1.84 35.34 3.62
CA TYR B 22 3.10 36.07 3.54
C TYR B 22 3.04 37.32 4.42
N GLY B 23 4.19 37.76 4.93
CA GLY B 23 4.18 38.94 5.76
C GLY B 23 5.53 39.51 6.14
N TYR B 24 5.58 40.14 7.31
CA TYR B 24 6.79 40.80 7.77
C TYR B 24 7.05 40.51 9.24
N HIS B 25 8.31 40.68 9.64
CA HIS B 25 8.67 40.74 11.04
C HIS B 25 9.53 41.99 11.21
N HIS B 26 9.07 42.93 12.04
CA HIS B 26 9.85 44.14 12.31
C HIS B 26 10.53 44.08 13.67
N GLN B 27 11.61 44.84 13.81
CA GLN B 27 12.40 44.85 15.03
C GLN B 27 13.17 46.16 15.12
N ASN B 28 12.53 47.17 15.71
CA ASN B 28 13.18 48.45 15.92
C ASN B 28 13.34 48.79 17.41
N GLU B 29 13.93 49.94 17.69
CA GLU B 29 14.17 50.37 19.07
C GLU B 29 12.93 50.18 19.94
N GLN B 30 11.76 50.44 19.34
CA GLN B 30 10.50 50.37 20.07
C GLN B 30 10.10 48.95 20.49
N GLY B 31 10.13 48.02 19.53
CA GLY B 31 9.81 46.63 19.81
C GLY B 31 9.92 45.75 18.58
N SER B 32 9.21 44.62 18.60
CA SER B 32 9.18 43.71 17.46
C SER B 32 7.81 43.05 17.30
N GLY B 33 7.74 42.02 16.45
CA GLY B 33 6.51 41.30 16.23
C GLY B 33 6.31 40.88 14.78
N TYR B 34 5.28 40.07 14.53
CA TYR B 34 4.96 39.60 13.19
C TYR B 34 3.74 40.33 12.63
N ALA B 35 3.69 40.50 11.31
CA ALA B 35 2.56 41.14 10.65
C ALA B 35 2.38 40.70 9.20
N ALA B 36 1.30 40.00 8.91
CA ALA B 36 1.02 39.54 7.55
C ALA B 36 0.76 40.72 6.60
N ASP B 37 1.18 40.57 5.35
CA ASP B 37 0.85 41.52 4.30
C ASP B 37 -0.55 41.21 3.78
N LEU B 38 -1.51 42.08 4.10
CA LEU B 38 -2.92 41.77 3.83
C LEU B 38 -3.27 41.74 2.34
N LYS B 39 -2.76 42.68 1.57
CA LYS B 39 -3.12 42.76 0.15
C LYS B 39 -2.60 41.57 -0.66
N SER B 40 -1.42 41.07 -0.33
CA SER B 40 -0.85 39.96 -1.08
C SER B 40 -1.39 38.62 -0.59
N THR B 41 -1.76 38.57 0.69
CA THR B 41 -2.36 37.37 1.26
C THR B 41 -3.77 37.17 0.70
N GLN B 42 -4.51 38.27 0.60
CA GLN B 42 -5.90 38.20 0.15
C GLN B 42 -6.00 37.86 -1.32
N ASN B 43 -5.12 38.43 -2.14
CA ASN B 43 -5.09 38.10 -3.55
C ASN B 43 -4.82 36.62 -3.76
N ALA B 44 -3.83 36.09 -3.04
CA ALA B 44 -3.49 34.68 -3.16
C ALA B 44 -4.68 33.81 -2.77
N ILE B 45 -5.41 34.23 -1.75
CA ILE B 45 -6.61 33.52 -1.32
C ILE B 45 -7.68 33.62 -2.40
N ASP B 46 -7.82 34.81 -2.98
CA ASP B 46 -8.78 35.01 -4.06
C ASP B 46 -8.46 34.11 -5.26
N GLU B 47 -7.17 33.93 -5.54
CA GLU B 47 -6.78 33.21 -6.73
C GLU B 47 -6.75 31.70 -6.52
N ILE B 48 -6.27 31.27 -5.36
CA ILE B 48 -6.25 29.84 -5.04
C ILE B 48 -7.67 29.27 -4.96
N THR B 49 -8.58 29.96 -4.28
CA THR B 49 -9.95 29.44 -4.19
C THR B 49 -10.58 29.41 -5.57
N ASN B 50 -10.20 30.36 -6.43
CA ASN B 50 -10.70 30.39 -7.80
C ASN B 50 -10.14 29.20 -8.58
N LYS B 51 -8.93 28.79 -8.24
CA LYS B 51 -8.31 27.61 -8.83
C LYS B 51 -9.04 26.34 -8.38
N VAL B 52 -9.37 26.27 -7.09
CA VAL B 52 -10.14 25.14 -6.59
C VAL B 52 -11.53 25.10 -7.22
N ASN B 53 -12.21 26.24 -7.21
CA ASN B 53 -13.55 26.31 -7.77
C ASN B 53 -13.59 25.94 -9.26
N SER B 54 -12.55 26.31 -9.99
CA SER B 54 -12.49 26.04 -11.43
C SER B 54 -12.39 24.55 -11.75
N VAL B 55 -11.51 23.86 -11.02
CA VAL B 55 -11.32 22.43 -11.19
C VAL B 55 -12.63 21.69 -10.86
N ILE B 56 -13.40 22.28 -9.94
CA ILE B 56 -14.66 21.69 -9.51
C ILE B 56 -15.83 22.01 -10.45
N GLU B 57 -15.98 23.28 -10.84
CA GLU B 57 -17.17 23.69 -11.58
C GLU B 57 -17.13 23.35 -13.06
N LYS B 58 -15.95 23.01 -13.57
CA LYS B 58 -15.84 22.63 -14.97
C LYS B 58 -16.31 21.18 -15.18
N MET B 59 -16.43 20.44 -14.08
CA MET B 59 -16.98 19.09 -14.14
C MET B 59 -18.49 19.12 -14.02
N ASN B 60 -19.17 19.11 -15.17
CA ASN B 60 -20.63 19.20 -15.20
C ASN B 60 -21.20 18.03 -15.99
N THR B 61 -21.57 16.97 -15.27
CA THR B 61 -21.76 15.66 -15.90
C THR B 61 -23.19 15.34 -16.31
N GLN B 62 -23.32 14.37 -17.21
CA GLN B 62 -24.60 13.95 -17.75
C GLN B 62 -25.34 13.09 -16.76
N PHE B 63 -26.68 13.16 -16.78
CA PHE B 63 -27.45 12.20 -16.02
C PHE B 63 -27.22 10.85 -16.65
N THR B 64 -26.64 9.92 -15.88
CA THR B 64 -26.38 8.59 -16.40
C THR B 64 -26.79 7.48 -15.43
N ALA B 65 -27.29 6.38 -15.97
CA ALA B 65 -27.44 5.15 -15.22
C ALA B 65 -26.40 4.19 -15.76
N VAL B 66 -25.32 3.99 -15.00
CA VAL B 66 -24.17 3.26 -15.51
C VAL B 66 -24.46 1.79 -15.77
N GLY B 67 -25.25 1.18 -14.89
CA GLY B 67 -25.45 -0.26 -14.90
C GLY B 67 -26.20 -0.82 -16.09
N LYS B 68 -25.85 -2.04 -16.47
CA LYS B 68 -26.56 -2.76 -17.51
C LYS B 68 -26.69 -4.21 -17.08
N GLU B 69 -27.79 -4.84 -17.48
CA GLU B 69 -27.99 -6.27 -17.22
C GLU B 69 -28.04 -7.01 -18.53
N PHE B 70 -27.18 -8.00 -18.67
CA PHE B 70 -27.16 -8.84 -19.86
C PHE B 70 -27.26 -10.29 -19.44
N ASN B 71 -27.97 -11.11 -20.23
CA ASN B 71 -28.14 -12.52 -19.89
C ASN B 71 -26.97 -13.39 -20.31
N HIS B 72 -27.10 -14.70 -20.08
CA HIS B 72 -26.00 -15.63 -20.28
C HIS B 72 -25.60 -15.80 -21.75
N LEU B 73 -26.35 -15.19 -22.65
CA LEU B 73 -26.05 -15.30 -24.07
C LEU B 73 -25.76 -13.94 -24.67
N GLU B 74 -25.40 -12.99 -23.81
CA GLU B 74 -25.02 -11.65 -24.23
C GLU B 74 -23.67 -11.27 -23.61
N LYS B 75 -22.78 -12.26 -23.56
CA LYS B 75 -21.47 -12.07 -22.94
C LYS B 75 -20.64 -11.04 -23.71
N ARG B 76 -20.72 -11.06 -25.04
CA ARG B 76 -19.94 -10.14 -25.85
C ARG B 76 -20.28 -8.67 -25.55
N ILE B 77 -21.56 -8.33 -25.58
CA ILE B 77 -21.96 -6.96 -25.30
C ILE B 77 -21.73 -6.63 -23.83
N GLU B 78 -21.85 -7.62 -22.96
CA GLU B 78 -21.52 -7.41 -21.55
C GLU B 78 -20.06 -7.02 -21.39
N ASN B 79 -19.20 -7.66 -22.17
CA ASN B 79 -17.78 -7.32 -22.12
C ASN B 79 -17.49 -6.01 -22.82
N LEU B 80 -18.29 -5.71 -23.84
CA LEU B 80 -18.22 -4.40 -24.48
C LEU B 80 -18.60 -3.34 -23.45
N ASN B 81 -19.68 -3.58 -22.72
CA ASN B 81 -20.08 -2.65 -21.66
C ASN B 81 -18.95 -2.49 -20.64
N LYS B 82 -18.31 -3.60 -20.29
CA LYS B 82 -17.19 -3.62 -19.36
C LYS B 82 -15.99 -2.83 -19.90
N LYS B 83 -15.72 -2.95 -21.20
CA LYS B 83 -14.64 -2.18 -21.80
C LYS B 83 -14.93 -0.66 -21.75
N VAL B 84 -16.20 -0.29 -21.82
CA VAL B 84 -16.54 1.13 -21.75
C VAL B 84 -16.32 1.69 -20.35
N ASP B 85 -16.87 1.01 -19.33
CA ASP B 85 -16.69 1.45 -17.96
C ASP B 85 -15.20 1.50 -17.57
N ASP B 86 -14.44 0.46 -17.92
CA ASP B 86 -13.02 0.38 -17.59
C ASP B 86 -12.21 1.44 -18.33
N GLY B 87 -12.59 1.72 -19.57
CA GLY B 87 -11.93 2.75 -20.34
C GLY B 87 -12.13 4.13 -19.73
N PHE B 88 -13.34 4.42 -19.26
CA PHE B 88 -13.59 5.70 -18.59
C PHE B 88 -12.85 5.73 -17.26
N LEU B 89 -12.83 4.60 -16.57
CA LEU B 89 -12.10 4.49 -15.31
C LEU B 89 -10.61 4.84 -15.49
N ASP B 90 -9.96 4.25 -16.49
CA ASP B 90 -8.54 4.52 -16.74
C ASP B 90 -8.29 5.96 -17.19
N ILE B 91 -9.17 6.49 -18.03
CA ILE B 91 -9.03 7.87 -18.48
C ILE B 91 -9.14 8.84 -17.30
N TRP B 92 -10.18 8.69 -16.49
CA TRP B 92 -10.41 9.63 -15.39
C TRP B 92 -9.42 9.45 -14.23
N THR B 93 -8.99 8.22 -13.97
CA THR B 93 -8.04 7.98 -12.90
C THR B 93 -6.71 8.62 -13.24
N TYR B 94 -6.26 8.41 -14.48
CA TYR B 94 -5.02 9.02 -14.94
C TYR B 94 -5.11 10.55 -14.88
N ASN B 95 -6.08 11.12 -15.58
CA ASN B 95 -6.24 12.56 -15.60
C ASN B 95 -6.34 13.19 -14.21
N ALA B 96 -7.11 12.57 -13.32
CA ALA B 96 -7.26 13.11 -11.97
C ALA B 96 -5.92 13.13 -11.24
N GLU B 97 -5.19 12.03 -11.32
CA GLU B 97 -3.91 11.90 -10.64
C GLU B 97 -2.91 12.94 -11.14
N LEU B 98 -2.78 13.05 -12.45
CA LEU B 98 -1.81 13.98 -13.02
C LEU B 98 -2.25 15.43 -12.83
N LEU B 99 -3.56 15.66 -12.90
CA LEU B 99 -4.07 17.00 -12.66
C LEU B 99 -3.58 17.48 -11.31
N VAL B 100 -3.67 16.60 -10.31
CA VAL B 100 -3.31 16.95 -8.95
C VAL B 100 -1.80 17.15 -8.76
N LEU B 101 -1.01 16.21 -9.29
CA LEU B 101 0.45 16.32 -9.21
C LEU B 101 0.93 17.61 -9.86
N LEU B 102 0.39 17.91 -11.05
CA LEU B 102 0.81 19.09 -11.80
C LEU B 102 0.36 20.39 -11.14
N GLU B 103 -0.90 20.46 -10.73
CA GLU B 103 -1.37 21.69 -10.11
C GLU B 103 -0.78 21.93 -8.74
N ASN B 104 -0.43 20.86 -8.03
CA ASN B 104 0.24 21.02 -6.75
C ASN B 104 1.60 21.65 -6.93
N GLU B 105 2.32 21.24 -7.96
CA GLU B 105 3.60 21.85 -8.27
C GLU B 105 3.42 23.33 -8.55
N ARG B 106 2.47 23.64 -9.44
CA ARG B 106 2.19 25.02 -9.79
C ARG B 106 1.82 25.87 -8.58
N THR B 107 1.04 25.31 -7.67
CA THR B 107 0.59 26.04 -6.48
C THR B 107 1.75 26.37 -5.57
N LEU B 108 2.60 25.38 -5.29
CA LEU B 108 3.78 25.62 -4.47
C LEU B 108 4.69 26.65 -5.14
N ASP B 109 4.85 26.54 -6.47
CA ASP B 109 5.62 27.54 -7.20
C ASP B 109 4.95 28.92 -7.12
N TYR B 110 3.63 28.93 -7.15
CA TYR B 110 2.86 30.17 -7.06
C TYR B 110 3.17 30.94 -5.76
N HIS B 111 3.15 30.23 -4.63
CA HIS B 111 3.50 30.84 -3.35
C HIS B 111 4.94 31.33 -3.37
N ASP B 112 5.83 30.47 -3.84
CA ASP B 112 7.24 30.82 -4.00
C ASP B 112 7.36 32.15 -4.70
N SER B 113 6.63 32.29 -5.81
CA SER B 113 6.60 33.51 -6.59
C SER B 113 6.12 34.72 -5.80
N ASN B 114 5.01 34.56 -5.08
CA ASN B 114 4.43 35.65 -4.31
C ASN B 114 5.41 36.20 -3.28
N VAL B 115 6.06 35.30 -2.54
CA VAL B 115 7.07 35.71 -1.58
C VAL B 115 8.19 36.52 -2.24
N LYS B 116 8.75 35.98 -3.33
CA LYS B 116 9.80 36.68 -4.07
C LYS B 116 9.38 38.07 -4.54
N ASN B 117 8.17 38.19 -5.09
CA ASN B 117 7.69 39.48 -5.57
C ASN B 117 7.48 40.49 -4.45
N LEU B 118 7.19 40.00 -3.24
CA LEU B 118 7.02 40.87 -2.10
C LEU B 118 8.37 41.38 -1.62
N TYR B 119 9.33 40.46 -1.54
CA TYR B 119 10.69 40.81 -1.18
C TYR B 119 11.27 41.85 -2.15
N GLU B 120 11.21 41.55 -3.44
CA GLU B 120 11.70 42.49 -4.45
C GLU B 120 10.88 43.78 -4.49
N LYS B 121 9.74 43.78 -3.81
CA LYS B 121 8.92 44.98 -3.77
C LYS B 121 9.48 45.96 -2.75
N VAL B 122 9.87 45.43 -1.60
CA VAL B 122 10.43 46.25 -0.53
C VAL B 122 11.87 46.65 -0.84
N ARG B 123 12.65 45.72 -1.40
CA ARG B 123 14.00 46.03 -1.85
C ARG B 123 13.96 47.19 -2.85
N SER B 124 12.86 47.29 -3.58
CA SER B 124 12.67 48.36 -4.55
C SER B 124 12.33 49.69 -3.88
N GLN B 125 11.90 49.61 -2.62
CA GLN B 125 11.56 50.81 -1.85
C GLN B 125 12.74 51.32 -1.01
N LEU B 126 13.37 50.42 -0.26
CA LEU B 126 14.45 50.79 0.65
C LEU B 126 15.75 51.09 -0.09
N LYS B 127 15.72 50.99 -1.41
CA LYS B 127 16.88 51.23 -2.26
C LYS B 127 18.19 51.36 -1.49
N ASN B 128 18.74 52.57 -1.43
CA ASN B 128 20.04 52.81 -0.83
C ASN B 128 19.99 52.95 0.69
N ASN B 129 18.79 53.17 1.22
CA ASN B 129 18.61 53.42 2.66
C ASN B 129 18.55 52.16 3.51
N ALA B 130 18.98 51.03 2.95
CA ALA B 130 19.00 49.77 3.70
C ALA B 130 19.93 48.76 3.04
N LYS B 131 20.31 47.74 3.81
CA LYS B 131 21.18 46.69 3.29
C LYS B 131 20.52 45.31 3.37
N GLU B 132 20.54 44.58 2.25
CA GLU B 132 20.07 43.21 2.22
C GLU B 132 21.02 42.32 3.01
N ILE B 133 20.63 41.97 4.23
CA ILE B 133 21.53 41.24 5.12
C ILE B 133 21.34 39.73 5.03
N GLY B 134 20.55 39.31 4.06
CA GLY B 134 20.34 37.89 3.81
C GLY B 134 19.09 37.33 4.45
N ASN B 135 18.76 36.10 4.07
CA ASN B 135 17.63 35.39 4.65
C ASN B 135 16.35 36.22 4.64
N GLY B 136 16.17 37.04 3.60
CA GLY B 136 14.97 37.81 3.44
C GLY B 136 14.84 39.05 4.30
N CYS B 137 15.91 39.39 5.03
CA CYS B 137 15.87 40.53 5.94
C CYS B 137 16.56 41.78 5.39
N PHE B 138 16.03 42.94 5.76
CA PHE B 138 16.66 44.21 5.47
C PHE B 138 17.12 44.86 6.78
N GLU B 139 18.35 45.36 6.82
CA GLU B 139 18.84 46.12 7.96
C GLU B 139 18.96 47.60 7.58
N PHE B 140 18.10 48.42 8.19
CA PHE B 140 18.05 49.84 7.85
C PHE B 140 19.36 50.58 8.14
N TYR B 141 19.92 51.18 7.08
CA TYR B 141 21.10 52.02 7.21
C TYR B 141 20.74 53.31 7.93
N HIS B 142 19.51 53.36 8.44
CA HIS B 142 19.07 54.45 9.30
C HIS B 142 18.13 53.90 10.37
N LYS B 143 17.46 54.80 11.08
CA LYS B 143 16.58 54.38 12.18
C LYS B 143 15.12 54.48 11.78
N CYS B 144 14.42 53.36 11.86
CA CYS B 144 13.03 53.28 11.40
C CYS B 144 12.08 52.99 12.55
N ASP B 145 11.13 53.88 12.77
CA ASP B 145 10.14 53.69 13.83
C ASP B 145 8.86 53.05 13.30
N ASN B 146 7.87 52.94 14.18
CA ASN B 146 6.60 52.30 13.84
C ASN B 146 5.88 52.97 12.66
N THR B 147 5.89 54.29 12.62
CA THR B 147 5.25 55.01 11.53
C THR B 147 5.92 54.72 10.18
N CYS B 148 7.25 54.82 10.17
CA CYS B 148 8.02 54.52 8.98
C CYS B 148 7.82 53.07 8.55
N MET B 149 7.92 52.17 9.52
CA MET B 149 7.83 50.74 9.29
C MET B 149 6.53 50.34 8.57
N GLU B 150 5.50 51.17 8.71
CA GLU B 150 4.22 50.91 8.06
C GLU B 150 4.19 51.52 6.67
N SER B 151 5.09 52.47 6.43
CA SER B 151 5.19 53.10 5.12
C SER B 151 5.73 52.10 4.09
N VAL B 152 6.62 51.22 4.55
CA VAL B 152 7.22 50.21 3.68
C VAL B 152 6.23 49.08 3.39
N LYS B 153 5.37 48.79 4.37
CA LYS B 153 4.35 47.75 4.23
C LYS B 153 3.21 48.16 3.31
N ASN B 154 3.10 49.46 3.03
CA ASN B 154 1.98 49.97 2.23
C ASN B 154 2.39 50.49 0.86
N GLY B 155 3.70 50.56 0.62
CA GLY B 155 4.21 51.05 -0.65
C GLY B 155 4.26 52.57 -0.71
N THR B 156 4.36 53.20 0.46
CA THR B 156 4.39 54.65 0.56
C THR B 156 5.70 55.17 1.15
N TYR B 157 6.66 54.28 1.34
CA TYR B 157 7.96 54.64 1.90
C TYR B 157 8.56 55.86 1.18
N ASP B 158 9.30 56.67 1.92
CA ASP B 158 9.89 57.89 1.37
C ASP B 158 11.42 57.82 1.36
N TYR B 159 12.01 57.56 0.19
CA TYR B 159 13.45 57.41 0.07
C TYR B 159 14.23 58.71 0.25
N PRO B 160 13.88 59.76 -0.51
CA PRO B 160 14.67 61.00 -0.45
C PRO B 160 14.63 61.62 0.95
N LYS B 161 13.69 61.17 1.76
CA LYS B 161 13.53 61.66 3.12
C LYS B 161 14.52 61.00 4.09
N TYR B 162 15.28 60.04 3.60
CA TYR B 162 16.29 59.38 4.43
C TYR B 162 17.63 59.31 3.71
N SER B 163 17.64 59.68 2.44
CA SER B 163 18.82 59.55 1.60
C SER B 163 20.08 60.12 2.25
N GLU B 164 19.94 61.28 2.91
CA GLU B 164 21.08 61.98 3.47
C GLU B 164 21.66 61.28 4.71
N GLU B 165 20.79 60.71 5.54
CA GLU B 165 21.24 60.03 6.75
C GLU B 165 22.02 58.76 6.38
N ALA B 166 21.52 58.04 5.38
CA ALA B 166 22.10 56.76 4.99
C ALA B 166 23.43 56.91 4.24
N LYS B 167 23.61 58.02 3.56
CA LYS B 167 24.82 58.23 2.74
C LYS B 167 26.09 58.17 3.58
N LEU B 168 25.98 58.52 4.85
CA LEU B 168 27.14 58.53 5.74
C LEU B 168 27.44 57.14 6.30
N ASN B 169 26.38 56.34 6.49
CA ASN B 169 26.53 54.98 6.98
C ASN B 169 26.80 53.99 5.85
N ASP C 3 17.85 61.64 -18.02
CA ASP C 3 17.80 60.62 -19.06
C ASP C 3 17.27 59.29 -18.52
N THR C 4 16.23 58.78 -19.16
CA THR C 4 15.55 57.59 -18.66
C THR C 4 15.35 56.52 -19.73
N LEU C 5 15.46 55.27 -19.30
CA LEU C 5 15.13 54.13 -20.15
C LEU C 5 14.14 53.27 -19.37
N CYS C 6 13.00 52.99 -19.99
CA CYS C 6 11.96 52.23 -19.33
C CYS C 6 11.64 50.94 -20.08
N ILE C 7 11.29 49.90 -19.33
CA ILE C 7 10.83 48.65 -19.91
C ILE C 7 9.32 48.59 -19.72
N GLY C 8 8.60 48.21 -20.77
CA GLY C 8 7.14 48.18 -20.71
C GLY C 8 6.49 47.21 -21.67
N TYR C 9 5.16 47.12 -21.61
CA TYR C 9 4.41 46.18 -22.43
C TYR C 9 3.21 46.81 -23.12
N HIS C 10 2.78 46.18 -24.20
CA HIS C 10 1.76 46.71 -25.08
C HIS C 10 0.39 46.71 -24.42
N ALA C 11 -0.44 47.66 -24.84
CA ALA C 11 -1.85 47.67 -24.47
C ALA C 11 -2.61 48.22 -25.66
N ASN C 12 -3.82 47.74 -25.89
CA ASN C 12 -4.62 48.20 -27.02
C ASN C 12 -6.10 48.40 -26.66
N ASN C 13 -6.93 48.58 -27.68
CA ASN C 13 -8.34 48.86 -27.47
C ASN C 13 -9.18 47.60 -27.35
N SER C 14 -8.52 46.46 -27.15
CA SER C 14 -9.21 45.17 -27.09
C SER C 14 -10.08 45.00 -25.86
N THR C 15 -11.22 44.34 -26.04
CA THR C 15 -12.14 44.05 -24.94
C THR C 15 -12.34 42.54 -24.75
N ASP C 16 -11.82 41.77 -25.71
CA ASP C 16 -11.84 40.30 -25.62
C ASP C 16 -11.51 39.85 -24.19
N THR C 17 -12.28 38.90 -23.66
CA THR C 17 -11.98 38.37 -22.34
C THR C 17 -11.70 36.87 -22.36
N VAL C 18 -10.81 36.43 -21.49
CA VAL C 18 -10.55 35.01 -21.31
C VAL C 18 -10.59 34.72 -19.82
N ASP C 19 -10.81 33.45 -19.48
CA ASP C 19 -10.69 33.03 -18.10
C ASP C 19 -9.37 32.30 -17.94
N THR C 20 -8.76 32.46 -16.77
CA THR C 20 -7.59 31.66 -16.42
C THR C 20 -7.95 30.84 -15.19
N VAL C 21 -7.10 29.88 -14.84
CA VAL C 21 -7.37 29.03 -13.68
C VAL C 21 -7.39 29.85 -12.39
N LEU C 22 -6.67 30.98 -12.40
CA LEU C 22 -6.51 31.79 -11.19
C LEU C 22 -7.47 32.97 -11.11
N GLU C 23 -8.00 33.38 -12.25
CA GLU C 23 -8.84 34.58 -12.29
C GLU C 23 -9.77 34.58 -13.49
N LYS C 24 -11.03 34.96 -13.25
CA LYS C 24 -11.99 34.96 -14.33
C LYS C 24 -12.09 36.33 -15.02
N ASN C 25 -12.43 36.31 -16.30
CA ASN C 25 -12.70 37.51 -17.08
C ASN C 25 -11.53 38.48 -17.16
N VAL C 26 -10.39 38.00 -17.62
CA VAL C 26 -9.23 38.85 -17.83
C VAL C 26 -9.26 39.40 -19.25
N THR C 27 -9.30 40.72 -19.37
CA THR C 27 -9.26 41.35 -20.69
C THR C 27 -7.83 41.28 -21.21
N VAL C 28 -7.66 40.76 -22.42
CA VAL C 28 -6.33 40.58 -22.99
C VAL C 28 -6.21 41.26 -24.34
N THR C 29 -4.97 41.52 -24.77
CA THR C 29 -4.71 42.23 -26.02
C THR C 29 -5.03 41.43 -27.27
N HIS C 30 -4.76 40.11 -27.22
CA HIS C 30 -5.10 39.23 -28.35
C HIS C 30 -5.52 37.85 -27.88
N SER C 31 -6.38 37.20 -28.65
CA SER C 31 -6.86 35.85 -28.31
C SER C 31 -7.42 35.11 -29.53
N VAL C 32 -7.60 33.80 -29.38
CA VAL C 32 -8.19 32.99 -30.42
C VAL C 32 -9.26 32.03 -29.88
N ASN C 33 -10.25 31.73 -30.71
CA ASN C 33 -11.31 30.79 -30.35
C ASN C 33 -10.96 29.37 -30.76
N LEU C 34 -11.10 28.44 -29.83
CA LEU C 34 -10.84 27.03 -30.09
C LEU C 34 -12.13 26.24 -30.31
N LEU C 35 -13.27 26.91 -30.21
CA LEU C 35 -14.57 26.24 -30.31
C LEU C 35 -15.30 26.60 -31.59
N GLU C 36 -15.47 25.63 -32.47
CA GLU C 36 -16.23 25.84 -33.69
C GLU C 36 -17.71 25.78 -33.35
N ASP C 37 -18.43 26.86 -33.65
CA ASP C 37 -19.83 26.99 -33.27
C ASP C 37 -20.69 27.42 -34.45
N LYS C 38 -20.05 27.51 -35.62
CA LYS C 38 -20.74 27.82 -36.86
C LYS C 38 -20.96 26.56 -37.70
N HIS C 39 -22.05 26.55 -38.46
CA HIS C 39 -22.31 25.52 -39.46
C HIS C 39 -22.99 26.17 -40.65
N ASN C 40 -23.15 25.43 -41.75
CA ASN C 40 -23.68 26.03 -42.98
C ASN C 40 -25.15 25.74 -43.30
N GLY C 41 -25.85 25.08 -42.38
CA GLY C 41 -27.27 24.78 -42.57
C GLY C 41 -27.60 24.03 -43.84
N LYS C 42 -26.64 23.23 -44.31
CA LYS C 42 -26.80 22.44 -45.53
C LYS C 42 -26.37 21.00 -45.29
N LEU C 43 -27.03 20.08 -46.00
CA LEU C 43 -26.56 18.71 -46.11
C LEU C 43 -25.73 18.64 -47.39
N CYS C 44 -24.46 18.29 -47.24
CA CYS C 44 -23.51 18.38 -48.34
C CYS C 44 -22.93 17.02 -48.70
N LYS C 45 -22.00 17.01 -49.65
CA LYS C 45 -21.29 15.79 -50.02
C LYS C 45 -20.28 15.44 -48.93
N LEU C 46 -19.98 14.15 -48.82
CA LEU C 46 -18.89 13.68 -47.98
C LEU C 46 -17.92 12.96 -48.89
N ARG C 47 -16.63 13.06 -48.61
CA ARG C 47 -15.60 12.49 -49.49
C ARG C 47 -15.90 12.75 -50.96
N GLY C 48 -16.52 13.90 -51.24
CA GLY C 48 -16.89 14.28 -52.59
C GLY C 48 -18.13 13.58 -53.12
N VAL C 49 -18.65 12.65 -52.33
CA VAL C 49 -19.80 11.84 -52.73
C VAL C 49 -21.08 12.33 -52.06
N ALA C 50 -22.09 12.64 -52.86
CA ALA C 50 -23.38 13.12 -52.36
C ALA C 50 -24.09 12.04 -51.55
N PRO C 51 -25.07 12.44 -50.72
CA PRO C 51 -25.84 11.45 -49.98
C PRO C 51 -26.99 10.93 -50.81
N LEU C 52 -27.72 9.96 -50.27
CA LEU C 52 -28.92 9.46 -50.89
C LEU C 52 -30.12 10.08 -50.17
N HIS C 53 -30.81 11.00 -50.84
CA HIS C 53 -31.98 11.62 -50.26
C HIS C 53 -33.25 10.90 -50.68
N LEU C 54 -33.99 10.39 -49.70
CA LEU C 54 -35.14 9.55 -49.98
C LEU C 54 -36.45 10.33 -49.96
N GLY C 55 -36.34 11.65 -49.77
CA GLY C 55 -37.51 12.51 -49.76
C GLY C 55 -38.56 12.10 -48.75
N LYS C 56 -39.78 11.87 -49.22
CA LYS C 56 -40.90 11.52 -48.34
C LYS C 56 -40.94 10.04 -47.97
N CYS C 57 -40.04 9.26 -48.56
CA CYS C 57 -40.01 7.81 -48.32
C CYS C 57 -38.92 7.42 -47.33
N ASN C 58 -39.13 6.32 -46.63
CA ASN C 58 -38.09 5.76 -45.77
C ASN C 58 -37.35 4.63 -46.49
N ILE C 59 -36.33 4.08 -45.84
CA ILE C 59 -35.49 3.05 -46.46
C ILE C 59 -36.30 1.83 -46.87
N ALA C 60 -37.20 1.39 -46.00
CA ALA C 60 -38.06 0.25 -46.29
C ALA C 60 -38.88 0.45 -47.56
N GLY C 61 -39.51 1.62 -47.68
CA GLY C 61 -40.35 1.91 -48.82
C GLY C 61 -39.54 1.98 -50.09
N TRP C 62 -38.33 2.49 -49.96
CA TRP C 62 -37.43 2.67 -51.10
C TRP C 62 -36.81 1.36 -51.58
N ILE C 63 -36.34 0.52 -50.65
CA ILE C 63 -35.70 -0.73 -51.03
C ILE C 63 -36.71 -1.75 -51.54
N LEU C 64 -37.95 -1.64 -51.08
CA LEU C 64 -38.99 -2.57 -51.51
C LEU C 64 -39.64 -2.14 -52.83
N GLY C 65 -39.55 -0.85 -53.13
CA GLY C 65 -40.14 -0.34 -54.36
C GLY C 65 -41.57 0.16 -54.18
N ASN C 66 -41.83 0.77 -53.03
CA ASN C 66 -43.09 1.44 -52.79
C ASN C 66 -43.40 2.38 -53.94
N PRO C 67 -44.54 2.19 -54.61
CA PRO C 67 -44.90 2.97 -55.79
C PRO C 67 -44.74 4.48 -55.60
N GLU C 68 -44.85 4.95 -54.36
CA GLU C 68 -44.74 6.38 -54.06
C GLU C 68 -43.31 6.87 -54.06
N CYS C 69 -42.35 5.95 -54.18
CA CYS C 69 -40.95 6.28 -54.00
C CYS C 69 -40.12 6.23 -55.28
N GLU C 70 -40.54 6.98 -56.29
CA GLU C 70 -39.72 7.10 -57.50
C GLU C 70 -38.72 8.25 -57.40
N SER C 71 -37.73 8.08 -56.54
CA SER C 71 -36.66 9.04 -56.34
C SER C 71 -35.58 8.81 -57.38
N LEU C 72 -34.39 9.37 -57.14
CA LEU C 72 -33.26 9.13 -58.02
C LEU C 72 -32.14 8.38 -57.30
N ALA C 75 -28.94 7.10 -57.55
CA ALA C 75 -27.49 7.11 -57.77
C ALA C 75 -26.94 5.69 -57.67
N SER C 76 -25.68 5.53 -58.09
CA SER C 76 -25.00 4.24 -58.00
C SER C 76 -24.05 4.22 -56.80
N SER C 77 -23.97 5.35 -56.11
CA SER C 77 -23.10 5.50 -54.94
C SER C 77 -23.64 6.56 -53.99
N TRP C 78 -23.39 6.40 -52.70
CA TRP C 78 -23.69 7.45 -51.75
C TRP C 78 -22.86 7.35 -50.47
N SER C 79 -22.61 8.48 -49.84
CA SER C 79 -21.77 8.55 -48.65
C SER C 79 -22.57 8.30 -47.38
N TYR C 80 -23.88 8.58 -47.45
CA TYR C 80 -24.79 8.40 -46.33
C TYR C 80 -26.23 8.62 -46.81
N ILE C 81 -27.20 8.25 -45.98
CA ILE C 81 -28.61 8.35 -46.36
C ILE C 81 -29.35 9.42 -45.56
N VAL C 82 -30.23 10.14 -46.24
CA VAL C 82 -31.04 11.16 -45.59
C VAL C 82 -32.52 10.85 -45.73
N GLU C 83 -33.20 10.75 -44.59
CA GLU C 83 -34.67 10.67 -44.56
C GLU C 83 -35.21 11.95 -43.92
N THR C 84 -36.38 12.39 -44.36
CA THR C 84 -37.01 13.54 -43.72
C THR C 84 -37.78 13.06 -42.51
N PRO C 85 -37.85 13.88 -41.46
CA PRO C 85 -38.56 13.51 -40.23
C PRO C 85 -40.00 13.09 -40.49
N SER C 86 -40.57 13.56 -41.60
CA SER C 86 -41.95 13.23 -41.97
C SER C 86 -42.03 12.19 -43.08
N SER C 87 -41.19 11.16 -42.99
CA SER C 87 -41.12 10.13 -44.02
C SER C 87 -41.84 8.84 -43.57
N ASP C 88 -43.12 8.77 -43.88
CA ASP C 88 -43.94 7.62 -43.52
C ASP C 88 -43.83 6.51 -44.56
N ASN C 89 -43.68 6.91 -45.82
CA ASN C 89 -43.81 6.03 -46.98
C ASN C 89 -42.86 4.82 -47.04
N GLY C 90 -43.28 3.69 -46.46
CA GLY C 90 -42.46 2.49 -46.41
C GLY C 90 -43.19 1.18 -46.59
N THR C 91 -43.41 0.47 -45.48
CA THR C 91 -44.21 -0.76 -45.50
C THR C 91 -45.68 -0.43 -45.57
N CYS C 92 -46.19 -0.29 -46.80
CA CYS C 92 -47.58 0.02 -47.01
C CYS C 92 -48.49 -1.13 -46.62
N TYR C 93 -48.05 -2.37 -46.85
CA TYR C 93 -48.77 -3.52 -46.34
C TYR C 93 -48.19 -3.85 -44.97
N PRO C 94 -49.03 -3.85 -43.94
CA PRO C 94 -48.53 -3.93 -42.56
C PRO C 94 -47.89 -5.27 -42.26
N GLY C 95 -46.84 -5.25 -41.44
CA GLY C 95 -46.17 -6.46 -41.00
C GLY C 95 -44.79 -6.17 -40.41
N ASP C 96 -44.04 -7.23 -40.14
CA ASP C 96 -42.72 -7.10 -39.53
C ASP C 96 -41.59 -7.12 -40.57
N PHE C 97 -40.72 -6.10 -40.53
CA PHE C 97 -39.55 -6.06 -41.39
C PHE C 97 -38.34 -6.56 -40.59
N ILE C 98 -37.92 -7.80 -40.86
CA ILE C 98 -36.92 -8.46 -40.03
C ILE C 98 -35.50 -7.89 -40.21
N ASP C 99 -34.86 -7.57 -39.08
CA ASP C 99 -33.53 -6.98 -39.07
C ASP C 99 -33.44 -5.71 -39.90
N TYR C 100 -34.44 -4.86 -39.77
CA TYR C 100 -34.55 -3.63 -40.54
C TYR C 100 -33.44 -2.64 -40.20
N GLU C 101 -33.18 -2.45 -38.91
CA GLU C 101 -32.08 -1.56 -38.52
C GLU C 101 -30.74 -2.04 -39.10
N GLU C 102 -30.48 -3.33 -39.00
CA GLU C 102 -29.25 -3.89 -39.56
C GLU C 102 -29.14 -3.59 -41.04
N LEU C 103 -30.25 -3.70 -41.77
CA LEU C 103 -30.24 -3.44 -43.21
C LEU C 103 -29.98 -1.96 -43.49
N ARG C 104 -30.64 -1.10 -42.73
CA ARG C 104 -30.46 0.33 -42.89
C ARG C 104 -29.00 0.68 -42.71
N GLU C 105 -28.44 0.20 -41.61
CA GLU C 105 -27.03 0.41 -41.31
C GLU C 105 -26.15 -0.05 -42.48
N GLN C 106 -26.39 -1.26 -42.96
CA GLN C 106 -25.53 -1.85 -44.00
C GLN C 106 -25.67 -1.17 -45.37
N LEU C 107 -26.79 -0.46 -45.58
CA LEU C 107 -27.00 0.30 -46.80
C LEU C 107 -26.58 1.76 -46.65
N SER C 108 -26.09 2.12 -45.46
CA SER C 108 -25.84 3.52 -45.14
C SER C 108 -24.83 4.15 -46.09
N SER C 109 -23.88 3.37 -46.57
CA SER C 109 -22.93 3.85 -47.57
C SER C 109 -22.50 2.73 -48.49
N VAL C 110 -22.62 2.97 -49.80
CA VAL C 110 -22.20 1.99 -50.80
C VAL C 110 -21.33 2.64 -51.85
N SER C 111 -20.38 1.88 -52.40
CA SER C 111 -19.45 2.43 -53.38
C SER C 111 -19.94 2.06 -54.77
N SER C 112 -20.86 1.10 -54.82
CA SER C 112 -21.45 0.63 -56.06
C SER C 112 -22.80 0.00 -55.74
N PHE C 113 -23.81 0.32 -56.55
CA PHE C 113 -25.18 -0.16 -56.34
C PHE C 113 -25.87 -0.33 -57.69
N GLU C 114 -26.48 -1.49 -57.89
CA GLU C 114 -27.11 -1.80 -59.18
C GLU C 114 -28.37 -2.64 -59.01
N ARG C 115 -29.51 -2.07 -59.40
CA ARG C 115 -30.76 -2.83 -59.40
C ARG C 115 -30.85 -3.67 -60.68
N PHE C 116 -31.05 -4.97 -60.51
CA PHE C 116 -31.27 -5.84 -61.66
C PHE C 116 -32.49 -6.71 -61.42
N GLU C 117 -33.02 -7.30 -62.50
CA GLU C 117 -34.19 -8.16 -62.39
C GLU C 117 -33.73 -9.60 -62.19
N ILE C 118 -33.71 -10.05 -60.93
CA ILE C 118 -33.22 -11.37 -60.59
C ILE C 118 -34.16 -12.49 -61.06
N PHE C 119 -35.47 -12.25 -60.96
CA PHE C 119 -36.46 -13.20 -61.46
C PHE C 119 -37.43 -12.49 -62.40
N PRO C 120 -37.05 -12.35 -63.67
CA PRO C 120 -37.89 -11.69 -64.68
C PRO C 120 -39.37 -12.08 -64.54
N LYS C 121 -40.24 -11.08 -64.54
CA LYS C 121 -41.67 -11.31 -64.30
C LYS C 121 -42.33 -12.13 -65.41
N THR C 122 -41.97 -11.80 -66.65
CA THR C 122 -42.65 -12.38 -67.81
C THR C 122 -42.40 -13.86 -68.00
N SER C 123 -41.37 -14.39 -67.35
CA SER C 123 -40.94 -15.76 -67.67
C SER C 123 -40.72 -16.68 -66.47
N SER C 124 -40.68 -16.12 -65.26
CA SER C 124 -40.30 -16.90 -64.09
C SER C 124 -41.41 -17.76 -63.49
N TRP C 125 -42.66 -17.37 -63.72
CA TRP C 125 -43.77 -17.97 -63.01
C TRP C 125 -44.90 -18.33 -63.98
N PRO C 126 -44.72 -19.41 -64.75
CA PRO C 126 -45.71 -19.87 -65.72
C PRO C 126 -46.93 -20.53 -65.06
N ASN C 127 -46.73 -21.16 -63.90
CA ASN C 127 -47.80 -21.90 -63.26
C ASN C 127 -48.49 -21.12 -62.14
N HIS C 128 -48.19 -19.84 -62.04
CA HIS C 128 -48.76 -19.00 -61.00
C HIS C 128 -49.19 -17.64 -61.56
N ASP C 129 -50.11 -16.98 -60.86
CA ASP C 129 -50.58 -15.69 -61.32
C ASP C 129 -49.76 -14.56 -60.73
N SER C 130 -49.15 -13.78 -61.62
CA SER C 130 -48.25 -12.70 -61.22
C SER C 130 -48.77 -11.31 -61.61
N ASN C 131 -50.10 -11.15 -61.64
CA ASN C 131 -50.69 -9.88 -62.04
C ASN C 131 -51.74 -9.35 -61.07
N LYS C 132 -52.23 -10.21 -60.18
CA LYS C 132 -53.33 -9.84 -59.29
C LYS C 132 -52.84 -9.48 -57.89
N GLY C 133 -51.52 -9.41 -57.74
CA GLY C 133 -50.91 -9.17 -56.45
C GLY C 133 -50.84 -7.70 -56.12
N VAL C 134 -51.99 -7.11 -55.82
CA VAL C 134 -52.06 -5.71 -55.45
C VAL C 134 -52.98 -5.47 -54.27
N THR C 135 -52.87 -4.30 -53.66
CA THR C 135 -53.65 -3.99 -52.48
C THR C 135 -53.90 -2.50 -52.37
N ALA C 136 -55.00 -2.14 -51.72
CA ALA C 136 -55.33 -0.73 -51.47
C ALA C 136 -54.42 -0.17 -50.38
N ALA C 137 -53.74 -1.05 -49.66
CA ALA C 137 -52.79 -0.61 -48.64
C ALA C 137 -51.55 0.02 -49.27
N CYS C 138 -51.25 -0.37 -50.50
CA CYS C 138 -50.10 0.16 -51.23
C CYS C 138 -50.57 0.78 -52.55
N PRO C 139 -51.27 1.91 -52.47
CA PRO C 139 -51.84 2.50 -53.68
C PRO C 139 -50.79 3.19 -54.55
N HIS C 140 -51.09 3.24 -55.84
CA HIS C 140 -50.29 4.02 -56.79
C HIS C 140 -51.28 4.85 -57.59
N ALA C 141 -51.19 6.17 -57.44
CA ALA C 141 -52.15 7.10 -58.03
C ALA C 141 -53.58 6.70 -57.70
N GLY C 142 -53.81 6.38 -56.44
CA GLY C 142 -55.15 6.03 -55.97
C GLY C 142 -55.55 4.60 -56.26
N ALA C 143 -54.90 3.99 -57.24
CA ALA C 143 -55.24 2.63 -57.64
C ALA C 143 -54.52 1.59 -56.79
N LYS C 144 -55.13 0.42 -56.63
CA LYS C 144 -54.48 -0.69 -55.97
C LYS C 144 -53.15 -1.01 -56.65
N SER C 145 -52.15 -1.37 -55.84
CA SER C 145 -50.83 -1.69 -56.39
C SER C 145 -49.98 -2.44 -55.37
N PHE C 146 -48.67 -2.41 -55.57
CA PHE C 146 -47.77 -3.18 -54.71
C PHE C 146 -46.34 -2.70 -54.89
N TYR C 147 -45.44 -3.25 -54.08
CA TYR C 147 -44.02 -2.97 -54.21
C TYR C 147 -43.55 -3.35 -55.61
N LYS C 148 -42.75 -2.48 -56.20
CA LYS C 148 -42.23 -2.72 -57.53
C LYS C 148 -41.13 -3.78 -57.56
N ASN C 149 -40.46 -3.98 -56.43
CA ASN C 149 -39.30 -4.88 -56.38
C ASN C 149 -39.64 -6.34 -56.03
N LEU C 150 -40.91 -6.58 -55.70
CA LEU C 150 -41.39 -7.91 -55.33
C LEU C 150 -42.64 -8.23 -56.13
N ILE C 151 -42.99 -9.51 -56.20
CA ILE C 151 -44.27 -9.91 -56.80
C ILE C 151 -45.06 -10.77 -55.84
N TRP C 152 -46.29 -10.35 -55.57
CA TRP C 152 -47.22 -11.12 -54.75
C TRP C 152 -47.87 -12.18 -55.64
N LEU C 153 -47.34 -13.40 -55.59
CA LEU C 153 -47.87 -14.51 -56.39
C LEU C 153 -49.13 -15.10 -55.80
N VAL C 154 -50.11 -15.40 -56.66
CA VAL C 154 -51.33 -16.08 -56.21
C VAL C 154 -51.63 -17.30 -57.09
N LYS C 155 -52.53 -18.16 -56.63
CA LYS C 155 -52.89 -19.35 -57.40
C LYS C 155 -53.34 -18.95 -58.78
N LYS C 156 -53.18 -19.85 -59.75
CA LYS C 156 -53.76 -19.64 -61.06
C LYS C 156 -54.77 -20.73 -61.38
N GLY C 157 -55.98 -20.32 -61.77
CA GLY C 157 -57.03 -21.24 -62.13
C GLY C 157 -57.29 -22.33 -61.11
N ASN C 158 -57.34 -21.94 -59.84
CA ASN C 158 -57.66 -22.86 -58.75
C ASN C 158 -56.53 -23.80 -58.35
N SER C 159 -55.31 -23.49 -58.79
CA SER C 159 -54.17 -24.32 -58.44
C SER C 159 -52.93 -23.49 -58.10
N TYR C 160 -52.25 -23.86 -57.02
CA TYR C 160 -50.95 -23.28 -56.67
C TYR C 160 -49.95 -24.43 -56.58
N PRO C 161 -49.27 -24.71 -57.69
CA PRO C 161 -48.25 -25.77 -57.79
C PRO C 161 -47.14 -25.46 -56.81
N LYS C 162 -46.31 -26.45 -56.47
CA LYS C 162 -45.12 -26.16 -55.68
C LYS C 162 -44.12 -25.45 -56.58
N LEU C 163 -43.74 -24.22 -56.22
CA LEU C 163 -42.77 -23.50 -57.03
C LEU C 163 -41.36 -23.75 -56.49
N SER C 164 -40.38 -23.67 -57.38
CA SER C 164 -38.99 -23.85 -56.97
C SER C 164 -38.08 -23.07 -57.92
N LYS C 165 -37.52 -21.98 -57.40
CA LYS C 165 -36.67 -21.12 -58.22
C LYS C 165 -35.36 -20.84 -57.49
N SER C 166 -34.25 -21.03 -58.19
CA SER C 166 -32.94 -20.76 -57.62
C SER C 166 -32.27 -19.67 -58.44
N TYR C 167 -31.39 -18.92 -57.78
CA TYR C 167 -30.61 -17.90 -58.45
C TYR C 167 -29.15 -18.01 -58.03
N ILE C 168 -28.26 -17.95 -59.02
CA ILE C 168 -26.84 -18.01 -58.75
C ILE C 168 -26.22 -16.65 -58.96
N ASN C 169 -25.43 -16.20 -57.99
CA ASN C 169 -24.84 -14.87 -58.01
C ASN C 169 -23.57 -14.77 -58.84
N ASP C 170 -23.74 -14.42 -60.11
CA ASP C 170 -22.62 -14.26 -61.03
C ASP C 170 -22.30 -12.78 -61.22
N LYS C 171 -22.59 -11.98 -60.21
CA LYS C 171 -22.41 -10.52 -60.28
C LYS C 171 -21.02 -10.06 -59.85
N GLY C 172 -20.29 -10.93 -59.14
CA GLY C 172 -18.95 -10.58 -58.69
C GLY C 172 -18.97 -9.61 -57.54
N LYS C 173 -20.09 -9.57 -56.83
CA LYS C 173 -20.20 -8.75 -55.64
C LYS C 173 -21.45 -9.19 -54.89
N GLU C 174 -21.67 -8.63 -53.70
CA GLU C 174 -22.80 -9.02 -52.90
C GLU C 174 -24.10 -8.66 -53.58
N VAL C 175 -25.05 -9.59 -53.53
CA VAL C 175 -26.38 -9.33 -54.03
C VAL C 175 -27.38 -9.30 -52.88
N LEU C 176 -28.08 -8.18 -52.73
CA LEU C 176 -29.12 -8.06 -51.75
C LEU C 176 -30.44 -8.57 -52.32
N VAL C 177 -31.03 -9.54 -51.63
CA VAL C 177 -32.28 -10.15 -52.06
C VAL C 177 -33.34 -9.97 -50.98
N LEU C 178 -34.50 -9.41 -51.36
CA LEU C 178 -35.60 -9.21 -50.42
C LEU C 178 -36.84 -9.98 -50.87
N TRP C 179 -37.60 -10.50 -49.91
CA TRP C 179 -38.83 -11.22 -50.22
C TRP C 179 -39.82 -11.09 -49.07
N GLY C 180 -41.07 -11.50 -49.32
CA GLY C 180 -42.09 -11.41 -48.30
C GLY C 180 -42.77 -12.73 -48.01
N ILE C 181 -43.42 -12.81 -46.85
CA ILE C 181 -44.27 -13.92 -46.50
C ILE C 181 -45.63 -13.38 -46.10
N HIS C 182 -46.66 -13.72 -46.87
CA HIS C 182 -48.00 -13.22 -46.61
C HIS C 182 -48.80 -14.13 -45.67
N HIS C 183 -49.47 -13.51 -44.70
CA HIS C 183 -50.30 -14.24 -43.75
C HIS C 183 -51.72 -13.72 -43.85
N PRO C 184 -52.62 -14.51 -44.49
CA PRO C 184 -54.01 -14.07 -44.62
C PRO C 184 -54.71 -14.02 -43.26
N SER C 185 -55.77 -13.21 -43.15
CA SER C 185 -56.54 -13.13 -41.91
C SER C 185 -57.41 -14.35 -41.66
N THR C 186 -57.82 -15.05 -42.71
CA THR C 186 -58.72 -16.17 -42.57
C THR C 186 -58.35 -17.38 -43.43
N SER C 187 -58.78 -18.56 -43.00
CA SER C 187 -58.60 -19.76 -43.79
C SER C 187 -59.28 -19.59 -45.15
N ALA C 188 -60.35 -18.80 -45.17
CA ALA C 188 -61.06 -18.48 -46.40
C ALA C 188 -60.17 -17.77 -47.40
N ASP C 189 -59.48 -16.72 -46.94
CA ASP C 189 -58.59 -15.95 -47.83
C ASP C 189 -57.38 -16.77 -48.27
N GLN C 190 -56.85 -17.57 -47.37
CA GLN C 190 -55.74 -18.46 -47.68
C GLN C 190 -56.10 -19.32 -48.88
N GLN C 191 -57.25 -19.97 -48.81
CA GLN C 191 -57.72 -20.83 -49.89
C GLN C 191 -57.96 -20.02 -51.19
N SER C 192 -58.52 -18.82 -51.04
CA SER C 192 -58.80 -17.96 -52.19
C SER C 192 -57.53 -17.51 -52.90
N LEU C 193 -56.49 -17.24 -52.13
CA LEU C 193 -55.23 -16.78 -52.71
C LEU C 193 -54.33 -17.93 -53.17
N TYR C 194 -54.29 -19.00 -52.39
CA TYR C 194 -53.26 -20.02 -52.56
C TYR C 194 -53.81 -21.45 -52.70
N GLN C 195 -55.11 -21.61 -52.52
CA GLN C 195 -55.76 -22.92 -52.63
C GLN C 195 -55.43 -23.86 -51.47
N ASN C 196 -54.14 -24.17 -51.33
CA ASN C 196 -53.66 -25.31 -50.53
C ASN C 196 -53.99 -25.38 -49.02
N ALA C 197 -54.07 -24.25 -48.34
CA ALA C 197 -54.49 -24.24 -46.93
C ALA C 197 -53.36 -24.45 -45.91
N ASP C 198 -52.62 -25.54 -46.03
CA ASP C 198 -51.49 -25.80 -45.14
C ASP C 198 -50.19 -25.77 -45.94
N THR C 199 -49.57 -24.59 -46.00
CA THR C 199 -48.46 -24.37 -46.92
C THR C 199 -47.15 -24.09 -46.20
N TYR C 200 -46.08 -23.98 -46.97
CA TYR C 200 -44.77 -23.65 -46.43
C TYR C 200 -43.92 -22.89 -47.45
N VAL C 201 -42.99 -22.10 -46.94
CA VAL C 201 -42.04 -21.39 -47.78
C VAL C 201 -40.66 -21.72 -47.25
N PHE C 202 -39.73 -21.98 -48.17
CA PHE C 202 -38.36 -22.29 -47.79
C PHE C 202 -37.42 -21.43 -48.60
N VAL C 203 -36.54 -20.71 -47.90
CA VAL C 203 -35.48 -19.96 -48.55
C VAL C 203 -34.17 -20.43 -47.98
N CYS C 204 -33.21 -20.74 -48.84
CA CYS C 204 -31.88 -21.12 -48.38
C CYS C 204 -30.78 -20.89 -49.41
N SER C 205 -29.69 -20.29 -48.96
CA SER C 205 -28.47 -20.18 -49.75
C SER C 205 -27.48 -21.20 -49.21
N SER C 206 -26.19 -20.96 -49.40
CA SER C 206 -25.18 -21.80 -48.76
C SER C 206 -25.00 -21.38 -47.30
N ARG C 207 -25.38 -20.14 -47.00
CA ARG C 207 -25.27 -19.59 -45.65
C ARG C 207 -26.63 -19.58 -44.95
N TYR C 208 -27.63 -19.06 -45.65
CA TYR C 208 -28.93 -18.74 -45.07
C TYR C 208 -29.91 -19.90 -45.19
N SER C 209 -30.75 -20.10 -44.17
CA SER C 209 -31.76 -21.14 -44.25
C SER C 209 -32.90 -20.95 -43.24
N LYS C 210 -34.12 -20.76 -43.75
CA LYS C 210 -35.27 -20.57 -42.87
C LYS C 210 -36.56 -21.08 -43.50
N LYS C 211 -37.37 -21.74 -42.68
CA LYS C 211 -38.68 -22.23 -43.14
C LYS C 211 -39.78 -21.35 -42.59
N PHE C 212 -40.80 -21.10 -43.42
CA PHE C 212 -41.89 -20.23 -43.02
C PHE C 212 -43.24 -20.94 -43.15
N LYS C 213 -44.09 -20.74 -42.16
CA LYS C 213 -45.46 -21.23 -42.19
C LYS C 213 -46.40 -20.04 -42.07
N PRO C 214 -47.49 -20.05 -42.84
CA PRO C 214 -48.43 -18.94 -42.67
C PRO C 214 -49.01 -18.92 -41.27
N GLU C 215 -49.25 -17.74 -40.73
CA GLU C 215 -49.82 -17.56 -39.41
C GLU C 215 -51.14 -16.84 -39.61
N ILE C 216 -52.22 -17.61 -39.66
CA ILE C 216 -53.52 -17.10 -40.05
C ILE C 216 -54.36 -16.75 -38.84
N ALA C 217 -54.70 -15.46 -38.73
CA ALA C 217 -55.62 -14.99 -37.69
C ALA C 217 -56.07 -13.60 -38.05
N ILE C 218 -57.20 -13.18 -37.50
CA ILE C 218 -57.68 -11.83 -37.72
C ILE C 218 -56.96 -10.89 -36.77
N CYS C 219 -56.08 -10.05 -37.32
CA CYS C 219 -55.36 -9.06 -36.53
C CYS C 219 -55.94 -7.66 -36.74
N PRO C 220 -55.67 -6.73 -35.82
CA PRO C 220 -56.21 -5.37 -35.89
C PRO C 220 -55.93 -4.72 -37.24
N LYS C 221 -56.94 -4.09 -37.83
CA LYS C 221 -56.77 -3.45 -39.14
C LYS C 221 -55.65 -2.42 -39.10
N VAL C 222 -54.79 -2.47 -40.11
CA VAL C 222 -53.78 -1.43 -40.29
C VAL C 222 -53.77 -1.07 -41.75
N ARG C 223 -54.04 0.18 -42.07
CA ARG C 223 -54.26 0.57 -43.45
C ARG C 223 -55.33 -0.35 -44.04
N ASP C 224 -56.29 -0.70 -43.19
CA ASP C 224 -57.50 -1.44 -43.58
C ASP C 224 -57.29 -2.94 -43.79
N GLN C 225 -56.10 -3.43 -43.48
CA GLN C 225 -55.77 -4.84 -43.68
C GLN C 225 -55.70 -5.58 -42.34
N GLU C 226 -56.46 -6.66 -42.21
CA GLU C 226 -56.40 -7.49 -41.01
C GLU C 226 -55.33 -8.56 -41.15
N GLY C 227 -54.78 -8.68 -42.36
CA GLY C 227 -53.73 -9.64 -42.62
C GLY C 227 -52.36 -9.03 -42.38
N ARG C 228 -51.32 -9.85 -42.51
CA ARG C 228 -49.95 -9.38 -42.27
C ARG C 228 -48.98 -9.89 -43.33
N MET C 229 -47.97 -9.10 -43.63
CA MET C 229 -46.91 -9.51 -44.53
C MET C 229 -45.57 -9.15 -43.90
N ASN C 230 -44.74 -10.16 -43.64
CA ASN C 230 -43.40 -9.94 -43.09
C ASN C 230 -42.34 -9.93 -44.19
N TYR C 231 -41.38 -9.03 -44.05
CA TYR C 231 -40.35 -8.81 -45.06
C TYR C 231 -39.01 -9.34 -44.61
N TYR C 232 -38.30 -10.00 -45.52
CA TYR C 232 -37.04 -10.66 -45.22
C TYR C 232 -36.00 -10.28 -46.27
N TRP C 233 -34.73 -10.37 -45.89
CA TRP C 233 -33.64 -10.03 -46.81
C TRP C 233 -32.41 -10.84 -46.45
N THR C 234 -31.49 -10.92 -47.41
CA THR C 234 -30.19 -11.51 -47.18
C THR C 234 -29.22 -11.06 -48.28
N LEU C 235 -27.93 -11.16 -47.99
CA LEU C 235 -26.91 -10.85 -48.97
C LEU C 235 -26.30 -12.15 -49.47
N VAL C 236 -26.46 -12.41 -50.76
CA VAL C 236 -25.92 -13.63 -51.35
C VAL C 236 -24.52 -13.33 -51.85
N GLU C 237 -23.52 -14.01 -51.29
CA GLU C 237 -22.13 -13.78 -51.67
C GLU C 237 -21.87 -14.19 -53.12
N PRO C 238 -20.85 -13.60 -53.75
CA PRO C 238 -20.48 -13.95 -55.12
C PRO C 238 -20.33 -15.47 -55.32
N GLY C 239 -20.94 -15.99 -56.37
CA GLY C 239 -20.85 -17.41 -56.69
C GLY C 239 -21.83 -18.27 -55.94
N ASP C 240 -22.37 -17.75 -54.84
CA ASP C 240 -23.36 -18.46 -54.04
C ASP C 240 -24.71 -18.54 -54.76
N LYS C 241 -25.52 -19.53 -54.39
CA LYS C 241 -26.86 -19.67 -54.94
C LYS C 241 -27.88 -19.55 -53.82
N ILE C 242 -29.04 -18.95 -54.13
CA ILE C 242 -30.15 -18.90 -53.20
C ILE C 242 -31.37 -19.58 -53.82
N THR C 243 -32.05 -20.40 -53.02
CA THR C 243 -33.18 -21.20 -53.50
C THR C 243 -34.49 -20.85 -52.80
N PHE C 244 -35.55 -20.66 -53.57
CA PHE C 244 -36.89 -20.43 -53.04
C PHE C 244 -37.79 -21.61 -53.36
N GLU C 245 -38.53 -22.07 -52.36
CA GLU C 245 -39.46 -23.17 -52.55
C GLU C 245 -40.74 -22.92 -51.74
N ALA C 246 -41.88 -22.91 -52.41
CA ALA C 246 -43.12 -22.55 -51.74
C ALA C 246 -44.35 -23.28 -52.29
N THR C 247 -45.35 -23.45 -51.43
CA THR C 247 -46.63 -24.00 -51.83
C THR C 247 -47.74 -22.98 -51.56
N GLY C 248 -47.32 -21.73 -51.34
CA GLY C 248 -48.24 -20.63 -51.10
C GLY C 248 -47.59 -19.54 -50.27
N ASN C 249 -48.24 -18.40 -50.16
CA ASN C 249 -47.83 -17.34 -49.22
C ASN C 249 -46.51 -16.63 -49.51
N LEU C 250 -45.82 -17.00 -50.59
CA LEU C 250 -44.53 -16.38 -50.89
C LEU C 250 -44.67 -15.17 -51.79
N VAL C 251 -44.07 -14.08 -51.35
CA VAL C 251 -44.00 -12.85 -52.13
C VAL C 251 -42.61 -12.80 -52.73
N VAL C 252 -42.51 -13.29 -53.96
CA VAL C 252 -41.21 -13.54 -54.59
C VAL C 252 -40.49 -12.24 -54.94
N PRO C 253 -39.14 -12.31 -54.98
CA PRO C 253 -38.29 -11.23 -55.45
C PRO C 253 -38.54 -10.99 -56.93
N ARG C 254 -38.50 -9.73 -57.38
CA ARG C 254 -38.48 -9.45 -58.80
C ARG C 254 -37.21 -8.72 -59.14
N TYR C 255 -36.89 -7.71 -58.34
CA TYR C 255 -35.63 -6.98 -58.45
C TYR C 255 -34.75 -7.21 -57.22
N ALA C 256 -33.46 -7.34 -57.45
CA ALA C 256 -32.48 -7.44 -56.38
C ALA C 256 -31.40 -6.39 -56.66
N PHE C 257 -30.44 -6.26 -55.75
CA PHE C 257 -29.42 -5.21 -55.88
C PHE C 257 -27.99 -5.72 -55.68
N ALA C 258 -27.18 -5.60 -56.72
CA ALA C 258 -25.76 -5.93 -56.61
C ALA C 258 -25.02 -4.71 -56.08
N MET C 259 -24.12 -4.92 -55.12
CA MET C 259 -23.52 -3.79 -54.41
C MET C 259 -22.19 -4.11 -53.75
N GLU C 260 -21.41 -3.06 -53.50
CA GLU C 260 -20.18 -3.17 -52.74
C GLU C 260 -20.27 -2.22 -51.54
N ARG C 261 -20.49 -2.78 -50.35
CA ARG C 261 -20.72 -1.97 -49.16
C ARG C 261 -19.44 -1.26 -48.74
N ASN C 262 -19.58 -0.05 -48.20
CA ASN C 262 -18.44 0.82 -47.95
C ASN C 262 -18.21 1.08 -46.47
N ALA C 263 -17.19 0.42 -45.91
CA ALA C 263 -16.82 0.63 -44.52
C ALA C 263 -18.05 0.67 -43.62
N GLY C 264 -18.44 1.87 -43.19
CA GLY C 264 -19.63 2.03 -42.39
C GLY C 264 -19.98 3.48 -42.16
N SER C 265 -21.14 3.89 -42.63
CA SER C 265 -21.56 5.28 -42.50
C SER C 265 -22.77 5.44 -41.58
N GLY C 266 -23.69 6.33 -41.95
CA GLY C 266 -24.83 6.62 -41.10
C GLY C 266 -26.07 7.14 -41.81
N ILE C 267 -27.14 7.30 -41.04
CA ILE C 267 -28.39 7.81 -41.57
C ILE C 267 -28.79 9.09 -40.86
N ILE C 268 -28.86 10.18 -41.61
CA ILE C 268 -29.33 11.44 -41.05
C ILE C 268 -30.81 11.67 -41.31
N ILE C 269 -31.54 11.95 -40.23
CA ILE C 269 -32.95 12.24 -40.33
C ILE C 269 -33.19 13.70 -40.01
N SER C 270 -33.35 14.51 -41.06
CA SER C 270 -33.43 15.97 -40.93
C SER C 270 -34.18 16.61 -42.09
N ASP C 271 -34.76 17.77 -41.82
CA ASP C 271 -35.42 18.56 -42.87
C ASP C 271 -34.43 19.45 -43.61
N THR C 272 -33.18 19.46 -43.16
CA THR C 272 -32.15 20.31 -43.75
C THR C 272 -31.95 19.99 -45.23
N PRO C 273 -32.02 21.03 -46.08
CA PRO C 273 -31.91 20.85 -47.53
C PRO C 273 -30.55 20.32 -47.95
N VAL C 274 -30.51 19.66 -49.10
CA VAL C 274 -29.25 19.22 -49.69
C VAL C 274 -28.80 20.29 -50.68
N HIS C 275 -27.49 20.48 -50.80
CA HIS C 275 -26.96 21.42 -51.78
C HIS C 275 -25.73 20.85 -52.47
N ASP C 276 -25.22 21.57 -53.46
CA ASP C 276 -24.02 21.18 -54.15
C ASP C 276 -22.81 21.74 -53.42
N CYS C 277 -22.60 21.27 -52.20
CA CYS C 277 -21.45 21.69 -51.40
C CYS C 277 -20.67 20.47 -50.91
N ASN C 278 -19.46 20.72 -50.42
CA ASN C 278 -18.56 19.65 -49.99
C ASN C 278 -18.15 19.86 -48.53
N THR C 279 -18.05 18.78 -47.77
CA THR C 279 -17.63 18.86 -46.37
C THR C 279 -16.85 17.63 -45.93
N THR C 280 -16.21 17.71 -44.78
CA THR C 280 -15.55 16.56 -44.19
C THR C 280 -16.28 16.17 -42.90
N CYS C 281 -17.18 17.04 -42.45
CA CYS C 281 -17.93 16.78 -41.23
C CYS C 281 -19.38 17.21 -41.42
N GLN C 282 -20.30 16.27 -41.25
CA GLN C 282 -21.72 16.55 -41.47
C GLN C 282 -22.53 16.44 -40.19
N THR C 283 -23.43 17.40 -40.00
CA THR C 283 -24.32 17.45 -38.85
C THR C 283 -25.76 17.40 -39.37
N PRO C 284 -26.71 16.91 -38.56
CA PRO C 284 -28.09 16.95 -39.04
C PRO C 284 -28.60 18.38 -39.24
N LYS C 285 -27.90 19.37 -38.70
CA LYS C 285 -28.29 20.78 -38.79
C LYS C 285 -27.54 21.53 -39.88
N GLY C 286 -26.52 20.89 -40.44
CA GLY C 286 -25.66 21.54 -41.40
C GLY C 286 -24.22 21.06 -41.30
N ALA C 287 -23.44 21.34 -42.33
CA ALA C 287 -22.05 20.92 -42.39
C ALA C 287 -21.12 21.83 -41.58
N ILE C 288 -20.05 21.25 -41.06
CA ILE C 288 -19.04 21.97 -40.31
C ILE C 288 -17.75 22.07 -41.11
N ASN C 289 -17.32 23.28 -41.40
CA ASN C 289 -16.08 23.51 -42.12
C ASN C 289 -15.08 24.21 -41.20
N THR C 290 -14.36 23.43 -40.40
CA THR C 290 -13.44 24.00 -39.43
C THR C 290 -12.15 23.20 -39.29
N SER C 291 -11.09 23.90 -38.88
CA SER C 291 -9.83 23.27 -38.55
C SER C 291 -9.73 23.15 -37.03
N LEU C 292 -10.75 23.63 -36.34
CA LEU C 292 -10.73 23.68 -34.89
C LEU C 292 -11.00 22.31 -34.24
N PRO C 293 -10.44 22.09 -33.05
CA PRO C 293 -10.48 20.78 -32.39
C PRO C 293 -11.81 20.50 -31.72
N PHE C 294 -12.55 21.54 -31.34
CA PHE C 294 -13.81 21.35 -30.64
C PHE C 294 -15.01 21.95 -31.36
N GLN C 295 -16.19 21.42 -31.06
CA GLN C 295 -17.43 21.82 -31.72
C GLN C 295 -18.62 21.66 -30.79
N ASN C 296 -19.54 22.61 -30.81
CA ASN C 296 -20.78 22.50 -30.05
C ASN C 296 -22.05 22.60 -30.92
N ILE C 297 -21.95 22.17 -32.17
CA ILE C 297 -23.09 22.17 -33.09
C ILE C 297 -24.05 21.00 -32.85
N HIS C 298 -23.51 19.79 -32.77
CA HIS C 298 -24.32 18.58 -32.66
C HIS C 298 -23.43 17.40 -32.32
N PRO C 299 -23.88 16.54 -31.39
CA PRO C 299 -23.11 15.34 -31.00
C PRO C 299 -23.17 14.25 -32.06
N ILE C 300 -24.24 14.21 -32.85
CA ILE C 300 -24.40 13.17 -33.84
C ILE C 300 -23.86 13.63 -35.19
N THR C 301 -22.59 13.35 -35.44
CA THR C 301 -21.95 13.79 -36.67
C THR C 301 -21.43 12.60 -37.49
N ILE C 302 -21.25 12.82 -38.78
CA ILE C 302 -20.67 11.82 -39.66
C ILE C 302 -19.42 12.38 -40.34
N GLY C 303 -18.32 11.64 -40.25
CA GLY C 303 -17.08 12.04 -40.91
C GLY C 303 -15.91 12.25 -39.97
N LYS C 304 -15.01 13.13 -40.38
CA LYS C 304 -13.83 13.44 -39.58
C LYS C 304 -14.07 14.77 -38.89
N CYS C 305 -14.52 14.71 -37.65
CA CYS C 305 -15.11 15.87 -37.00
C CYS C 305 -14.36 16.34 -35.77
N PRO C 306 -14.54 17.61 -35.38
CA PRO C 306 -14.05 18.10 -34.10
C PRO C 306 -14.86 17.43 -32.99
N LYS C 307 -14.32 17.34 -31.78
CA LYS C 307 -15.03 16.69 -30.69
C LYS C 307 -16.18 17.58 -30.21
N TYR C 308 -17.32 16.97 -29.92
CA TYR C 308 -18.48 17.70 -29.42
C TYR C 308 -18.27 17.99 -27.94
N VAL C 309 -18.51 19.24 -27.54
CA VAL C 309 -18.45 19.63 -26.15
C VAL C 309 -19.65 20.51 -25.82
N LYS C 310 -20.00 20.63 -24.54
CA LYS C 310 -21.08 21.52 -24.15
C LYS C 310 -20.59 22.90 -23.75
N SER C 311 -19.41 23.26 -24.22
CA SER C 311 -18.86 24.58 -23.95
C SER C 311 -19.60 25.60 -24.80
N THR C 312 -19.64 26.85 -24.33
CA THR C 312 -20.20 27.94 -25.11
C THR C 312 -19.05 28.81 -25.59
N LYS C 313 -17.99 28.83 -24.80
CA LYS C 313 -16.83 29.69 -25.00
C LYS C 313 -15.54 28.94 -24.66
N LEU C 314 -14.65 28.81 -25.64
CA LEU C 314 -13.33 28.24 -25.42
C LEU C 314 -12.28 29.15 -26.03
N ARG C 315 -11.93 30.22 -25.32
CA ARG C 315 -11.05 31.25 -25.87
C ARG C 315 -9.64 31.24 -25.29
N LEU C 316 -8.65 31.02 -26.17
CA LEU C 316 -7.25 30.98 -25.78
C LEU C 316 -6.64 32.38 -25.80
N ALA C 317 -5.98 32.76 -24.72
CA ALA C 317 -5.17 33.98 -24.71
C ALA C 317 -3.96 33.77 -25.62
N THR C 318 -3.66 34.78 -26.44
CA THR C 318 -2.41 34.81 -27.20
C THR C 318 -1.59 36.01 -26.76
N GLY C 319 -2.26 37.14 -26.57
CA GLY C 319 -1.63 38.35 -26.09
C GLY C 319 -1.54 38.34 -24.58
N LEU C 320 -1.36 39.51 -23.98
CA LEU C 320 -1.20 39.63 -22.55
C LEU C 320 -2.34 40.45 -21.97
N ARG C 321 -2.35 40.60 -20.65
CA ARG C 321 -3.41 41.35 -20.01
C ARG C 321 -3.45 42.77 -20.53
N ASN C 322 -4.63 43.21 -20.97
CA ASN C 322 -4.82 44.55 -21.53
C ASN C 322 -5.11 45.56 -20.43
N ILE C 323 -4.14 46.43 -20.16
CA ILE C 323 -4.25 47.44 -19.12
C ILE C 323 -3.84 48.82 -19.65
N PRO C 324 -4.68 49.43 -20.48
CA PRO C 324 -4.35 50.72 -21.10
C PRO C 324 -4.18 51.81 -20.06
N SER C 325 -5.08 51.84 -19.07
CA SER C 325 -5.02 52.83 -18.00
C SER C 325 -5.00 54.26 -18.56
N GLY D 1 1.30 38.76 -11.28
CA GLY D 1 1.72 37.64 -12.10
C GLY D 1 2.91 36.91 -11.51
N LEU D 2 3.26 35.78 -12.10
CA LEU D 2 4.32 34.93 -11.58
C LEU D 2 5.69 35.60 -11.59
N PHE D 3 5.92 36.48 -12.57
CA PHE D 3 7.23 37.11 -12.70
C PHE D 3 7.27 38.57 -12.23
N GLY D 4 6.18 39.04 -11.62
CA GLY D 4 6.17 40.30 -10.91
C GLY D 4 6.06 41.57 -11.74
N ALA D 5 6.46 41.50 -13.02
CA ALA D 5 6.51 42.69 -13.85
C ALA D 5 5.13 43.21 -14.28
N ILE D 6 4.49 42.51 -15.22
CA ILE D 6 3.21 42.97 -15.78
C ILE D 6 2.14 43.02 -14.70
N ALA D 7 1.45 44.16 -14.60
CA ALA D 7 0.50 44.40 -13.53
C ALA D 7 1.15 44.16 -12.17
N GLY D 8 2.46 44.41 -12.11
CA GLY D 8 3.20 44.29 -10.87
C GLY D 8 3.96 45.58 -10.59
N PHE D 9 5.29 45.52 -10.63
CA PHE D 9 6.07 46.75 -10.49
C PHE D 9 6.03 47.59 -11.76
N ILE D 10 5.67 46.96 -12.88
CA ILE D 10 5.29 47.71 -14.08
C ILE D 10 3.77 47.72 -14.15
N GLU D 11 3.17 48.72 -13.50
CA GLU D 11 1.74 48.71 -13.17
C GLU D 11 0.78 48.76 -14.36
N GLY D 12 1.19 49.43 -15.44
CA GLY D 12 0.31 49.62 -16.56
C GLY D 12 0.97 49.37 -17.90
N GLY D 13 0.16 49.33 -18.95
CA GLY D 13 0.66 49.10 -20.29
C GLY D 13 0.70 50.36 -21.12
N TRP D 14 1.44 50.31 -22.23
CA TRP D 14 1.60 51.45 -23.11
C TRP D 14 0.81 51.29 -24.40
N THR D 15 -0.30 52.02 -24.52
CA THR D 15 -0.98 52.09 -25.80
C THR D 15 -0.06 52.71 -26.85
N GLY D 16 0.80 53.62 -26.40
CA GLY D 16 1.74 54.29 -27.29
C GLY D 16 2.61 53.32 -28.06
N MET D 17 2.95 52.20 -27.45
CA MET D 17 3.84 51.22 -28.07
C MET D 17 3.07 50.26 -28.98
N VAL D 18 2.74 50.72 -30.18
CA VAL D 18 1.89 49.97 -31.10
C VAL D 18 2.63 48.99 -31.99
N ASP D 19 3.95 48.93 -31.87
CA ASP D 19 4.77 48.15 -32.81
C ASP D 19 5.13 46.75 -32.32
N GLY D 20 4.76 46.43 -31.09
CA GLY D 20 5.10 45.12 -30.54
C GLY D 20 4.46 44.86 -29.19
N TRP D 21 4.81 43.71 -28.60
CA TRP D 21 4.27 43.30 -27.32
C TRP D 21 5.06 43.85 -26.15
N TYR D 22 6.39 43.74 -26.23
CA TYR D 22 7.25 44.30 -25.21
C TYR D 22 8.22 45.29 -25.84
N GLY D 23 8.67 46.26 -25.05
CA GLY D 23 9.61 47.24 -25.55
C GLY D 23 10.13 48.21 -24.51
N TYR D 24 10.59 49.35 -25.01
CA TYR D 24 11.24 50.34 -24.17
C TYR D 24 10.65 51.72 -24.42
N HIS D 25 10.73 52.58 -23.41
CA HIS D 25 10.43 53.99 -23.58
C HIS D 25 11.67 54.78 -23.20
N HIS D 26 12.32 55.39 -24.19
CA HIS D 26 13.54 56.16 -23.90
C HIS D 26 13.30 57.67 -23.87
N GLN D 27 14.07 58.35 -23.03
CA GLN D 27 13.99 59.80 -22.91
C GLN D 27 15.37 60.42 -22.70
N ASN D 28 15.67 61.42 -23.51
CA ASN D 28 16.93 62.16 -23.41
C ASN D 28 16.87 63.36 -24.34
N GLU D 29 17.93 64.17 -24.36
CA GLU D 29 18.06 65.20 -25.37
C GLU D 29 17.92 64.48 -26.71
N GLN D 30 17.48 65.18 -27.75
CA GLN D 30 17.23 64.56 -29.06
C GLN D 30 15.79 64.09 -29.18
N GLY D 31 15.20 63.67 -28.06
CA GLY D 31 13.80 63.28 -28.05
C GLY D 31 13.46 62.12 -27.14
N SER D 32 12.34 61.48 -27.43
CA SER D 32 11.85 60.36 -26.62
C SER D 32 10.77 59.60 -27.40
N GLY D 33 10.23 58.55 -26.80
CA GLY D 33 9.15 57.80 -27.42
C GLY D 33 9.19 56.32 -27.09
N TYR D 34 8.23 55.58 -27.63
CA TYR D 34 8.14 54.14 -27.41
C TYR D 34 8.81 53.38 -28.55
N ALA D 35 9.35 52.21 -28.24
CA ALA D 35 9.91 51.34 -29.27
C ALA D 35 9.87 49.89 -28.80
N ALA D 36 9.17 49.05 -29.55
CA ALA D 36 9.08 47.64 -29.19
C ALA D 36 10.40 46.94 -29.46
N ASP D 37 10.74 45.99 -28.60
CA ASP D 37 11.88 45.11 -28.83
C ASP D 37 11.46 44.03 -29.82
N LEU D 38 11.68 44.28 -31.12
CA LEU D 38 11.20 43.37 -32.15
C LEU D 38 11.74 41.95 -32.01
N LYS D 39 12.93 41.82 -31.45
CA LYS D 39 13.54 40.51 -31.27
C LYS D 39 12.77 39.63 -30.30
N SER D 40 12.49 40.16 -29.11
CA SER D 40 11.77 39.39 -28.11
C SER D 40 10.30 39.24 -28.52
N THR D 41 9.77 40.24 -29.23
CA THR D 41 8.39 40.19 -29.69
C THR D 41 8.17 39.12 -30.74
N GLN D 42 9.01 39.14 -31.77
CA GLN D 42 8.90 38.15 -32.84
C GLN D 42 9.10 36.75 -32.26
N ASN D 43 10.10 36.61 -31.39
CA ASN D 43 10.34 35.33 -30.72
C ASN D 43 9.08 34.84 -30.01
N ALA D 44 8.43 35.75 -29.28
CA ALA D 44 7.21 35.44 -28.56
C ALA D 44 6.07 35.14 -29.51
N ILE D 45 6.05 35.82 -30.66
CA ILE D 45 4.99 35.60 -31.64
C ILE D 45 5.12 34.20 -32.24
N ASP D 46 6.35 33.84 -32.63
CA ASP D 46 6.62 32.51 -33.15
C ASP D 46 6.20 31.45 -32.14
N GLU D 47 6.60 31.64 -30.88
CA GLU D 47 6.39 30.61 -29.87
C GLU D 47 4.91 30.42 -29.51
N ILE D 48 4.15 31.50 -29.46
CA ILE D 48 2.74 31.44 -29.13
C ILE D 48 1.93 30.88 -30.31
N THR D 49 2.33 31.23 -31.51
CA THR D 49 1.73 30.64 -32.70
C THR D 49 1.90 29.12 -32.63
N ASN D 50 3.11 28.67 -32.30
CA ASN D 50 3.37 27.24 -32.16
C ASN D 50 2.49 26.59 -31.07
N LYS D 51 2.26 27.32 -29.98
CA LYS D 51 1.38 26.86 -28.93
C LYS D 51 -0.03 26.63 -29.46
N VAL D 52 -0.60 27.68 -30.05
CA VAL D 52 -1.93 27.60 -30.63
C VAL D 52 -2.03 26.50 -31.66
N ASN D 53 -1.02 26.37 -32.51
CA ASN D 53 -1.00 25.32 -33.52
C ASN D 53 -0.89 23.91 -32.93
N SER D 54 -0.24 23.79 -31.77
CA SER D 54 -0.08 22.49 -31.13
C SER D 54 -1.43 22.00 -30.60
N VAL D 55 -2.18 22.92 -30.00
CA VAL D 55 -3.47 22.55 -29.40
C VAL D 55 -4.47 22.12 -30.49
N ILE D 56 -4.37 22.76 -31.65
CA ILE D 56 -5.24 22.45 -32.78
C ILE D 56 -4.81 21.21 -33.54
N GLU D 57 -3.56 21.20 -33.99
CA GLU D 57 -3.07 20.16 -34.88
C GLU D 57 -2.92 18.79 -34.23
N LYS D 58 -2.77 18.74 -32.91
CA LYS D 58 -2.66 17.45 -32.24
C LYS D 58 -4.00 16.73 -32.15
N MET D 59 -5.04 17.39 -32.65
CA MET D 59 -6.35 16.75 -32.76
C MET D 59 -6.53 16.20 -34.16
N ASN D 60 -6.27 14.91 -34.31
CA ASN D 60 -6.49 14.25 -35.58
C ASN D 60 -7.44 13.09 -35.31
N THR D 61 -8.69 13.28 -35.71
CA THR D 61 -9.77 12.40 -35.28
C THR D 61 -10.10 11.35 -36.33
N GLN D 62 -10.62 10.21 -35.86
CA GLN D 62 -11.04 9.12 -36.74
C GLN D 62 -12.31 9.50 -37.51
N PHE D 63 -12.52 8.88 -38.66
CA PHE D 63 -13.82 8.96 -39.33
C PHE D 63 -14.82 8.11 -38.56
N THR D 64 -15.94 8.72 -38.17
CA THR D 64 -16.92 8.01 -37.36
C THR D 64 -18.33 8.51 -37.67
N ALA D 65 -19.31 7.62 -37.60
CA ALA D 65 -20.70 7.99 -37.86
C ALA D 65 -21.44 8.47 -36.61
N VAL D 66 -21.14 7.89 -35.46
CA VAL D 66 -21.75 8.29 -34.17
C VAL D 66 -23.20 7.82 -34.02
N GLY D 67 -24.05 8.24 -34.96
CA GLY D 67 -25.46 7.91 -34.89
C GLY D 67 -25.69 6.42 -34.99
N LYS D 68 -26.57 5.90 -34.15
CA LYS D 68 -26.96 4.50 -34.19
C LYS D 68 -28.47 4.38 -34.07
N GLU D 69 -29.04 3.34 -34.67
CA GLU D 69 -30.48 3.14 -34.62
C GLU D 69 -30.81 1.82 -33.96
N PHE D 70 -31.60 1.87 -32.90
CA PHE D 70 -32.00 0.67 -32.18
C PHE D 70 -33.52 0.59 -32.07
N ASN D 71 -34.06 -0.64 -32.11
CA ASN D 71 -35.50 -0.81 -32.05
C ASN D 71 -36.02 -0.89 -30.61
N HIS D 72 -37.33 -1.11 -30.45
CA HIS D 72 -37.95 -1.04 -29.13
C HIS D 72 -37.57 -2.20 -28.23
N LEU D 73 -36.85 -3.18 -28.77
CA LEU D 73 -36.38 -4.29 -27.95
C LEU D 73 -34.86 -4.26 -27.83
N GLU D 74 -34.28 -3.09 -28.06
CA GLU D 74 -32.85 -2.90 -27.95
C GLU D 74 -32.58 -1.66 -27.11
N LYS D 75 -33.30 -1.56 -26.00
CA LYS D 75 -33.21 -0.41 -25.13
C LYS D 75 -31.88 -0.43 -24.36
N ARG D 76 -31.51 -1.61 -23.87
CA ARG D 76 -30.25 -1.72 -23.12
C ARG D 76 -29.07 -1.26 -23.97
N ILE D 77 -28.94 -1.77 -25.20
CA ILE D 77 -27.83 -1.33 -26.03
C ILE D 77 -27.99 0.11 -26.48
N GLU D 78 -29.22 0.57 -26.64
CA GLU D 78 -29.44 1.97 -26.96
C GLU D 78 -28.90 2.86 -25.84
N ASN D 79 -29.06 2.42 -24.60
CA ASN D 79 -28.54 3.17 -23.46
C ASN D 79 -27.03 3.00 -23.23
N LEU D 80 -26.49 1.87 -23.69
CA LEU D 80 -25.05 1.68 -23.69
C LEU D 80 -24.42 2.71 -24.63
N ASN D 81 -25.00 2.81 -25.83
CA ASN D 81 -24.53 3.75 -26.82
C ASN D 81 -24.62 5.19 -26.31
N LYS D 82 -25.68 5.48 -25.56
CA LYS D 82 -25.87 6.80 -24.97
C LYS D 82 -24.79 7.09 -23.92
N LYS D 83 -24.38 6.06 -23.17
CA LYS D 83 -23.35 6.19 -22.16
C LYS D 83 -21.98 6.48 -22.79
N VAL D 84 -21.73 5.85 -23.93
CA VAL D 84 -20.50 6.10 -24.69
C VAL D 84 -20.47 7.53 -25.18
N ASP D 85 -21.52 7.95 -25.88
CA ASP D 85 -21.61 9.33 -26.35
C ASP D 85 -21.46 10.33 -25.20
N ASP D 86 -22.16 10.09 -24.09
CA ASP D 86 -22.11 11.00 -22.94
C ASP D 86 -20.77 10.96 -22.19
N GLY D 87 -20.15 9.79 -22.13
CA GLY D 87 -18.83 9.69 -21.51
C GLY D 87 -17.81 10.52 -22.30
N PHE D 88 -17.90 10.44 -23.62
CA PHE D 88 -16.97 11.19 -24.47
C PHE D 88 -17.21 12.68 -24.32
N LEU D 89 -18.48 13.05 -24.19
CA LEU D 89 -18.87 14.44 -24.02
C LEU D 89 -18.34 15.05 -22.71
N ASP D 90 -18.47 14.31 -21.62
CA ASP D 90 -17.96 14.79 -20.32
C ASP D 90 -16.43 14.88 -20.31
N ILE D 91 -15.78 13.89 -20.92
CA ILE D 91 -14.33 13.89 -21.01
C ILE D 91 -13.84 15.08 -21.82
N TRP D 92 -14.33 15.24 -23.04
CA TRP D 92 -13.83 16.31 -23.88
C TRP D 92 -14.19 17.71 -23.36
N THR D 93 -15.32 17.83 -22.68
CA THR D 93 -15.77 19.12 -22.15
C THR D 93 -14.87 19.57 -20.99
N TYR D 94 -14.68 18.70 -20.02
CA TYR D 94 -13.79 18.97 -18.91
C TYR D 94 -12.38 19.27 -19.41
N ASN D 95 -11.93 18.49 -20.37
CA ASN D 95 -10.57 18.63 -20.88
C ASN D 95 -10.36 19.90 -21.69
N ALA D 96 -11.33 20.25 -22.52
CA ALA D 96 -11.23 21.46 -23.30
C ALA D 96 -11.28 22.69 -22.39
N GLU D 97 -12.19 22.66 -21.42
CA GLU D 97 -12.32 23.77 -20.47
C GLU D 97 -11.07 24.00 -19.62
N LEU D 98 -10.54 22.94 -19.02
CA LEU D 98 -9.32 23.05 -18.22
C LEU D 98 -8.09 23.40 -19.06
N LEU D 99 -7.94 22.79 -20.22
CA LEU D 99 -6.82 23.13 -21.09
C LEU D 99 -6.76 24.64 -21.26
N VAL D 100 -7.90 25.25 -21.57
CA VAL D 100 -7.94 26.68 -21.78
C VAL D 100 -7.64 27.48 -20.51
N LEU D 101 -8.23 27.07 -19.38
CA LEU D 101 -7.92 27.72 -18.11
C LEU D 101 -6.43 27.64 -17.78
N LEU D 102 -5.91 26.42 -17.78
CA LEU D 102 -4.52 26.20 -17.45
C LEU D 102 -3.58 26.95 -18.39
N GLU D 103 -3.70 26.70 -19.69
CA GLU D 103 -2.79 27.29 -20.67
C GLU D 103 -2.89 28.80 -20.78
N ASN D 104 -4.04 29.36 -20.39
CA ASN D 104 -4.18 30.80 -20.38
C ASN D 104 -3.32 31.42 -19.28
N GLU D 105 -3.28 30.77 -18.12
CA GLU D 105 -2.38 31.20 -17.06
C GLU D 105 -0.93 31.11 -17.50
N ARG D 106 -0.57 30.01 -18.15
CA ARG D 106 0.79 29.80 -18.65
C ARG D 106 1.21 30.88 -19.64
N THR D 107 0.30 31.19 -20.57
CA THR D 107 0.58 32.21 -21.57
C THR D 107 0.82 33.57 -20.91
N LEU D 108 0.03 33.90 -19.90
CA LEU D 108 0.21 35.16 -19.19
C LEU D 108 1.54 35.18 -18.41
N ASP D 109 1.88 34.05 -17.78
CA ASP D 109 3.19 33.94 -17.14
C ASP D 109 4.29 34.18 -18.17
N TYR D 110 4.13 33.58 -19.35
CA TYR D 110 5.13 33.66 -20.40
C TYR D 110 5.43 35.11 -20.78
N HIS D 111 4.38 35.89 -20.99
CA HIS D 111 4.56 37.30 -21.32
C HIS D 111 5.22 38.06 -20.18
N ASP D 112 4.82 37.73 -18.95
CA ASP D 112 5.43 38.32 -17.77
C ASP D 112 6.93 37.98 -17.74
N SER D 113 7.25 36.71 -17.94
CA SER D 113 8.64 36.27 -17.98
C SER D 113 9.45 37.05 -19.01
N ASN D 114 8.90 37.21 -20.21
CA ASN D 114 9.62 37.93 -21.26
C ASN D 114 9.95 39.36 -20.87
N VAL D 115 8.99 40.04 -20.24
CA VAL D 115 9.21 41.39 -19.76
C VAL D 115 10.26 41.43 -18.65
N LYS D 116 10.01 40.71 -17.56
CA LYS D 116 10.99 40.59 -16.49
C LYS D 116 12.40 40.39 -17.04
N ASN D 117 12.54 39.50 -18.02
CA ASN D 117 13.84 39.22 -18.62
C ASN D 117 14.46 40.44 -19.29
N LEU D 118 13.65 41.18 -20.05
CA LEU D 118 14.09 42.44 -20.64
C LEU D 118 14.61 43.38 -19.56
N TYR D 119 13.80 43.54 -18.53
CA TYR D 119 14.11 44.44 -17.42
C TYR D 119 15.42 44.09 -16.73
N GLU D 120 15.65 42.81 -16.47
CA GLU D 120 16.88 42.37 -15.80
C GLU D 120 18.08 42.43 -16.73
N LYS D 121 17.84 42.32 -18.03
CA LYS D 121 18.91 42.40 -19.02
C LYS D 121 19.52 43.80 -19.02
N VAL D 122 18.67 44.80 -18.80
CA VAL D 122 19.11 46.19 -18.68
C VAL D 122 19.78 46.42 -17.34
N ARG D 123 19.22 45.82 -16.30
CA ARG D 123 19.74 46.01 -14.94
C ARG D 123 21.17 45.50 -14.81
N SER D 124 21.41 44.27 -15.25
CA SER D 124 22.74 43.68 -15.13
C SER D 124 23.79 44.45 -15.94
N GLN D 125 23.34 45.23 -16.91
CA GLN D 125 24.24 46.03 -17.75
C GLN D 125 24.62 47.35 -17.12
N LEU D 126 23.61 48.09 -16.67
CA LEU D 126 23.82 49.42 -16.13
C LEU D 126 24.55 49.42 -14.79
N LYS D 127 24.09 48.58 -13.87
CA LYS D 127 24.64 48.53 -12.52
C LYS D 127 24.59 49.90 -11.86
N ASN D 128 25.78 50.45 -11.54
CA ASN D 128 25.92 51.75 -10.88
C ASN D 128 25.50 52.93 -11.74
N ASN D 129 25.92 52.92 -13.00
CA ASN D 129 25.78 54.08 -13.88
C ASN D 129 24.35 54.59 -14.02
N ALA D 130 23.41 53.95 -13.33
CA ALA D 130 22.00 54.34 -13.40
C ALA D 130 21.24 54.04 -12.12
N LYS D 131 20.14 54.77 -11.92
CA LYS D 131 19.28 54.62 -10.76
C LYS D 131 18.07 53.76 -11.12
N GLU D 132 17.84 52.69 -10.36
CA GLU D 132 16.64 51.87 -10.54
C GLU D 132 15.47 52.54 -9.82
N ILE D 133 14.80 53.44 -10.53
CA ILE D 133 13.77 54.28 -9.92
C ILE D 133 12.42 53.58 -9.81
N GLY D 134 12.43 52.26 -9.98
CA GLY D 134 11.21 51.47 -9.87
C GLY D 134 10.22 51.68 -10.99
N ASN D 135 9.07 51.02 -10.89
CA ASN D 135 8.06 51.11 -11.93
C ASN D 135 8.61 50.80 -13.33
N GLY D 136 9.65 49.98 -13.37
CA GLY D 136 10.23 49.56 -14.64
C GLY D 136 11.21 50.52 -15.30
N CYS D 137 11.45 51.68 -14.68
CA CYS D 137 12.33 52.69 -15.27
C CYS D 137 13.72 52.75 -14.63
N PHE D 138 14.70 53.16 -15.42
CA PHE D 138 16.04 53.44 -14.92
C PHE D 138 16.43 54.89 -15.24
N GLU D 139 16.93 55.61 -14.24
CA GLU D 139 17.43 56.96 -14.48
C GLU D 139 18.94 56.96 -14.55
N PHE D 140 19.49 57.37 -15.70
CA PHE D 140 20.93 57.36 -15.89
C PHE D 140 21.64 58.45 -15.07
N TYR D 141 22.82 58.11 -14.57
CA TYR D 141 23.67 59.05 -13.86
C TYR D 141 24.59 59.76 -14.84
N HIS D 142 24.52 59.35 -16.10
CA HIS D 142 25.30 59.99 -17.16
C HIS D 142 24.42 60.30 -18.36
N LYS D 143 24.91 61.16 -19.24
CA LYS D 143 24.18 61.46 -20.47
C LYS D 143 24.15 60.20 -21.35
N CYS D 144 22.99 59.88 -21.88
CA CYS D 144 22.84 58.65 -22.65
C CYS D 144 22.15 58.91 -23.98
N ASP D 145 22.93 59.32 -24.98
CA ASP D 145 22.35 59.63 -26.28
C ASP D 145 21.79 58.39 -26.99
N ASN D 146 21.16 58.61 -28.14
CA ASN D 146 20.53 57.56 -28.91
C ASN D 146 21.36 56.27 -29.01
N THR D 147 22.63 56.40 -29.36
CA THR D 147 23.47 55.23 -29.57
C THR D 147 23.89 54.56 -28.26
N CYS D 148 23.83 55.32 -27.17
CA CYS D 148 24.00 54.78 -25.83
C CYS D 148 22.81 53.90 -25.45
N MET D 149 21.60 54.44 -25.63
CA MET D 149 20.36 53.71 -25.42
C MET D 149 20.34 52.45 -26.27
N GLU D 150 20.44 52.64 -27.58
CA GLU D 150 20.47 51.56 -28.55
C GLU D 150 21.39 50.45 -28.05
N SER D 151 22.53 50.87 -27.51
CA SER D 151 23.52 49.95 -26.94
C SER D 151 22.97 49.12 -25.78
N VAL D 152 22.24 49.78 -24.89
CA VAL D 152 21.65 49.09 -23.74
C VAL D 152 20.66 48.04 -24.22
N LYS D 153 19.81 48.45 -25.16
CA LYS D 153 18.84 47.55 -25.76
C LYS D 153 19.52 46.41 -26.51
N ASN D 154 20.60 46.74 -27.20
CA ASN D 154 21.33 45.76 -27.99
C ASN D 154 22.24 44.86 -27.14
N GLY D 155 22.28 45.16 -25.84
CA GLY D 155 23.03 44.35 -24.90
C GLY D 155 24.55 44.53 -24.97
N THR D 156 24.98 45.65 -25.53
CA THR D 156 26.41 45.94 -25.66
C THR D 156 26.76 47.29 -25.06
N TYR D 157 26.10 47.63 -23.96
CA TYR D 157 26.37 48.86 -23.22
C TYR D 157 27.79 48.86 -22.64
N ASP D 158 28.54 49.91 -22.96
CA ASP D 158 29.93 50.03 -22.52
C ASP D 158 30.03 50.73 -21.16
N TYR D 159 29.94 49.93 -20.10
CA TYR D 159 29.94 50.46 -18.73
C TYR D 159 31.13 51.38 -18.43
N PRO D 160 32.36 50.93 -18.73
CA PRO D 160 33.55 51.75 -18.44
C PRO D 160 33.47 53.13 -19.07
N LYS D 161 33.01 53.18 -20.32
CA LYS D 161 32.91 54.44 -21.05
C LYS D 161 32.29 55.56 -20.21
N TYR D 162 31.23 55.25 -19.48
CA TYR D 162 30.49 56.27 -18.74
C TYR D 162 30.73 56.17 -17.25
N SER D 163 31.56 55.21 -16.85
CA SER D 163 31.87 54.98 -15.44
C SER D 163 32.20 56.29 -14.74
N GLU D 164 33.18 56.99 -15.29
CA GLU D 164 33.68 58.22 -14.68
C GLU D 164 32.55 59.23 -14.47
N GLU D 165 31.88 59.64 -15.55
CA GLU D 165 30.80 60.60 -15.45
C GLU D 165 29.77 60.12 -14.44
N ALA D 166 29.42 58.84 -14.54
CA ALA D 166 28.41 58.23 -13.68
C ALA D 166 28.66 58.46 -12.20
N LYS D 167 29.84 58.05 -11.73
CA LYS D 167 30.20 58.25 -10.32
C LYS D 167 29.99 59.69 -9.88
N LEU D 168 30.40 60.63 -10.71
CA LEU D 168 30.38 62.05 -10.34
C LEU D 168 28.99 62.60 -10.03
N ASN D 169 27.99 62.21 -10.83
CA ASN D 169 26.63 62.69 -10.60
C ASN D 169 25.98 62.03 -9.40
N ARG D 170 26.70 61.09 -8.79
CA ARG D 170 26.25 60.43 -7.57
C ARG D 170 26.68 61.20 -6.33
N PRO E 1 42.90 40.68 -14.94
CA PRO E 1 43.74 40.13 -13.88
C PRO E 1 43.00 39.23 -12.88
N GLY E 2 41.68 39.32 -12.80
CA GLY E 2 40.93 38.64 -11.75
C GLY E 2 40.82 37.13 -11.86
N ASP E 3 40.72 36.46 -10.72
CA ASP E 3 40.33 35.05 -10.70
C ASP E 3 38.85 35.00 -11.06
N THR E 4 38.41 33.85 -11.58
CA THR E 4 37.04 33.76 -12.05
C THR E 4 36.34 32.48 -11.59
N LEU E 5 35.07 32.62 -11.24
CA LEU E 5 34.20 31.47 -11.04
C LEU E 5 32.98 31.67 -11.93
N CYS E 6 32.72 30.69 -12.79
CA CYS E 6 31.60 30.77 -13.72
C CYS E 6 30.58 29.71 -13.35
N ILE E 7 29.31 30.05 -13.54
CA ILE E 7 28.20 29.11 -13.33
C ILE E 7 27.66 28.68 -14.67
N GLY E 8 27.44 27.37 -14.84
CA GLY E 8 26.98 26.87 -16.13
C GLY E 8 26.32 25.51 -16.10
N TYR E 9 25.98 25.03 -17.28
CA TYR E 9 25.25 23.78 -17.40
C TYR E 9 25.86 22.81 -18.41
N HIS E 10 25.43 21.56 -18.32
CA HIS E 10 25.98 20.44 -19.05
C HIS E 10 25.63 20.49 -20.53
N ALA E 11 26.56 20.05 -21.37
CA ALA E 11 26.23 19.77 -22.76
C ALA E 11 26.89 18.45 -23.12
N ASN E 12 26.45 17.86 -24.22
CA ASN E 12 27.01 16.59 -24.65
C ASN E 12 26.78 16.34 -26.15
N ASN E 13 27.13 15.16 -26.60
CA ASN E 13 27.03 14.83 -28.02
C ASN E 13 25.65 14.31 -28.42
N SER E 14 24.72 14.34 -27.48
CA SER E 14 23.37 13.81 -27.69
C SER E 14 22.66 14.45 -28.88
N THR E 15 22.02 13.63 -29.70
CA THR E 15 21.23 14.17 -30.82
C THR E 15 19.72 14.03 -30.60
N ASP E 16 19.32 13.45 -29.46
CA ASP E 16 17.89 13.35 -29.12
C ASP E 16 17.23 14.72 -29.24
N THR E 17 16.06 14.77 -29.88
CA THR E 17 15.24 15.97 -29.84
C THR E 17 13.87 15.71 -29.22
N VAL E 18 13.23 16.78 -28.77
CA VAL E 18 11.88 16.71 -28.21
C VAL E 18 11.08 17.90 -28.71
N ASP E 19 9.75 17.79 -28.71
CA ASP E 19 8.93 18.95 -29.01
C ASP E 19 8.34 19.49 -27.72
N THR E 20 8.15 20.80 -27.67
CA THR E 20 7.51 21.44 -26.54
C THR E 20 6.35 22.21 -27.12
N VAL E 21 5.46 22.71 -26.26
CA VAL E 21 4.31 23.46 -26.75
C VAL E 21 4.75 24.71 -27.52
N LEU E 22 5.93 25.23 -27.17
CA LEU E 22 6.42 26.50 -27.72
C LEU E 22 7.37 26.35 -28.91
N GLU E 23 8.05 25.21 -29.02
CA GLU E 23 9.08 25.04 -30.06
C GLU E 23 9.29 23.57 -30.45
N LYS E 24 9.43 23.33 -31.75
CA LYS E 24 9.66 21.98 -32.25
C LYS E 24 11.13 21.61 -32.39
N ASN E 25 11.42 20.31 -32.31
CA ASN E 25 12.78 19.80 -32.50
C ASN E 25 13.83 20.50 -31.65
N VAL E 26 13.72 20.37 -30.33
CA VAL E 26 14.70 20.93 -29.42
C VAL E 26 15.67 19.84 -28.99
N THR E 27 16.95 19.99 -29.32
CA THR E 27 17.95 19.01 -28.94
C THR E 27 18.17 19.05 -27.43
N VAL E 28 18.09 17.89 -26.78
CA VAL E 28 18.25 17.86 -25.33
C VAL E 28 19.35 16.87 -24.94
N THR E 29 19.89 17.03 -23.74
CA THR E 29 21.01 16.23 -23.30
C THR E 29 20.56 14.84 -22.93
N HIS E 30 19.36 14.74 -22.38
CA HIS E 30 18.82 13.44 -22.01
C HIS E 30 17.31 13.39 -22.21
N SER E 31 16.80 12.21 -22.51
CA SER E 31 15.37 12.05 -22.76
C SER E 31 14.98 10.59 -22.56
N VAL E 32 13.68 10.35 -22.43
CA VAL E 32 13.16 9.00 -22.37
C VAL E 32 11.93 8.92 -23.27
N ASN E 33 11.67 7.75 -23.82
CA ASN E 33 10.52 7.57 -24.69
C ASN E 33 9.32 7.07 -23.88
N LEU E 34 8.16 7.72 -24.04
CA LEU E 34 6.95 7.29 -23.33
C LEU E 34 6.15 6.31 -24.17
N LEU E 35 6.52 6.21 -25.44
CA LEU E 35 5.80 5.38 -26.39
C LEU E 35 6.51 4.04 -26.60
N GLU E 36 5.82 2.94 -26.34
CA GLU E 36 6.34 1.63 -26.68
C GLU E 36 6.04 1.36 -28.15
N ASP E 37 7.07 1.07 -28.94
CA ASP E 37 6.88 0.84 -30.37
C ASP E 37 7.49 -0.48 -30.79
N LYS E 38 7.88 -1.28 -29.82
CA LYS E 38 8.54 -2.55 -30.10
C LYS E 38 7.78 -3.70 -29.47
N HIS E 39 7.76 -4.84 -30.16
CA HIS E 39 7.12 -6.05 -29.66
C HIS E 39 8.03 -7.23 -29.99
N ASN E 40 7.79 -8.37 -29.35
CA ASN E 40 8.69 -9.51 -29.55
C ASN E 40 8.28 -10.45 -30.69
N GLY E 41 7.24 -10.07 -31.43
CA GLY E 41 6.79 -10.86 -32.58
C GLY E 41 6.42 -12.29 -32.22
N LYS E 42 6.00 -12.47 -30.97
CA LYS E 42 5.63 -13.79 -30.45
C LYS E 42 4.30 -13.73 -29.72
N LEU E 43 3.55 -14.84 -29.76
CA LEU E 43 2.38 -15.02 -28.92
C LEU E 43 2.83 -15.75 -27.64
N CYS E 44 2.60 -15.14 -26.48
CA CYS E 44 3.13 -15.69 -25.23
C CYS E 44 2.05 -16.09 -24.23
N LYS E 45 2.50 -16.63 -23.10
CA LYS E 45 1.62 -16.85 -21.97
C LYS E 45 1.18 -15.50 -21.39
N LEU E 46 -0.09 -15.42 -21.03
CA LEU E 46 -0.64 -14.29 -20.29
C LEU E 46 -0.87 -14.75 -18.85
N ARG E 47 -0.46 -13.93 -17.89
CA ARG E 47 -0.57 -14.29 -16.48
C ARG E 47 0.08 -15.64 -16.23
N GLY E 48 1.09 -15.97 -17.03
CA GLY E 48 1.82 -17.21 -16.87
C GLY E 48 1.10 -18.47 -17.36
N VAL E 49 0.05 -18.26 -18.14
CA VAL E 49 -0.73 -19.39 -18.68
C VAL E 49 -0.75 -19.31 -20.20
N ALA E 50 -0.44 -20.42 -20.86
CA ALA E 50 -0.33 -20.44 -22.32
C ALA E 50 -1.70 -20.33 -23.02
N PRO E 51 -1.70 -19.75 -24.23
CA PRO E 51 -2.95 -19.72 -25.00
C PRO E 51 -3.25 -21.12 -25.54
N LEU E 52 -4.50 -21.35 -25.92
CA LEU E 52 -4.84 -22.57 -26.64
C LEU E 52 -4.66 -22.26 -28.12
N HIS E 53 -3.85 -23.07 -28.80
CA HIS E 53 -3.63 -22.87 -30.22
C HIS E 53 -4.30 -23.99 -30.99
N LEU E 54 -5.11 -23.62 -31.99
CA LEU E 54 -6.00 -24.58 -32.64
C LEU E 54 -5.41 -25.18 -33.92
N GLY E 55 -4.11 -25.01 -34.12
CA GLY E 55 -3.44 -25.52 -35.30
C GLY E 55 -4.07 -24.96 -36.56
N LYS E 56 -4.60 -25.84 -37.41
CA LYS E 56 -5.21 -25.42 -38.67
C LYS E 56 -6.73 -25.34 -38.59
N CYS E 57 -7.27 -25.60 -37.39
CA CYS E 57 -8.72 -25.66 -37.19
C CYS E 57 -9.27 -24.38 -36.58
N ASN E 58 -10.59 -24.28 -36.52
CA ASN E 58 -11.23 -23.20 -35.79
C ASN E 58 -11.98 -23.77 -34.58
N ILE E 59 -12.55 -22.90 -33.76
CA ILE E 59 -13.18 -23.34 -32.52
C ILE E 59 -14.29 -24.38 -32.80
N ALA E 60 -15.11 -24.14 -33.81
CA ALA E 60 -16.18 -25.06 -34.18
C ALA E 60 -15.62 -26.45 -34.47
N GLY E 61 -14.59 -26.51 -35.31
CA GLY E 61 -13.97 -27.78 -35.68
C GLY E 61 -13.36 -28.48 -34.48
N TRP E 62 -12.79 -27.70 -33.58
CA TRP E 62 -12.10 -28.22 -32.41
C TRP E 62 -13.12 -28.74 -31.39
N ILE E 63 -14.13 -27.93 -31.11
CA ILE E 63 -15.10 -28.25 -30.06
C ILE E 63 -16.06 -29.38 -30.48
N LEU E 64 -16.37 -29.46 -31.77
CA LEU E 64 -17.20 -30.56 -32.28
C LEU E 64 -16.39 -31.83 -32.50
N GLY E 65 -15.07 -31.68 -32.55
CA GLY E 65 -14.20 -32.80 -32.83
C GLY E 65 -14.27 -33.23 -34.28
N ASN E 66 -14.17 -32.26 -35.19
CA ASN E 66 -14.04 -32.56 -36.61
C ASN E 66 -12.88 -33.54 -36.77
N PRO E 67 -13.09 -34.61 -37.54
CA PRO E 67 -12.08 -35.68 -37.71
C PRO E 67 -10.70 -35.14 -38.11
N GLU E 68 -10.65 -34.07 -38.91
CA GLU E 68 -9.38 -33.49 -39.35
C GLU E 68 -8.60 -32.75 -38.26
N CYS E 69 -9.27 -32.31 -37.19
CA CYS E 69 -8.59 -31.58 -36.12
C CYS E 69 -7.93 -32.53 -35.11
N THR E 74 -4.52 -31.30 -25.18
CA THR E 74 -4.42 -31.85 -23.83
C THR E 74 -4.36 -30.75 -22.77
N ALA E 75 -4.71 -29.53 -23.17
CA ALA E 75 -4.62 -28.39 -22.25
C ALA E 75 -5.85 -28.28 -21.35
N SER E 76 -5.63 -28.32 -20.04
CA SER E 76 -6.73 -28.22 -19.09
C SER E 76 -7.01 -26.77 -18.69
N SER E 77 -6.33 -25.83 -19.32
CA SER E 77 -6.55 -24.41 -19.07
C SER E 77 -5.76 -23.52 -20.03
N TRP E 78 -6.28 -22.33 -20.29
CA TRP E 78 -5.62 -21.42 -21.22
C TRP E 78 -6.08 -19.97 -20.99
N SER E 79 -5.26 -19.02 -21.44
CA SER E 79 -5.45 -17.61 -21.13
C SER E 79 -6.14 -16.87 -22.28
N TYR E 80 -6.03 -17.43 -23.47
CA TYR E 80 -6.72 -16.91 -24.64
C TYR E 80 -6.63 -17.97 -25.73
N ILE E 81 -7.31 -17.74 -26.85
CA ILE E 81 -7.27 -18.73 -27.94
C ILE E 81 -6.64 -18.15 -29.19
N VAL E 82 -5.90 -18.97 -29.93
CA VAL E 82 -5.30 -18.53 -31.18
C VAL E 82 -5.83 -19.36 -32.34
N GLU E 83 -6.27 -18.68 -33.39
CA GLU E 83 -6.65 -19.31 -34.64
C GLU E 83 -5.83 -18.67 -35.76
N THR E 84 -5.35 -19.47 -36.70
CA THR E 84 -4.66 -18.92 -37.86
C THR E 84 -5.72 -18.37 -38.81
N PRO E 85 -5.36 -17.34 -39.60
CA PRO E 85 -6.34 -16.67 -40.46
C PRO E 85 -6.92 -17.59 -41.54
N SER E 86 -6.20 -18.62 -41.92
CA SER E 86 -6.71 -19.55 -42.94
C SER E 86 -7.03 -20.91 -42.35
N SER E 87 -7.74 -20.91 -41.21
CA SER E 87 -8.11 -22.14 -40.56
C SER E 87 -9.21 -22.84 -41.37
N ASP E 88 -9.24 -24.17 -41.30
CA ASP E 88 -10.23 -24.95 -42.04
C ASP E 88 -11.62 -24.80 -41.47
N ASN E 89 -12.63 -25.14 -42.26
CA ASN E 89 -14.01 -25.15 -41.78
C ASN E 89 -14.13 -26.09 -40.60
N GLY E 90 -14.80 -25.64 -39.54
CA GLY E 90 -15.05 -26.51 -38.40
C GLY E 90 -16.20 -27.44 -38.70
N THR E 91 -17.34 -26.86 -39.08
CA THR E 91 -18.51 -27.63 -39.45
C THR E 91 -18.29 -28.20 -40.84
N CYS E 92 -18.29 -29.52 -40.93
CA CYS E 92 -18.11 -30.18 -42.22
C CYS E 92 -19.48 -30.39 -42.87
N TYR E 93 -20.41 -30.98 -42.13
CA TYR E 93 -21.78 -31.03 -42.61
C TYR E 93 -22.35 -29.62 -42.48
N PRO E 94 -22.81 -29.05 -43.60
CA PRO E 94 -23.24 -27.65 -43.63
C PRO E 94 -24.45 -27.37 -42.75
N GLY E 95 -24.49 -26.15 -42.23
CA GLY E 95 -25.60 -25.73 -41.40
C GLY E 95 -25.19 -24.51 -40.60
N ASP E 96 -26.05 -24.14 -39.65
CA ASP E 96 -25.84 -22.97 -38.82
C ASP E 96 -25.36 -23.40 -37.45
N PHE E 97 -24.35 -22.71 -36.93
CA PHE E 97 -23.89 -22.97 -35.57
C PHE E 97 -24.51 -21.87 -34.72
N ILE E 98 -25.52 -22.23 -33.94
CA ILE E 98 -26.31 -21.23 -33.22
C ILE E 98 -25.51 -20.60 -32.09
N ASP E 99 -25.63 -19.28 -31.95
CA ASP E 99 -24.87 -18.51 -30.96
C ASP E 99 -23.36 -18.86 -30.96
N TYR E 100 -22.80 -18.89 -32.16
CA TYR E 100 -21.40 -19.28 -32.35
C TYR E 100 -20.42 -18.30 -31.74
N GLU E 101 -20.62 -17.01 -32.00
CA GLU E 101 -19.70 -15.99 -31.47
C GLU E 101 -19.73 -15.94 -29.95
N GLU E 102 -20.89 -16.22 -29.38
CA GLU E 102 -21.04 -16.24 -27.93
C GLU E 102 -20.26 -17.40 -27.31
N LEU E 103 -20.33 -18.57 -27.94
CA LEU E 103 -19.61 -19.75 -27.46
C LEU E 103 -18.12 -19.51 -27.51
N ARG E 104 -17.65 -18.99 -28.63
CA ARG E 104 -16.24 -18.62 -28.78
C ARG E 104 -15.80 -17.69 -27.66
N GLU E 105 -16.57 -16.63 -27.43
CA GLU E 105 -16.28 -15.69 -26.36
C GLU E 105 -16.19 -16.40 -25.02
N GLN E 106 -17.15 -17.29 -24.75
CA GLN E 106 -17.22 -17.95 -23.46
C GLN E 106 -16.13 -19.02 -23.28
N LEU E 107 -15.56 -19.50 -24.39
CA LEU E 107 -14.41 -20.41 -24.34
C LEU E 107 -13.04 -19.71 -24.45
N SER E 108 -13.04 -18.39 -24.57
CA SER E 108 -11.79 -17.67 -24.84
C SER E 108 -10.75 -17.89 -23.74
N SER E 109 -11.20 -17.99 -22.50
CA SER E 109 -10.29 -18.24 -21.39
C SER E 109 -10.96 -19.10 -20.33
N VAL E 110 -10.35 -20.21 -20.00
CA VAL E 110 -10.86 -21.07 -18.95
C VAL E 110 -9.72 -21.60 -18.10
N SER E 111 -10.07 -22.01 -16.89
CA SER E 111 -9.20 -22.83 -16.07
C SER E 111 -10.00 -24.09 -15.95
N SER E 112 -9.36 -25.22 -15.69
CA SER E 112 -10.11 -26.46 -15.57
C SER E 112 -10.99 -26.66 -16.80
N PHE E 113 -10.61 -27.63 -17.61
CA PHE E 113 -11.35 -27.98 -18.82
C PHE E 113 -11.04 -29.45 -19.06
N GLU E 114 -12.10 -30.25 -19.15
CA GLU E 114 -11.95 -31.70 -19.17
C GLU E 114 -12.98 -32.31 -20.11
N ARG E 115 -12.53 -32.92 -21.20
CA ARG E 115 -13.46 -33.65 -22.07
C ARG E 115 -13.77 -35.00 -21.47
N PHE E 116 -15.07 -35.31 -21.34
CA PHE E 116 -15.52 -36.59 -20.82
C PHE E 116 -16.66 -37.14 -21.66
N GLU E 117 -16.79 -38.47 -21.68
CA GLU E 117 -17.87 -39.12 -22.43
C GLU E 117 -19.18 -39.05 -21.64
N ILE E 118 -20.02 -38.10 -22.03
CA ILE E 118 -21.25 -37.81 -21.30
C ILE E 118 -22.26 -38.93 -21.50
N PHE E 119 -22.35 -39.42 -22.73
CA PHE E 119 -23.23 -40.50 -23.11
C PHE E 119 -22.40 -41.60 -23.77
N PRO E 120 -21.86 -42.53 -22.96
CA PRO E 120 -20.97 -43.59 -23.47
C PRO E 120 -21.58 -44.31 -24.68
N LYS E 121 -20.79 -44.45 -25.75
CA LYS E 121 -21.30 -44.99 -26.99
C LYS E 121 -21.74 -46.45 -26.88
N THR E 122 -21.08 -47.19 -26.00
CA THR E 122 -21.32 -48.63 -25.87
C THR E 122 -22.67 -48.96 -25.27
N SER E 123 -23.10 -48.20 -24.26
CA SER E 123 -24.28 -48.57 -23.50
C SER E 123 -25.45 -47.59 -23.58
N SER E 124 -25.26 -46.43 -24.20
CA SER E 124 -26.30 -45.40 -24.16
C SER E 124 -27.46 -45.61 -25.14
N TRP E 125 -27.21 -46.31 -26.23
CA TRP E 125 -28.18 -46.35 -27.32
C TRP E 125 -28.48 -47.77 -27.81
N PRO E 126 -29.03 -48.62 -26.93
CA PRO E 126 -29.26 -50.02 -27.29
C PRO E 126 -30.23 -50.15 -28.46
N ASN E 127 -31.11 -49.18 -28.64
CA ASN E 127 -32.18 -49.30 -29.63
C ASN E 127 -31.94 -48.51 -30.92
N HIS E 128 -30.78 -47.87 -31.03
CA HIS E 128 -30.47 -47.11 -32.23
C HIS E 128 -29.09 -47.50 -32.75
N ASP E 129 -28.83 -47.22 -34.02
CA ASP E 129 -27.53 -47.53 -34.59
C ASP E 129 -26.61 -46.34 -34.41
N SER E 130 -25.54 -46.53 -33.64
CA SER E 130 -24.58 -45.46 -33.40
C SER E 130 -23.29 -45.63 -34.18
N ASN E 131 -23.32 -46.43 -35.24
CA ASN E 131 -22.11 -46.66 -36.04
C ASN E 131 -22.20 -46.12 -37.45
N LYS E 132 -23.40 -46.20 -38.05
CA LYS E 132 -23.59 -45.87 -39.45
C LYS E 132 -23.68 -44.38 -39.73
N GLY E 133 -23.54 -43.57 -38.68
CA GLY E 133 -23.70 -42.14 -38.82
C GLY E 133 -22.45 -41.44 -39.31
N VAL E 134 -22.07 -41.73 -40.55
CA VAL E 134 -20.91 -41.08 -41.15
C VAL E 134 -21.31 -40.45 -42.47
N THR E 135 -20.47 -39.58 -43.01
CA THR E 135 -20.90 -38.79 -44.17
C THR E 135 -19.75 -38.33 -45.06
N ALA E 136 -20.04 -38.19 -46.35
CA ALA E 136 -19.06 -37.71 -47.32
C ALA E 136 -18.67 -36.25 -47.06
N ALA E 137 -19.45 -35.56 -46.23
CA ALA E 137 -19.14 -34.17 -45.90
C ALA E 137 -18.02 -34.07 -44.85
N CYS E 138 -17.88 -35.10 -44.04
CA CYS E 138 -16.82 -35.12 -43.02
C CYS E 138 -15.88 -36.30 -43.25
N PRO E 139 -15.10 -36.24 -44.35
CA PRO E 139 -14.20 -37.34 -44.75
C PRO E 139 -12.99 -37.43 -43.86
N HIS E 140 -12.46 -38.63 -43.70
CA HIS E 140 -11.21 -38.82 -42.97
C HIS E 140 -10.44 -40.01 -43.54
N ALA E 141 -9.29 -39.73 -44.15
CA ALA E 141 -8.44 -40.77 -44.72
C ALA E 141 -9.19 -41.60 -45.75
N GLY E 142 -9.89 -40.92 -46.65
CA GLY E 142 -10.57 -41.59 -47.75
C GLY E 142 -11.84 -42.29 -47.33
N ALA E 143 -12.22 -42.15 -46.07
CA ALA E 143 -13.45 -42.76 -45.57
C ALA E 143 -14.46 -41.73 -45.07
N LYS E 144 -15.73 -41.99 -45.34
CA LYS E 144 -16.81 -41.19 -44.75
C LYS E 144 -16.66 -41.26 -43.25
N SER E 145 -16.75 -40.11 -42.59
CA SER E 145 -16.66 -40.08 -41.13
C SER E 145 -17.57 -39.01 -40.53
N PHE E 146 -17.24 -38.56 -39.33
CA PHE E 146 -18.10 -37.64 -38.59
C PHE E 146 -17.37 -37.07 -37.39
N TYR E 147 -17.94 -36.04 -36.79
CA TYR E 147 -17.44 -35.46 -35.55
C TYR E 147 -17.20 -36.56 -34.52
N LYS E 148 -16.15 -36.39 -33.72
CA LYS E 148 -15.83 -37.34 -32.66
C LYS E 148 -16.65 -37.07 -31.38
N ASN E 149 -17.10 -35.84 -31.21
CA ASN E 149 -17.81 -35.47 -29.97
C ASN E 149 -19.33 -35.68 -30.03
N LEU E 150 -19.83 -36.06 -31.21
CA LEU E 150 -21.25 -36.31 -31.40
C LEU E 150 -21.48 -37.69 -32.01
N ILE E 151 -22.69 -38.21 -31.87
CA ILE E 151 -23.07 -39.40 -32.60
C ILE E 151 -24.33 -39.13 -33.42
N TRP E 152 -24.21 -39.32 -34.73
CA TRP E 152 -25.36 -39.26 -35.63
C TRP E 152 -26.15 -40.55 -35.55
N LEU E 153 -27.09 -40.63 -34.62
CA LEU E 153 -27.91 -41.83 -34.48
C LEU E 153 -28.87 -42.00 -35.66
N VAL E 154 -28.93 -43.22 -36.18
CA VAL E 154 -29.90 -43.56 -37.23
C VAL E 154 -30.65 -44.83 -36.82
N LYS E 155 -31.74 -45.10 -37.52
CA LYS E 155 -32.59 -46.25 -37.20
C LYS E 155 -31.82 -47.57 -37.21
N LYS E 156 -32.23 -48.49 -36.36
CA LYS E 156 -31.71 -49.85 -36.38
C LYS E 156 -32.78 -50.81 -36.91
N GLY E 157 -32.45 -51.54 -37.97
CA GLY E 157 -33.37 -52.51 -38.55
C GLY E 157 -34.78 -52.00 -38.84
N ASN E 158 -34.86 -50.87 -39.53
CA ASN E 158 -36.13 -50.28 -39.92
C ASN E 158 -37.01 -49.66 -38.82
N SER E 159 -36.50 -49.56 -37.60
CA SER E 159 -37.24 -48.84 -36.56
C SER E 159 -36.39 -47.80 -35.81
N TYR E 160 -37.03 -46.68 -35.45
CA TYR E 160 -36.39 -45.66 -34.64
C TYR E 160 -37.34 -45.33 -33.49
N PRO E 161 -37.15 -46.00 -32.34
CA PRO E 161 -38.03 -45.81 -31.19
C PRO E 161 -37.84 -44.43 -30.62
N LYS E 162 -38.76 -44.00 -29.78
CA LYS E 162 -38.59 -42.75 -29.07
C LYS E 162 -37.38 -42.87 -28.16
N LEU E 163 -36.47 -41.90 -28.22
CA LEU E 163 -35.34 -41.93 -27.30
C LEU E 163 -35.51 -40.88 -26.21
N SER E 164 -35.07 -41.23 -25.01
CA SER E 164 -35.20 -40.39 -23.84
C SER E 164 -33.93 -40.62 -23.05
N LYS E 165 -33.17 -39.55 -22.80
CA LYS E 165 -31.87 -39.70 -22.18
C LYS E 165 -31.50 -38.44 -21.41
N SER E 166 -31.07 -38.64 -20.17
CA SER E 166 -30.76 -37.54 -19.26
C SER E 166 -29.38 -37.68 -18.65
N TYR E 167 -28.74 -36.54 -18.40
CA TYR E 167 -27.46 -36.51 -17.69
C TYR E 167 -27.54 -35.52 -16.54
N ILE E 168 -27.11 -35.96 -15.36
CA ILE E 168 -27.02 -35.08 -14.22
C ILE E 168 -25.57 -34.61 -14.04
N ASN E 169 -25.38 -33.31 -13.92
CA ASN E 169 -24.05 -32.75 -13.82
C ASN E 169 -23.46 -32.88 -12.41
N ASP E 170 -22.56 -33.84 -12.22
CA ASP E 170 -21.89 -34.00 -10.94
C ASP E 170 -20.40 -33.64 -11.03
N LYS E 171 -20.05 -32.82 -12.01
CA LYS E 171 -18.66 -32.41 -12.22
C LYS E 171 -18.26 -31.28 -11.28
N GLY E 172 -19.23 -30.64 -10.64
CA GLY E 172 -18.96 -29.56 -9.71
C GLY E 172 -18.61 -28.27 -10.42
N LYS E 173 -18.80 -28.24 -11.73
CA LYS E 173 -18.56 -27.05 -12.51
C LYS E 173 -19.46 -27.09 -13.72
N GLU E 174 -19.47 -26.01 -14.51
CA GLU E 174 -20.32 -25.98 -15.70
C GLU E 174 -19.97 -27.09 -16.69
N VAL E 175 -20.99 -27.67 -17.30
CA VAL E 175 -20.77 -28.66 -18.35
C VAL E 175 -21.30 -28.16 -19.68
N LEU E 176 -20.43 -28.04 -20.65
CA LEU E 176 -20.82 -27.62 -21.99
C LEU E 176 -21.31 -28.83 -22.75
N VAL E 177 -22.53 -28.75 -23.28
CA VAL E 177 -23.10 -29.83 -24.06
C VAL E 177 -23.46 -29.32 -25.44
N LEU E 178 -22.98 -30.03 -26.46
CA LEU E 178 -23.30 -29.69 -27.84
C LEU E 178 -24.07 -30.83 -28.47
N TRP E 179 -25.00 -30.48 -29.35
CA TRP E 179 -25.76 -31.47 -30.12
C TRP E 179 -26.09 -30.90 -31.48
N GLY E 180 -26.66 -31.72 -32.35
CA GLY E 180 -27.04 -31.29 -33.67
C GLY E 180 -28.45 -31.71 -34.02
N ILE E 181 -29.05 -30.99 -34.96
CA ILE E 181 -30.35 -31.33 -35.50
C ILE E 181 -30.19 -31.48 -37.00
N HIS E 182 -30.59 -32.63 -37.53
CA HIS E 182 -30.41 -32.91 -38.94
C HIS E 182 -31.69 -32.66 -39.73
N HIS E 183 -31.58 -31.90 -40.81
CA HIS E 183 -32.71 -31.59 -41.67
C HIS E 183 -32.45 -32.15 -43.07
N PRO E 184 -32.96 -33.36 -43.32
CA PRO E 184 -32.71 -34.05 -44.59
C PRO E 184 -33.22 -33.24 -45.78
N SER E 185 -32.66 -33.48 -46.96
CA SER E 185 -33.10 -32.80 -48.16
C SER E 185 -34.46 -33.30 -48.66
N THR E 186 -34.77 -34.57 -48.39
CA THR E 186 -36.01 -35.17 -48.88
C THR E 186 -36.68 -36.13 -47.89
N SER E 187 -37.95 -36.43 -48.13
CA SER E 187 -38.70 -37.38 -47.32
C SER E 187 -38.04 -38.75 -47.33
N ALA E 188 -37.53 -39.14 -48.49
CA ALA E 188 -36.87 -40.42 -48.64
C ALA E 188 -35.66 -40.51 -47.70
N ASP E 189 -34.87 -39.44 -47.67
CA ASP E 189 -33.70 -39.41 -46.78
C ASP E 189 -34.13 -39.47 -45.33
N GLN E 190 -35.19 -38.74 -45.02
CA GLN E 190 -35.78 -38.77 -43.68
C GLN E 190 -36.10 -40.21 -43.26
N GLN E 191 -36.82 -40.93 -44.11
CA GLN E 191 -37.22 -42.30 -43.78
C GLN E 191 -36.06 -43.26 -43.79
N SER E 192 -35.11 -43.03 -44.70
CA SER E 192 -33.94 -43.88 -44.83
C SER E 192 -33.06 -43.81 -43.59
N LEU E 193 -33.00 -42.63 -42.96
CA LEU E 193 -32.20 -42.46 -41.75
C LEU E 193 -33.00 -42.75 -40.46
N TYR E 194 -34.22 -42.24 -40.38
CA TYR E 194 -34.94 -42.24 -39.11
C TYR E 194 -36.28 -42.99 -39.14
N GLN E 195 -36.65 -43.50 -40.31
CA GLN E 195 -37.89 -44.25 -40.49
C GLN E 195 -39.17 -43.42 -40.42
N ASN E 196 -39.29 -42.57 -39.39
CA ASN E 196 -40.58 -42.04 -38.96
C ASN E 196 -41.30 -40.94 -39.75
N ALA E 197 -40.56 -40.16 -40.53
CA ALA E 197 -41.18 -39.12 -41.38
C ALA E 197 -41.55 -37.82 -40.66
N ASP E 198 -42.47 -37.89 -39.69
CA ASP E 198 -42.79 -36.72 -38.87
C ASP E 198 -42.20 -36.89 -37.47
N THR E 199 -41.21 -36.06 -37.16
CA THR E 199 -40.43 -36.25 -35.94
C THR E 199 -40.23 -34.94 -35.18
N TYR E 200 -39.73 -35.05 -33.96
CA TYR E 200 -39.32 -33.88 -33.20
C TYR E 200 -38.11 -34.22 -32.35
N VAL E 201 -37.45 -33.19 -31.85
CA VAL E 201 -36.40 -33.36 -30.86
C VAL E 201 -36.71 -32.38 -29.74
N PHE E 202 -36.51 -32.79 -28.49
CA PHE E 202 -36.64 -31.88 -27.37
C PHE E 202 -35.39 -31.92 -26.51
N VAL E 203 -34.90 -30.74 -26.13
CA VAL E 203 -33.76 -30.62 -25.21
C VAL E 203 -34.08 -29.60 -24.13
N CYS E 204 -34.04 -30.03 -22.87
CA CYS E 204 -34.30 -29.11 -21.77
C CYS E 204 -33.48 -29.40 -20.51
N SER E 205 -32.96 -28.33 -19.93
CA SER E 205 -32.35 -28.37 -18.61
C SER E 205 -33.29 -27.63 -17.67
N SER E 206 -32.80 -27.18 -16.52
CA SER E 206 -33.61 -26.37 -15.61
C SER E 206 -33.73 -24.96 -16.15
N ARG E 207 -32.85 -24.62 -17.08
CA ARG E 207 -32.73 -23.26 -17.59
C ARG E 207 -32.95 -23.19 -19.10
N TYR E 208 -32.54 -24.23 -19.80
CA TYR E 208 -32.67 -24.29 -21.26
C TYR E 208 -33.87 -25.15 -21.64
N SER E 209 -34.59 -24.75 -22.69
CA SER E 209 -35.67 -25.56 -23.22
C SER E 209 -36.00 -25.21 -24.68
N LYS E 210 -35.87 -26.19 -25.57
CA LYS E 210 -36.20 -25.96 -26.98
C LYS E 210 -36.70 -27.23 -27.68
N LYS E 211 -37.70 -27.07 -28.53
CA LYS E 211 -38.19 -28.17 -29.35
C LYS E 211 -37.78 -27.94 -30.79
N PHE E 212 -37.33 -29.00 -31.45
CA PHE E 212 -36.90 -28.90 -32.84
C PHE E 212 -37.73 -29.82 -33.73
N LYS E 213 -38.06 -29.34 -34.92
CA LYS E 213 -38.62 -30.21 -35.93
C LYS E 213 -37.84 -30.07 -37.22
N PRO E 214 -37.55 -31.20 -37.88
CA PRO E 214 -36.82 -31.20 -39.14
C PRO E 214 -37.52 -30.30 -40.16
N GLU E 215 -36.73 -29.61 -40.96
CA GLU E 215 -37.25 -28.75 -42.00
C GLU E 215 -36.73 -29.27 -43.33
N ILE E 216 -37.41 -30.27 -43.87
CA ILE E 216 -37.00 -30.96 -45.09
C ILE E 216 -37.01 -30.03 -46.28
N ALA E 217 -35.87 -29.89 -46.95
CA ALA E 217 -35.80 -29.04 -48.11
C ALA E 217 -34.50 -29.30 -48.87
N ILE E 218 -34.52 -28.99 -50.16
CA ILE E 218 -33.31 -29.10 -50.98
C ILE E 218 -32.61 -27.75 -51.07
N CYS E 219 -31.56 -27.56 -50.28
CA CYS E 219 -30.81 -26.33 -50.34
C CYS E 219 -29.59 -26.50 -51.23
N PRO E 220 -28.96 -25.39 -51.64
CA PRO E 220 -27.76 -25.49 -52.48
C PRO E 220 -26.78 -26.49 -51.87
N LYS E 221 -26.19 -27.33 -52.72
CA LYS E 221 -25.22 -28.32 -52.28
C LYS E 221 -23.98 -27.68 -51.68
N VAL E 222 -23.60 -28.15 -50.50
CA VAL E 222 -22.36 -27.72 -49.85
C VAL E 222 -21.67 -28.98 -49.30
N ARG E 223 -20.47 -29.25 -49.81
CA ARG E 223 -19.81 -30.52 -49.54
C ARG E 223 -20.76 -31.68 -49.82
N ASP E 224 -21.49 -31.55 -50.92
CA ASP E 224 -22.34 -32.61 -51.46
C ASP E 224 -23.65 -32.81 -50.71
N GLN E 225 -23.91 -31.95 -49.73
CA GLN E 225 -25.13 -32.05 -48.94
C GLN E 225 -26.18 -31.04 -49.37
N GLU E 226 -27.35 -31.52 -49.76
CA GLU E 226 -28.47 -30.63 -50.04
C GLU E 226 -29.27 -30.45 -48.75
N GLY E 227 -29.01 -31.32 -47.79
CA GLY E 227 -29.60 -31.21 -46.47
C GLY E 227 -28.74 -30.30 -45.60
N ARG E 228 -29.17 -30.12 -44.36
CA ARG E 228 -28.45 -29.25 -43.44
C ARG E 228 -28.45 -29.82 -42.03
N MET E 229 -27.46 -29.42 -41.25
CA MET E 229 -27.31 -29.85 -39.87
C MET E 229 -27.01 -28.62 -39.01
N ASN E 230 -27.87 -28.34 -38.04
CA ASN E 230 -27.65 -27.20 -37.15
C ASN E 230 -27.09 -27.62 -35.80
N TYR E 231 -26.16 -26.84 -35.29
CA TYR E 231 -25.44 -27.16 -34.07
C TYR E 231 -25.87 -26.24 -32.94
N TYR E 232 -26.13 -26.84 -31.78
CA TYR E 232 -26.62 -26.11 -30.63
C TYR E 232 -25.76 -26.45 -29.43
N TRP E 233 -25.78 -25.59 -28.42
CA TRP E 233 -25.01 -25.81 -27.22
C TRP E 233 -25.71 -25.18 -26.03
N THR E 234 -25.42 -25.67 -24.84
CA THR E 234 -25.84 -24.99 -23.62
C THR E 234 -24.87 -25.35 -22.51
N LEU E 235 -24.81 -24.51 -21.49
CA LEU E 235 -23.97 -24.77 -20.33
C LEU E 235 -24.85 -25.21 -19.16
N VAL E 236 -24.68 -26.45 -18.73
CA VAL E 236 -25.46 -27.02 -17.64
C VAL E 236 -24.80 -26.72 -16.30
N GLU E 237 -25.51 -26.01 -15.42
CA GLU E 237 -24.98 -25.67 -14.11
C GLU E 237 -24.71 -26.91 -13.28
N PRO E 238 -23.76 -26.82 -12.33
CA PRO E 238 -23.46 -27.95 -11.45
C PRO E 238 -24.73 -28.49 -10.79
N GLY E 239 -24.90 -29.80 -10.78
CA GLY E 239 -26.01 -30.41 -10.06
C GLY E 239 -27.30 -30.40 -10.84
N ASP E 240 -27.32 -29.72 -11.97
CA ASP E 240 -28.52 -29.66 -12.80
C ASP E 240 -28.59 -30.85 -13.77
N LYS E 241 -29.77 -31.03 -14.36
CA LYS E 241 -30.00 -32.15 -15.26
C LYS E 241 -30.33 -31.63 -16.65
N ILE E 242 -29.84 -32.32 -17.66
CA ILE E 242 -30.23 -32.03 -19.04
C ILE E 242 -30.83 -33.29 -19.67
N THR E 243 -31.93 -33.09 -20.39
CA THR E 243 -32.67 -34.20 -20.98
C THR E 243 -32.77 -34.03 -22.48
N PHE E 244 -32.67 -35.15 -23.18
CA PHE E 244 -32.87 -35.21 -24.62
C PHE E 244 -34.00 -36.17 -24.92
N GLU E 245 -34.88 -35.78 -25.84
CA GLU E 245 -35.95 -36.65 -26.29
C GLU E 245 -36.04 -36.50 -27.79
N ALA E 246 -36.29 -37.59 -28.50
CA ALA E 246 -36.38 -37.52 -29.94
C ALA E 246 -37.00 -38.74 -30.61
N THR E 247 -37.68 -38.51 -31.72
CA THR E 247 -38.17 -39.59 -32.55
C THR E 247 -37.47 -39.55 -33.92
N GLY E 248 -36.34 -38.85 -33.96
CA GLY E 248 -35.50 -38.77 -35.14
C GLY E 248 -34.62 -37.53 -35.17
N ASN E 249 -33.70 -37.48 -36.13
CA ASN E 249 -33.02 -36.23 -36.49
C ASN E 249 -32.12 -35.63 -35.42
N LEU E 250 -31.84 -36.39 -34.37
CA LEU E 250 -31.00 -35.90 -33.29
C LEU E 250 -29.56 -36.41 -33.39
N VAL E 251 -28.61 -35.50 -33.55
CA VAL E 251 -27.20 -35.83 -33.46
C VAL E 251 -26.80 -35.64 -32.00
N VAL E 252 -26.62 -36.75 -31.28
CA VAL E 252 -26.51 -36.72 -29.83
C VAL E 252 -25.11 -36.39 -29.32
N PRO E 253 -25.05 -35.83 -28.11
CA PRO E 253 -23.76 -35.61 -27.49
C PRO E 253 -23.09 -36.95 -27.27
N ARG E 254 -21.78 -37.02 -27.49
CA ARG E 254 -21.02 -38.18 -27.06
C ARG E 254 -20.04 -37.75 -25.99
N TYR E 255 -19.24 -36.73 -26.32
CA TYR E 255 -18.36 -36.13 -25.34
C TYR E 255 -18.86 -34.73 -24.99
N ALA E 256 -18.79 -34.38 -23.71
CA ALA E 256 -19.12 -33.05 -23.25
C ALA E 256 -17.89 -32.48 -22.55
N PHE E 257 -17.95 -31.23 -22.10
CA PHE E 257 -16.78 -30.59 -21.52
C PHE E 257 -17.06 -29.89 -20.18
N ALA E 258 -16.50 -30.42 -19.08
CA ALA E 258 -16.57 -29.73 -17.80
C ALA E 258 -15.51 -28.62 -17.76
N MET E 259 -15.93 -27.41 -17.44
CA MET E 259 -15.03 -26.27 -17.51
C MET E 259 -15.39 -25.23 -16.46
N GLU E 260 -14.39 -24.46 -16.03
CA GLU E 260 -14.64 -23.27 -15.25
C GLU E 260 -14.23 -22.08 -16.10
N ARG E 261 -15.18 -21.19 -16.39
CA ARG E 261 -14.90 -20.05 -17.25
C ARG E 261 -14.31 -18.89 -16.45
N ASN E 262 -13.27 -18.27 -16.99
CA ASN E 262 -12.70 -17.07 -16.40
C ASN E 262 -13.47 -15.85 -16.87
N ALA E 263 -13.30 -14.73 -16.18
CA ALA E 263 -13.94 -13.49 -16.59
C ALA E 263 -13.90 -13.40 -18.11
N GLY E 264 -12.83 -13.96 -18.68
CA GLY E 264 -12.71 -14.12 -20.12
C GLY E 264 -11.63 -13.24 -20.69
N SER E 265 -11.10 -13.64 -21.84
CA SER E 265 -10.18 -12.79 -22.58
C SER E 265 -10.74 -12.60 -23.99
N GLY E 266 -10.01 -13.08 -24.98
CA GLY E 266 -10.41 -12.95 -26.36
C GLY E 266 -9.78 -13.98 -27.26
N ILE E 267 -10.01 -13.83 -28.56
CA ILE E 267 -9.46 -14.75 -29.54
C ILE E 267 -8.53 -13.98 -30.44
N ILE E 268 -7.28 -14.40 -30.50
CA ILE E 268 -6.32 -13.78 -31.40
C ILE E 268 -6.26 -14.60 -32.67
N ILE E 269 -6.59 -13.97 -33.78
CA ILE E 269 -6.48 -14.61 -35.08
C ILE E 269 -5.25 -14.08 -35.78
N SER E 270 -4.24 -14.93 -35.92
CA SER E 270 -2.95 -14.48 -36.38
C SER E 270 -2.04 -15.64 -36.73
N ASP E 271 -1.10 -15.39 -37.64
CA ASP E 271 -0.12 -16.39 -38.02
C ASP E 271 1.17 -16.23 -37.23
N THR E 272 1.18 -15.23 -36.33
CA THR E 272 2.32 -15.04 -35.45
C THR E 272 2.50 -16.30 -34.60
N PRO E 273 3.75 -16.76 -34.45
CA PRO E 273 4.02 -18.03 -33.77
C PRO E 273 3.89 -17.96 -32.26
N VAL E 274 3.37 -19.02 -31.66
CA VAL E 274 3.34 -19.14 -30.20
C VAL E 274 4.69 -19.63 -29.68
N HIS E 275 5.14 -19.05 -28.58
CA HIS E 275 6.45 -19.37 -28.01
C HIS E 275 6.32 -19.47 -26.50
N ASP E 276 7.30 -20.08 -25.85
CA ASP E 276 7.30 -20.21 -24.40
C ASP E 276 7.85 -18.94 -23.75
N CYS E 277 7.15 -17.83 -23.95
CA CYS E 277 7.52 -16.58 -23.28
C CYS E 277 6.41 -16.09 -22.38
N ASN E 278 6.71 -15.06 -21.59
CA ASN E 278 5.77 -14.51 -20.63
C ASN E 278 5.50 -13.05 -20.93
N THR E 279 4.24 -12.63 -20.79
CA THR E 279 3.89 -11.23 -21.03
C THR E 279 2.68 -10.81 -20.20
N THR E 280 2.52 -9.49 -20.08
CA THR E 280 1.33 -8.93 -19.45
C THR E 280 0.44 -8.26 -20.49
N CYS E 281 0.96 -8.12 -21.70
CA CYS E 281 0.17 -7.55 -22.78
C CYS E 281 0.44 -8.24 -24.11
N GLN E 282 -0.59 -8.88 -24.64
CA GLN E 282 -0.49 -9.61 -25.90
C GLN E 282 -1.20 -8.90 -27.07
N THR E 283 -0.53 -8.92 -28.22
CA THR E 283 -0.96 -8.27 -29.44
C THR E 283 -1.00 -9.38 -30.51
N PRO E 284 -1.85 -9.23 -31.53
CA PRO E 284 -1.86 -10.23 -32.61
C PRO E 284 -0.54 -10.29 -33.39
N LYS E 285 0.26 -9.23 -33.31
CA LYS E 285 1.56 -9.15 -34.00
C LYS E 285 2.71 -9.63 -33.12
N GLY E 286 2.47 -9.75 -31.82
CA GLY E 286 3.54 -10.02 -30.87
C GLY E 286 3.27 -9.41 -29.50
N ALA E 287 4.07 -9.80 -28.51
CA ALA E 287 3.84 -9.36 -27.14
C ALA E 287 4.63 -8.09 -26.86
N ILE E 288 4.13 -7.28 -25.94
CA ILE E 288 4.88 -6.10 -25.52
C ILE E 288 5.10 -6.08 -24.00
N ASN E 289 6.34 -5.83 -23.59
CA ASN E 289 6.68 -5.72 -22.17
C ASN E 289 6.22 -4.38 -21.62
N THR E 290 5.02 -4.35 -21.05
CA THR E 290 4.45 -3.10 -20.54
C THR E 290 5.24 -2.47 -19.41
N SER E 291 5.92 -1.37 -19.72
CA SER E 291 6.40 -0.45 -18.69
C SER E 291 5.76 0.92 -18.95
N LEU E 292 5.82 1.35 -20.20
CA LEU E 292 5.31 2.65 -20.60
C LEU E 292 3.78 2.74 -20.68
N PRO E 293 3.26 3.97 -20.56
CA PRO E 293 1.82 4.19 -20.57
C PRO E 293 1.20 4.06 -21.96
N PHE E 294 1.97 4.28 -23.03
CA PHE E 294 1.42 4.30 -24.38
C PHE E 294 2.10 3.32 -25.34
N GLN E 295 1.42 3.03 -26.45
CA GLN E 295 1.79 1.91 -27.30
C GLN E 295 1.20 2.14 -28.69
N ASN E 296 2.01 2.01 -29.74
CA ASN E 296 1.49 2.20 -31.11
C ASN E 296 1.62 0.94 -31.97
N ILE E 297 1.77 -0.20 -31.31
CA ILE E 297 1.91 -1.48 -31.96
C ILE E 297 0.60 -1.97 -32.57
N HIS E 298 -0.48 -1.90 -31.80
CA HIS E 298 -1.73 -2.55 -32.23
C HIS E 298 -2.88 -2.20 -31.28
N PRO E 299 -4.01 -1.72 -31.84
CA PRO E 299 -5.14 -1.30 -31.00
C PRO E 299 -5.86 -2.47 -30.34
N ILE E 300 -5.75 -3.68 -30.90
CA ILE E 300 -6.42 -4.85 -30.33
C ILE E 300 -5.44 -5.63 -29.46
N THR E 301 -5.56 -5.48 -28.15
CA THR E 301 -4.64 -6.13 -27.25
C THR E 301 -5.39 -6.90 -26.17
N ILE E 302 -4.69 -7.82 -25.51
CA ILE E 302 -5.25 -8.56 -24.40
C ILE E 302 -4.31 -8.50 -23.20
N GLY E 303 -4.84 -8.12 -22.04
CA GLY E 303 -4.07 -8.12 -20.81
C GLY E 303 -4.09 -6.75 -20.15
N LYS E 304 -3.04 -6.48 -19.36
CA LYS E 304 -2.87 -5.15 -18.78
C LYS E 304 -1.94 -4.38 -19.69
N CYS E 305 -2.52 -3.62 -20.59
CA CYS E 305 -1.75 -3.02 -21.67
C CYS E 305 -1.60 -1.52 -21.56
N PRO E 306 -0.61 -0.96 -22.26
CA PRO E 306 -0.49 0.49 -22.40
C PRO E 306 -1.61 0.93 -23.32
N LYS E 307 -2.05 2.18 -23.24
CA LYS E 307 -3.12 2.63 -24.12
C LYS E 307 -2.59 2.78 -25.53
N TYR E 308 -3.41 2.42 -26.50
CA TYR E 308 -3.05 2.56 -27.91
C TYR E 308 -3.20 4.01 -28.34
N VAL E 309 -2.19 4.53 -29.03
CA VAL E 309 -2.28 5.87 -29.62
C VAL E 309 -1.80 5.84 -31.05
N LYS E 310 -2.20 6.84 -31.83
CA LYS E 310 -1.71 6.96 -33.19
C LYS E 310 -0.36 7.71 -33.29
N SER E 311 0.28 7.94 -32.15
CA SER E 311 1.55 8.68 -32.12
C SER E 311 2.74 7.93 -32.74
N THR E 312 3.63 8.67 -33.38
CA THR E 312 4.89 8.10 -33.88
C THR E 312 6.03 8.29 -32.88
N LYS E 313 5.95 9.35 -32.08
CA LYS E 313 6.98 9.62 -31.07
C LYS E 313 6.44 10.41 -29.88
N LEU E 314 6.74 9.93 -28.68
CA LEU E 314 6.36 10.62 -27.45
C LEU E 314 7.58 10.77 -26.57
N ARG E 315 8.51 11.63 -27.00
CA ARG E 315 9.82 11.76 -26.35
C ARG E 315 9.79 12.75 -25.19
N LEU E 316 10.11 12.27 -23.99
CA LEU E 316 10.05 13.12 -22.81
C LEU E 316 11.44 13.63 -22.50
N ALA E 317 11.60 14.95 -22.43
CA ALA E 317 12.89 15.52 -22.04
C ALA E 317 13.12 15.24 -20.57
N THR E 318 14.31 14.76 -20.25
CA THR E 318 14.73 14.58 -18.86
C THR E 318 15.80 15.61 -18.54
N GLY E 319 16.74 15.77 -19.45
CA GLY E 319 17.80 16.73 -19.29
C GLY E 319 17.43 18.11 -19.82
N LEU E 320 18.45 18.92 -20.09
CA LEU E 320 18.21 20.29 -20.50
C LEU E 320 18.52 20.48 -21.97
N ARG E 321 18.18 21.65 -22.51
CA ARG E 321 18.52 21.93 -23.90
C ARG E 321 20.02 21.74 -24.11
N ASN E 322 20.38 21.01 -25.15
CA ASN E 322 21.76 20.71 -25.44
C ASN E 322 22.37 21.78 -26.34
N ILE E 323 23.30 22.56 -25.81
CA ILE E 323 23.93 23.65 -26.56
C ILE E 323 25.45 23.57 -26.49
N PRO E 324 26.05 22.62 -27.22
CA PRO E 324 27.50 22.46 -27.21
C PRO E 324 28.21 23.60 -27.94
N SER E 325 27.56 24.15 -28.96
CA SER E 325 28.14 25.23 -29.75
C SER E 325 29.59 24.95 -30.12
N GLY F 1 14.27 29.47 -21.38
CA GLY F 1 13.85 30.82 -21.71
C GLY F 1 13.14 31.49 -20.55
N LEU F 2 12.27 30.75 -19.86
CA LEU F 2 11.42 31.33 -18.83
C LEU F 2 12.19 32.05 -17.72
N PHE F 3 13.35 31.54 -17.33
CA PHE F 3 14.12 32.14 -16.25
C PHE F 3 15.39 32.88 -16.71
N GLY F 4 15.62 32.90 -18.02
CA GLY F 4 16.63 33.78 -18.58
C GLY F 4 18.08 33.29 -18.59
N ALA F 5 18.37 32.26 -17.82
CA ALA F 5 19.72 31.72 -17.72
C ALA F 5 20.11 30.86 -18.92
N ILE F 6 19.42 29.74 -19.10
CA ILE F 6 19.78 28.80 -20.17
C ILE F 6 19.50 29.41 -21.53
N ALA F 7 20.48 29.34 -22.42
CA ALA F 7 20.36 29.94 -23.74
C ALA F 7 19.87 31.36 -23.61
N GLY F 8 20.31 32.03 -22.54
CA GLY F 8 19.97 33.41 -22.28
C GLY F 8 21.24 34.19 -21.97
N PHE F 9 21.37 34.67 -20.74
CA PHE F 9 22.60 35.38 -20.37
C PHE F 9 23.78 34.41 -20.23
N ILE F 10 23.49 33.14 -19.98
CA ILE F 10 24.53 32.11 -20.12
C ILE F 10 24.32 31.39 -21.45
N GLU F 11 25.04 31.84 -22.48
CA GLU F 11 24.69 31.50 -23.87
C GLU F 11 24.79 30.04 -24.29
N GLY F 12 25.63 29.26 -23.63
CA GLY F 12 25.87 27.88 -24.06
C GLY F 12 26.26 26.95 -22.95
N GLY F 13 26.22 25.65 -23.24
CA GLY F 13 26.55 24.64 -22.25
C GLY F 13 27.99 24.19 -22.38
N TRP F 14 28.42 23.33 -21.46
CA TRP F 14 29.82 22.92 -21.37
C TRP F 14 29.99 21.43 -21.56
N THR F 15 30.56 21.03 -22.68
CA THR F 15 30.83 19.61 -22.89
C THR F 15 31.89 19.10 -21.93
N GLY F 16 32.64 20.03 -21.35
CA GLY F 16 33.75 19.69 -20.46
C GLY F 16 33.30 19.31 -19.06
N MET F 17 32.08 19.68 -18.70
CA MET F 17 31.56 19.32 -17.39
C MET F 17 30.74 18.05 -17.53
N VAL F 18 31.37 16.91 -17.32
CA VAL F 18 30.73 15.64 -17.62
C VAL F 18 30.35 14.82 -16.39
N ASP F 19 30.07 15.48 -15.28
CA ASP F 19 29.67 14.76 -14.08
C ASP F 19 28.47 15.39 -13.37
N GLY F 20 27.69 16.16 -14.11
CA GLY F 20 26.52 16.80 -13.55
C GLY F 20 25.79 17.66 -14.56
N TRP F 21 24.59 18.11 -14.19
CA TRP F 21 23.77 18.96 -15.05
C TRP F 21 24.13 20.44 -14.87
N TYR F 22 24.42 20.82 -13.63
CA TYR F 22 24.78 22.19 -13.30
C TYR F 22 26.05 22.21 -12.47
N GLY F 23 26.93 23.16 -12.72
CA GLY F 23 28.17 23.26 -11.98
C GLY F 23 28.92 24.55 -12.25
N TYR F 24 30.23 24.51 -12.03
CA TYR F 24 31.06 25.71 -12.15
C TYR F 24 32.30 25.48 -12.99
N HIS F 25 32.80 26.56 -13.59
CA HIS F 25 34.18 26.57 -14.07
C HIS F 25 34.93 27.66 -13.31
N HIS F 26 36.08 27.29 -12.74
CA HIS F 26 36.90 28.26 -12.01
C HIS F 26 38.23 28.43 -12.71
N GLN F 27 38.87 29.55 -12.41
CA GLN F 27 40.18 29.86 -12.94
C GLN F 27 40.90 30.66 -11.86
N ASN F 28 41.93 30.07 -11.26
CA ASN F 28 42.72 30.78 -10.27
C ASN F 28 44.22 30.56 -10.45
N GLU F 29 45.01 31.03 -9.49
CA GLU F 29 46.45 30.90 -9.59
C GLU F 29 46.86 29.44 -9.67
N GLN F 30 46.17 28.59 -8.91
CA GLN F 30 46.50 27.18 -8.84
C GLN F 30 46.10 26.37 -10.07
N GLY F 31 45.17 26.91 -10.87
CA GLY F 31 44.72 26.22 -12.07
C GLY F 31 43.27 26.49 -12.43
N SER F 32 42.74 25.67 -13.33
CA SER F 32 41.34 25.82 -13.73
C SER F 32 40.69 24.49 -14.09
N GLY F 33 39.36 24.49 -14.21
CA GLY F 33 38.64 23.30 -14.61
C GLY F 33 37.16 23.36 -14.30
N TYR F 34 36.48 22.28 -14.65
CA TYR F 34 35.04 22.16 -14.47
C TYR F 34 34.70 21.34 -13.23
N ALA F 35 33.59 21.69 -12.59
CA ALA F 35 33.11 20.92 -11.44
C ALA F 35 31.60 21.07 -11.31
N ALA F 36 30.88 19.95 -11.46
CA ALA F 36 29.44 19.99 -11.30
C ALA F 36 29.09 20.20 -9.84
N ASP F 37 28.09 21.05 -9.58
CA ASP F 37 27.55 21.18 -8.24
C ASP F 37 26.71 19.96 -7.92
N LEU F 38 27.19 19.15 -6.98
CA LEU F 38 26.54 17.87 -6.68
C LEU F 38 25.20 18.01 -5.96
N LYS F 39 25.05 19.06 -5.15
CA LYS F 39 23.80 19.27 -4.46
C LYS F 39 22.66 19.45 -5.46
N SER F 40 22.75 20.51 -6.26
CA SER F 40 21.70 20.88 -7.20
C SER F 40 21.46 19.83 -8.30
N THR F 41 22.53 19.15 -8.71
CA THR F 41 22.43 18.12 -9.73
C THR F 41 21.64 16.91 -9.24
N GLN F 42 21.98 16.42 -8.06
CA GLN F 42 21.30 15.24 -7.52
C GLN F 42 19.85 15.54 -7.20
N ASN F 43 19.60 16.72 -6.64
CA ASN F 43 18.24 17.15 -6.38
C ASN F 43 17.42 17.16 -7.67
N ALA F 44 18.04 17.64 -8.75
CA ALA F 44 17.37 17.68 -10.05
C ALA F 44 17.14 16.27 -10.57
N ILE F 45 18.17 15.43 -10.47
CA ILE F 45 18.08 14.04 -10.88
C ILE F 45 16.96 13.32 -10.13
N ASP F 46 16.91 13.51 -8.82
CA ASP F 46 15.84 12.95 -8.01
C ASP F 46 14.47 13.43 -8.46
N GLU F 47 14.34 14.74 -8.68
CA GLU F 47 13.05 15.30 -9.06
C GLU F 47 12.61 14.98 -10.48
N ILE F 48 13.54 15.04 -11.44
CA ILE F 48 13.21 14.65 -12.81
C ILE F 48 12.89 13.15 -12.87
N THR F 49 13.60 12.35 -12.08
CA THR F 49 13.29 10.93 -11.99
C THR F 49 11.89 10.72 -11.41
N ASN F 50 11.53 11.52 -10.40
CA ASN F 50 10.20 11.42 -9.84
C ASN F 50 9.12 11.79 -10.86
N LYS F 51 9.42 12.78 -11.70
CA LYS F 51 8.51 13.22 -12.75
C LYS F 51 8.17 12.08 -13.71
N VAL F 52 9.22 11.45 -14.25
CA VAL F 52 9.06 10.37 -15.21
C VAL F 52 8.28 9.21 -14.61
N ASN F 53 8.70 8.74 -13.44
CA ASN F 53 7.99 7.67 -12.75
C ASN F 53 6.52 8.00 -12.43
N SER F 54 6.21 9.28 -12.23
CA SER F 54 4.82 9.67 -11.99
C SER F 54 3.96 9.56 -13.25
N VAL F 55 4.48 10.07 -14.36
CA VAL F 55 3.78 10.00 -15.64
C VAL F 55 3.58 8.56 -16.06
N ILE F 56 4.47 7.69 -15.58
CA ILE F 56 4.43 6.28 -15.91
C ILE F 56 3.53 5.48 -14.96
N GLU F 57 3.77 5.63 -13.67
CA GLU F 57 3.15 4.75 -12.68
C GLU F 57 1.71 5.10 -12.35
N LYS F 58 1.28 6.29 -12.72
CA LYS F 58 -0.09 6.71 -12.48
C LYS F 58 -1.04 6.08 -13.49
N MET F 59 -0.48 5.39 -14.48
CA MET F 59 -1.30 4.70 -15.47
C MET F 59 -1.67 3.32 -14.94
N ASN F 60 -2.71 3.27 -14.11
CA ASN F 60 -3.34 2.02 -13.70
C ASN F 60 -4.19 1.47 -14.84
N THR F 61 -3.77 0.37 -15.44
CA THR F 61 -4.53 -0.18 -16.55
C THR F 61 -5.36 -1.39 -16.13
N GLN F 62 -6.63 -1.38 -16.53
CA GLN F 62 -7.51 -2.51 -16.27
C GLN F 62 -7.15 -3.67 -17.20
N PHE F 63 -7.41 -4.90 -16.76
CA PHE F 63 -7.27 -6.03 -17.69
C PHE F 63 -8.41 -5.98 -18.68
N THR F 64 -8.06 -5.95 -19.97
CA THR F 64 -9.04 -5.82 -21.03
C THR F 64 -8.66 -6.65 -22.24
N ALA F 65 -9.62 -7.40 -22.76
CA ALA F 65 -9.47 -8.00 -24.08
C ALA F 65 -10.22 -7.10 -25.04
N VAL F 66 -9.49 -6.26 -25.77
CA VAL F 66 -10.13 -5.27 -26.63
C VAL F 66 -11.01 -5.88 -27.72
N GLY F 67 -10.53 -6.98 -28.30
CA GLY F 67 -11.14 -7.54 -29.49
C GLY F 67 -12.53 -8.11 -29.26
N LYS F 68 -13.38 -7.97 -30.28
CA LYS F 68 -14.71 -8.57 -30.24
C LYS F 68 -15.07 -9.14 -31.60
N GLU F 69 -15.90 -10.19 -31.60
CA GLU F 69 -16.34 -10.83 -32.83
C GLU F 69 -17.84 -10.65 -33.04
N PHE F 70 -18.23 -10.11 -34.18
CA PHE F 70 -19.65 -9.95 -34.50
C PHE F 70 -19.96 -10.59 -35.84
N ASN F 71 -21.15 -11.17 -35.97
CA ASN F 71 -21.55 -11.82 -37.22
C ASN F 71 -22.19 -10.83 -38.19
N HIS F 72 -22.68 -11.33 -39.32
CA HIS F 72 -23.12 -10.47 -40.40
C HIS F 72 -24.41 -9.70 -40.09
N LEU F 73 -25.11 -10.09 -39.03
CA LEU F 73 -26.31 -9.37 -38.62
C LEU F 73 -26.08 -8.54 -37.35
N GLU F 74 -24.81 -8.23 -37.08
CA GLU F 74 -24.49 -7.47 -35.89
C GLU F 74 -23.56 -6.29 -36.20
N LYS F 75 -23.81 -5.63 -37.34
CA LYS F 75 -22.97 -4.53 -37.78
C LYS F 75 -23.17 -3.27 -36.94
N ARG F 76 -24.37 -3.10 -36.40
CA ARG F 76 -24.63 -1.94 -35.56
C ARG F 76 -23.79 -2.00 -34.29
N ILE F 77 -23.77 -3.16 -33.63
CA ILE F 77 -22.97 -3.31 -32.42
C ILE F 77 -21.48 -3.42 -32.72
N GLU F 78 -21.14 -4.00 -33.86
CA GLU F 78 -19.75 -3.99 -34.29
C GLU F 78 -19.29 -2.54 -34.47
N ASN F 79 -20.14 -1.71 -35.06
CA ASN F 79 -19.82 -0.31 -35.25
C ASN F 79 -19.80 0.52 -33.95
N LEU F 80 -20.66 0.16 -32.99
CA LEU F 80 -20.60 0.77 -31.68
C LEU F 80 -19.25 0.47 -31.05
N ASN F 81 -18.86 -0.80 -31.10
CA ASN F 81 -17.59 -1.23 -30.57
C ASN F 81 -16.45 -0.45 -31.21
N LYS F 82 -16.48 -0.32 -32.54
CA LYS F 82 -15.51 0.49 -33.24
C LYS F 82 -15.50 1.93 -32.68
N LYS F 83 -16.69 2.49 -32.46
CA LYS F 83 -16.79 3.84 -31.95
C LYS F 83 -16.10 3.97 -30.60
N VAL F 84 -16.23 2.94 -29.77
CA VAL F 84 -15.59 2.92 -28.46
C VAL F 84 -14.07 2.93 -28.59
N ASP F 85 -13.51 2.01 -29.38
CA ASP F 85 -12.06 1.95 -29.60
C ASP F 85 -11.52 3.24 -30.23
N ASP F 86 -12.24 3.79 -31.19
CA ASP F 86 -11.83 5.02 -31.86
C ASP F 86 -11.97 6.23 -30.96
N GLY F 87 -12.89 6.16 -30.01
CA GLY F 87 -13.09 7.24 -29.05
C GLY F 87 -11.93 7.29 -28.06
N PHE F 88 -11.55 6.12 -27.54
CA PHE F 88 -10.40 6.05 -26.66
C PHE F 88 -9.11 6.35 -27.41
N LEU F 89 -9.05 5.95 -28.68
CA LEU F 89 -7.87 6.22 -29.49
C LEU F 89 -7.61 7.73 -29.57
N ASP F 90 -8.63 8.50 -29.93
CA ASP F 90 -8.48 9.95 -30.05
C ASP F 90 -8.22 10.61 -28.71
N ILE F 91 -8.88 10.12 -27.67
CA ILE F 91 -8.69 10.68 -26.33
C ILE F 91 -7.27 10.48 -25.84
N TRP F 92 -6.75 9.26 -25.99
CA TRP F 92 -5.39 9.00 -25.51
C TRP F 92 -4.31 9.61 -26.39
N THR F 93 -4.54 9.62 -27.70
CA THR F 93 -3.57 10.24 -28.60
C THR F 93 -3.40 11.74 -28.27
N TYR F 94 -4.50 12.48 -28.24
CA TYR F 94 -4.46 13.92 -27.99
C TYR F 94 -3.85 14.23 -26.63
N ASN F 95 -4.33 13.59 -25.58
CA ASN F 95 -3.77 13.85 -24.26
C ASN F 95 -2.30 13.47 -24.13
N ALA F 96 -1.88 12.33 -24.67
CA ALA F 96 -0.46 11.97 -24.60
C ALA F 96 0.40 12.98 -25.35
N GLU F 97 -0.02 13.38 -26.55
CA GLU F 97 0.72 14.36 -27.33
C GLU F 97 0.87 15.66 -26.56
N LEU F 98 -0.22 16.14 -25.97
CA LEU F 98 -0.17 17.40 -25.23
C LEU F 98 0.58 17.26 -23.91
N LEU F 99 0.42 16.13 -23.23
CA LEU F 99 1.13 15.90 -21.98
C LEU F 99 2.62 16.05 -22.24
N VAL F 100 3.10 15.41 -23.31
CA VAL F 100 4.50 15.47 -23.64
C VAL F 100 4.94 16.90 -23.99
N LEU F 101 4.19 17.57 -24.85
CA LEU F 101 4.54 18.93 -25.24
C LEU F 101 4.59 19.86 -24.04
N LEU F 102 3.64 19.68 -23.12
CA LEU F 102 3.52 20.58 -21.99
C LEU F 102 4.53 20.29 -20.89
N GLU F 103 4.76 19.01 -20.61
CA GLU F 103 5.73 18.63 -19.59
C GLU F 103 7.15 18.91 -20.06
N ASN F 104 7.40 18.75 -21.35
CA ASN F 104 8.70 19.10 -21.90
C ASN F 104 9.00 20.56 -21.67
N GLU F 105 8.06 21.45 -21.98
CA GLU F 105 8.31 22.87 -21.77
C GLU F 105 8.54 23.17 -20.30
N ARG F 106 7.84 22.45 -19.42
CA ARG F 106 8.01 22.63 -17.98
C ARG F 106 9.36 22.11 -17.49
N THR F 107 9.80 20.98 -18.05
CA THR F 107 11.11 20.40 -17.73
C THR F 107 12.26 21.37 -18.07
N LEU F 108 12.23 21.96 -19.26
CA LEU F 108 13.26 22.91 -19.65
C LEU F 108 13.28 24.13 -18.73
N ASP F 109 12.09 24.66 -18.46
CA ASP F 109 11.94 25.78 -17.54
C ASP F 109 12.51 25.44 -16.16
N TYR F 110 12.28 24.21 -15.73
CA TYR F 110 12.77 23.76 -14.44
C TYR F 110 14.29 23.84 -14.38
N HIS F 111 14.95 23.31 -15.40
CA HIS F 111 16.40 23.36 -15.50
C HIS F 111 16.88 24.81 -15.56
N ASP F 112 16.20 25.62 -16.36
CA ASP F 112 16.56 27.03 -16.49
C ASP F 112 16.45 27.72 -15.13
N SER F 113 15.44 27.35 -14.35
CA SER F 113 15.28 27.87 -13.00
C SER F 113 16.44 27.43 -12.11
N ASN F 114 16.77 26.14 -12.14
CA ASN F 114 17.87 25.61 -11.35
C ASN F 114 19.19 26.35 -11.59
N VAL F 115 19.48 26.64 -12.85
CA VAL F 115 20.70 27.36 -13.20
C VAL F 115 20.64 28.78 -12.67
N LYS F 116 19.51 29.45 -12.92
CA LYS F 116 19.30 30.81 -12.43
C LYS F 116 19.45 30.91 -10.92
N ASN F 117 18.91 29.95 -10.19
CA ASN F 117 19.00 29.98 -8.74
C ASN F 117 20.44 29.77 -8.27
N LEU F 118 21.17 28.93 -8.98
CA LEU F 118 22.55 28.62 -8.62
C LEU F 118 23.44 29.85 -8.81
N TYR F 119 23.20 30.55 -9.90
CA TYR F 119 23.95 31.77 -10.20
C TYR F 119 23.66 32.84 -9.16
N GLU F 120 22.39 33.04 -8.84
CA GLU F 120 22.04 34.10 -7.89
C GLU F 120 22.38 33.75 -6.44
N LYS F 121 22.64 32.47 -6.18
CA LYS F 121 23.05 32.04 -4.85
C LYS F 121 24.54 32.35 -4.63
N VAL F 122 25.32 32.23 -5.69
CA VAL F 122 26.72 32.61 -5.65
C VAL F 122 26.82 34.13 -5.56
N ARG F 123 26.06 34.81 -6.41
CA ARG F 123 26.06 36.26 -6.45
C ARG F 123 25.72 36.87 -5.09
N SER F 124 24.81 36.24 -4.37
CA SER F 124 24.42 36.70 -3.04
C SER F 124 25.54 36.54 -2.02
N GLN F 125 26.36 35.50 -2.19
CA GLN F 125 27.51 35.29 -1.31
C GLN F 125 28.60 36.34 -1.57
N LEU F 126 29.09 36.37 -2.81
CA LEU F 126 30.20 37.23 -3.19
C LEU F 126 29.90 38.70 -3.02
N LYS F 127 28.65 39.09 -3.23
CA LYS F 127 28.25 40.49 -3.11
C LYS F 127 29.19 41.37 -3.94
N ASN F 128 29.79 42.39 -3.32
CA ASN F 128 30.67 43.30 -4.05
C ASN F 128 32.16 42.92 -4.03
N ASN F 129 32.45 41.71 -3.58
CA ASN F 129 33.81 41.18 -3.59
C ASN F 129 34.20 40.57 -4.93
N ALA F 130 33.24 40.55 -5.87
CA ALA F 130 33.52 40.13 -7.23
C ALA F 130 32.62 40.92 -8.16
N LYS F 131 33.00 40.98 -9.44
CA LYS F 131 32.18 41.65 -10.43
C LYS F 131 31.49 40.64 -11.35
N GLU F 132 30.22 40.92 -11.65
CA GLU F 132 29.48 40.13 -12.62
C GLU F 132 29.91 40.52 -14.01
N ILE F 133 30.75 39.71 -14.62
CA ILE F 133 31.28 40.00 -15.95
C ILE F 133 30.43 39.40 -17.07
N GLY F 134 29.28 38.86 -16.70
CA GLY F 134 28.35 38.32 -17.67
C GLY F 134 28.62 36.88 -18.09
N ASN F 135 27.70 36.34 -18.87
CA ASN F 135 27.81 34.96 -19.36
C ASN F 135 27.91 33.96 -18.21
N GLY F 136 27.45 34.37 -17.03
CA GLY F 136 27.40 33.48 -15.88
C GLY F 136 28.70 33.44 -15.09
N CYS F 137 29.57 34.42 -15.30
CA CYS F 137 30.86 34.43 -14.65
C CYS F 137 31.01 35.57 -13.65
N PHE F 138 31.72 35.28 -12.57
CA PHE F 138 32.14 36.33 -11.65
C PHE F 138 33.66 36.45 -11.72
N GLU F 139 34.15 37.69 -11.73
CA GLU F 139 35.58 37.95 -11.64
C GLU F 139 35.90 38.58 -10.30
N PHE F 140 36.66 37.86 -9.48
CA PHE F 140 36.94 38.28 -8.11
C PHE F 140 37.80 39.55 -8.06
N TYR F 141 37.48 40.40 -7.10
CA TYR F 141 38.25 41.60 -6.83
C TYR F 141 39.40 41.24 -5.90
N HIS F 142 39.40 40.00 -5.43
CA HIS F 142 40.45 39.50 -4.54
C HIS F 142 40.97 38.16 -5.04
N LYS F 143 42.07 37.70 -4.46
CA LYS F 143 42.63 36.41 -4.81
C LYS F 143 41.81 35.29 -4.18
N CYS F 144 41.39 34.33 -4.99
CA CYS F 144 40.53 33.25 -4.51
C CYS F 144 41.09 31.89 -4.91
N ASP F 145 41.94 31.34 -4.04
CA ASP F 145 42.57 30.05 -4.30
C ASP F 145 41.56 28.91 -4.24
N ASN F 146 42.06 27.68 -4.31
CA ASN F 146 41.21 26.49 -4.28
C ASN F 146 40.23 26.48 -3.11
N THR F 147 40.75 26.56 -1.89
CA THR F 147 39.89 26.51 -0.71
C THR F 147 38.85 27.63 -0.73
N CYS F 148 39.25 28.79 -1.23
CA CYS F 148 38.32 29.89 -1.39
C CYS F 148 37.22 29.54 -2.39
N MET F 149 37.62 28.95 -3.51
CA MET F 149 36.67 28.54 -4.54
C MET F 149 35.69 27.51 -3.99
N GLU F 150 36.23 26.42 -3.46
CA GLU F 150 35.42 25.34 -2.91
C GLU F 150 34.44 25.80 -1.83
N SER F 151 34.76 26.90 -1.15
CA SER F 151 33.87 27.41 -0.11
C SER F 151 32.71 28.21 -0.72
N VAL F 152 32.92 28.71 -1.93
CA VAL F 152 31.87 29.42 -2.65
C VAL F 152 30.91 28.38 -3.25
N LYS F 153 31.47 27.27 -3.69
CA LYS F 153 30.68 26.19 -4.29
C LYS F 153 29.75 25.57 -3.25
N ASN F 154 30.29 25.26 -2.08
CA ASN F 154 29.48 24.64 -1.03
C ASN F 154 29.00 25.61 0.07
N GLY F 155 28.56 26.79 -0.36
CA GLY F 155 27.88 27.74 0.51
C GLY F 155 28.64 28.35 1.67
N THR F 156 29.75 27.73 2.08
CA THR F 156 30.46 28.17 3.28
C THR F 156 31.50 29.25 2.98
N TYR F 157 31.07 30.29 2.26
CA TYR F 157 31.96 31.37 1.86
C TYR F 157 32.09 32.47 2.92
N ASP F 158 33.32 32.93 3.13
CA ASP F 158 33.60 33.90 4.19
C ASP F 158 33.85 35.32 3.65
N TYR F 159 32.78 36.07 3.45
CA TYR F 159 32.85 37.40 2.83
C TYR F 159 33.78 38.41 3.53
N PRO F 160 33.62 38.57 4.86
CA PRO F 160 34.41 39.59 5.56
C PRO F 160 35.92 39.33 5.49
N LYS F 161 36.30 38.07 5.34
CA LYS F 161 37.71 37.70 5.26
C LYS F 161 38.43 38.38 4.08
N TYR F 162 37.75 38.50 2.95
CA TYR F 162 38.36 39.09 1.75
C TYR F 162 37.88 40.52 1.47
N SER F 163 37.08 41.06 2.39
CA SER F 163 36.53 42.42 2.24
C SER F 163 37.62 43.45 1.93
N GLU F 164 38.68 43.44 2.73
CA GLU F 164 39.74 44.42 2.63
C GLU F 164 40.37 44.39 1.24
N GLU F 165 40.89 43.23 0.89
CA GLU F 165 41.60 43.07 -0.36
C GLU F 165 40.71 43.47 -1.54
N ALA F 166 39.42 43.20 -1.41
CA ALA F 166 38.45 43.45 -2.47
C ALA F 166 38.29 44.94 -2.80
N LYS F 167 38.06 45.76 -1.76
CA LYS F 167 37.82 47.18 -1.94
C LYS F 167 38.95 47.87 -2.70
N LEU F 168 40.15 47.32 -2.56
CA LEU F 168 41.35 47.88 -3.19
C LEU F 168 41.27 47.89 -4.70
N ASN F 169 41.06 46.72 -5.29
CA ASN F 169 41.07 46.57 -6.74
C ASN F 169 39.82 47.10 -7.45
N ARG F 170 39.32 48.24 -6.98
CA ARG F 170 38.13 48.85 -7.55
C ARG F 170 38.30 50.36 -7.68
N ASP G 3 35.89 51.99 42.75
CA ASP G 3 35.43 51.94 41.36
C ASP G 3 35.50 50.51 40.80
N THR G 4 34.37 49.99 40.32
CA THR G 4 34.26 48.55 40.14
C THR G 4 33.61 48.02 38.86
N LEU G 5 33.97 46.79 38.54
CA LEU G 5 33.31 46.02 37.50
C LEU G 5 33.19 44.59 38.00
N CYS G 6 31.97 44.07 38.02
CA CYS G 6 31.71 42.71 38.51
C CYS G 6 31.23 41.80 37.39
N ILE G 7 31.66 40.53 37.46
CA ILE G 7 31.15 39.52 36.54
C ILE G 7 30.06 38.72 37.26
N GLY G 8 28.92 38.54 36.60
CA GLY G 8 27.80 37.88 37.24
C GLY G 8 26.93 37.10 36.29
N TYR G 9 25.92 36.44 36.86
CA TYR G 9 25.03 35.58 36.10
C TYR G 9 23.55 35.80 36.43
N HIS G 10 22.70 35.48 35.48
CA HIS G 10 21.27 35.73 35.56
C HIS G 10 20.58 34.89 36.62
N ALA G 11 19.56 35.48 37.23
CA ALA G 11 18.67 34.76 38.12
C ALA G 11 17.28 35.29 37.83
N ASN G 12 16.26 34.54 38.21
CA ASN G 12 14.89 34.95 37.93
C ASN G 12 13.92 34.36 38.95
N ASN G 13 12.64 34.41 38.61
CA ASN G 13 11.59 33.95 39.49
C ASN G 13 11.23 32.48 39.27
N SER G 14 12.07 31.77 38.51
CA SER G 14 11.82 30.37 38.21
C SER G 14 11.78 29.50 39.46
N THR G 15 10.86 28.56 39.48
CA THR G 15 10.75 27.61 40.58
C THR G 15 10.97 26.20 40.05
N ASP G 16 11.24 26.10 38.75
CA ASP G 16 11.48 24.82 38.10
C ASP G 16 12.70 24.15 38.69
N THR G 17 12.57 22.88 39.05
CA THR G 17 13.69 22.12 39.59
C THR G 17 14.08 21.00 38.64
N VAL G 18 15.32 20.55 38.73
CA VAL G 18 15.75 19.38 37.98
C VAL G 18 16.59 18.51 38.89
N ASP G 19 16.84 17.28 38.47
CA ASP G 19 17.80 16.43 39.15
C ASP G 19 19.08 16.35 38.34
N THR G 20 20.20 16.29 39.04
CA THR G 20 21.50 16.01 38.42
C THR G 20 22.00 14.76 39.12
N VAL G 21 23.08 14.18 38.60
CA VAL G 21 23.63 12.99 39.22
C VAL G 21 24.22 13.26 40.61
N LEU G 22 24.58 14.52 40.87
CA LEU G 22 25.20 14.91 42.15
C LEU G 22 24.22 15.48 43.18
N GLU G 23 23.10 16.03 42.72
CA GLU G 23 22.12 16.64 43.62
C GLU G 23 20.73 16.68 43.03
N LYS G 24 19.73 16.43 43.86
CA LYS G 24 18.34 16.47 43.44
C LYS G 24 17.66 17.82 43.75
N ASN G 25 16.64 18.13 42.96
CA ASN G 25 15.84 19.33 43.14
C ASN G 25 16.62 20.63 43.06
N VAL G 26 17.51 20.72 42.08
CA VAL G 26 18.24 21.98 41.84
C VAL G 26 17.33 22.96 41.10
N THR G 27 17.05 24.11 41.70
CA THR G 27 16.24 25.10 41.00
C THR G 27 17.07 25.76 39.90
N VAL G 28 16.50 25.82 38.70
CA VAL G 28 17.20 26.38 37.54
C VAL G 28 16.37 27.49 36.91
N THR G 29 17.02 28.33 36.11
CA THR G 29 16.41 29.54 35.59
C THR G 29 15.60 29.23 34.34
N HIS G 30 15.95 28.12 33.69
CA HIS G 30 15.30 27.71 32.45
C HIS G 30 15.46 26.20 32.27
N SER G 31 14.42 25.55 31.74
CA SER G 31 14.47 24.10 31.52
C SER G 31 13.41 23.67 30.53
N VAL G 32 13.57 22.45 30.01
CA VAL G 32 12.62 21.88 29.06
C VAL G 32 12.28 20.46 29.46
N ASN G 33 11.07 20.02 29.12
CA ASN G 33 10.61 18.67 29.44
C ASN G 33 10.86 17.72 28.27
N LEU G 34 11.44 16.56 28.56
CA LEU G 34 11.73 15.58 27.52
C LEU G 34 10.67 14.47 27.50
N LEU G 35 9.74 14.54 28.44
CA LEU G 35 8.75 13.48 28.65
C LEU G 35 7.34 13.89 28.26
N GLU G 36 6.80 13.27 27.20
CA GLU G 36 5.42 13.51 26.83
C GLU G 36 4.50 12.78 27.80
N ASP G 37 3.75 13.55 28.61
CA ASP G 37 2.86 12.94 29.60
C ASP G 37 1.39 13.29 29.41
N LYS G 38 1.03 13.81 28.25
CA LYS G 38 -0.37 14.09 27.96
C LYS G 38 -0.82 13.50 26.63
N HIS G 39 -2.07 13.04 26.58
CA HIS G 39 -2.68 12.57 25.34
C HIS G 39 -3.93 13.40 25.07
N ASN G 40 -4.55 13.19 23.92
CA ASN G 40 -5.70 14.00 23.54
C ASN G 40 -7.06 13.33 23.80
N GLY G 41 -7.04 12.22 24.52
CA GLY G 41 -8.27 11.54 24.89
C GLY G 41 -9.16 11.00 23.77
N LYS G 42 -8.62 10.92 22.56
CA LYS G 42 -9.40 10.44 21.42
C LYS G 42 -8.66 9.36 20.63
N LEU G 43 -9.41 8.51 19.94
CA LEU G 43 -8.84 7.60 18.95
C LEU G 43 -8.90 8.28 17.57
N CYS G 44 -7.73 8.52 17.00
CA CYS G 44 -7.62 9.33 15.78
C CYS G 44 -7.26 8.56 14.52
N LYS G 45 -7.34 9.24 13.38
CA LYS G 45 -6.84 8.72 12.13
C LYS G 45 -5.34 8.52 12.28
N LEU G 46 -4.82 7.52 11.58
CA LEU G 46 -3.41 7.20 11.63
C LEU G 46 -2.93 7.25 10.18
N ARG G 47 -1.95 8.09 9.90
CA ARG G 47 -1.50 8.31 8.52
C ARG G 47 -2.65 8.75 7.63
N GLY G 48 -3.56 9.55 8.21
CA GLY G 48 -4.65 10.13 7.45
C GLY G 48 -5.81 9.20 7.17
N VAL G 49 -5.76 7.99 7.72
CA VAL G 49 -6.84 7.02 7.52
C VAL G 49 -7.47 6.59 8.84
N ALA G 50 -8.79 6.74 8.94
CA ALA G 50 -9.51 6.41 10.16
C ALA G 50 -9.50 4.91 10.47
N PRO G 51 -9.56 4.57 11.76
CA PRO G 51 -9.71 3.17 12.17
C PRO G 51 -11.08 2.63 11.82
N LEU G 52 -11.19 1.31 11.75
CA LEU G 52 -12.46 0.65 11.62
C LEU G 52 -13.01 0.47 13.04
N HIS G 53 -14.12 1.11 13.33
CA HIS G 53 -14.75 0.96 14.64
C HIS G 53 -15.89 -0.04 14.58
N LEU G 54 -15.77 -1.12 15.36
CA LEU G 54 -16.74 -2.21 15.28
C LEU G 54 -17.93 -2.07 16.22
N GLY G 55 -18.03 -0.92 16.87
CA GLY G 55 -19.15 -0.66 17.78
C GLY G 55 -19.28 -1.71 18.84
N LYS G 56 -20.44 -2.37 18.88
CA LYS G 56 -20.73 -3.38 19.88
C LYS G 56 -20.32 -4.78 19.43
N CYS G 57 -19.74 -4.88 18.25
CA CYS G 57 -19.32 -6.16 17.72
C CYS G 57 -17.83 -6.36 17.83
N ASN G 58 -17.42 -7.63 17.93
CA ASN G 58 -16.00 -7.95 17.81
C ASN G 58 -15.70 -8.38 16.38
N ILE G 59 -14.44 -8.69 16.10
CA ILE G 59 -14.04 -8.95 14.73
C ILE G 59 -14.79 -10.17 14.16
N ALA G 60 -15.04 -11.17 15.00
CA ALA G 60 -15.78 -12.35 14.57
C ALA G 60 -17.18 -11.97 14.08
N GLY G 61 -17.92 -11.24 14.92
CA GLY G 61 -19.27 -10.83 14.59
C GLY G 61 -19.32 -10.02 13.30
N TRP G 62 -18.40 -9.07 13.17
CA TRP G 62 -18.35 -8.24 11.97
C TRP G 62 -18.06 -9.04 10.71
N ILE G 63 -17.01 -9.85 10.73
CA ILE G 63 -16.54 -10.51 9.52
C ILE G 63 -17.47 -11.64 9.07
N LEU G 64 -18.10 -12.32 10.02
CA LEU G 64 -19.09 -13.35 9.69
C LEU G 64 -20.43 -12.72 9.29
N GLY G 65 -20.69 -11.51 9.77
CA GLY G 65 -21.92 -10.81 9.42
C GLY G 65 -23.06 -11.12 10.36
N ASN G 66 -22.72 -11.33 11.63
CA ASN G 66 -23.71 -11.38 12.69
C ASN G 66 -24.72 -10.26 12.47
N PRO G 67 -26.02 -10.56 12.57
CA PRO G 67 -27.11 -9.61 12.26
C PRO G 67 -27.01 -8.25 12.98
N GLU G 68 -26.36 -8.20 14.13
CA GLU G 68 -26.30 -6.96 14.92
C GLU G 68 -25.09 -6.11 14.57
N CYS G 69 -24.37 -6.52 13.53
CA CYS G 69 -23.18 -5.82 13.11
C CYS G 69 -23.38 -5.18 11.74
N GLU G 70 -22.68 -4.10 11.47
CA GLU G 70 -22.79 -3.40 10.19
C GLU G 70 -21.99 -4.11 9.10
N SER G 71 -22.67 -4.57 8.05
CA SER G 71 -21.97 -5.21 6.93
C SER G 71 -22.00 -4.38 5.65
N LEU G 72 -22.96 -3.46 5.55
CA LEU G 72 -23.22 -2.78 4.29
C LEU G 72 -22.38 -1.54 4.05
N SER G 73 -22.02 -0.83 5.13
CA SER G 73 -21.38 0.48 4.98
C SER G 73 -19.94 0.55 5.50
N THR G 74 -19.33 -0.59 5.79
CA THR G 74 -17.95 -0.60 6.28
C THR G 74 -16.99 0.02 5.27
N ALA G 75 -16.08 0.84 5.76
CA ALA G 75 -15.15 1.57 4.89
C ALA G 75 -14.33 0.62 4.01
N SER G 76 -13.71 1.19 2.98
CA SER G 76 -12.94 0.42 2.01
C SER G 76 -11.48 0.36 2.38
N SER G 77 -11.13 1.01 3.50
CA SER G 77 -9.76 0.97 4.00
C SER G 77 -9.72 1.50 5.44
N TRP G 78 -8.71 1.05 6.19
CA TRP G 78 -8.55 1.50 7.56
C TRP G 78 -7.14 1.25 8.07
N SER G 79 -6.74 2.03 9.06
CA SER G 79 -5.39 2.03 9.58
C SER G 79 -5.26 1.12 10.80
N TYR G 80 -6.37 0.86 11.45
CA TYR G 80 -6.39 -0.03 12.61
C TYR G 80 -7.83 -0.29 12.98
N ILE G 81 -8.07 -1.27 13.85
CA ILE G 81 -9.43 -1.63 14.23
C ILE G 81 -9.66 -1.31 15.71
N VAL G 82 -10.88 -0.89 16.04
CA VAL G 82 -11.23 -0.61 17.43
C VAL G 82 -12.41 -1.45 17.86
N GLU G 83 -12.22 -2.18 18.95
CA GLU G 83 -13.30 -2.93 19.57
C GLU G 83 -13.62 -2.23 20.87
N THR G 84 -14.71 -2.63 21.50
CA THR G 84 -15.07 -2.08 22.79
C THR G 84 -14.89 -3.16 23.84
N PRO G 85 -14.46 -2.77 25.04
CA PRO G 85 -14.31 -3.72 26.15
C PRO G 85 -15.52 -4.64 26.27
N SER G 86 -16.71 -4.12 26.06
CA SER G 86 -17.92 -4.94 26.13
C SER G 86 -18.52 -5.23 24.75
N SER G 87 -17.66 -5.30 23.73
CA SER G 87 -18.07 -5.69 22.39
C SER G 87 -18.32 -7.20 22.37
N ASP G 88 -19.58 -7.60 22.52
CA ASP G 88 -19.90 -9.01 22.71
C ASP G 88 -20.51 -9.72 21.48
N ASN G 89 -21.11 -8.97 20.56
CA ASN G 89 -21.68 -9.59 19.37
C ASN G 89 -20.62 -10.16 18.42
N GLY G 90 -20.40 -11.48 18.53
CA GLY G 90 -19.45 -12.19 17.70
C GLY G 90 -20.04 -13.45 17.10
N THR G 91 -19.60 -14.61 17.58
CA THR G 91 -20.17 -15.88 17.10
C THR G 91 -21.40 -16.29 17.92
N CYS G 92 -22.58 -15.93 17.41
CA CYS G 92 -23.83 -16.20 18.11
C CYS G 92 -24.20 -17.68 18.14
N TYR G 93 -23.75 -18.46 17.16
CA TYR G 93 -23.83 -19.91 17.24
C TYR G 93 -22.50 -20.43 17.78
N PRO G 94 -22.52 -21.14 18.93
CA PRO G 94 -21.26 -21.46 19.58
C PRO G 94 -20.42 -22.42 18.73
N GLY G 95 -19.11 -22.25 18.84
CA GLY G 95 -18.16 -23.11 18.16
C GLY G 95 -16.81 -22.45 18.15
N ASP G 96 -15.83 -23.16 17.59
CA ASP G 96 -14.46 -22.67 17.54
C ASP G 96 -14.26 -21.84 16.26
N PHE G 97 -13.65 -20.68 16.42
CA PHE G 97 -13.21 -19.88 15.28
C PHE G 97 -11.72 -20.14 15.07
N ILE G 98 -11.39 -20.97 14.09
CA ILE G 98 -10.01 -21.42 13.89
C ILE G 98 -9.06 -20.31 13.42
N ASP G 99 -7.88 -20.25 14.04
CA ASP G 99 -6.87 -19.23 13.77
C ASP G 99 -7.45 -17.82 13.86
N TYR G 100 -8.26 -17.62 14.89
CA TYR G 100 -8.95 -16.36 15.12
C TYR G 100 -7.99 -15.17 15.27
N GLU G 101 -7.01 -15.32 16.16
CA GLU G 101 -6.06 -14.25 16.44
C GLU G 101 -5.27 -13.87 15.19
N GLU G 102 -4.94 -14.85 14.35
CA GLU G 102 -4.19 -14.59 13.12
C GLU G 102 -5.04 -13.77 12.15
N LEU G 103 -6.30 -14.14 12.02
CA LEU G 103 -7.23 -13.38 11.16
C LEU G 103 -7.35 -11.96 11.66
N ARG G 104 -7.56 -11.80 12.96
CA ARG G 104 -7.64 -10.47 13.55
C ARG G 104 -6.41 -9.66 13.15
N GLU G 105 -5.23 -10.22 13.39
CA GLU G 105 -3.97 -9.57 13.05
C GLU G 105 -3.88 -9.21 11.56
N GLN G 106 -4.32 -10.13 10.71
CA GLN G 106 -4.19 -9.93 9.27
C GLN G 106 -5.20 -8.92 8.69
N LEU G 107 -6.29 -8.68 9.40
CA LEU G 107 -7.27 -7.68 8.99
C LEU G 107 -7.02 -6.32 9.62
N SER G 108 -6.02 -6.23 10.51
CA SER G 108 -5.86 -5.04 11.33
C SER G 108 -5.67 -3.77 10.52
N SER G 109 -5.04 -3.89 9.35
CA SER G 109 -4.85 -2.73 8.48
C SER G 109 -4.96 -3.10 7.03
N VAL G 110 -5.81 -2.38 6.31
CA VAL G 110 -6.18 -2.74 4.95
C VAL G 110 -6.30 -1.50 4.08
N SER G 111 -5.72 -1.56 2.89
CA SER G 111 -5.69 -0.40 1.99
C SER G 111 -6.84 -0.47 1.00
N SER G 112 -7.45 -1.63 0.91
CA SER G 112 -8.57 -1.85 0.03
C SER G 112 -9.35 -3.02 0.58
N PHE G 113 -10.68 -2.94 0.51
CA PHE G 113 -11.56 -3.92 1.13
C PHE G 113 -12.93 -3.82 0.48
N GLU G 114 -13.35 -4.89 -0.19
CA GLU G 114 -14.61 -4.91 -0.90
C GLU G 114 -15.39 -6.18 -0.59
N ARG G 115 -16.56 -6.02 0.00
CA ARG G 115 -17.48 -7.13 0.23
C ARG G 115 -18.24 -7.45 -1.07
N PHE G 116 -18.25 -8.71 -1.48
CA PHE G 116 -19.01 -9.11 -2.67
C PHE G 116 -19.62 -10.50 -2.50
N GLU G 117 -20.66 -10.80 -3.27
CA GLU G 117 -21.35 -12.07 -3.14
C GLU G 117 -20.61 -13.15 -3.93
N ILE G 118 -19.85 -13.97 -3.21
CA ILE G 118 -18.98 -14.94 -3.86
C ILE G 118 -19.80 -16.06 -4.47
N PHE G 119 -20.82 -16.49 -3.75
CA PHE G 119 -21.77 -17.48 -4.22
C PHE G 119 -23.16 -16.89 -4.08
N PRO G 120 -23.59 -16.11 -5.09
CA PRO G 120 -24.89 -15.40 -5.01
C PRO G 120 -26.01 -16.35 -4.60
N LYS G 121 -26.79 -15.95 -3.60
CA LYS G 121 -27.81 -16.83 -3.01
C LYS G 121 -28.88 -17.34 -3.98
N THR G 122 -29.29 -16.50 -4.92
CA THR G 122 -30.42 -16.81 -5.80
C THR G 122 -30.09 -17.82 -6.91
N SER G 123 -28.82 -17.94 -7.28
CA SER G 123 -28.46 -18.81 -8.41
C SER G 123 -27.47 -19.92 -8.06
N SER G 124 -26.92 -19.89 -6.85
CA SER G 124 -25.81 -20.78 -6.52
C SER G 124 -26.22 -22.17 -6.06
N TRP G 125 -27.35 -22.26 -5.37
CA TRP G 125 -27.73 -23.52 -4.74
C TRP G 125 -29.13 -24.01 -5.14
N PRO G 126 -29.31 -24.35 -6.42
CA PRO G 126 -30.62 -24.78 -6.94
C PRO G 126 -31.16 -26.07 -6.31
N ASN G 127 -30.27 -26.93 -5.82
CA ASN G 127 -30.71 -28.23 -5.31
C ASN G 127 -30.70 -28.32 -3.80
N HIS G 128 -30.38 -27.21 -3.14
CA HIS G 128 -30.44 -27.17 -1.68
C HIS G 128 -31.26 -25.98 -1.21
N ASP G 129 -31.60 -25.99 0.07
CA ASP G 129 -32.44 -24.94 0.65
C ASP G 129 -31.60 -23.88 1.33
N SER G 130 -31.67 -22.66 0.82
CA SER G 130 -30.86 -21.55 1.35
C SER G 130 -31.69 -20.52 2.12
N ASN G 131 -32.78 -20.97 2.75
CA ASN G 131 -33.66 -20.08 3.50
C ASN G 131 -33.93 -20.56 4.92
N LYS G 132 -34.01 -21.87 5.09
CA LYS G 132 -34.39 -22.44 6.39
C LYS G 132 -33.23 -22.49 7.36
N GLY G 133 -32.03 -22.16 6.87
CA GLY G 133 -30.84 -22.21 7.70
C GLY G 133 -30.78 -21.05 8.66
N VAL G 134 -31.68 -21.04 9.65
CA VAL G 134 -31.66 -19.99 10.66
C VAL G 134 -31.77 -20.59 12.06
N THR G 135 -31.64 -19.74 13.08
CA THR G 135 -31.52 -20.25 14.43
C THR G 135 -31.87 -19.21 15.47
N ALA G 136 -32.33 -19.68 16.61
CA ALA G 136 -32.66 -18.80 17.73
C ALA G 136 -31.38 -18.35 18.43
N ALA G 137 -30.25 -18.93 18.05
CA ALA G 137 -28.98 -18.48 18.59
C ALA G 137 -28.63 -17.14 17.96
N CYS G 138 -29.07 -16.93 16.73
CA CYS G 138 -28.78 -15.69 16.01
C CYS G 138 -30.05 -14.92 15.64
N PRO G 139 -30.75 -14.38 16.65
CA PRO G 139 -32.02 -13.69 16.46
C PRO G 139 -31.81 -12.31 15.85
N HIS G 140 -32.72 -11.90 14.99
CA HIS G 140 -32.61 -10.59 14.36
C HIS G 140 -33.85 -9.75 14.67
N ALA G 141 -34.44 -9.15 13.65
CA ALA G 141 -35.63 -8.33 13.85
C ALA G 141 -36.81 -9.20 14.30
N GLY G 142 -36.73 -9.71 15.53
CA GLY G 142 -37.81 -10.51 16.09
C GLY G 142 -37.98 -11.91 15.51
N ALA G 143 -37.01 -12.38 14.73
CA ALA G 143 -37.12 -13.69 14.12
C ALA G 143 -35.79 -14.46 14.16
N LYS G 144 -35.86 -15.79 14.08
CA LYS G 144 -34.65 -16.58 13.96
C LYS G 144 -33.93 -16.13 12.70
N SER G 145 -32.63 -15.88 12.83
CA SER G 145 -31.83 -15.43 11.69
C SER G 145 -30.48 -16.15 11.63
N PHE G 146 -29.53 -15.56 10.93
CA PHE G 146 -28.22 -16.16 10.76
C PHE G 146 -27.24 -15.12 10.22
N TYR G 147 -25.96 -15.48 10.21
CA TYR G 147 -24.93 -14.60 9.68
C TYR G 147 -25.30 -14.13 8.28
N LYS G 148 -25.00 -12.87 7.97
CA LYS G 148 -25.31 -12.32 6.67
C LYS G 148 -24.31 -12.77 5.60
N ASN G 149 -23.10 -13.13 6.03
CA ASN G 149 -22.04 -13.43 5.06
C ASN G 149 -21.92 -14.92 4.74
N LEU G 150 -22.73 -15.73 5.40
CA LEU G 150 -22.76 -17.17 5.17
C LEU G 150 -24.19 -17.63 4.84
N ILE G 151 -24.33 -18.86 4.33
CA ILE G 151 -25.63 -19.49 4.18
C ILE G 151 -25.60 -20.89 4.74
N TRP G 152 -26.48 -21.18 5.68
CA TRP G 152 -26.57 -22.50 6.24
C TRP G 152 -27.49 -23.36 5.37
N LEU G 153 -26.93 -24.02 4.35
CA LEU G 153 -27.73 -24.87 3.47
C LEU G 153 -28.27 -26.06 4.22
N VAL G 154 -29.56 -26.32 4.06
CA VAL G 154 -30.15 -27.52 4.61
C VAL G 154 -30.81 -28.28 3.47
N LYS G 155 -31.38 -29.44 3.79
CA LYS G 155 -31.93 -30.29 2.74
C LYS G 155 -33.13 -29.62 2.07
N LYS G 156 -33.24 -29.80 0.75
CA LYS G 156 -34.39 -29.30 0.02
C LYS G 156 -35.39 -30.44 -0.07
N GLY G 157 -36.59 -30.21 0.43
CA GLY G 157 -37.57 -31.28 0.52
C GLY G 157 -37.06 -32.32 1.48
N ASN G 158 -36.89 -33.56 1.02
CA ASN G 158 -36.44 -34.61 1.91
C ASN G 158 -34.95 -34.91 1.80
N SER G 159 -34.28 -34.29 0.84
CA SER G 159 -32.97 -34.77 0.41
C SER G 159 -31.86 -33.73 0.24
N TYR G 160 -30.64 -34.16 0.51
CA TYR G 160 -29.45 -33.31 0.38
C TYR G 160 -28.46 -33.99 -0.55
N PRO G 161 -28.51 -33.63 -1.86
CA PRO G 161 -27.64 -34.22 -2.88
C PRO G 161 -26.20 -33.75 -2.70
N LYS G 162 -25.25 -34.44 -3.34
CA LYS G 162 -23.86 -34.04 -3.24
C LYS G 162 -23.67 -32.62 -3.77
N LEU G 163 -23.03 -31.79 -2.96
CA LEU G 163 -22.79 -30.40 -3.30
C LEU G 163 -21.35 -30.21 -3.76
N SER G 164 -21.15 -29.47 -4.85
CA SER G 164 -19.81 -29.24 -5.37
C SER G 164 -19.75 -27.93 -6.14
N LYS G 165 -19.02 -26.95 -5.60
CA LYS G 165 -18.99 -25.63 -6.21
C LYS G 165 -17.65 -24.95 -5.95
N SER G 166 -17.17 -24.20 -6.93
CA SER G 166 -15.87 -23.54 -6.85
C SER G 166 -15.96 -22.07 -7.19
N TYR G 167 -15.00 -21.29 -6.69
CA TYR G 167 -14.86 -19.89 -7.03
C TYR G 167 -13.44 -19.57 -7.51
N ILE G 168 -13.33 -18.93 -8.67
CA ILE G 168 -12.04 -18.49 -9.17
C ILE G 168 -11.83 -17.01 -8.87
N ASN G 169 -10.81 -16.72 -8.07
CA ASN G 169 -10.53 -15.33 -7.68
C ASN G 169 -10.00 -14.52 -8.84
N ASP G 170 -10.87 -13.73 -9.47
CA ASP G 170 -10.45 -12.84 -10.55
C ASP G 170 -10.49 -11.36 -10.12
N LYS G 171 -10.41 -11.15 -8.82
CA LYS G 171 -10.51 -9.80 -8.26
C LYS G 171 -9.20 -9.02 -8.35
N GLY G 172 -8.11 -9.72 -8.64
CA GLY G 172 -6.83 -9.05 -8.84
C GLY G 172 -6.16 -8.77 -7.53
N LYS G 173 -6.78 -9.21 -6.44
CA LYS G 173 -6.17 -9.17 -5.13
C LYS G 173 -6.66 -10.34 -4.30
N GLU G 174 -6.08 -10.47 -3.11
CA GLU G 174 -6.43 -11.53 -2.19
C GLU G 174 -7.91 -11.50 -1.85
N VAL G 175 -8.54 -12.67 -1.84
CA VAL G 175 -9.93 -12.76 -1.43
C VAL G 175 -10.10 -13.62 -0.17
N LEU G 176 -10.60 -13.00 0.89
CA LEU G 176 -10.87 -13.69 2.14
C LEU G 176 -12.18 -14.46 2.07
N VAL G 177 -12.10 -15.77 2.28
CA VAL G 177 -13.31 -16.61 2.23
C VAL G 177 -13.52 -17.28 3.58
N LEU G 178 -14.73 -17.17 4.11
CA LEU G 178 -15.08 -17.82 5.37
C LEU G 178 -16.21 -18.82 5.15
N TRP G 179 -16.16 -19.92 5.89
CA TRP G 179 -17.24 -20.91 5.89
C TRP G 179 -17.33 -21.49 7.28
N GLY G 180 -18.37 -22.29 7.53
CA GLY G 180 -18.54 -22.94 8.80
C GLY G 180 -18.83 -24.42 8.60
N ILE G 181 -18.59 -25.22 9.64
CA ILE G 181 -18.91 -26.64 9.61
C ILE G 181 -19.80 -26.95 10.80
N HIS G 182 -20.99 -27.48 10.55
CA HIS G 182 -21.96 -27.66 11.63
C HIS G 182 -21.94 -29.07 12.21
N HIS G 183 -21.98 -29.15 13.53
CA HIS G 183 -21.95 -30.42 14.24
C HIS G 183 -23.19 -30.59 15.11
N PRO G 184 -24.25 -31.21 14.56
CA PRO G 184 -25.49 -31.40 15.30
C PRO G 184 -25.27 -32.04 16.67
N SER G 185 -26.20 -31.80 17.58
CA SER G 185 -26.13 -32.42 18.90
C SER G 185 -26.54 -33.90 18.84
N THR G 186 -27.42 -34.25 17.91
CA THR G 186 -27.93 -35.63 17.82
C THR G 186 -28.03 -36.12 16.39
N SER G 187 -28.28 -37.41 16.23
CA SER G 187 -28.46 -38.01 14.91
C SER G 187 -29.77 -37.54 14.27
N ALA G 188 -30.78 -37.34 15.11
CA ALA G 188 -32.08 -36.87 14.68
C ALA G 188 -31.98 -35.51 14.02
N ASP G 189 -31.22 -34.62 14.62
CA ASP G 189 -30.99 -33.29 14.05
C ASP G 189 -30.18 -33.39 12.77
N GLN G 190 -29.20 -34.28 12.75
CA GLN G 190 -28.42 -34.54 11.54
C GLN G 190 -29.34 -34.89 10.39
N GLN G 191 -30.25 -35.84 10.61
CA GLN G 191 -31.17 -36.26 9.56
C GLN G 191 -32.21 -35.18 9.25
N SER G 192 -32.70 -34.51 10.29
CA SER G 192 -33.66 -33.44 10.08
C SER G 192 -33.10 -32.35 9.17
N LEU G 193 -31.83 -32.00 9.34
CA LEU G 193 -31.23 -30.92 8.58
C LEU G 193 -30.68 -31.34 7.22
N TYR G 194 -30.04 -32.51 7.19
CA TYR G 194 -29.22 -32.89 6.04
C TYR G 194 -29.62 -34.22 5.40
N GLN G 195 -30.52 -34.95 6.06
CA GLN G 195 -30.97 -36.25 5.57
C GLN G 195 -29.92 -37.33 5.80
N ASN G 196 -28.74 -37.11 5.23
CA ASN G 196 -27.64 -38.08 5.30
C ASN G 196 -27.08 -38.20 6.72
N ALA G 197 -26.72 -39.40 7.12
CA ALA G 197 -26.24 -39.63 8.49
C ALA G 197 -24.71 -39.67 8.60
N ASP G 198 -24.05 -40.08 7.52
CA ASP G 198 -22.59 -40.12 7.49
C ASP G 198 -22.03 -39.24 6.37
N THR G 199 -21.84 -37.96 6.68
CA THR G 199 -21.48 -36.99 5.66
C THR G 199 -20.03 -36.53 5.80
N TYR G 200 -19.62 -35.68 4.88
CA TYR G 200 -18.30 -35.08 4.93
C TYR G 200 -18.34 -33.73 4.21
N VAL G 201 -17.35 -32.91 4.51
CA VAL G 201 -17.16 -31.66 3.80
C VAL G 201 -15.71 -31.59 3.35
N PHE G 202 -15.47 -31.05 2.17
CA PHE G 202 -14.11 -30.90 1.69
C PHE G 202 -13.93 -29.49 1.18
N VAL G 203 -12.83 -28.86 1.59
CA VAL G 203 -12.49 -27.54 1.10
C VAL G 203 -11.03 -27.53 0.70
N CYS G 204 -10.73 -27.11 -0.52
CA CYS G 204 -9.34 -27.03 -0.96
C CYS G 204 -9.09 -25.93 -1.98
N SER G 205 -7.99 -25.21 -1.80
CA SER G 205 -7.47 -24.30 -2.82
C SER G 205 -6.18 -24.89 -3.35
N SER G 206 -5.32 -24.03 -3.89
CA SER G 206 -4.00 -24.44 -4.34
C SER G 206 -3.02 -24.58 -3.18
N ARG G 207 -3.37 -24.03 -2.02
CA ARG G 207 -2.47 -24.16 -0.88
C ARG G 207 -3.21 -24.64 0.37
N TYR G 208 -4.54 -24.57 0.31
CA TYR G 208 -5.37 -25.02 1.42
C TYR G 208 -6.05 -26.33 1.05
N SER G 209 -6.18 -27.22 2.03
CA SER G 209 -6.94 -28.44 1.85
C SER G 209 -7.25 -29.04 3.22
N LYS G 210 -8.51 -29.41 3.42
CA LYS G 210 -8.93 -30.07 4.65
C LYS G 210 -10.25 -30.80 4.43
N LYS G 211 -10.34 -31.99 5.02
CA LYS G 211 -11.60 -32.71 5.04
C LYS G 211 -12.19 -32.59 6.44
N PHE G 212 -13.50 -32.35 6.50
CA PHE G 212 -14.19 -32.23 7.78
C PHE G 212 -15.20 -33.37 7.93
N LYS G 213 -15.32 -33.88 9.15
CA LYS G 213 -16.26 -34.95 9.44
C LYS G 213 -17.07 -34.56 10.67
N PRO G 214 -18.38 -34.32 10.50
CA PRO G 214 -19.22 -33.86 11.60
C PRO G 214 -19.06 -34.73 12.83
N GLU G 215 -19.01 -34.09 13.99
CA GLU G 215 -18.78 -34.77 15.25
C GLU G 215 -19.99 -34.56 16.15
N ILE G 216 -20.93 -35.50 16.08
CA ILE G 216 -22.22 -35.37 16.72
C ILE G 216 -22.21 -35.73 18.19
N ALA G 217 -22.57 -34.77 19.03
CA ALA G 217 -22.67 -35.02 20.46
C ALA G 217 -23.42 -33.90 21.14
N ILE G 218 -23.94 -34.20 22.32
CA ILE G 218 -24.59 -33.19 23.13
C ILE G 218 -23.55 -32.54 24.05
N CYS G 219 -23.19 -31.30 23.73
CA CYS G 219 -22.27 -30.54 24.56
C CYS G 219 -23.06 -29.52 25.38
N PRO G 220 -22.46 -28.99 26.46
CA PRO G 220 -23.16 -28.00 27.29
C PRO G 220 -23.77 -26.89 26.46
N LYS G 221 -24.98 -26.50 26.84
CA LYS G 221 -25.76 -25.56 26.04
C LYS G 221 -25.18 -24.15 26.07
N VAL G 222 -25.11 -23.53 24.90
CA VAL G 222 -24.60 -22.17 24.77
C VAL G 222 -25.51 -21.42 23.82
N ARG G 223 -26.04 -20.29 24.26
CA ARG G 223 -27.05 -19.57 23.50
C ARG G 223 -28.07 -20.57 22.99
N ASP G 224 -28.38 -21.52 23.86
CA ASP G 224 -29.50 -22.45 23.66
C ASP G 224 -29.17 -23.57 22.68
N GLN G 225 -27.88 -23.73 22.36
CA GLN G 225 -27.49 -24.73 21.38
C GLN G 225 -26.57 -25.77 21.98
N GLU G 226 -26.92 -27.05 21.82
CA GLU G 226 -26.09 -28.13 22.32
C GLU G 226 -25.15 -28.61 21.22
N GLY G 227 -25.47 -28.25 19.98
CA GLY G 227 -24.58 -28.53 18.87
C GLY G 227 -23.52 -27.45 18.77
N ARG G 228 -22.66 -27.57 17.78
CA ARG G 228 -21.60 -26.58 17.59
C ARG G 228 -21.46 -26.22 16.13
N MET G 229 -20.77 -25.11 15.88
CA MET G 229 -20.45 -24.69 14.53
C MET G 229 -19.05 -24.09 14.55
N ASN G 230 -18.12 -24.74 13.86
CA ASN G 230 -16.75 -24.26 13.78
C ASN G 230 -16.56 -23.39 12.55
N TYR G 231 -15.79 -22.32 12.72
CA TYR G 231 -15.60 -21.34 11.66
C TYR G 231 -14.17 -21.39 11.13
N TYR G 232 -14.04 -21.35 9.82
CA TYR G 232 -12.76 -21.49 9.16
C TYR G 232 -12.63 -20.41 8.11
N TRP G 233 -11.42 -20.11 7.69
CA TRP G 233 -11.18 -19.08 6.72
C TRP G 233 -9.90 -19.38 5.97
N THR G 234 -9.75 -18.76 4.81
CA THR G 234 -8.48 -18.82 4.12
C THR G 234 -8.40 -17.66 3.16
N LEU G 235 -7.18 -17.26 2.81
CA LEU G 235 -6.99 -16.18 1.85
C LEU G 235 -6.65 -16.77 0.48
N VAL G 236 -7.60 -16.67 -0.45
CA VAL G 236 -7.39 -17.18 -1.81
C VAL G 236 -6.59 -16.15 -2.61
N GLU G 237 -5.46 -16.57 -3.15
CA GLU G 237 -4.60 -15.67 -3.91
C GLU G 237 -5.17 -15.38 -5.29
N PRO G 238 -4.83 -14.21 -5.86
CA PRO G 238 -5.28 -13.87 -7.21
C PRO G 238 -4.98 -15.00 -8.18
N GLY G 239 -5.98 -15.39 -8.96
CA GLY G 239 -5.80 -16.43 -9.97
C GLY G 239 -6.12 -17.81 -9.45
N ASP G 240 -6.19 -17.96 -8.13
CA ASP G 240 -6.40 -19.27 -7.54
C ASP G 240 -7.89 -19.61 -7.45
N LYS G 241 -8.18 -20.90 -7.29
CA LYS G 241 -9.55 -21.35 -7.18
C LYS G 241 -9.76 -22.00 -5.82
N ILE G 242 -10.94 -21.79 -5.23
CA ILE G 242 -11.29 -22.51 -4.02
C ILE G 242 -12.51 -23.40 -4.27
N THR G 243 -12.43 -24.64 -3.78
CA THR G 243 -13.47 -25.63 -4.06
C THR G 243 -14.13 -26.13 -2.80
N PHE G 244 -15.46 -26.19 -2.84
CA PHE G 244 -16.26 -26.70 -1.73
C PHE G 244 -17.01 -27.94 -2.18
N GLU G 245 -16.92 -28.99 -1.39
CA GLU G 245 -17.64 -30.22 -1.71
C GLU G 245 -18.26 -30.75 -0.42
N ALA G 246 -19.52 -31.19 -0.49
CA ALA G 246 -20.23 -31.58 0.73
C ALA G 246 -21.42 -32.50 0.51
N THR G 247 -21.67 -33.36 1.49
CA THR G 247 -22.88 -34.18 1.54
C THR G 247 -23.71 -33.81 2.78
N GLY G 248 -23.32 -32.73 3.44
CA GLY G 248 -24.06 -32.21 4.58
C GLY G 248 -23.17 -31.34 5.47
N ASN G 249 -23.80 -30.63 6.41
CA ASN G 249 -23.07 -29.91 7.47
C ASN G 249 -22.17 -28.76 7.04
N LEU G 250 -22.29 -28.29 5.80
CA LEU G 250 -21.49 -27.16 5.35
C LEU G 250 -22.26 -25.83 5.42
N VAL G 251 -21.72 -24.89 6.20
CA VAL G 251 -22.21 -23.53 6.17
C VAL G 251 -21.40 -22.78 5.10
N VAL G 252 -22.08 -22.48 4.01
CA VAL G 252 -21.44 -22.06 2.78
C VAL G 252 -21.08 -20.58 2.79
N PRO G 253 -19.98 -20.22 2.10
CA PRO G 253 -19.71 -18.79 1.92
C PRO G 253 -20.84 -18.13 1.13
N ARG G 254 -21.22 -16.91 1.49
CA ARG G 254 -22.13 -16.13 0.66
C ARG G 254 -21.42 -14.88 0.19
N TYR G 255 -20.89 -14.13 1.14
CA TYR G 255 -20.12 -12.94 0.84
C TYR G 255 -18.67 -13.18 1.22
N ALA G 256 -17.75 -12.70 0.37
CA ALA G 256 -16.33 -12.75 0.69
C ALA G 256 -15.77 -11.35 0.53
N PHE G 257 -14.51 -11.16 0.90
CA PHE G 257 -13.95 -9.82 0.91
C PHE G 257 -12.67 -9.74 0.09
N ALA G 258 -12.72 -8.98 -0.99
CA ALA G 258 -11.50 -8.70 -1.76
C ALA G 258 -10.73 -7.63 -1.01
N MET G 259 -9.43 -7.80 -0.86
CA MET G 259 -8.65 -6.87 -0.05
C MET G 259 -7.16 -6.83 -0.39
N GLU G 260 -6.51 -5.77 0.08
CA GLU G 260 -5.07 -5.65 0.05
C GLU G 260 -4.62 -5.25 1.45
N ARG G 261 -3.82 -6.10 2.07
CA ARG G 261 -3.45 -5.89 3.46
C ARG G 261 -2.27 -4.93 3.56
N ASN G 262 -2.32 -4.02 4.54
CA ASN G 262 -1.18 -3.20 4.91
C ASN G 262 -0.35 -3.95 5.93
N ALA G 263 0.96 -3.98 5.73
CA ALA G 263 1.84 -4.61 6.70
C ALA G 263 1.67 -3.97 8.07
N GLY G 264 1.23 -4.76 9.04
CA GLY G 264 1.24 -4.34 10.43
C GLY G 264 -0.05 -3.74 10.98
N SER G 265 0.13 -2.79 11.89
CA SER G 265 -0.97 -2.23 12.67
C SER G 265 -1.55 -3.24 13.64
N GLY G 266 -2.63 -2.88 14.31
CA GLY G 266 -3.17 -3.75 15.33
C GLY G 266 -4.58 -3.41 15.74
N ILE G 267 -4.99 -3.98 16.86
CA ILE G 267 -6.35 -3.86 17.34
C ILE G 267 -6.36 -3.19 18.70
N ILE G 268 -7.07 -2.07 18.79
CA ILE G 268 -7.22 -1.36 20.05
C ILE G 268 -8.57 -1.67 20.65
N ILE G 269 -8.56 -2.09 21.92
CA ILE G 269 -9.77 -2.45 22.63
C ILE G 269 -10.05 -1.42 23.71
N SER G 270 -10.89 -0.45 23.39
CA SER G 270 -11.10 0.68 24.28
C SER G 270 -12.43 1.40 24.06
N ASP G 271 -12.85 2.13 25.09
CA ASP G 271 -14.08 2.92 25.04
C ASP G 271 -13.82 4.34 24.56
N THR G 272 -12.55 4.75 24.54
CA THR G 272 -12.20 6.08 24.07
C THR G 272 -12.87 6.31 22.72
N PRO G 273 -13.60 7.43 22.59
CA PRO G 273 -14.33 7.73 21.36
C PRO G 273 -13.42 8.02 20.18
N VAL G 274 -13.89 7.66 18.99
CA VAL G 274 -13.19 7.97 17.74
C VAL G 274 -13.54 9.39 17.33
N HIS G 275 -12.55 10.14 16.85
CA HIS G 275 -12.78 11.51 16.41
C HIS G 275 -12.09 11.77 15.09
N ASP G 276 -12.40 12.91 14.47
CA ASP G 276 -11.81 13.29 13.21
C ASP G 276 -10.54 14.11 13.43
N CYS G 277 -9.48 13.43 13.86
CA CYS G 277 -8.20 14.06 14.11
C CYS G 277 -7.11 13.18 13.51
N ASN G 278 -5.95 13.75 13.24
CA ASN G 278 -4.84 12.99 12.68
C ASN G 278 -3.67 12.90 13.65
N THR G 279 -3.14 11.70 13.82
CA THR G 279 -2.01 11.50 14.71
C THR G 279 -0.98 10.60 14.07
N THR G 280 0.20 10.55 14.66
CA THR G 280 1.25 9.67 14.18
C THR G 280 1.48 8.56 15.21
N CYS G 281 0.94 8.76 16.41
CA CYS G 281 1.06 7.77 17.47
C CYS G 281 -0.24 7.66 18.23
N GLN G 282 -0.83 6.47 18.21
CA GLN G 282 -2.12 6.24 18.86
C GLN G 282 -1.99 5.32 20.05
N THR G 283 -2.63 5.71 21.15
CA THR G 283 -2.65 4.97 22.38
C THR G 283 -4.09 4.55 22.61
N PRO G 284 -4.32 3.46 23.36
CA PRO G 284 -5.70 3.04 23.65
C PRO G 284 -6.49 4.09 24.45
N LYS G 285 -5.80 4.94 25.19
CA LYS G 285 -6.52 5.95 25.98
C LYS G 285 -6.47 7.34 25.34
N GLY G 286 -5.83 7.45 24.18
CA GLY G 286 -5.76 8.70 23.44
C GLY G 286 -4.51 8.84 22.59
N ALA G 287 -4.54 9.73 21.60
CA ALA G 287 -3.38 9.98 20.75
C ALA G 287 -2.37 10.91 21.41
N ILE G 288 -1.14 10.89 20.90
CA ILE G 288 -0.09 11.77 21.39
C ILE G 288 0.70 12.36 20.24
N ASN G 289 1.34 13.49 20.48
CA ASN G 289 2.27 14.06 19.52
C ASN G 289 3.64 13.43 19.75
N THR G 290 4.40 13.27 18.67
CA THR G 290 5.65 12.51 18.73
C THR G 290 6.86 13.42 18.68
N SER G 291 6.70 14.66 19.13
CA SER G 291 7.80 15.60 19.15
C SER G 291 8.91 15.12 20.09
N LEU G 292 8.53 14.75 21.31
CA LEU G 292 9.48 14.33 22.31
C LEU G 292 9.85 12.85 22.16
N PRO G 293 11.03 12.48 22.66
CA PRO G 293 11.57 11.12 22.52
C PRO G 293 10.95 10.11 23.49
N PHE G 294 10.35 10.57 24.59
CA PHE G 294 9.84 9.64 25.60
C PHE G 294 8.42 9.95 26.01
N GLN G 295 7.67 8.90 26.37
CA GLN G 295 6.30 9.06 26.81
C GLN G 295 5.99 8.09 27.93
N ASN G 296 5.09 8.50 28.82
CA ASN G 296 4.72 7.66 29.96
C ASN G 296 3.22 7.38 29.97
N ILE G 297 2.58 7.59 28.83
CA ILE G 297 1.13 7.41 28.67
C ILE G 297 0.67 5.96 28.67
N HIS G 298 1.28 5.13 27.83
CA HIS G 298 0.84 3.74 27.66
C HIS G 298 1.89 2.99 26.83
N PRO G 299 2.20 1.75 27.21
CA PRO G 299 3.22 0.99 26.47
C PRO G 299 2.71 0.35 25.17
N ILE G 300 1.40 0.12 25.07
CA ILE G 300 0.84 -0.52 23.87
C ILE G 300 0.40 0.51 22.84
N THR G 301 1.35 0.99 22.04
CA THR G 301 1.05 2.05 21.07
C THR G 301 1.07 1.56 19.64
N ILE G 302 0.42 2.31 18.76
CA ILE G 302 0.51 2.06 17.32
C ILE G 302 0.98 3.29 16.55
N GLY G 303 1.99 3.09 15.71
CA GLY G 303 2.52 4.16 14.88
C GLY G 303 3.98 4.45 15.15
N LYS G 304 4.41 5.67 14.82
CA LYS G 304 5.76 6.13 15.11
C LYS G 304 5.73 6.91 16.41
N CYS G 305 6.08 6.25 17.51
CA CYS G 305 5.83 6.80 18.83
C CYS G 305 7.10 7.01 19.64
N PRO G 306 7.07 7.99 20.55
CA PRO G 306 8.16 8.13 21.52
C PRO G 306 8.29 6.83 22.28
N LYS G 307 9.42 6.59 22.91
CA LYS G 307 9.60 5.34 23.63
C LYS G 307 8.94 5.41 24.99
N TYR G 308 8.25 4.34 25.35
CA TYR G 308 7.58 4.25 26.63
C TYR G 308 8.57 4.11 27.79
N VAL G 309 8.42 4.95 28.81
CA VAL G 309 9.24 4.85 30.00
C VAL G 309 8.35 4.91 31.24
N LYS G 310 8.84 4.43 32.37
CA LYS G 310 8.08 4.52 33.61
C LYS G 310 8.36 5.82 34.38
N SER G 311 9.16 6.69 33.77
CA SER G 311 9.49 7.99 34.37
C SER G 311 8.27 8.89 34.57
N THR G 312 8.28 9.65 35.66
CA THR G 312 7.25 10.67 35.90
C THR G 312 7.75 12.03 35.45
N LYS G 313 9.06 12.21 35.40
CA LYS G 313 9.63 13.49 34.97
C LYS G 313 11.03 13.36 34.37
N LEU G 314 11.17 13.87 33.16
CA LEU G 314 12.47 13.95 32.54
C LEU G 314 12.73 15.40 32.16
N ARG G 315 12.99 16.21 33.18
CA ARG G 315 13.21 17.63 32.97
C ARG G 315 14.68 17.93 32.70
N LEU G 316 14.95 18.49 31.52
CA LEU G 316 16.31 18.78 31.11
C LEU G 316 16.62 20.25 31.42
N ALA G 317 17.74 20.50 32.08
CA ALA G 317 18.14 21.86 32.36
C ALA G 317 18.61 22.53 31.08
N THR G 318 18.26 23.80 30.92
CA THR G 318 18.81 24.60 29.83
C THR G 318 19.51 25.83 30.41
N GLY G 319 18.85 26.48 31.36
CA GLY G 319 19.46 27.60 32.06
C GLY G 319 20.44 27.14 33.11
N LEU G 320 20.83 28.06 34.00
CA LEU G 320 21.80 27.74 35.04
C LEU G 320 21.10 27.73 36.40
N ARG G 321 21.84 27.34 37.44
CA ARG G 321 21.23 27.26 38.77
C ARG G 321 20.67 28.62 39.11
N ASN G 322 19.47 28.65 39.65
CA ASN G 322 18.82 29.90 40.00
C ASN G 322 19.05 30.26 41.47
N ILE G 323 19.75 31.37 41.69
CA ILE G 323 20.04 31.85 43.03
C ILE G 323 19.81 33.35 43.12
N PRO G 324 18.57 33.76 43.38
CA PRO G 324 18.24 35.18 43.46
C PRO G 324 18.51 35.75 44.86
N SER G 325 18.42 34.89 45.87
CA SER G 325 18.52 35.30 47.27
C SER G 325 17.25 35.98 47.77
N GLY H 1 30.27 24.00 42.35
CA GLY H 1 30.32 23.68 40.93
C GLY H 1 31.71 23.28 40.49
N LEU H 2 31.79 22.61 39.35
CA LEU H 2 33.08 22.10 38.87
C LEU H 2 34.12 23.21 38.69
N PHE H 3 33.70 24.37 38.21
CA PHE H 3 34.63 25.44 37.90
C PHE H 3 34.70 26.55 38.95
N GLY H 4 33.96 26.36 40.05
CA GLY H 4 34.13 27.20 41.22
C GLY H 4 33.53 28.60 41.18
N ALA H 5 32.88 28.97 40.08
CA ALA H 5 32.35 30.33 39.94
C ALA H 5 30.90 30.46 40.41
N ILE H 6 29.97 29.83 39.68
CA ILE H 6 28.56 29.85 40.06
C ILE H 6 28.34 29.16 41.41
N ALA H 7 27.57 29.81 42.28
CA ALA H 7 27.40 29.35 43.66
C ALA H 7 28.74 29.07 44.32
N GLY H 8 29.80 29.72 43.84
CA GLY H 8 31.14 29.56 44.37
C GLY H 8 31.72 30.90 44.78
N PHE H 9 32.79 31.35 44.11
CA PHE H 9 33.32 32.68 44.45
C PHE H 9 32.40 33.81 44.00
N ILE H 10 31.53 33.55 43.04
CA ILE H 10 30.43 34.46 42.75
C ILE H 10 29.15 33.85 43.34
N GLU H 11 28.80 34.28 44.55
CA GLU H 11 27.85 33.57 45.41
C GLU H 11 26.39 33.54 44.95
N GLY H 12 25.96 34.55 44.19
CA GLY H 12 24.57 34.62 43.78
C GLY H 12 24.34 35.17 42.39
N GLY H 13 23.12 35.01 41.88
CA GLY H 13 22.74 35.53 40.58
C GLY H 13 22.16 36.92 40.66
N TRP H 14 21.84 37.50 39.51
CA TRP H 14 21.38 38.88 39.45
C TRP H 14 20.00 38.97 38.82
N THR H 15 18.98 39.23 39.64
CA THR H 15 17.65 39.43 39.08
C THR H 15 17.68 40.71 38.26
N GLY H 16 18.61 41.60 38.59
CA GLY H 16 18.72 42.87 37.91
C GLY H 16 19.11 42.70 36.46
N MET H 17 19.88 41.65 36.17
CA MET H 17 20.34 41.41 34.81
C MET H 17 19.34 40.54 34.07
N VAL H 18 18.47 41.18 33.27
CA VAL H 18 17.30 40.49 32.73
C VAL H 18 17.33 40.32 31.21
N ASP H 19 18.50 40.48 30.60
CA ASP H 19 18.62 40.35 29.16
C ASP H 19 19.79 39.45 28.73
N GLY H 20 20.15 38.50 29.59
CA GLY H 20 21.23 37.59 29.26
C GLY H 20 21.56 36.64 30.39
N TRP H 21 22.30 35.58 30.06
CA TRP H 21 22.69 34.57 31.03
C TRP H 21 23.89 35.00 31.86
N TYR H 22 24.86 35.64 31.20
CA TYR H 22 26.06 36.11 31.90
C TYR H 22 26.29 37.57 31.57
N GLY H 23 27.02 38.29 32.43
CA GLY H 23 27.26 39.69 32.20
C GLY H 23 28.00 40.40 33.30
N TYR H 24 27.84 41.72 33.35
CA TYR H 24 28.59 42.56 34.27
C TYR H 24 27.69 43.54 35.01
N HIS H 25 28.17 43.97 36.17
CA HIS H 25 27.63 45.16 36.83
C HIS H 25 28.78 46.13 37.07
N HIS H 26 28.64 47.36 36.58
CA HIS H 26 29.70 48.34 36.71
C HIS H 26 29.26 49.47 37.62
N GLN H 27 30.24 50.14 38.20
CA GLN H 27 30.00 51.27 39.08
C GLN H 27 31.14 52.25 38.93
N ASN H 28 30.83 53.44 38.44
CA ASN H 28 31.84 54.50 38.31
C ASN H 28 31.25 55.88 38.55
N GLU H 29 32.01 56.92 38.21
CA GLU H 29 31.56 58.29 38.43
C GLU H 29 30.29 58.64 37.67
N GLN H 30 30.05 57.95 36.55
CA GLN H 30 28.90 58.25 35.70
C GLN H 30 27.65 57.44 36.04
N GLY H 31 27.71 56.69 37.14
CA GLY H 31 26.57 55.89 37.56
C GLY H 31 26.86 54.39 37.59
N SER H 32 25.79 53.60 37.63
CA SER H 32 25.92 52.15 37.73
C SER H 32 24.79 51.45 36.98
N GLY H 33 24.94 50.16 36.73
CA GLY H 33 23.91 49.38 36.06
C GLY H 33 24.31 47.96 35.73
N TYR H 34 23.32 47.16 35.34
CA TYR H 34 23.55 45.79 34.89
C TYR H 34 23.60 45.72 33.37
N ALA H 35 24.43 44.83 32.85
CA ALA H 35 24.50 44.59 31.41
C ALA H 35 24.91 43.16 31.13
N ALA H 36 24.25 42.53 30.17
CA ALA H 36 24.56 41.15 29.82
C ALA H 36 25.61 41.10 28.72
N ASP H 37 26.58 40.20 28.86
CA ASP H 37 27.53 39.95 27.78
C ASP H 37 26.81 39.16 26.69
N LEU H 38 26.39 39.86 25.64
CA LEU H 38 25.52 39.27 24.62
C LEU H 38 26.18 38.15 23.83
N LYS H 39 27.47 38.29 23.53
CA LYS H 39 28.16 37.31 22.72
C LYS H 39 28.30 35.97 23.43
N SER H 40 28.72 36.02 24.69
CA SER H 40 28.90 34.79 25.47
C SER H 40 27.54 34.16 25.79
N THR H 41 26.51 35.00 25.82
CA THR H 41 25.14 34.54 26.05
C THR H 41 24.58 33.83 24.82
N GLN H 42 24.71 34.46 23.66
CA GLN H 42 24.18 33.90 22.42
C GLN H 42 24.84 32.56 22.05
N ASN H 43 26.15 32.46 22.27
CA ASN H 43 26.85 31.22 22.00
C ASN H 43 26.32 30.09 22.88
N ALA H 44 26.18 30.36 24.17
CA ALA H 44 25.66 29.39 25.11
C ALA H 44 24.24 28.99 24.72
N ILE H 45 23.44 29.96 24.27
CA ILE H 45 22.09 29.66 23.83
C ILE H 45 22.11 28.75 22.61
N ASP H 46 22.89 29.10 21.59
CA ASP H 46 23.02 28.26 20.41
C ASP H 46 23.49 26.86 20.78
N GLU H 47 24.50 26.78 21.63
CA GLU H 47 25.08 25.49 22.02
C GLU H 47 24.13 24.64 22.85
N ILE H 48 23.41 25.26 23.80
CA ILE H 48 22.41 24.53 24.57
C ILE H 48 21.22 24.11 23.68
N THR H 49 20.80 25.00 22.79
CA THR H 49 19.73 24.65 21.87
C THR H 49 20.12 23.46 21.00
N ASN H 50 21.37 23.44 20.54
CA ASN H 50 21.86 22.32 19.76
C ASN H 50 21.90 21.03 20.59
N LYS H 51 22.14 21.19 21.88
CA LYS H 51 22.21 20.06 22.81
C LYS H 51 20.82 19.47 23.03
N VAL H 52 19.84 20.33 23.29
CA VAL H 52 18.45 19.90 23.41
C VAL H 52 18.00 19.22 22.13
N ASN H 53 18.29 19.86 21.00
CA ASN H 53 17.85 19.35 19.72
C ASN H 53 18.46 17.98 19.44
N SER H 54 19.73 17.81 19.79
CA SER H 54 20.39 16.53 19.57
C SER H 54 19.68 15.39 20.29
N VAL H 55 19.42 15.56 21.58
CA VAL H 55 18.80 14.53 22.40
C VAL H 55 17.40 14.15 21.91
N ILE H 56 16.71 15.13 21.33
CA ILE H 56 15.36 14.93 20.86
C ILE H 56 15.34 14.35 19.45
N GLU H 57 16.18 14.88 18.59
CA GLU H 57 16.10 14.53 17.17
C GLU H 57 16.86 13.28 16.76
N LYS H 58 17.78 12.83 17.62
CA LYS H 58 18.51 11.59 17.34
C LYS H 58 17.63 10.37 17.60
N MET H 59 16.42 10.61 18.10
CA MET H 59 15.48 9.53 18.39
C MET H 59 14.61 9.25 17.17
N ASN H 60 15.04 8.31 16.34
CA ASN H 60 14.22 7.88 15.22
C ASN H 60 13.47 6.62 15.60
N THR H 61 12.15 6.63 15.43
CA THR H 61 11.36 5.47 15.81
C THR H 61 10.77 4.74 14.62
N GLN H 62 10.81 3.41 14.70
CA GLN H 62 10.20 2.55 13.69
C GLN H 62 8.69 2.53 13.87
N PHE H 63 7.95 2.50 12.76
CA PHE H 63 6.52 2.28 12.84
C PHE H 63 6.29 0.92 13.46
N THR H 64 5.50 0.88 14.52
CA THR H 64 5.29 -0.37 15.23
C THR H 64 3.90 -0.45 15.84
N ALA H 65 3.26 -1.59 15.68
CA ALA H 65 2.07 -1.88 16.48
C ALA H 65 2.52 -2.78 17.61
N VAL H 66 2.57 -2.23 18.82
CA VAL H 66 3.13 -2.96 19.96
C VAL H 66 2.27 -4.14 20.38
N GLY H 67 0.96 -3.95 20.38
CA GLY H 67 0.03 -4.97 20.88
C GLY H 67 0.05 -6.29 20.14
N LYS H 68 -0.10 -7.37 20.90
CA LYS H 68 -0.28 -8.69 20.33
C LYS H 68 -1.38 -9.40 21.10
N GLU H 69 -2.11 -10.27 20.39
CA GLU H 69 -3.16 -11.06 21.01
C GLU H 69 -2.81 -12.54 20.84
N PHE H 70 -2.85 -13.26 21.95
CA PHE H 70 -2.60 -14.70 21.93
C PHE H 70 -3.73 -15.39 22.67
N ASN H 71 -4.03 -16.64 22.32
CA ASN H 71 -5.12 -17.36 22.95
C ASN H 71 -4.67 -18.11 24.20
N HIS H 72 -5.59 -18.85 24.82
CA HIS H 72 -5.35 -19.49 26.11
C HIS H 72 -4.37 -20.67 26.04
N LEU H 73 -3.97 -21.06 24.83
CA LEU H 73 -2.95 -22.09 24.67
C LEU H 73 -1.72 -21.49 24.01
N GLU H 74 -1.53 -20.18 24.20
CA GLU H 74 -0.37 -19.50 23.66
C GLU H 74 0.29 -18.66 24.76
N LYS H 75 0.21 -19.15 25.98
CA LYS H 75 0.76 -18.44 27.14
C LYS H 75 2.24 -18.17 27.02
N ARG H 76 2.98 -19.16 26.51
CA ARG H 76 4.43 -19.04 26.43
C ARG H 76 4.85 -17.88 25.54
N ILE H 77 4.28 -17.80 24.34
CA ILE H 77 4.65 -16.69 23.45
C ILE H 77 4.08 -15.38 23.97
N GLU H 78 2.99 -15.45 24.72
CA GLU H 78 2.45 -14.24 25.33
C GLU H 78 3.46 -13.70 26.33
N ASN H 79 4.07 -14.59 27.09
CA ASN H 79 5.07 -14.19 28.07
C ASN H 79 6.40 -13.77 27.43
N LEU H 80 6.74 -14.40 26.32
CA LEU H 80 7.87 -13.94 25.52
C LEU H 80 7.62 -12.50 25.11
N ASN H 81 6.47 -12.25 24.49
CA ASN H 81 6.10 -10.90 24.08
C ASN H 81 6.15 -9.89 25.25
N LYS H 82 5.71 -10.31 26.42
CA LYS H 82 5.75 -9.46 27.62
C LYS H 82 7.19 -9.16 28.02
N LYS H 83 8.05 -10.18 27.94
CA LYS H 83 9.47 -10.00 28.24
C LYS H 83 10.10 -8.99 27.29
N VAL H 84 9.64 -8.96 26.04
CA VAL H 84 10.21 -8.02 25.06
C VAL H 84 9.81 -6.59 25.40
N ASP H 85 8.52 -6.38 25.65
CA ASP H 85 8.02 -5.05 25.98
C ASP H 85 8.62 -4.55 27.30
N ASP H 86 8.67 -5.43 28.29
CA ASP H 86 9.23 -5.09 29.59
C ASP H 86 10.72 -4.78 29.49
N GLY H 87 11.41 -5.49 28.60
CA GLY H 87 12.85 -5.29 28.43
C GLY H 87 13.17 -3.94 27.82
N PHE H 88 12.43 -3.56 26.79
CA PHE H 88 12.57 -2.23 26.19
C PHE H 88 12.20 -1.16 27.22
N LEU H 89 11.27 -1.49 28.10
CA LEU H 89 10.83 -0.56 29.13
C LEU H 89 11.97 -0.26 30.08
N ASP H 90 12.60 -1.29 30.59
CA ASP H 90 13.69 -1.12 31.55
C ASP H 90 14.90 -0.47 30.91
N ILE H 91 15.21 -0.84 29.67
CA ILE H 91 16.33 -0.20 28.97
C ILE H 91 16.09 1.29 28.78
N TRP H 92 14.96 1.65 28.20
CA TRP H 92 14.67 3.05 27.92
C TRP H 92 14.42 3.89 29.16
N THR H 93 13.86 3.28 30.20
CA THR H 93 13.59 4.02 31.44
C THR H 93 14.89 4.38 32.12
N TYR H 94 15.74 3.38 32.28
CA TYR H 94 17.06 3.56 32.87
C TYR H 94 17.88 4.54 32.05
N ASN H 95 17.98 4.29 30.76
CA ASN H 95 18.75 5.18 29.88
C ASN H 95 18.17 6.59 29.86
N ALA H 96 16.85 6.71 29.87
CA ALA H 96 16.23 8.04 29.89
C ALA H 96 16.61 8.80 31.16
N GLU H 97 16.50 8.16 32.32
CA GLU H 97 16.75 8.84 33.59
C GLU H 97 18.21 9.29 33.70
N LEU H 98 19.13 8.36 33.46
CA LEU H 98 20.55 8.64 33.57
C LEU H 98 21.00 9.69 32.56
N LEU H 99 20.43 9.66 31.36
CA LEU H 99 20.77 10.66 30.37
C LEU H 99 20.47 12.05 30.93
N VAL H 100 19.33 12.18 31.60
CA VAL H 100 18.91 13.46 32.15
C VAL H 100 19.77 13.89 33.33
N LEU H 101 20.01 12.98 34.28
CA LEU H 101 20.87 13.32 35.43
C LEU H 101 22.30 13.72 35.01
N LEU H 102 22.86 12.97 34.06
CA LEU H 102 24.23 13.20 33.63
C LEU H 102 24.34 14.49 32.83
N GLU H 103 23.45 14.69 31.88
CA GLU H 103 23.52 15.88 31.04
C GLU H 103 23.14 17.14 31.80
N ASN H 104 22.26 17.00 32.78
CA ASN H 104 21.94 18.14 33.64
C ASN H 104 23.18 18.61 34.38
N GLU H 105 23.96 17.67 34.89
CA GLU H 105 25.21 17.99 35.59
C GLU H 105 26.18 18.66 34.63
N ARG H 106 26.21 18.18 33.39
CA ARG H 106 27.09 18.77 32.39
C ARG H 106 26.68 20.19 32.02
N THR H 107 25.37 20.40 31.87
CA THR H 107 24.87 21.73 31.52
C THR H 107 25.21 22.77 32.60
N LEU H 108 24.96 22.42 33.86
CA LEU H 108 25.33 23.30 34.95
C LEU H 108 26.83 23.57 34.97
N ASP H 109 27.65 22.55 34.71
CA ASP H 109 29.10 22.72 34.68
C ASP H 109 29.50 23.68 33.56
N TYR H 110 28.78 23.56 32.44
CA TYR H 110 29.01 24.35 31.25
C TYR H 110 28.79 25.83 31.53
N HIS H 111 27.69 26.13 32.22
CA HIS H 111 27.40 27.50 32.63
C HIS H 111 28.47 28.01 33.56
N ASP H 112 28.81 27.19 34.56
CA ASP H 112 29.90 27.52 35.48
C ASP H 112 31.19 27.86 34.71
N SER H 113 31.51 27.03 33.72
CA SER H 113 32.69 27.25 32.90
C SER H 113 32.61 28.58 32.18
N ASN H 114 31.43 28.88 31.62
CA ASN H 114 31.23 30.11 30.88
C ASN H 114 31.41 31.37 31.76
N VAL H 115 30.97 31.30 33.01
CA VAL H 115 31.14 32.43 33.92
C VAL H 115 32.60 32.59 34.34
N LYS H 116 33.24 31.46 34.65
CA LYS H 116 34.66 31.42 34.99
C LYS H 116 35.51 31.96 33.85
N ASN H 117 35.23 31.53 32.63
CA ASN H 117 35.96 32.01 31.46
C ASN H 117 35.76 33.50 31.25
N LEU H 118 34.57 33.99 31.60
CA LEU H 118 34.26 35.40 31.46
C LEU H 118 35.12 36.20 32.43
N TYR H 119 35.13 35.77 33.68
CA TYR H 119 35.92 36.39 34.73
C TYR H 119 37.41 36.40 34.37
N GLU H 120 37.92 35.24 33.97
CA GLU H 120 39.34 35.10 33.65
C GLU H 120 39.75 36.00 32.48
N LYS H 121 38.84 36.22 31.55
CA LYS H 121 39.11 37.09 30.41
C LYS H 121 39.30 38.52 30.87
N VAL H 122 38.42 38.98 31.76
CA VAL H 122 38.54 40.32 32.30
C VAL H 122 39.82 40.45 33.13
N ARG H 123 40.01 39.53 34.07
CA ARG H 123 41.19 39.55 34.93
C ARG H 123 42.50 39.59 34.15
N SER H 124 42.56 38.86 33.04
CA SER H 124 43.78 38.83 32.24
C SER H 124 43.97 40.15 31.48
N GLN H 125 42.89 40.89 31.32
CA GLN H 125 42.96 42.17 30.62
C GLN H 125 43.43 43.29 31.55
N LEU H 126 42.92 43.28 32.79
CA LEU H 126 43.19 44.34 33.75
C LEU H 126 44.54 44.16 34.45
N LYS H 127 45.11 42.95 34.34
CA LYS H 127 46.42 42.69 34.91
C LYS H 127 46.60 43.37 36.27
N ASN H 128 47.49 44.36 36.28
CA ASN H 128 47.91 45.06 37.49
C ASN H 128 47.05 46.28 37.79
N ASN H 129 46.30 46.72 36.80
CA ASN H 129 45.53 47.97 36.89
C ASN H 129 44.31 47.90 37.79
N ALA H 130 43.99 46.69 38.26
CA ALA H 130 42.82 46.52 39.13
C ALA H 130 43.08 45.51 40.24
N LYS H 131 42.22 45.54 41.25
CA LYS H 131 42.33 44.63 42.37
C LYS H 131 41.13 43.66 42.39
N GLU H 132 41.40 42.38 42.61
CA GLU H 132 40.34 41.38 42.78
C GLU H 132 39.82 41.44 44.20
N ILE H 133 38.66 42.07 44.39
CA ILE H 133 38.12 42.26 45.74
C ILE H 133 37.21 41.12 46.19
N GLY H 134 36.86 40.22 45.26
CA GLY H 134 36.03 39.08 45.61
C GLY H 134 34.61 39.16 45.06
N ASN H 135 33.88 38.07 45.22
CA ASN H 135 32.49 37.99 44.73
C ASN H 135 32.40 38.29 43.24
N GLY H 136 33.49 38.07 42.53
CA GLY H 136 33.53 38.25 41.08
C GLY H 136 33.70 39.69 40.65
N CYS H 137 34.08 40.53 41.62
CA CYS H 137 34.24 41.96 41.36
C CYS H 137 35.69 42.39 41.26
N PHE H 138 35.93 43.37 40.39
CA PHE H 138 37.23 44.01 40.30
C PHE H 138 37.10 45.47 40.77
N GLU H 139 38.09 45.94 41.52
CA GLU H 139 38.18 47.35 41.86
C GLU H 139 39.36 48.00 41.12
N PHE H 140 39.06 48.93 40.23
CA PHE H 140 40.09 49.60 39.43
C PHE H 140 41.00 50.48 40.30
N TYR H 141 42.29 50.48 39.96
CA TYR H 141 43.29 51.31 40.62
C TYR H 141 43.34 52.68 39.94
N HIS H 142 42.52 52.82 38.91
CA HIS H 142 42.47 54.06 38.13
C HIS H 142 41.02 54.39 37.82
N LYS H 143 40.78 55.60 37.35
CA LYS H 143 39.43 56.03 37.00
C LYS H 143 39.00 55.39 35.69
N CYS H 144 37.89 54.65 35.72
CA CYS H 144 37.40 53.97 34.54
C CYS H 144 35.99 54.44 34.19
N ASP H 145 35.90 55.35 33.24
CA ASP H 145 34.61 55.87 32.81
C ASP H 145 33.89 54.89 31.91
N ASN H 146 32.73 55.29 31.38
CA ASN H 146 31.93 54.41 30.54
C ASN H 146 32.70 53.79 29.38
N THR H 147 33.28 54.63 28.52
CA THR H 147 34.02 54.12 27.37
C THR H 147 35.12 53.14 27.80
N CYS H 148 35.75 53.43 28.94
CA CYS H 148 36.75 52.51 29.49
C CYS H 148 36.13 51.17 29.86
N MET H 149 35.11 51.21 30.70
CA MET H 149 34.40 50.00 31.12
C MET H 149 34.03 49.15 29.91
N GLU H 150 33.37 49.78 28.94
CA GLU H 150 33.00 49.12 27.69
C GLU H 150 34.16 48.40 27.01
N SER H 151 35.34 49.02 27.01
CA SER H 151 36.49 48.42 26.37
C SER H 151 36.89 47.12 27.07
N VAL H 152 36.72 47.06 28.38
CA VAL H 152 36.97 45.82 29.12
C VAL H 152 35.92 44.79 28.71
N LYS H 153 34.69 45.27 28.51
CA LYS H 153 33.57 44.39 28.18
C LYS H 153 33.67 43.80 26.77
N ASN H 154 34.27 44.54 25.83
CA ASN H 154 34.39 44.03 24.47
C ASN H 154 35.78 43.51 24.12
N GLY H 155 36.63 43.40 25.14
CA GLY H 155 37.96 42.86 24.97
C GLY H 155 38.92 43.76 24.20
N THR H 156 38.85 45.06 24.47
CA THR H 156 39.76 46.02 23.85
C THR H 156 40.36 46.99 24.86
N TYR H 157 40.64 46.49 26.06
CA TYR H 157 41.16 47.32 27.14
C TYR H 157 42.64 47.68 26.93
N ASP H 158 42.98 48.93 27.20
CA ASP H 158 44.32 49.47 26.95
C ASP H 158 45.11 49.61 28.25
N TYR H 159 45.67 48.50 28.72
CA TYR H 159 46.42 48.49 29.99
C TYR H 159 47.47 49.60 30.10
N PRO H 160 48.30 49.78 29.04
CA PRO H 160 49.38 50.79 29.12
C PRO H 160 48.85 52.19 29.42
N LYS H 161 47.70 52.52 28.84
CA LYS H 161 47.13 53.86 29.00
C LYS H 161 46.48 54.12 30.38
N TYR H 162 46.72 53.23 31.34
CA TYR H 162 46.24 53.44 32.71
C TYR H 162 47.25 53.02 33.77
N SER H 163 48.24 52.23 33.37
CA SER H 163 49.17 51.61 34.32
C SER H 163 49.88 52.58 35.27
N GLU H 164 50.35 53.72 34.75
CA GLU H 164 51.00 54.71 35.60
C GLU H 164 50.09 55.18 36.73
N GLU H 165 48.92 55.70 36.38
CA GLU H 165 47.92 56.10 37.37
C GLU H 165 47.70 54.94 38.35
N ALA H 166 47.48 53.75 37.79
CA ALA H 166 47.24 52.57 38.60
C ALA H 166 48.39 52.31 39.57
N LYS H 167 49.60 52.39 39.05
CA LYS H 167 50.80 52.08 39.84
C LYS H 167 50.85 52.86 41.16
N LEU H 168 50.61 54.17 41.09
CA LEU H 168 50.73 55.04 42.26
C LEU H 168 49.70 54.72 43.34
N ASN H 169 48.48 54.42 42.92
CA ASN H 169 47.41 54.06 43.84
C ASN H 169 47.66 52.66 44.40
N ARG H 170 48.07 51.76 43.52
CA ARG H 170 48.46 50.40 43.88
C ARG H 170 49.51 50.41 44.99
N GLU H 171 50.60 51.15 44.78
CA GLU H 171 51.75 51.12 45.67
C GLU H 171 51.53 51.75 47.04
N GLU H 172 50.52 52.61 47.14
CA GLU H 172 50.17 53.24 48.41
C GLU H 172 49.67 52.19 49.41
N ASP I 3 62.81 38.51 25.62
CA ASP I 3 62.72 37.08 25.34
C ASP I 3 61.33 36.52 25.65
N THR I 4 60.88 35.55 24.87
CA THR I 4 59.52 35.03 25.00
C THR I 4 59.41 33.51 24.91
N LEU I 5 58.37 32.98 25.54
CA LEU I 5 58.03 31.56 25.49
C LEU I 5 56.53 31.39 25.29
N CYS I 6 56.13 30.50 24.39
CA CYS I 6 54.72 30.37 24.06
C CYS I 6 54.19 28.92 24.14
N ILE I 7 52.99 28.78 24.71
CA ILE I 7 52.33 27.49 24.74
C ILE I 7 51.29 27.46 23.62
N GLY I 8 51.22 26.34 22.92
CA GLY I 8 50.32 26.22 21.78
C GLY I 8 49.93 24.78 21.49
N TYR I 9 48.98 24.62 20.57
CA TYR I 9 48.50 23.31 20.20
C TYR I 9 48.64 23.04 18.71
N HIS I 10 48.60 21.76 18.35
CA HIS I 10 48.84 21.30 16.99
C HIS I 10 47.71 21.61 16.03
N ALA I 11 48.07 21.89 14.78
CA ALA I 11 47.12 22.01 13.68
C ALA I 11 47.64 21.24 12.48
N ASN I 12 46.83 21.10 11.44
CA ASN I 12 47.24 20.36 10.24
C ASN I 12 46.28 20.53 9.07
N ASN I 13 46.49 19.73 8.03
CA ASN I 13 45.70 19.85 6.80
C ASN I 13 44.42 19.03 6.85
N SER I 14 44.02 18.61 8.04
CA SER I 14 42.81 17.80 8.21
C SER I 14 41.55 18.57 7.84
N THR I 15 40.60 17.87 7.22
CA THR I 15 39.30 18.43 6.91
C THR I 15 38.19 17.55 7.47
N ASP I 16 38.58 16.59 8.30
CA ASP I 16 37.63 15.71 8.98
C ASP I 16 36.76 16.47 9.96
N THR I 17 35.46 16.22 9.89
CA THR I 17 34.52 16.83 10.82
C THR I 17 33.82 15.78 11.66
N VAL I 18 33.59 16.10 12.93
CA VAL I 18 32.79 15.27 13.81
C VAL I 18 31.74 16.18 14.43
N ASP I 19 30.70 15.58 15.00
CA ASP I 19 29.67 16.34 15.69
C ASP I 19 29.81 16.16 17.18
N THR I 20 29.50 17.21 17.93
CA THR I 20 29.43 17.11 19.38
C THR I 20 28.02 17.50 19.78
N VAL I 21 27.68 17.25 21.03
CA VAL I 21 26.37 17.58 21.55
C VAL I 21 26.11 19.09 21.46
N LEU I 22 27.20 19.87 21.55
CA LEU I 22 27.09 21.34 21.59
C LEU I 22 27.16 21.98 20.21
N GLU I 23 27.85 21.33 19.28
CA GLU I 23 28.12 21.95 18.00
C GLU I 23 28.32 20.91 16.89
N LYS I 24 27.81 21.22 15.71
CA LYS I 24 27.91 20.32 14.56
C LYS I 24 29.09 20.67 13.65
N ASN I 25 29.58 19.67 12.93
CA ASN I 25 30.64 19.86 11.95
C ASN I 25 31.85 20.65 12.46
N VAL I 26 32.46 20.12 13.52
CA VAL I 26 33.67 20.69 14.08
C VAL I 26 34.87 19.99 13.43
N THR I 27 35.76 20.78 12.84
CA THR I 27 36.89 20.22 12.12
C THR I 27 38.01 19.87 13.09
N VAL I 28 38.49 18.63 13.03
CA VAL I 28 39.50 18.15 13.97
C VAL I 28 40.73 17.57 13.28
N THR I 29 41.84 17.53 14.01
CA THR I 29 43.13 17.12 13.46
C THR I 29 43.24 15.62 13.28
N HIS I 30 42.51 14.88 14.12
CA HIS I 30 42.54 13.42 14.08
C HIS I 30 41.18 12.84 14.47
N SER I 31 40.77 11.76 13.81
CA SER I 31 39.50 11.13 14.13
C SER I 31 39.43 9.67 13.67
N VAL I 32 38.51 8.90 14.23
CA VAL I 32 38.32 7.51 13.83
C VAL I 32 36.85 7.23 13.54
N ASN I 33 36.61 6.29 12.64
CA ASN I 33 35.25 5.89 12.29
C ASN I 33 34.80 4.73 13.17
N LEU I 34 33.55 4.78 13.63
CA LEU I 34 33.01 3.69 14.43
C LEU I 34 31.96 2.90 13.67
N LEU I 35 31.62 3.38 12.48
CA LEU I 35 30.52 2.81 11.70
C LEU I 35 31.04 2.06 10.48
N GLU I 36 30.91 0.74 10.50
CA GLU I 36 31.30 -0.08 9.37
C GLU I 36 30.25 0.02 8.28
N ASP I 37 30.63 0.52 7.11
CA ASP I 37 29.67 0.70 6.03
C ASP I 37 30.11 0.02 4.74
N LYS I 38 31.05 -0.90 4.86
CA LYS I 38 31.60 -1.60 3.71
C LYS I 38 31.41 -3.12 3.79
N HIS I 39 30.96 -3.73 2.68
CA HIS I 39 30.89 -5.19 2.59
C HIS I 39 31.55 -5.69 1.31
N ASN I 40 31.89 -6.98 1.28
CA ASN I 40 32.74 -7.53 0.22
C ASN I 40 31.97 -8.10 -0.96
N GLY I 41 30.64 -8.02 -0.92
CA GLY I 41 29.80 -8.40 -2.04
C GLY I 41 29.72 -9.90 -2.30
N LYS I 42 30.12 -10.69 -1.32
CA LYS I 42 30.18 -12.13 -1.48
C LYS I 42 29.47 -12.86 -0.34
N LEU I 43 29.10 -14.11 -0.59
CA LEU I 43 28.60 -14.98 0.48
C LEU I 43 29.76 -15.90 0.87
N CYS I 44 30.22 -15.76 2.11
CA CYS I 44 31.47 -16.40 2.52
C CYS I 44 31.27 -17.55 3.48
N LYS I 45 32.37 -18.21 3.81
CA LYS I 45 32.35 -19.27 4.78
C LYS I 45 32.25 -18.66 6.19
N LEU I 46 31.49 -19.34 7.05
CA LEU I 46 31.41 -18.97 8.45
C LEU I 46 32.00 -20.15 9.21
N ARG I 47 32.91 -19.87 10.13
CA ARG I 47 33.52 -20.93 10.92
C ARG I 47 34.59 -21.67 10.11
N GLY I 48 34.88 -21.16 8.91
CA GLY I 48 35.80 -21.82 7.99
C GLY I 48 35.08 -22.82 7.13
N VAL I 49 33.76 -22.84 7.25
CA VAL I 49 32.92 -23.82 6.55
C VAL I 49 32.01 -23.15 5.52
N ALA I 50 31.88 -23.75 4.35
CA ALA I 50 31.05 -23.21 3.28
C ALA I 50 29.57 -23.36 3.59
N PRO I 51 28.73 -22.45 3.07
CA PRO I 51 27.29 -22.62 3.15
C PRO I 51 26.84 -23.71 2.18
N LEU I 52 25.71 -24.34 2.45
CA LEU I 52 25.10 -25.23 1.46
C LEU I 52 24.28 -24.36 0.53
N HIS I 53 24.71 -24.25 -0.72
CA HIS I 53 24.01 -23.46 -1.73
C HIS I 53 23.17 -24.39 -2.60
N LEU I 54 21.85 -24.21 -2.56
CA LEU I 54 20.94 -25.13 -3.24
C LEU I 54 20.64 -24.73 -4.68
N GLY I 55 21.24 -23.62 -5.13
CA GLY I 55 21.03 -23.17 -6.50
C GLY I 55 19.58 -22.88 -6.83
N LYS I 56 19.05 -23.59 -7.83
CA LYS I 56 17.68 -23.37 -8.30
C LYS I 56 16.65 -24.22 -7.54
N CYS I 57 17.12 -24.98 -6.56
CA CYS I 57 16.21 -25.78 -5.74
C CYS I 57 15.94 -25.07 -4.41
N ASN I 58 14.87 -25.45 -3.74
CA ASN I 58 14.67 -25.03 -2.36
C ASN I 58 14.86 -26.22 -1.45
N ILE I 59 14.78 -26.00 -0.14
CA ILE I 59 15.08 -27.08 0.79
C ILE I 59 14.17 -28.28 0.59
N ALA I 60 12.91 -28.04 0.26
CA ALA I 60 11.96 -29.12 0.02
C ALA I 60 12.43 -29.98 -1.15
N GLY I 61 12.81 -29.31 -2.25
CA GLY I 61 13.31 -29.98 -3.43
C GLY I 61 14.57 -30.78 -3.17
N TRP I 62 15.50 -30.18 -2.45
CA TRP I 62 16.75 -30.83 -2.12
C TRP I 62 16.50 -32.04 -1.21
N ILE I 63 15.73 -31.82 -0.14
CA ILE I 63 15.57 -32.84 0.88
C ILE I 63 14.71 -34.03 0.41
N LEU I 64 13.74 -33.77 -0.48
CA LEU I 64 12.91 -34.86 -1.04
C LEU I 64 13.56 -35.52 -2.24
N GLY I 65 14.56 -34.85 -2.81
CA GLY I 65 15.24 -35.37 -3.98
C GLY I 65 14.44 -35.12 -5.24
N ASN I 66 13.86 -33.94 -5.34
CA ASN I 66 13.21 -33.52 -6.57
C ASN I 66 14.17 -33.82 -7.72
N PRO I 67 13.67 -34.44 -8.80
CA PRO I 67 14.51 -34.85 -9.94
C PRO I 67 15.40 -33.74 -10.52
N GLU I 68 14.99 -32.49 -10.39
CA GLU I 68 15.80 -31.35 -10.87
C GLU I 68 16.95 -31.03 -9.93
N CYS I 69 16.89 -31.55 -8.72
CA CYS I 69 17.94 -31.35 -7.72
C CYS I 69 18.71 -32.65 -7.57
N GLU I 70 20.02 -32.56 -7.36
CA GLU I 70 20.83 -33.77 -7.27
C GLU I 70 21.61 -33.84 -5.95
N ALA I 75 27.27 -31.50 0.35
CA ALA I 75 28.39 -31.74 1.26
C ALA I 75 27.94 -32.50 2.50
N SER I 76 28.88 -32.77 3.39
CA SER I 76 28.58 -33.50 4.61
C SER I 76 28.48 -32.52 5.78
N SER I 77 28.77 -31.26 5.49
CA SER I 77 28.79 -30.23 6.52
C SER I 77 28.56 -28.87 5.88
N TRP I 78 27.98 -27.94 6.63
CA TRP I 78 27.75 -26.58 6.14
C TRP I 78 27.41 -25.62 7.28
N SER I 79 27.69 -24.34 7.09
CA SER I 79 27.53 -23.37 8.18
C SER I 79 26.19 -22.65 8.12
N TYR I 80 25.65 -22.51 6.92
CA TYR I 80 24.31 -21.95 6.73
C TYR I 80 23.76 -22.43 5.38
N ILE I 81 22.53 -22.06 5.03
CA ILE I 81 21.97 -22.47 3.75
C ILE I 81 21.66 -21.26 2.87
N VAL I 82 21.97 -21.35 1.59
CA VAL I 82 21.61 -20.29 0.65
C VAL I 82 20.62 -20.76 -0.41
N GLU I 83 19.57 -19.96 -0.62
CA GLU I 83 18.66 -20.17 -1.73
C GLU I 83 18.70 -18.90 -2.56
N THR I 84 18.15 -18.96 -3.76
CA THR I 84 18.01 -17.78 -4.58
C THR I 84 16.54 -17.43 -4.64
N PRO I 85 16.23 -16.14 -4.87
CA PRO I 85 14.85 -15.68 -4.93
C PRO I 85 14.03 -16.50 -5.93
N SER I 86 14.70 -17.09 -6.92
CA SER I 86 14.03 -17.88 -7.94
C SER I 86 14.24 -19.39 -7.76
N SER I 87 14.39 -19.83 -6.52
CA SER I 87 14.57 -21.25 -6.24
C SER I 87 13.21 -21.95 -6.18
N ASP I 88 12.71 -22.36 -7.34
CA ASP I 88 11.36 -22.93 -7.47
C ASP I 88 11.29 -24.43 -7.17
N ASN I 89 12.10 -25.23 -7.87
CA ASN I 89 12.07 -26.68 -7.73
C ASN I 89 12.00 -27.17 -6.29
N GLY I 90 10.78 -27.47 -5.84
CA GLY I 90 10.53 -27.94 -4.49
C GLY I 90 9.64 -29.17 -4.52
N THR I 91 8.47 -29.07 -3.89
CA THR I 91 7.50 -30.15 -4.00
C THR I 91 6.84 -30.06 -5.38
N CYS I 92 7.29 -30.92 -6.29
CA CYS I 92 6.77 -30.94 -7.65
C CYS I 92 5.36 -31.55 -7.73
N TYR I 93 5.06 -32.52 -6.86
CA TYR I 93 3.69 -32.99 -6.73
C TYR I 93 3.05 -32.20 -5.58
N PRO I 94 1.93 -31.53 -5.85
CA PRO I 94 1.42 -30.53 -4.92
C PRO I 94 0.83 -31.14 -3.66
N GLY I 95 0.95 -30.41 -2.57
CA GLY I 95 0.43 -30.86 -1.30
C GLY I 95 1.10 -30.06 -0.23
N ASP I 96 0.87 -30.43 1.02
CA ASP I 96 1.33 -29.66 2.14
C ASP I 96 2.60 -30.29 2.72
N PHE I 97 3.58 -29.45 3.03
CA PHE I 97 4.79 -29.90 3.69
C PHE I 97 4.69 -29.54 5.17
N ILE I 98 4.31 -30.49 6.00
CA ILE I 98 4.03 -30.20 7.39
C ILE I 98 5.28 -29.78 8.16
N ASP I 99 5.14 -28.71 8.94
CA ASP I 99 6.25 -28.16 9.71
C ASP I 99 7.47 -27.90 8.84
N TYR I 100 7.25 -27.26 7.70
CA TYR I 100 8.30 -27.03 6.71
C TYR I 100 9.32 -26.02 7.20
N GLU I 101 8.85 -24.93 7.80
CA GLU I 101 9.77 -23.90 8.28
C GLU I 101 10.63 -24.41 9.44
N GLU I 102 10.07 -25.30 10.25
CA GLU I 102 10.82 -25.92 11.35
C GLU I 102 11.93 -26.82 10.78
N LEU I 103 11.63 -27.55 9.73
CA LEU I 103 12.63 -28.41 9.11
C LEU I 103 13.75 -27.55 8.52
N ARG I 104 13.38 -26.49 7.81
CA ARG I 104 14.37 -25.56 7.25
C ARG I 104 15.33 -25.03 8.32
N GLU I 105 14.79 -24.65 9.48
CA GLU I 105 15.58 -24.12 10.58
C GLU I 105 16.51 -25.18 11.15
N GLN I 106 16.01 -26.41 11.25
CA GLN I 106 16.78 -27.50 11.83
C GLN I 106 17.84 -28.05 10.88
N LEU I 107 17.69 -27.78 9.60
CA LEU I 107 18.71 -28.15 8.60
C LEU I 107 19.68 -27.01 8.26
N SER I 108 19.52 -25.86 8.91
CA SER I 108 20.31 -24.68 8.53
C SER I 108 21.81 -24.85 8.75
N SER I 109 22.20 -25.57 9.80
CA SER I 109 23.60 -25.93 9.98
C SER I 109 23.73 -27.33 10.56
N VAL I 110 24.60 -28.12 9.94
CA VAL I 110 24.85 -29.47 10.40
C VAL I 110 26.35 -29.73 10.34
N SER I 111 26.85 -30.53 11.27
CA SER I 111 28.27 -30.82 11.33
C SER I 111 28.53 -32.22 10.82
N SER I 112 27.48 -32.84 10.31
CA SER I 112 27.54 -34.22 9.86
C SER I 112 26.21 -34.53 9.17
N PHE I 113 26.28 -34.96 7.93
CA PHE I 113 25.08 -35.22 7.13
C PHE I 113 25.38 -36.35 6.16
N GLU I 114 24.62 -37.44 6.25
CA GLU I 114 24.88 -38.61 5.42
C GLU I 114 23.58 -39.22 4.90
N ARG I 115 23.41 -39.19 3.58
CA ARG I 115 22.28 -39.86 2.94
C ARG I 115 22.53 -41.35 2.87
N PHE I 116 21.54 -42.15 3.26
CA PHE I 116 21.66 -43.59 3.19
C PHE I 116 20.31 -44.22 2.86
N GLU I 117 20.33 -45.35 2.17
CA GLU I 117 19.09 -46.00 1.76
C GLU I 117 18.49 -46.75 2.95
N ILE I 118 17.61 -46.07 3.66
CA ILE I 118 17.04 -46.62 4.89
C ILE I 118 16.24 -47.88 4.62
N PHE I 119 15.50 -47.89 3.51
CA PHE I 119 14.70 -49.04 3.06
C PHE I 119 15.12 -49.38 1.64
N PRO I 120 16.14 -50.23 1.48
CA PRO I 120 16.67 -50.54 0.16
C PRO I 120 15.55 -50.93 -0.77
N LYS I 121 15.44 -50.24 -1.89
CA LYS I 121 14.36 -50.50 -2.82
C LYS I 121 14.43 -51.94 -3.37
N THR I 122 15.60 -52.56 -3.30
CA THR I 122 15.80 -53.91 -3.86
C THR I 122 15.00 -54.98 -3.14
N SER I 123 14.89 -54.89 -1.82
CA SER I 123 14.34 -56.00 -1.05
C SER I 123 13.27 -55.60 -0.03
N SER I 124 13.06 -54.31 0.14
CA SER I 124 12.12 -53.84 1.16
C SER I 124 10.65 -54.17 0.88
N TRP I 125 10.25 -54.17 -0.39
CA TRP I 125 8.83 -54.21 -0.72
C TRP I 125 8.37 -55.38 -1.61
N PRO I 126 8.49 -56.63 -1.10
CA PRO I 126 8.15 -57.83 -1.87
C PRO I 126 6.70 -57.89 -2.37
N ASN I 127 5.78 -57.29 -1.62
CA ASN I 127 4.35 -57.46 -1.92
C ASN I 127 3.70 -56.27 -2.61
N HIS I 128 4.51 -55.28 -2.97
CA HIS I 128 3.98 -54.08 -3.60
C HIS I 128 4.85 -53.67 -4.78
N ASP I 129 4.24 -52.95 -5.72
CA ASP I 129 4.93 -52.52 -6.93
C ASP I 129 5.68 -51.22 -6.67
N SER I 130 7.00 -51.22 -6.85
CA SER I 130 7.81 -50.04 -6.58
C SER I 130 8.38 -49.38 -7.84
N ASN I 131 7.78 -49.65 -8.99
CA ASN I 131 8.27 -49.09 -10.27
C ASN I 131 7.32 -48.13 -10.97
N LYS I 132 6.04 -48.19 -10.64
CA LYS I 132 5.04 -47.38 -11.31
C LYS I 132 4.83 -46.01 -10.69
N GLY I 133 5.49 -45.76 -9.57
CA GLY I 133 5.23 -44.55 -8.80
C GLY I 133 5.82 -43.28 -9.38
N VAL I 134 5.31 -42.86 -10.54
CA VAL I 134 5.81 -41.66 -11.20
C VAL I 134 4.68 -40.77 -11.66
N THR I 135 5.01 -39.55 -12.06
CA THR I 135 4.01 -38.57 -12.42
C THR I 135 4.58 -37.50 -13.36
N ALA I 136 3.71 -36.91 -14.17
CA ALA I 136 4.10 -35.84 -15.08
C ALA I 136 4.34 -34.54 -14.31
N ALA I 137 3.90 -34.51 -13.05
CA ALA I 137 4.13 -33.35 -12.20
C ALA I 137 5.59 -33.27 -11.78
N CYS I 138 6.29 -34.39 -11.85
CA CYS I 138 7.69 -34.47 -11.48
C CYS I 138 8.53 -35.00 -12.65
N PRO I 139 8.59 -34.24 -13.76
CA PRO I 139 9.26 -34.74 -14.96
C PRO I 139 10.77 -34.79 -14.80
N HIS I 140 11.40 -35.74 -15.51
CA HIS I 140 12.86 -35.82 -15.58
C HIS I 140 13.31 -36.20 -16.99
N ALA I 141 13.91 -35.25 -17.68
CA ALA I 141 14.35 -35.49 -19.06
C ALA I 141 13.16 -35.70 -19.96
N GLY I 142 12.03 -35.09 -19.61
CA GLY I 142 10.82 -35.18 -20.41
C GLY I 142 9.88 -36.29 -19.99
N ALA I 143 10.41 -37.32 -19.34
CA ALA I 143 9.60 -38.47 -18.94
C ALA I 143 9.08 -38.31 -17.51
N LYS I 144 8.02 -39.05 -17.18
CA LYS I 144 7.49 -39.02 -15.83
C LYS I 144 8.58 -39.49 -14.87
N SER I 145 8.60 -38.92 -13.68
CA SER I 145 9.54 -39.38 -12.67
C SER I 145 8.98 -39.08 -11.28
N PHE I 146 9.86 -38.99 -10.28
CA PHE I 146 9.43 -38.82 -8.92
C PHE I 146 10.61 -38.47 -8.03
N TYR I 147 10.34 -38.09 -6.80
CA TYR I 147 11.39 -37.82 -5.83
C TYR I 147 12.34 -39.02 -5.77
N LYS I 148 13.63 -38.74 -5.59
CA LYS I 148 14.63 -39.80 -5.51
C LYS I 148 14.62 -40.43 -4.12
N ASN I 149 14.17 -39.68 -3.13
CA ASN I 149 14.30 -40.10 -1.75
C ASN I 149 13.08 -40.79 -1.18
N LEU I 150 11.98 -40.72 -1.93
CA LEU I 150 10.77 -41.45 -1.58
C LEU I 150 10.38 -42.40 -2.70
N ILE I 151 9.64 -43.45 -2.36
CA ILE I 151 9.05 -44.33 -3.35
C ILE I 151 7.53 -44.37 -3.24
N TRP I 152 6.86 -44.13 -4.36
CA TRP I 152 5.41 -44.13 -4.40
C TRP I 152 4.90 -45.55 -4.66
N LEU I 153 4.66 -46.30 -3.59
CA LEU I 153 4.21 -47.69 -3.73
C LEU I 153 2.80 -47.78 -4.28
N VAL I 154 2.60 -48.76 -5.16
CA VAL I 154 1.30 -49.06 -5.73
C VAL I 154 1.06 -50.57 -5.63
N LYS I 155 -0.18 -51.01 -5.79
CA LYS I 155 -0.55 -52.42 -5.68
C LYS I 155 0.08 -53.26 -6.79
N LYS I 156 0.45 -54.50 -6.45
CA LYS I 156 0.85 -55.49 -7.45
C LYS I 156 -0.37 -56.28 -7.85
N GLY I 157 -0.82 -56.08 -9.09
CA GLY I 157 -1.94 -56.83 -9.63
C GLY I 157 -3.14 -56.98 -8.70
N ASN I 158 -3.98 -55.95 -8.64
CA ASN I 158 -5.24 -56.02 -7.90
C ASN I 158 -5.15 -56.47 -6.44
N SER I 159 -3.99 -56.27 -5.82
CA SER I 159 -3.84 -56.63 -4.41
C SER I 159 -2.84 -55.73 -3.72
N TYR I 160 -3.20 -55.22 -2.54
CA TYR I 160 -2.30 -54.38 -1.75
C TYR I 160 -2.43 -54.82 -0.30
N PRO I 161 -1.61 -55.79 0.10
CA PRO I 161 -1.61 -56.35 1.45
C PRO I 161 -1.15 -55.30 2.46
N LYS I 162 -1.54 -55.45 3.72
CA LYS I 162 -1.05 -54.57 4.75
C LYS I 162 0.46 -54.64 4.76
N LEU I 163 1.11 -53.49 4.61
CA LEU I 163 2.56 -53.44 4.73
C LEU I 163 2.97 -53.00 6.14
N SER I 164 4.03 -53.61 6.64
CA SER I 164 4.59 -53.27 7.94
C SER I 164 6.10 -53.28 7.78
N LYS I 165 6.75 -52.18 8.14
CA LYS I 165 8.18 -52.05 7.92
C LYS I 165 8.81 -51.18 8.99
N SER I 166 9.86 -51.68 9.63
CA SER I 166 10.54 -50.91 10.66
C SER I 166 12.02 -50.68 10.35
N TYR I 167 12.55 -49.59 10.89
CA TYR I 167 13.97 -49.27 10.81
C TYR I 167 14.48 -48.92 12.19
N ILE I 168 15.59 -49.55 12.59
CA ILE I 168 16.23 -49.23 13.86
C ILE I 168 17.49 -48.42 13.60
N ASN I 169 17.52 -47.22 14.17
CA ASN I 169 18.64 -46.30 13.99
C ASN I 169 19.92 -46.80 14.66
N ASP I 170 20.84 -47.31 13.86
CA ASP I 170 22.14 -47.74 14.36
C ASP I 170 23.24 -46.84 13.77
N LYS I 171 22.91 -45.58 13.55
CA LYS I 171 23.83 -44.66 12.87
C LYS I 171 24.69 -43.86 13.84
N GLY I 172 24.32 -43.91 15.12
CA GLY I 172 25.08 -43.24 16.16
C GLY I 172 24.78 -41.76 16.31
N LYS I 173 23.68 -41.34 15.67
CA LYS I 173 23.29 -39.94 15.67
C LYS I 173 21.87 -39.86 15.13
N GLU I 174 21.26 -38.68 15.14
CA GLU I 174 19.88 -38.53 14.67
C GLU I 174 19.70 -38.91 13.19
N VAL I 175 18.58 -39.56 12.90
CA VAL I 175 18.22 -39.86 11.51
C VAL I 175 16.96 -39.11 11.07
N LEU I 176 17.10 -38.30 10.03
CA LEU I 176 15.96 -37.61 9.45
C LEU I 176 15.23 -38.51 8.46
N VAL I 177 13.99 -38.87 8.77
CA VAL I 177 13.19 -39.69 7.89
C VAL I 177 12.01 -38.89 7.35
N LEU I 178 11.85 -38.86 6.03
CA LEU I 178 10.70 -38.21 5.39
C LEU I 178 9.81 -39.24 4.68
N TRP I 179 8.50 -39.02 4.70
CA TRP I 179 7.57 -39.83 3.92
C TRP I 179 6.42 -38.98 3.41
N GLY I 180 5.57 -39.55 2.58
CA GLY I 180 4.46 -38.83 2.02
C GLY I 180 3.16 -39.59 2.21
N ILE I 181 2.04 -38.87 2.11
CA ILE I 181 0.73 -39.47 2.07
C ILE I 181 0.04 -38.95 0.83
N HIS I 182 -0.38 -39.87 -0.04
CA HIS I 182 -1.06 -39.51 -1.27
C HIS I 182 -2.57 -39.60 -1.11
N HIS I 183 -3.25 -38.59 -1.63
CA HIS I 183 -4.69 -38.52 -1.61
C HIS I 183 -5.20 -38.41 -3.05
N PRO I 184 -5.69 -39.54 -3.62
CA PRO I 184 -6.18 -39.51 -5.00
C PRO I 184 -7.35 -38.55 -5.12
N SER I 185 -7.69 -38.11 -6.33
CA SER I 185 -8.82 -37.20 -6.51
C SER I 185 -10.16 -37.92 -6.58
N THR I 186 -10.14 -39.21 -6.91
CA THR I 186 -11.37 -39.98 -7.06
C THR I 186 -11.25 -41.36 -6.43
N SER I 187 -12.39 -41.94 -6.06
CA SER I 187 -12.41 -43.30 -5.53
C SER I 187 -11.91 -44.31 -6.57
N ALA I 188 -12.12 -44.00 -7.84
CA ALA I 188 -11.63 -44.85 -8.92
C ALA I 188 -10.12 -44.89 -8.93
N ASP I 189 -9.50 -43.73 -8.74
CA ASP I 189 -8.05 -43.68 -8.67
C ASP I 189 -7.56 -44.37 -7.41
N GLN I 190 -8.26 -44.17 -6.30
CA GLN I 190 -7.94 -44.91 -5.08
C GLN I 190 -7.84 -46.41 -5.35
N GLN I 191 -8.90 -47.00 -5.94
CA GLN I 191 -8.89 -48.44 -6.19
C GLN I 191 -7.81 -48.82 -7.20
N SER I 192 -7.65 -48.00 -8.22
CA SER I 192 -6.65 -48.25 -9.25
C SER I 192 -5.22 -48.24 -8.67
N LEU I 193 -4.98 -47.36 -7.70
CA LEU I 193 -3.65 -47.27 -7.10
C LEU I 193 -3.43 -48.30 -6.00
N TYR I 194 -4.36 -48.39 -5.06
CA TYR I 194 -4.12 -49.18 -3.84
C TYR I 194 -5.16 -50.26 -3.56
N GLN I 195 -6.15 -50.40 -4.45
CA GLN I 195 -7.17 -51.44 -4.34
C GLN I 195 -8.23 -51.21 -3.24
N ASN I 196 -7.79 -51.10 -1.99
CA ASN I 196 -8.65 -51.18 -0.80
C ASN I 196 -9.72 -50.10 -0.50
N ALA I 197 -9.59 -48.90 -1.01
CA ALA I 197 -10.64 -47.88 -0.82
C ALA I 197 -10.71 -47.23 0.57
N ASP I 198 -10.80 -48.04 1.63
CA ASP I 198 -10.73 -47.49 2.99
C ASP I 198 -9.41 -47.88 3.65
N THR I 199 -8.45 -46.97 3.60
CA THR I 199 -7.09 -47.29 4.01
C THR I 199 -6.64 -46.40 5.14
N TYR I 200 -5.49 -46.73 5.72
CA TYR I 200 -4.84 -45.89 6.71
C TYR I 200 -3.33 -46.05 6.56
N VAL I 201 -2.61 -45.08 7.09
CA VAL I 201 -1.17 -45.20 7.29
C VAL I 201 -0.92 -44.94 8.76
N PHE I 202 0.01 -45.69 9.36
CA PHE I 202 0.41 -45.41 10.73
C PHE I 202 1.94 -45.39 10.83
N VAL I 203 2.46 -44.39 11.52
CA VAL I 203 3.91 -44.24 11.73
C VAL I 203 4.14 -43.96 13.20
N CYS I 204 5.00 -44.74 13.83
CA CYS I 204 5.33 -44.51 15.23
C CYS I 204 6.76 -44.93 15.60
N SER I 205 7.37 -44.16 16.49
CA SER I 205 8.64 -44.52 17.09
C SER I 205 8.42 -44.58 18.59
N SER I 206 9.48 -44.44 19.38
CA SER I 206 9.29 -44.34 20.82
C SER I 206 8.70 -42.97 21.17
N ARG I 207 8.89 -42.02 20.27
CA ARG I 207 8.53 -40.64 20.53
C ARG I 207 7.40 -40.15 19.64
N TYR I 208 7.38 -40.62 18.40
CA TYR I 208 6.47 -40.12 17.40
C TYR I 208 5.31 -41.08 17.17
N SER I 209 4.16 -40.54 16.81
CA SER I 209 3.02 -41.38 16.47
C SER I 209 1.94 -40.56 15.77
N LYS I 210 1.60 -40.95 14.55
CA LYS I 210 0.51 -40.33 13.83
C LYS I 210 -0.23 -41.32 12.95
N LYS I 211 -1.55 -41.21 12.91
CA LYS I 211 -2.33 -42.01 11.97
C LYS I 211 -2.84 -41.10 10.86
N PHE I 212 -2.76 -41.59 9.63
CA PHE I 212 -3.13 -40.81 8.47
C PHE I 212 -4.26 -41.50 7.71
N LYS I 213 -5.18 -40.71 7.16
CA LYS I 213 -6.27 -41.23 6.37
C LYS I 213 -6.33 -40.51 5.03
N PRO I 214 -6.49 -41.26 3.94
CA PRO I 214 -6.66 -40.63 2.63
C PRO I 214 -7.83 -39.66 2.65
N GLU I 215 -7.68 -38.54 1.96
CA GLU I 215 -8.74 -37.56 1.86
C GLU I 215 -9.05 -37.34 0.40
N ILE I 216 -9.99 -38.14 -0.10
CA ILE I 216 -10.28 -38.22 -1.53
C ILE I 216 -11.20 -37.11 -1.98
N ALA I 217 -10.69 -36.26 -2.87
CA ALA I 217 -11.51 -35.21 -3.45
C ALA I 217 -10.81 -34.58 -4.65
N ILE I 218 -11.60 -34.02 -5.55
CA ILE I 218 -11.09 -33.28 -6.69
C ILE I 218 -10.74 -31.85 -6.25
N CYS I 219 -9.46 -31.60 -6.04
CA CYS I 219 -8.96 -30.27 -5.70
C CYS I 219 -8.45 -29.59 -6.95
N PRO I 220 -8.25 -28.26 -6.90
CA PRO I 220 -7.76 -27.52 -8.06
C PRO I 220 -6.50 -28.13 -8.66
N LYS I 221 -6.37 -28.02 -9.99
CA LYS I 221 -5.20 -28.57 -10.67
C LYS I 221 -3.93 -27.77 -10.38
N VAL I 222 -2.96 -28.45 -9.77
CA VAL I 222 -1.64 -27.85 -9.58
C VAL I 222 -0.65 -28.73 -10.30
N ARG I 223 0.11 -28.12 -11.21
CA ARG I 223 0.96 -28.89 -12.11
C ARG I 223 0.17 -30.07 -12.69
N ASP I 224 -1.09 -29.79 -13.05
CA ASP I 224 -1.98 -30.74 -13.72
C ASP I 224 -2.50 -31.87 -12.85
N GLN I 225 -2.27 -31.78 -11.54
CA GLN I 225 -2.73 -32.82 -10.64
C GLN I 225 -3.85 -32.31 -9.73
N GLU I 226 -4.93 -33.08 -9.68
CA GLU I 226 -6.09 -32.75 -8.87
C GLU I 226 -6.00 -33.48 -7.55
N GLY I 227 -5.11 -34.46 -7.49
CA GLY I 227 -4.78 -35.13 -6.26
C GLY I 227 -3.79 -34.31 -5.44
N ARG I 228 -3.48 -34.80 -4.24
CA ARG I 228 -2.54 -34.13 -3.37
C ARG I 228 -1.62 -35.15 -2.71
N MET I 229 -0.46 -34.68 -2.25
CA MET I 229 0.49 -35.52 -1.54
C MET I 229 1.07 -34.69 -0.39
N ASN I 230 0.85 -35.13 0.84
CA ASN I 230 1.37 -34.41 2.00
C ASN I 230 2.68 -35.01 2.46
N TYR I 231 3.60 -34.16 2.90
CA TYR I 231 4.96 -34.56 3.23
C TYR I 231 5.22 -34.42 4.72
N TYR I 232 5.71 -35.49 5.32
CA TYR I 232 5.96 -35.52 6.75
C TYR I 232 7.40 -35.93 7.02
N TRP I 233 7.92 -35.56 8.18
CA TRP I 233 9.28 -35.93 8.55
C TRP I 233 9.35 -36.12 10.03
N THR I 234 10.38 -36.81 10.48
CA THR I 234 10.70 -36.81 11.90
C THR I 234 12.17 -37.18 12.11
N LEU I 235 12.68 -36.86 13.29
CA LEU I 235 14.04 -37.24 13.63
C LEU I 235 14.01 -38.41 14.61
N VAL I 236 14.57 -39.54 14.17
CA VAL I 236 14.64 -40.72 15.01
C VAL I 236 15.95 -40.70 15.79
N GLU I 237 15.85 -40.76 17.11
CA GLU I 237 17.03 -40.74 17.98
C GLU I 237 17.86 -41.99 17.75
N PRO I 238 19.12 -41.96 18.17
CA PRO I 238 20.00 -43.13 18.04
C PRO I 238 19.51 -44.29 18.90
N GLY I 239 19.48 -45.48 18.32
CA GLY I 239 19.00 -46.66 19.05
C GLY I 239 17.51 -46.93 18.94
N ASP I 240 16.75 -45.92 18.54
CA ASP I 240 15.29 -46.02 18.49
C ASP I 240 14.81 -46.66 17.19
N LYS I 241 13.60 -47.20 17.23
CA LYS I 241 12.98 -47.81 16.06
C LYS I 241 11.82 -46.96 15.54
N ILE I 242 11.68 -46.87 14.23
CA ILE I 242 10.51 -46.25 13.61
C ILE I 242 9.79 -47.27 12.75
N THR I 243 8.47 -47.33 12.88
CA THR I 243 7.69 -48.33 12.16
C THR I 243 6.68 -47.70 11.21
N PHE I 244 6.56 -48.28 10.03
CA PHE I 244 5.56 -47.89 9.06
C PHE I 244 4.54 -49.01 8.87
N GLU I 245 3.27 -48.65 8.82
CA GLU I 245 2.22 -49.60 8.54
C GLU I 245 1.24 -48.93 7.60
N ALA I 246 0.68 -49.67 6.65
CA ALA I 246 -0.21 -49.06 5.68
C ALA I 246 -1.06 -50.11 4.96
N THR I 247 -2.21 -49.69 4.45
CA THR I 247 -3.02 -50.54 3.58
C THR I 247 -3.29 -49.78 2.29
N GLY I 248 -2.54 -48.69 2.10
CA GLY I 248 -2.63 -47.87 0.90
C GLY I 248 -2.02 -46.51 1.16
N ASN I 249 -1.80 -45.75 0.08
CA ASN I 249 -1.57 -44.31 0.17
C ASN I 249 -0.24 -43.82 0.78
N LEU I 250 0.65 -44.75 1.13
CA LEU I 250 1.93 -44.39 1.74
C LEU I 250 3.07 -44.25 0.72
N VAL I 251 3.64 -43.06 0.65
CA VAL I 251 4.86 -42.85 -0.12
C VAL I 251 5.99 -43.12 0.84
N VAL I 252 6.60 -44.29 0.73
CA VAL I 252 7.58 -44.75 1.72
C VAL I 252 8.90 -44.03 1.64
N PRO I 253 9.66 -44.03 2.75
CA PRO I 253 11.02 -43.52 2.71
C PRO I 253 11.86 -44.49 1.88
N ARG I 254 12.75 -43.96 1.06
CA ARG I 254 13.78 -44.78 0.43
C ARG I 254 15.12 -44.33 0.97
N TYR I 255 15.42 -43.04 0.81
CA TYR I 255 16.63 -42.45 1.39
C TYR I 255 16.30 -41.58 2.59
N ALA I 256 17.07 -41.74 3.66
CA ALA I 256 16.96 -40.90 4.84
C ALA I 256 18.33 -40.29 5.12
N PHE I 257 18.44 -39.56 6.22
CA PHE I 257 19.65 -38.77 6.47
C PHE I 257 20.15 -38.88 7.91
N ALA I 258 21.32 -39.50 8.09
CA ALA I 258 22.04 -39.45 9.36
C ALA I 258 22.74 -38.10 9.54
N MET I 259 22.45 -37.40 10.64
CA MET I 259 22.96 -36.04 10.79
C MET I 259 23.17 -35.62 12.23
N GLU I 260 24.01 -34.61 12.40
CA GLU I 260 24.12 -33.90 13.67
C GLU I 260 23.84 -32.43 13.46
N ARG I 261 22.83 -31.91 14.16
CA ARG I 261 22.41 -30.52 13.98
C ARG I 261 23.31 -29.58 14.76
N ASN I 262 23.48 -28.37 14.24
CA ASN I 262 24.39 -27.41 14.83
C ASN I 262 23.71 -26.14 15.34
N ALA I 263 23.99 -25.82 16.61
CA ALA I 263 23.61 -24.56 17.24
C ALA I 263 22.45 -23.81 16.58
N GLY I 264 22.70 -22.54 16.26
CA GLY I 264 21.66 -21.69 15.72
C GLY I 264 22.15 -20.86 14.55
N SER I 265 22.05 -21.40 13.35
CA SER I 265 22.38 -20.65 12.16
C SER I 265 21.08 -20.27 11.46
N GLY I 266 21.13 -20.07 10.16
CA GLY I 266 19.97 -19.61 9.45
C GLY I 266 20.06 -19.79 7.96
N ILE I 267 19.16 -19.11 7.25
CA ILE I 267 19.03 -19.28 5.82
C ILE I 267 19.08 -17.93 5.14
N ILE I 268 19.90 -17.84 4.11
CA ILE I 268 20.00 -16.63 3.33
C ILE I 268 19.46 -16.87 1.94
N ILE I 269 18.59 -15.96 1.50
CA ILE I 269 18.02 -16.01 0.15
C ILE I 269 18.50 -14.80 -0.62
N SER I 270 19.29 -15.03 -1.67
CA SER I 270 19.80 -13.93 -2.50
C SER I 270 20.65 -14.44 -3.66
N ASP I 271 20.88 -13.57 -4.63
CA ASP I 271 21.67 -13.91 -5.82
C ASP I 271 23.15 -13.57 -5.65
N THR I 272 23.52 -13.04 -4.49
CA THR I 272 24.93 -12.75 -4.19
C THR I 272 25.76 -14.02 -4.33
N PRO I 273 26.83 -13.97 -5.15
CA PRO I 273 27.63 -15.16 -5.42
C PRO I 273 28.40 -15.65 -4.20
N VAL I 274 28.57 -16.97 -4.13
CA VAL I 274 29.40 -17.58 -3.09
C VAL I 274 30.87 -17.42 -3.48
N HIS I 275 31.75 -17.38 -2.49
CA HIS I 275 33.17 -17.20 -2.73
C HIS I 275 33.98 -17.94 -1.68
N ASP I 276 35.22 -18.31 -2.01
CA ASP I 276 36.10 -18.92 -1.02
C ASP I 276 36.78 -17.84 -0.20
N CYS I 277 36.01 -17.20 0.68
CA CYS I 277 36.53 -16.23 1.61
C CYS I 277 36.04 -16.61 2.99
N ASN I 278 36.71 -16.12 4.02
CA ASN I 278 36.28 -16.34 5.39
C ASN I 278 35.60 -15.10 5.95
N THR I 279 34.65 -15.31 6.86
CA THR I 279 34.00 -14.19 7.53
C THR I 279 33.48 -14.59 8.90
N THR I 280 33.31 -13.61 9.78
CA THR I 280 32.68 -13.84 11.08
C THR I 280 31.27 -13.27 11.08
N CYS I 281 30.94 -12.50 10.05
CA CYS I 281 29.61 -11.88 9.97
C CYS I 281 29.10 -11.84 8.53
N GLN I 282 28.02 -12.56 8.26
CA GLN I 282 27.46 -12.65 6.91
C GLN I 282 26.14 -11.89 6.73
N THR I 283 26.06 -11.15 5.64
CA THR I 283 24.88 -10.38 5.25
C THR I 283 24.34 -10.96 3.94
N PRO I 284 23.05 -10.78 3.64
CA PRO I 284 22.57 -11.27 2.34
C PRO I 284 23.14 -10.47 1.16
N LYS I 285 23.73 -9.31 1.42
CA LYS I 285 24.35 -8.48 0.39
C LYS I 285 25.85 -8.74 0.27
N GLY I 286 26.41 -9.41 1.28
CA GLY I 286 27.84 -9.64 1.32
C GLY I 286 28.35 -9.80 2.75
N ALA I 287 29.61 -10.15 2.90
CA ALA I 287 30.18 -10.39 4.22
C ALA I 287 30.68 -9.09 4.83
N ILE I 288 30.70 -9.06 6.16
CA ILE I 288 31.24 -7.94 6.89
C ILE I 288 32.37 -8.41 7.78
N ASN I 289 33.57 -7.88 7.53
CA ASN I 289 34.69 -8.13 8.43
C ASN I 289 35.20 -6.82 8.99
N THR I 290 34.91 -6.57 10.25
CA THR I 290 35.33 -5.32 10.87
C THR I 290 35.52 -5.53 12.37
N SER I 291 36.26 -4.63 12.99
CA SER I 291 36.39 -4.64 14.45
C SER I 291 35.44 -3.60 15.05
N LEU I 292 34.80 -2.84 14.18
CA LEU I 292 33.94 -1.74 14.62
C LEU I 292 32.67 -2.25 15.28
N PRO I 293 32.13 -1.48 16.24
CA PRO I 293 30.98 -1.93 17.05
C PRO I 293 29.63 -1.80 16.34
N PHE I 294 29.56 -1.00 15.27
CA PHE I 294 28.31 -0.66 14.64
C PHE I 294 28.41 -0.85 13.14
N GLN I 295 27.28 -1.05 12.49
CA GLN I 295 27.25 -1.41 11.09
C GLN I 295 25.93 -0.93 10.52
N ASN I 296 25.95 -0.41 9.30
CA ASN I 296 24.71 0.04 8.66
C ASN I 296 24.43 -0.63 7.33
N ILE I 297 24.98 -1.83 7.16
CA ILE I 297 24.80 -2.59 5.92
C ILE I 297 23.45 -3.29 5.82
N HIS I 298 23.05 -4.00 6.88
CA HIS I 298 21.86 -4.82 6.80
C HIS I 298 21.48 -5.36 8.18
N PRO I 299 20.18 -5.29 8.53
CA PRO I 299 19.69 -5.76 9.84
C PRO I 299 19.74 -7.26 10.02
N ILE I 300 19.61 -8.00 8.92
CA ILE I 300 19.54 -9.47 8.98
C ILE I 300 20.92 -10.07 8.74
N THR I 301 21.62 -10.38 9.83
CA THR I 301 22.97 -10.92 9.72
C THR I 301 23.05 -12.30 10.34
N ILE I 302 24.13 -13.01 10.06
CA ILE I 302 24.39 -14.28 10.73
C ILE I 302 25.85 -14.31 11.17
N GLY I 303 26.05 -14.52 12.47
CA GLY I 303 27.39 -14.61 13.02
C GLY I 303 27.59 -13.68 14.20
N LYS I 304 28.84 -13.29 14.42
CA LYS I 304 29.18 -12.34 15.48
C LYS I 304 29.36 -10.99 14.82
N CYS I 305 28.30 -10.18 14.81
CA CYS I 305 28.28 -8.96 14.00
C CYS I 305 28.23 -7.68 14.82
N PRO I 306 28.59 -6.55 14.19
CA PRO I 306 28.35 -5.26 14.86
C PRO I 306 26.84 -5.12 15.02
N LYS I 307 26.40 -4.12 15.76
CA LYS I 307 24.97 -3.88 15.88
C LYS I 307 24.50 -3.04 14.70
N TYR I 308 23.34 -3.38 14.15
CA TYR I 308 22.78 -2.61 13.04
C TYR I 308 22.20 -1.28 13.55
N VAL I 309 22.57 -0.19 12.89
CA VAL I 309 22.06 1.14 13.20
C VAL I 309 21.67 1.84 11.91
N LYS I 310 20.70 2.75 11.97
CA LYS I 310 20.30 3.49 10.77
C LYS I 310 21.13 4.77 10.56
N SER I 311 22.30 4.80 11.20
CA SER I 311 23.20 5.93 11.10
C SER I 311 23.95 5.95 9.77
N THR I 312 24.38 7.13 9.35
CA THR I 312 25.16 7.26 8.13
C THR I 312 26.59 7.66 8.45
N LYS I 313 26.81 8.13 9.68
CA LYS I 313 28.11 8.63 10.10
C LYS I 313 28.25 8.56 11.60
N LEU I 314 29.30 7.87 12.06
CA LEU I 314 29.62 7.81 13.48
C LEU I 314 31.12 8.05 13.64
N ARG I 315 31.51 9.32 13.61
CA ARG I 315 32.92 9.68 13.66
C ARG I 315 33.37 10.15 15.04
N LEU I 316 34.34 9.44 15.60
CA LEU I 316 34.87 9.72 16.92
C LEU I 316 36.10 10.62 16.81
N ALA I 317 36.03 11.79 17.42
CA ALA I 317 37.21 12.64 17.48
C ALA I 317 38.26 11.94 18.34
N THR I 318 39.53 12.09 17.97
CA THR I 318 40.63 11.66 18.82
C THR I 318 41.55 12.86 19.02
N GLY I 319 41.69 13.65 17.95
CA GLY I 319 42.50 14.85 17.99
C GLY I 319 41.69 16.04 18.46
N LEU I 320 42.28 17.22 18.34
CA LEU I 320 41.62 18.43 18.80
C LEU I 320 41.12 19.24 17.62
N ARG I 321 40.30 20.25 17.90
CA ARG I 321 39.77 21.11 16.87
C ARG I 321 40.91 21.69 16.04
N ASN I 322 40.79 21.56 14.72
CA ASN I 322 41.83 22.02 13.81
C ASN I 322 41.65 23.48 13.42
N ILE I 323 42.53 24.34 13.93
CA ILE I 323 42.48 25.75 13.59
C ILE I 323 43.82 26.19 12.98
N PRO I 324 43.94 26.11 11.65
CA PRO I 324 45.16 26.43 10.92
C PRO I 324 45.42 27.94 10.87
N SER I 325 44.36 28.73 10.85
CA SER I 325 44.44 30.19 10.89
C SER I 325 45.30 30.76 9.77
N GLY J 1 35.61 26.94 24.49
CA GLY J 1 35.65 25.61 25.07
C GLY J 1 35.68 25.64 26.59
N LEU J 2 35.39 24.49 27.20
CA LEU J 2 35.23 24.37 28.64
C LEU J 2 36.37 24.96 29.47
N PHE J 3 37.60 24.89 28.97
CA PHE J 3 38.76 25.31 29.77
C PHE J 3 39.41 26.63 29.31
N GLY J 4 38.84 27.27 28.31
CA GLY J 4 39.23 28.62 27.92
C GLY J 4 40.39 28.72 26.94
N ALA J 5 41.28 27.74 26.96
CA ALA J 5 42.49 27.77 26.14
C ALA J 5 42.25 27.66 24.63
N ILE J 6 41.98 26.45 24.16
CA ILE J 6 41.82 26.22 22.72
C ILE J 6 40.64 27.00 22.15
N ALA J 7 40.87 27.64 21.00
CA ALA J 7 39.87 28.52 20.41
C ALA J 7 39.41 29.56 21.43
N GLY J 8 40.31 29.90 22.36
CA GLY J 8 40.01 30.84 23.42
C GLY J 8 41.14 31.85 23.54
N PHE J 9 41.78 31.89 24.71
CA PHE J 9 42.86 32.84 24.90
C PHE J 9 44.11 32.48 24.09
N ILE J 10 44.18 31.24 23.61
CA ILE J 10 45.15 30.86 22.59
C ILE J 10 44.36 30.63 21.31
N GLU J 11 44.27 31.65 20.48
CA GLU J 11 43.23 31.72 19.45
C GLU J 11 43.40 30.82 18.24
N GLY J 12 44.56 30.17 18.11
CA GLY J 12 44.81 29.32 16.97
C GLY J 12 45.78 28.20 17.24
N GLY J 13 45.85 27.23 16.33
CA GLY J 13 46.78 26.13 16.45
C GLY J 13 48.03 26.41 15.64
N TRP J 14 49.02 25.54 15.76
CA TRP J 14 50.32 25.74 15.12
C TRP J 14 50.63 24.64 14.12
N THR J 15 50.51 24.93 12.83
CA THR J 15 50.90 23.95 11.82
C THR J 15 52.40 23.73 11.85
N GLY J 16 53.12 24.70 12.39
CA GLY J 16 54.58 24.63 12.46
C GLY J 16 55.09 23.68 13.53
N MET J 17 54.16 23.14 14.32
CA MET J 17 54.51 22.17 15.35
C MET J 17 53.95 20.80 15.00
N VAL J 18 54.56 20.15 14.01
CA VAL J 18 54.14 18.82 13.57
C VAL J 18 54.69 17.75 14.50
N ASP J 19 55.50 18.18 15.46
CA ASP J 19 56.11 17.27 16.44
C ASP J 19 55.06 16.48 17.24
N GLY J 20 53.94 17.11 17.57
CA GLY J 20 52.91 16.47 18.37
C GLY J 20 51.67 17.30 18.63
N TRP J 21 50.96 16.99 19.72
CA TRP J 21 49.67 17.61 20.01
C TRP J 21 49.78 18.95 20.73
N TYR J 22 50.56 19.01 21.80
CA TYR J 22 50.76 20.26 22.53
C TYR J 22 52.26 20.52 22.70
N GLY J 23 52.64 21.79 22.81
CA GLY J 23 54.03 22.12 23.03
C GLY J 23 54.32 23.60 23.17
N TYR J 24 55.50 24.01 22.71
CA TYR J 24 55.93 25.39 22.87
C TYR J 24 56.50 26.03 21.61
N HIS J 25 56.78 27.32 21.72
CA HIS J 25 57.56 28.07 20.75
C HIS J 25 58.31 29.17 21.49
N HIS J 26 59.64 29.15 21.40
CA HIS J 26 60.48 30.11 22.10
C HIS J 26 61.26 30.98 21.13
N GLN J 27 61.90 32.03 21.65
CA GLN J 27 62.76 32.90 20.86
C GLN J 27 63.67 33.75 21.74
N ASN J 28 64.79 33.17 22.15
CA ASN J 28 65.75 33.91 22.99
C ASN J 28 66.96 34.40 22.20
N GLU J 29 68.11 34.41 22.86
CA GLU J 29 69.36 34.88 22.24
C GLU J 29 69.73 34.06 21.01
N GLN J 30 69.95 32.77 21.20
CA GLN J 30 70.53 31.93 20.16
C GLN J 30 69.54 31.02 19.45
N GLY J 31 68.32 30.93 19.98
CA GLY J 31 67.37 29.99 19.44
C GLY J 31 65.99 30.58 19.18
N SER J 32 65.14 29.75 18.57
CA SER J 32 63.73 30.05 18.35
C SER J 32 63.12 28.91 17.54
N GLY J 33 61.89 28.53 17.88
CA GLY J 33 61.21 27.48 17.12
C GLY J 33 60.15 26.68 17.85
N TYR J 34 59.56 25.73 17.13
CA TYR J 34 58.47 24.92 17.67
C TYR J 34 58.96 23.57 18.23
N ALA J 35 58.45 23.21 19.39
CA ALA J 35 58.79 21.92 20.01
C ALA J 35 57.62 21.39 20.85
N ALA J 36 56.96 20.34 20.37
CA ALA J 36 55.84 19.74 21.10
C ALA J 36 56.31 19.09 22.40
N ASP J 37 55.52 19.28 23.45
CA ASP J 37 55.84 18.70 24.76
C ASP J 37 55.57 17.21 24.79
N LEU J 38 56.63 16.41 24.71
CA LEU J 38 56.52 14.96 24.57
C LEU J 38 55.78 14.27 25.72
N LYS J 39 55.99 14.75 26.95
CA LYS J 39 55.35 14.16 28.12
C LYS J 39 53.83 14.28 28.06
N SER J 40 53.35 15.50 27.84
CA SER J 40 51.91 15.74 27.76
C SER J 40 51.31 15.15 26.50
N THR J 41 52.02 15.28 25.38
CA THR J 41 51.55 14.74 24.11
C THR J 41 51.41 13.22 24.19
N GLN J 42 52.48 12.56 24.58
CA GLN J 42 52.46 11.10 24.70
C GLN J 42 51.34 10.62 25.64
N ASN J 43 51.09 11.38 26.69
CA ASN J 43 50.07 11.00 27.65
C ASN J 43 48.64 11.10 27.11
N ALA J 44 48.41 12.08 26.23
CA ALA J 44 47.12 12.23 25.59
C ALA J 44 46.93 11.13 24.56
N ILE J 45 48.01 10.74 23.89
CA ILE J 45 47.97 9.65 22.92
C ILE J 45 47.62 8.35 23.63
N ASP J 46 48.26 8.10 24.76
CA ASP J 46 47.96 6.91 25.56
C ASP J 46 46.49 6.90 26.00
N GLU J 47 46.03 8.02 26.56
CA GLU J 47 44.70 8.09 27.13
C GLU J 47 43.60 8.09 26.07
N ILE J 48 43.81 8.81 24.96
CA ILE J 48 42.83 8.81 23.88
C ILE J 48 42.72 7.45 23.18
N THR J 49 43.84 6.75 23.06
CA THR J 49 43.83 5.39 22.52
C THR J 49 42.98 4.48 23.39
N ASN J 50 43.20 4.53 24.69
CA ASN J 50 42.41 3.75 25.62
C ASN J 50 40.93 4.06 25.47
N LYS J 51 40.62 5.33 25.28
CA LYS J 51 39.23 5.75 25.06
C LYS J 51 38.66 5.06 23.83
N VAL J 52 39.39 5.15 22.71
CA VAL J 52 38.93 4.56 21.47
C VAL J 52 38.77 3.04 21.63
N ASN J 53 39.81 2.38 22.11
CA ASN J 53 39.79 0.95 22.34
C ASN J 53 38.64 0.53 23.25
N SER J 54 38.30 1.39 24.22
CA SER J 54 37.20 1.13 25.15
C SER J 54 35.86 1.01 24.45
N VAL J 55 35.53 2.04 23.66
CA VAL J 55 34.28 2.09 22.93
C VAL J 55 34.14 0.91 21.97
N ILE J 56 35.27 0.48 21.42
CA ILE J 56 35.24 -0.59 20.43
C ILE J 56 35.27 -1.97 21.08
N GLU J 57 36.21 -2.17 21.99
CA GLU J 57 36.43 -3.48 22.60
C GLU J 57 35.32 -3.95 23.55
N LYS J 58 34.61 -3.00 24.16
CA LYS J 58 33.55 -3.38 25.11
C LYS J 58 32.35 -4.03 24.42
N MET J 59 32.23 -3.85 23.10
CA MET J 59 31.08 -4.42 22.38
C MET J 59 31.00 -5.95 22.55
N ASN J 60 31.79 -6.68 21.78
CA ASN J 60 31.86 -8.15 21.91
C ASN J 60 30.51 -8.87 21.95
N THR J 61 29.89 -9.01 20.79
CA THR J 61 28.52 -9.50 20.68
C THR J 61 28.40 -11.01 20.72
N GLN J 62 27.15 -11.46 20.81
CA GLN J 62 26.81 -12.87 20.76
C GLN J 62 26.67 -13.30 19.31
N PHE J 63 27.01 -14.56 19.02
CA PHE J 63 26.73 -15.12 17.71
C PHE J 63 25.21 -15.29 17.56
N THR J 64 24.68 -14.78 16.46
CA THR J 64 23.24 -14.74 16.26
C THR J 64 22.91 -14.81 14.79
N ALA J 65 21.90 -15.62 14.47
CA ALA J 65 21.28 -15.62 13.16
C ALA J 65 19.98 -14.83 13.27
N VAL J 66 19.97 -13.62 12.74
CA VAL J 66 18.88 -12.68 12.97
C VAL J 66 17.58 -13.09 12.27
N GLY J 67 17.69 -13.50 11.02
CA GLY J 67 16.53 -13.82 10.21
C GLY J 67 15.71 -14.98 10.74
N LYS J 68 14.40 -14.89 10.59
CA LYS J 68 13.51 -16.02 10.88
C LYS J 68 12.51 -16.15 9.74
N GLU J 69 12.05 -17.38 9.50
CA GLU J 69 11.03 -17.66 8.49
C GLU J 69 9.71 -18.06 9.15
N PHE J 70 8.65 -17.31 8.86
CA PHE J 70 7.32 -17.63 9.37
C PHE J 70 6.34 -17.79 8.22
N ASN J 71 5.41 -18.72 8.36
CA ASN J 71 4.46 -18.96 7.28
C ASN J 71 3.25 -18.01 7.34
N HIS J 72 2.28 -18.26 6.47
CA HIS J 72 1.20 -17.30 6.25
C HIS J 72 0.18 -17.31 7.40
N LEU J 73 0.32 -18.27 8.30
CA LEU J 73 -0.54 -18.33 9.48
C LEU J 73 0.28 -18.12 10.75
N GLU J 74 1.40 -17.42 10.60
CA GLU J 74 2.24 -17.10 11.74
C GLU J 74 2.59 -15.62 11.72
N LYS J 75 1.66 -14.80 11.25
CA LYS J 75 1.89 -13.37 11.08
C LYS J 75 2.10 -12.68 12.42
N ARG J 76 1.49 -13.19 13.48
CA ARG J 76 1.66 -12.58 14.81
C ARG J 76 3.09 -12.72 15.32
N ILE J 77 3.64 -13.94 15.30
CA ILE J 77 5.01 -14.13 15.80
C ILE J 77 6.01 -13.50 14.84
N GLU J 78 5.67 -13.45 13.56
CA GLU J 78 6.52 -12.74 12.60
C GLU J 78 6.59 -11.27 12.96
N ASN J 79 5.46 -10.71 13.38
CA ASN J 79 5.43 -9.30 13.75
C ASN J 79 6.09 -9.03 15.11
N LEU J 80 6.00 -10.02 16.00
CA LEU J 80 6.74 -9.96 17.26
C LEU J 80 8.24 -9.95 16.98
N ASN J 81 8.69 -10.83 16.08
CA ASN J 81 10.07 -10.86 15.64
C ASN J 81 10.51 -9.54 15.05
N LYS J 82 9.65 -8.94 14.23
CA LYS J 82 9.93 -7.64 13.65
C LYS J 82 10.15 -6.61 14.75
N LYS J 83 9.32 -6.68 15.79
CA LYS J 83 9.35 -5.71 16.88
C LYS J 83 10.66 -5.80 17.67
N VAL J 84 11.16 -7.02 17.82
CA VAL J 84 12.45 -7.26 18.45
C VAL J 84 13.58 -6.60 17.64
N ASP J 85 13.68 -6.94 16.35
CA ASP J 85 14.72 -6.33 15.52
C ASP J 85 14.64 -4.81 15.49
N ASP J 86 13.43 -4.26 15.38
CA ASP J 86 13.24 -2.80 15.33
C ASP J 86 13.58 -2.13 16.64
N GLY J 87 13.23 -2.77 17.76
CA GLY J 87 13.55 -2.22 19.07
C GLY J 87 15.04 -2.19 19.35
N PHE J 88 15.73 -3.28 19.01
CA PHE J 88 17.17 -3.30 19.11
C PHE J 88 17.74 -2.22 18.21
N LEU J 89 17.12 -2.03 17.05
CA LEU J 89 17.56 -1.01 16.10
C LEU J 89 17.48 0.41 16.67
N ASP J 90 16.36 0.74 17.30
CA ASP J 90 16.16 2.08 17.84
C ASP J 90 17.08 2.34 19.02
N ILE J 91 17.27 1.33 19.86
CA ILE J 91 18.18 1.44 21.00
C ILE J 91 19.63 1.71 20.56
N TRP J 92 20.15 0.88 19.67
CA TRP J 92 21.53 1.02 19.25
C TRP J 92 21.77 2.27 18.41
N THR J 93 20.83 2.63 17.54
CA THR J 93 20.98 3.85 16.75
C THR J 93 21.05 5.08 17.66
N TYR J 94 20.16 5.15 18.63
CA TYR J 94 20.11 6.28 19.56
C TYR J 94 21.34 6.29 20.47
N ASN J 95 21.61 5.17 21.14
CA ASN J 95 22.78 5.09 22.02
C ASN J 95 24.10 5.36 21.28
N ALA J 96 24.22 4.89 20.04
CA ALA J 96 25.44 5.11 19.27
C ALA J 96 25.61 6.59 18.93
N GLU J 97 24.55 7.21 18.42
CA GLU J 97 24.57 8.63 18.06
C GLU J 97 24.89 9.52 19.27
N LEU J 98 24.25 9.24 20.39
CA LEU J 98 24.51 10.02 21.60
C LEU J 98 25.91 9.75 22.19
N LEU J 99 26.35 8.50 22.14
CA LEU J 99 27.70 8.16 22.60
C LEU J 99 28.71 9.01 21.87
N VAL J 100 28.56 9.09 20.54
CA VAL J 100 29.49 9.84 19.71
C VAL J 100 29.45 11.35 19.99
N LEU J 101 28.25 11.91 20.08
CA LEU J 101 28.10 13.35 20.33
C LEU J 101 28.66 13.76 21.68
N LEU J 102 28.32 13.00 22.72
CA LEU J 102 28.79 13.30 24.07
C LEU J 102 30.29 13.08 24.20
N GLU J 103 30.78 11.98 23.66
CA GLU J 103 32.19 11.66 23.82
C GLU J 103 33.09 12.58 22.98
N ASN J 104 32.58 13.03 21.84
CA ASN J 104 33.32 14.03 21.08
C ASN J 104 33.50 15.34 21.86
N GLU J 105 32.44 15.79 22.51
CA GLU J 105 32.55 16.98 23.34
C GLU J 105 33.56 16.76 24.46
N ARG J 106 33.48 15.60 25.11
CA ARG J 106 34.40 15.27 26.20
C ARG J 106 35.86 15.17 25.73
N THR J 107 36.07 14.66 24.52
CA THR J 107 37.41 14.59 23.96
C THR J 107 38.01 15.99 23.77
N LEU J 108 37.19 16.88 23.21
CA LEU J 108 37.63 18.25 22.96
C LEU J 108 37.98 19.00 24.25
N ASP J 109 37.11 18.90 25.26
CA ASP J 109 37.37 19.49 26.57
C ASP J 109 38.69 18.97 27.15
N TYR J 110 39.02 17.72 26.80
CA TYR J 110 40.22 17.07 27.29
C TYR J 110 41.46 17.77 26.74
N HIS J 111 41.48 17.97 25.42
CA HIS J 111 42.59 18.67 24.77
C HIS J 111 42.75 20.08 25.32
N ASP J 112 41.63 20.76 25.50
CA ASP J 112 41.58 22.10 26.07
C ASP J 112 42.19 22.10 27.46
N SER J 113 41.79 21.13 28.28
CA SER J 113 42.34 21.00 29.63
C SER J 113 43.85 20.78 29.62
N ASN J 114 44.33 19.91 28.75
CA ASN J 114 45.76 19.64 28.67
C ASN J 114 46.56 20.89 28.33
N VAL J 115 46.01 21.73 27.45
CA VAL J 115 46.68 22.97 27.06
C VAL J 115 46.69 23.96 28.24
N LYS J 116 45.51 24.19 28.81
CA LYS J 116 45.37 25.05 29.97
C LYS J 116 46.35 24.67 31.09
N ASN J 117 46.38 23.40 31.45
CA ASN J 117 47.27 22.92 32.50
C ASN J 117 48.73 23.19 32.15
N LEU J 118 49.07 23.00 30.88
CA LEU J 118 50.42 23.23 30.38
C LEU J 118 50.82 24.69 30.58
N TYR J 119 49.94 25.58 30.12
CA TYR J 119 50.14 27.01 30.25
C TYR J 119 50.27 27.42 31.72
N GLU J 120 49.28 27.05 32.54
CA GLU J 120 49.31 27.37 33.96
C GLU J 120 50.55 26.80 34.65
N LYS J 121 51.05 25.68 34.15
CA LYS J 121 52.24 25.08 34.75
C LYS J 121 53.46 25.98 34.57
N VAL J 122 53.50 26.73 33.48
CA VAL J 122 54.57 27.70 33.25
C VAL J 122 54.35 28.97 34.06
N ARG J 123 53.15 29.55 33.95
CA ARG J 123 52.80 30.75 34.68
C ARG J 123 53.08 30.64 36.17
N SER J 124 52.92 29.43 36.71
CA SER J 124 53.08 29.22 38.14
C SER J 124 54.57 29.23 38.55
N GLN J 125 55.45 29.01 37.58
CA GLN J 125 56.89 29.01 37.83
C GLN J 125 57.49 30.41 37.73
N LEU J 126 57.28 31.06 36.59
CA LEU J 126 57.86 32.37 36.33
C LEU J 126 57.36 33.42 37.31
N LYS J 127 56.04 33.53 37.45
CA LYS J 127 55.43 34.42 38.41
C LYS J 127 55.62 35.90 38.07
N ASN J 128 56.53 36.55 38.80
CA ASN J 128 56.81 37.98 38.64
C ASN J 128 57.99 38.21 37.71
N ASN J 129 58.68 37.13 37.35
CA ASN J 129 59.87 37.21 36.50
C ASN J 129 59.52 37.29 35.02
N ALA J 130 58.24 37.40 34.71
CA ALA J 130 57.79 37.51 33.32
C ALA J 130 56.36 38.05 33.26
N LYS J 131 55.97 38.55 32.10
CA LYS J 131 54.60 39.02 31.92
C LYS J 131 53.79 38.10 30.99
N GLU J 132 52.48 38.04 31.20
CA GLU J 132 51.59 37.34 30.28
C GLU J 132 51.22 38.29 29.15
N ILE J 133 51.83 38.11 27.98
CA ILE J 133 51.59 39.04 26.88
C ILE J 133 50.36 38.70 26.07
N GLY J 134 49.63 37.67 26.49
CA GLY J 134 48.42 37.26 25.81
C GLY J 134 48.67 36.20 24.75
N ASN J 135 47.59 35.62 24.26
CA ASN J 135 47.67 34.57 23.26
C ASN J 135 48.55 33.42 23.74
N GLY J 136 48.50 33.15 25.04
CA GLY J 136 49.24 32.04 25.62
C GLY J 136 50.73 32.25 25.66
N CYS J 137 51.16 33.49 25.41
CA CYS J 137 52.59 33.80 25.36
C CYS J 137 53.11 34.45 26.64
N PHE J 138 54.33 34.07 27.01
CA PHE J 138 55.02 34.66 28.15
C PHE J 138 56.22 35.46 27.65
N GLU J 139 56.38 36.68 28.15
CA GLU J 139 57.56 37.48 27.86
C GLU J 139 58.36 37.68 29.14
N PHE J 140 59.55 37.08 29.18
CA PHE J 140 60.40 37.17 30.35
C PHE J 140 60.84 38.61 30.65
N TYR J 141 60.92 38.94 31.93
CA TYR J 141 61.43 40.24 32.36
C TYR J 141 62.96 40.18 32.51
N HIS J 142 63.55 39.11 32.00
CA HIS J 142 64.99 38.92 32.07
C HIS J 142 65.48 38.03 30.92
N LYS J 143 66.77 37.74 30.93
CA LYS J 143 67.40 36.90 29.91
C LYS J 143 67.19 35.41 30.21
N CYS J 144 66.64 34.69 29.24
CA CYS J 144 66.37 33.27 29.43
C CYS J 144 66.88 32.44 28.26
N ASP J 145 68.15 32.05 28.32
CA ASP J 145 68.75 31.24 27.27
C ASP J 145 68.15 29.85 27.23
N ASN J 146 68.69 29.00 26.37
CA ASN J 146 68.18 27.63 26.20
C ASN J 146 68.22 26.83 27.50
N THR J 147 69.26 27.04 28.30
CA THR J 147 69.37 26.34 29.58
C THR J 147 68.21 26.72 30.49
N CYS J 148 67.83 27.99 30.46
CA CYS J 148 66.73 28.50 31.27
C CYS J 148 65.38 28.12 30.67
N MET J 149 65.29 28.17 29.35
CA MET J 149 64.04 27.85 28.65
C MET J 149 63.67 26.40 28.88
N GLU J 150 64.63 25.50 28.66
CA GLU J 150 64.42 24.08 28.91
C GLU J 150 64.00 23.86 30.37
N SER J 151 64.61 24.63 31.27
CA SER J 151 64.36 24.50 32.71
C SER J 151 62.90 24.74 33.08
N VAL J 152 62.21 25.57 32.30
CA VAL J 152 60.79 25.83 32.55
C VAL J 152 59.92 24.68 32.03
N LYS J 153 60.44 23.97 31.03
CA LYS J 153 59.74 22.81 30.47
C LYS J 153 59.90 21.60 31.39
N ASN J 154 60.71 21.76 32.44
CA ASN J 154 60.93 20.69 33.40
C ASN J 154 60.20 20.93 34.72
N GLY J 155 59.74 22.16 34.92
CA GLY J 155 59.13 22.56 36.17
C GLY J 155 60.19 22.86 37.22
N THR J 156 61.40 23.16 36.77
CA THR J 156 62.55 23.37 37.65
C THR J 156 63.11 24.79 37.60
N TYR J 157 62.38 25.69 36.95
CA TYR J 157 62.78 27.10 36.88
C TYR J 157 63.13 27.64 38.27
N ASP J 158 64.25 28.36 38.36
CA ASP J 158 64.70 28.93 39.61
C ASP J 158 64.29 30.40 39.69
N TYR J 159 63.13 30.66 40.31
CA TYR J 159 62.60 32.00 40.42
C TYR J 159 63.60 33.03 40.99
N PRO J 160 64.23 32.71 42.14
CA PRO J 160 65.10 33.69 42.81
C PRO J 160 66.39 34.00 42.07
N LYS J 161 66.82 33.13 41.15
CA LYS J 161 68.07 33.34 40.42
C LYS J 161 68.00 34.51 39.43
N TYR J 162 66.78 34.92 39.08
CA TYR J 162 66.61 35.99 38.11
C TYR J 162 65.70 37.10 38.63
N SER J 163 65.26 36.95 39.88
CA SER J 163 64.30 37.87 40.49
C SER J 163 64.77 39.33 40.43
N GLU J 164 65.94 39.57 41.01
CA GLU J 164 66.53 40.91 41.08
C GLU J 164 66.59 41.59 39.71
N GLU J 165 67.01 40.83 38.70
CA GLU J 165 67.17 41.36 37.34
C GLU J 165 65.84 41.77 36.72
N ALA J 166 64.82 40.93 36.91
CA ALA J 166 63.50 41.20 36.37
C ALA J 166 62.88 42.43 37.02
N LYS J 167 63.11 42.59 38.32
CA LYS J 167 62.57 43.71 39.10
C LYS J 167 62.83 45.06 38.45
N LEU J 168 64.00 45.21 37.83
CA LEU J 168 64.37 46.48 37.22
C LEU J 168 63.61 46.72 35.91
N ASN J 169 63.44 45.67 35.11
CA ASN J 169 62.78 45.78 33.82
C ASN J 169 61.30 46.20 33.86
N ARG J 170 60.83 46.65 35.02
CA ARG J 170 59.45 47.11 35.16
C ARG J 170 59.36 48.59 35.53
N ASP K 3 56.01 29.90 58.97
CA ASP K 3 54.73 29.23 59.19
C ASP K 3 54.06 28.89 57.86
N THR K 4 53.78 27.60 57.65
CA THR K 4 53.24 27.10 56.38
C THR K 4 51.81 26.60 56.51
N LEU K 5 51.06 26.73 55.41
CA LEU K 5 49.75 26.11 55.29
C LEU K 5 49.62 25.42 53.94
N CYS K 6 49.40 24.11 53.96
CA CYS K 6 49.32 23.31 52.74
C CYS K 6 47.92 22.74 52.48
N ILE K 7 47.47 22.86 51.25
CA ILE K 7 46.21 22.28 50.83
C ILE K 7 46.50 20.95 50.12
N GLY K 8 45.88 19.87 50.61
CA GLY K 8 46.14 18.55 50.08
C GLY K 8 44.94 17.62 50.07
N TYR K 9 45.17 16.36 49.74
CA TYR K 9 44.11 15.39 49.65
C TYR K 9 44.47 14.05 50.28
N HIS K 10 43.46 13.22 50.49
CA HIS K 10 43.60 11.97 51.22
C HIS K 10 44.41 10.92 50.46
N ALA K 11 45.05 10.03 51.23
CA ALA K 11 45.62 8.80 50.70
C ALA K 11 45.49 7.73 51.77
N ASN K 12 45.51 6.46 51.37
CA ASN K 12 45.36 5.36 52.33
C ASN K 12 46.03 4.07 51.87
N ASN K 13 45.75 2.99 52.58
CA ASN K 13 46.35 1.69 52.27
C ASN K 13 45.56 0.90 51.22
N SER K 14 44.58 1.55 50.60
CA SER K 14 43.69 0.89 49.65
C SER K 14 44.41 0.37 48.41
N THR K 15 44.06 -0.84 48.00
CA THR K 15 44.58 -1.44 46.78
C THR K 15 43.49 -1.63 45.73
N ASP K 16 42.28 -1.19 46.05
CA ASP K 16 41.16 -1.21 45.12
C ASP K 16 41.52 -0.54 43.80
N THR K 17 41.16 -1.18 42.69
CA THR K 17 41.37 -0.59 41.39
C THR K 17 40.05 -0.44 40.62
N VAL K 18 39.98 0.60 39.79
CA VAL K 18 38.87 0.79 38.88
C VAL K 18 39.42 1.12 37.50
N ASP K 19 38.62 0.92 36.47
CA ASP K 19 39.02 1.33 35.13
C ASP K 19 38.33 2.63 34.80
N THR K 20 38.99 3.47 34.01
CA THR K 20 38.35 4.67 33.53
C THR K 20 38.43 4.67 32.02
N VAL K 21 37.57 5.45 31.38
CA VAL K 21 37.56 5.52 29.92
C VAL K 21 38.96 5.89 29.39
N LEU K 22 39.74 6.59 30.21
CA LEU K 22 41.04 7.10 29.80
C LEU K 22 42.20 6.15 30.11
N GLU K 23 42.14 5.47 31.25
CA GLU K 23 43.22 4.57 31.60
C GLU K 23 42.79 3.46 32.54
N LYS K 24 43.36 2.27 32.33
CA LYS K 24 42.98 1.07 33.07
C LYS K 24 43.71 0.95 34.40
N ASN K 25 43.10 0.20 35.32
CA ASN K 25 43.76 -0.24 36.55
C ASN K 25 44.27 0.92 37.41
N VAL K 26 43.38 1.86 37.71
CA VAL K 26 43.71 3.03 38.54
C VAL K 26 43.34 2.79 40.00
N THR K 27 44.36 2.73 40.86
CA THR K 27 44.12 2.55 42.29
C THR K 27 43.41 3.78 42.85
N VAL K 28 42.41 3.57 43.69
CA VAL K 28 41.66 4.68 44.27
C VAL K 28 41.42 4.48 45.75
N THR K 29 41.17 5.58 46.46
CA THR K 29 40.99 5.54 47.91
C THR K 29 39.75 4.75 48.34
N HIS K 30 38.65 4.97 47.64
CA HIS K 30 37.40 4.27 47.95
C HIS K 30 36.64 3.90 46.66
N SER K 31 35.85 2.84 46.72
CA SER K 31 35.06 2.39 45.57
C SER K 31 33.94 1.44 45.98
N VAL K 32 32.97 1.26 45.11
CA VAL K 32 31.90 0.27 45.33
C VAL K 32 31.63 -0.52 44.06
N ASN K 33 31.37 -1.81 44.22
CA ASN K 33 31.04 -2.68 43.10
C ASN K 33 29.57 -2.53 42.70
N LEU K 34 29.32 -2.33 41.41
CA LEU K 34 27.96 -2.22 40.89
C LEU K 34 27.48 -3.58 40.43
N LEU K 35 28.34 -4.58 40.51
CA LEU K 35 28.01 -5.88 39.96
C LEU K 35 27.72 -6.87 41.07
N GLU K 36 26.51 -7.39 41.08
CA GLU K 36 26.19 -8.49 41.99
C GLU K 36 26.81 -9.76 41.43
N ASP K 37 27.83 -10.25 42.11
CA ASP K 37 28.57 -11.42 41.65
C ASP K 37 28.55 -12.51 42.70
N LYS K 38 27.58 -12.47 43.59
CA LYS K 38 27.42 -13.56 44.56
C LYS K 38 25.97 -13.95 44.81
N HIS K 39 25.80 -15.21 45.18
CA HIS K 39 24.47 -15.75 45.44
C HIS K 39 24.56 -16.57 46.72
N ASN K 40 23.42 -17.07 47.20
CA ASN K 40 23.39 -17.79 48.47
C ASN K 40 23.27 -19.29 48.32
N GLY K 41 23.36 -19.78 47.09
CA GLY K 41 23.33 -21.21 46.81
C GLY K 41 22.07 -21.96 47.21
N LYS K 42 20.96 -21.24 47.39
CA LYS K 42 19.70 -21.88 47.74
C LYS K 42 18.54 -21.43 46.84
N LEU K 43 17.51 -22.26 46.75
CA LEU K 43 16.30 -21.88 46.04
C LEU K 43 15.30 -21.39 47.07
N CYS K 44 15.06 -20.08 47.09
CA CYS K 44 14.30 -19.45 48.17
C CYS K 44 12.83 -19.25 47.84
N LYS K 45 12.08 -18.80 48.84
CA LYS K 45 10.73 -18.30 48.62
C LYS K 45 10.86 -16.98 47.87
N LEU K 46 9.95 -16.78 46.93
CA LEU K 46 9.90 -15.53 46.18
C LEU K 46 8.82 -14.70 46.85
N ARG K 47 9.13 -13.45 47.17
CA ARG K 47 8.12 -12.56 47.75
C ARG K 47 7.37 -13.26 48.88
N GLY K 48 8.05 -14.15 49.61
CA GLY K 48 7.45 -14.85 50.74
C GLY K 48 6.72 -16.14 50.40
N VAL K 49 6.68 -16.51 49.12
CA VAL K 49 5.96 -17.72 48.71
C VAL K 49 6.92 -18.80 48.20
N ALA K 50 6.91 -19.96 48.84
CA ALA K 50 7.82 -21.04 48.48
C ALA K 50 7.61 -21.54 47.05
N PRO K 51 8.61 -22.24 46.48
CA PRO K 51 8.39 -22.92 45.21
C PRO K 51 7.85 -24.31 45.45
N LEU K 52 7.27 -24.90 44.41
CA LEU K 52 6.85 -26.29 44.46
C LEU K 52 8.02 -27.13 43.98
N HIS K 53 8.60 -27.92 44.87
CA HIS K 53 9.72 -28.79 44.49
C HIS K 53 9.17 -30.18 44.19
N LEU K 54 9.45 -30.70 43.01
CA LEU K 54 8.81 -31.94 42.58
C LEU K 54 9.65 -33.19 42.84
N GLY K 55 10.82 -33.02 43.44
CA GLY K 55 11.68 -34.16 43.75
C GLY K 55 12.08 -34.96 42.52
N LYS K 56 11.91 -36.28 42.60
CA LYS K 56 12.26 -37.18 41.50
C LYS K 56 11.19 -37.22 40.40
N CYS K 57 10.20 -36.35 40.49
CA CYS K 57 9.12 -36.31 39.50
C CYS K 57 9.20 -35.09 38.60
N ASN K 58 8.66 -35.21 37.39
CA ASN K 58 8.48 -34.03 36.55
C ASN K 58 7.02 -33.58 36.63
N ILE K 59 6.71 -32.45 36.01
CA ILE K 59 5.34 -31.93 36.08
C ILE K 59 4.28 -32.92 35.57
N ALA K 60 4.62 -33.71 34.56
CA ALA K 60 3.69 -34.70 34.01
C ALA K 60 3.35 -35.76 35.06
N GLY K 61 4.38 -36.35 35.66
CA GLY K 61 4.19 -37.36 36.69
C GLY K 61 3.48 -36.84 37.91
N TRP K 62 3.67 -35.56 38.23
CA TRP K 62 3.02 -34.94 39.38
C TRP K 62 1.52 -34.77 39.12
N ILE K 63 1.19 -33.99 38.09
CA ILE K 63 -0.20 -33.66 37.79
C ILE K 63 -1.06 -34.89 37.48
N LEU K 64 -0.45 -35.92 36.92
CA LEU K 64 -1.17 -37.16 36.60
C LEU K 64 -1.30 -38.10 37.79
N GLY K 65 -0.44 -37.92 38.78
CA GLY K 65 -0.43 -38.78 39.93
C GLY K 65 0.33 -40.07 39.73
N ASN K 66 1.40 -40.02 38.95
CA ASN K 66 2.35 -41.12 38.87
C ASN K 66 2.58 -41.68 40.27
N PRO K 67 2.50 -43.01 40.42
CA PRO K 67 2.59 -43.67 41.73
C PRO K 67 3.83 -43.26 42.53
N GLU K 68 4.91 -42.92 41.82
CA GLU K 68 6.17 -42.59 42.47
C GLU K 68 6.20 -41.14 42.93
N CYS K 69 5.11 -40.42 42.71
CA CYS K 69 5.07 -39.00 43.03
C CYS K 69 4.25 -38.73 44.29
N GLU K 70 4.69 -37.74 45.07
CA GLU K 70 4.09 -37.46 46.37
C GLU K 70 2.64 -36.97 46.24
N SER K 76 -0.98 -25.68 48.20
CA SER K 76 -1.93 -24.56 48.23
C SER K 76 -1.54 -23.43 47.28
N SER K 77 -0.27 -23.05 47.31
CA SER K 77 0.24 -22.04 46.39
C SER K 77 1.76 -22.11 46.28
N TRP K 78 2.30 -21.58 45.20
CA TRP K 78 3.75 -21.53 44.99
C TRP K 78 4.10 -20.42 44.00
N SER K 79 5.37 -20.00 44.03
CA SER K 79 5.82 -18.88 43.22
C SER K 79 6.54 -19.34 41.96
N TYR K 80 7.02 -20.57 41.99
CA TYR K 80 7.63 -21.22 40.83
C TYR K 80 7.79 -22.71 41.10
N ILE K 81 8.13 -23.46 40.05
CA ILE K 81 8.26 -24.91 40.18
C ILE K 81 9.71 -25.33 40.01
N VAL K 82 10.14 -26.31 40.80
CA VAL K 82 11.52 -26.79 40.73
C VAL K 82 11.57 -28.27 40.44
N GLU K 83 12.21 -28.62 39.33
CA GLU K 83 12.52 -30.02 39.02
C GLU K 83 14.02 -30.18 39.12
N THR K 84 14.49 -31.38 39.45
CA THR K 84 15.92 -31.69 39.41
C THR K 84 16.26 -32.26 38.05
N PRO K 85 17.51 -32.10 37.60
CA PRO K 85 17.88 -32.63 36.28
C PRO K 85 17.55 -34.12 36.13
N SER K 86 17.42 -34.83 37.25
CA SER K 86 17.21 -36.27 37.20
C SER K 86 15.76 -36.69 37.47
N SER K 87 14.83 -35.75 37.31
CA SER K 87 13.41 -36.03 37.49
C SER K 87 12.89 -36.81 36.28
N ASP K 88 12.78 -38.12 36.42
CA ASP K 88 12.47 -38.98 35.29
C ASP K 88 11.07 -39.60 35.36
N ASN K 89 10.46 -39.59 36.55
CA ASN K 89 9.12 -40.15 36.73
C ASN K 89 8.03 -39.20 36.25
N GLY K 90 7.50 -39.47 35.07
CA GLY K 90 6.41 -38.71 34.51
C GLY K 90 5.33 -39.62 33.96
N THR K 91 5.25 -39.71 32.64
CA THR K 91 4.30 -40.61 32.01
C THR K 91 4.87 -42.05 31.95
N CYS K 92 4.45 -42.87 32.89
CA CYS K 92 4.93 -44.25 32.98
C CYS K 92 4.32 -45.16 31.90
N TYR K 93 3.22 -44.72 31.30
CA TYR K 93 2.67 -45.44 30.15
C TYR K 93 2.87 -44.57 28.92
N PRO K 94 3.67 -45.06 27.95
CA PRO K 94 4.14 -44.25 26.83
C PRO K 94 3.00 -43.61 26.06
N GLY K 95 3.21 -42.37 25.64
CA GLY K 95 2.24 -41.66 24.84
C GLY K 95 2.59 -40.19 24.73
N ASP K 96 1.78 -39.47 23.96
CA ASP K 96 1.99 -38.04 23.78
C ASP K 96 1.19 -37.29 24.83
N PHE K 97 1.81 -36.25 25.40
CA PHE K 97 1.13 -35.39 26.37
C PHE K 97 0.88 -34.07 25.66
N ILE K 98 -0.35 -33.85 25.22
CA ILE K 98 -0.65 -32.74 24.33
C ILE K 98 -0.55 -31.36 25.01
N ASP K 99 0.09 -30.41 24.32
CA ASP K 99 0.34 -29.07 24.85
C ASP K 99 0.97 -29.10 26.24
N TYR K 100 1.99 -29.94 26.39
CA TYR K 100 2.64 -30.16 27.67
C TYR K 100 3.41 -28.93 28.17
N GLU K 101 4.14 -28.28 27.28
CA GLU K 101 4.87 -27.08 27.64
C GLU K 101 3.92 -25.98 28.14
N GLU K 102 2.82 -25.77 27.42
CA GLU K 102 1.82 -24.81 27.82
C GLU K 102 1.23 -25.10 29.21
N LEU K 103 1.00 -26.37 29.53
CA LEU K 103 0.47 -26.73 30.85
C LEU K 103 1.50 -26.39 31.91
N ARG K 104 2.75 -26.75 31.64
CA ARG K 104 3.85 -26.44 32.54
C ARG K 104 3.92 -24.93 32.81
N GLU K 105 3.81 -24.12 31.76
CA GLU K 105 3.84 -22.67 31.93
C GLU K 105 2.67 -22.20 32.79
N GLN K 106 1.48 -22.74 32.53
CA GLN K 106 0.27 -22.27 33.17
C GLN K 106 0.18 -22.73 34.62
N LEU K 107 0.98 -23.72 34.98
CA LEU K 107 1.05 -24.19 36.35
C LEU K 107 2.24 -23.59 37.11
N SER K 108 3.04 -22.78 36.44
CA SER K 108 4.32 -22.35 37.00
C SER K 108 4.12 -21.58 38.29
N SER K 109 3.09 -20.74 38.33
CA SER K 109 2.74 -20.01 39.54
C SER K 109 1.23 -20.03 39.75
N VAL K 110 0.78 -20.59 40.87
CA VAL K 110 -0.67 -20.61 41.17
C VAL K 110 -0.98 -20.33 42.63
N SER K 111 -2.22 -19.93 42.89
CA SER K 111 -2.72 -19.86 44.25
C SER K 111 -4.08 -20.56 44.30
N SER K 112 -4.63 -20.71 45.51
CA SER K 112 -5.91 -21.38 45.68
C SER K 112 -5.92 -22.75 44.97
N PHE K 113 -4.77 -23.41 44.93
CA PHE K 113 -4.67 -24.73 44.29
C PHE K 113 -5.25 -25.81 45.17
N GLU K 114 -6.12 -26.65 44.61
CA GLU K 114 -6.80 -27.67 45.39
C GLU K 114 -7.22 -28.86 44.54
N ARG K 115 -6.66 -30.03 44.83
CA ARG K 115 -7.08 -31.23 44.14
C ARG K 115 -8.37 -31.74 44.76
N PHE K 116 -9.29 -32.22 43.92
CA PHE K 116 -10.55 -32.77 44.39
C PHE K 116 -11.02 -33.90 43.48
N GLU K 117 -11.77 -34.84 44.05
CA GLU K 117 -12.23 -35.99 43.30
C GLU K 117 -13.46 -35.64 42.45
N ILE K 118 -13.20 -35.14 41.25
CA ILE K 118 -14.25 -34.73 40.32
C ILE K 118 -15.23 -35.85 40.00
N PHE K 119 -14.73 -37.07 39.90
CA PHE K 119 -15.57 -38.25 39.70
C PHE K 119 -15.19 -39.34 40.69
N PRO K 120 -15.80 -39.29 41.89
CA PRO K 120 -15.49 -40.26 42.94
C PRO K 120 -15.43 -41.67 42.36
N LYS K 121 -14.41 -42.44 42.73
CA LYS K 121 -14.19 -43.76 42.15
C LYS K 121 -15.29 -44.76 42.52
N THR K 122 -15.77 -44.67 43.76
CA THR K 122 -16.65 -45.71 44.30
C THR K 122 -18.14 -45.46 44.09
N SER K 123 -18.48 -44.77 43.01
CA SER K 123 -19.88 -44.44 42.76
C SER K 123 -20.14 -43.83 41.38
N SER K 124 -19.08 -43.52 40.64
CA SER K 124 -19.25 -42.89 39.32
C SER K 124 -19.45 -43.89 38.19
N TRP K 125 -18.86 -45.08 38.34
CA TRP K 125 -18.77 -46.03 37.24
C TRP K 125 -19.35 -47.40 37.57
N PRO K 126 -20.67 -47.46 37.80
CA PRO K 126 -21.33 -48.71 38.19
C PRO K 126 -21.42 -49.71 37.04
N ASN K 127 -21.37 -49.22 35.81
CA ASN K 127 -21.45 -50.08 34.63
C ASN K 127 -20.10 -50.42 33.99
N HIS K 128 -19.01 -50.02 34.62
CA HIS K 128 -17.67 -50.32 34.09
C HIS K 128 -16.74 -50.80 35.19
N ASP K 129 -15.74 -51.58 34.82
CA ASP K 129 -14.77 -52.07 35.80
C ASP K 129 -13.67 -51.04 36.05
N SER K 130 -13.64 -50.52 37.28
CA SER K 130 -12.66 -49.50 37.65
C SER K 130 -11.57 -50.08 38.55
N ASN K 131 -11.40 -51.40 38.51
CA ASN K 131 -10.47 -52.06 39.42
C ASN K 131 -9.27 -52.75 38.77
N LYS K 132 -9.38 -53.11 37.50
CA LYS K 132 -8.25 -53.79 36.86
C LYS K 132 -7.50 -52.92 35.85
N GLY K 133 -7.64 -51.60 35.98
CA GLY K 133 -6.94 -50.67 35.11
C GLY K 133 -5.51 -50.42 35.55
N VAL K 134 -4.71 -51.48 35.59
CA VAL K 134 -3.33 -51.39 36.05
C VAL K 134 -2.36 -51.85 34.98
N THR K 135 -1.07 -51.63 35.20
CA THR K 135 -0.05 -51.99 34.22
C THR K 135 1.34 -52.06 34.84
N ALA K 136 2.14 -53.03 34.41
CA ALA K 136 3.50 -53.16 34.89
C ALA K 136 4.34 -51.99 34.40
N ALA K 137 3.75 -51.19 33.51
CA ALA K 137 4.39 -49.96 33.03
C ALA K 137 4.38 -48.89 34.11
N CYS K 138 3.40 -48.97 35.02
CA CYS K 138 3.29 -48.03 36.13
C CYS K 138 3.28 -48.77 37.46
N PRO K 139 4.42 -49.41 37.81
CA PRO K 139 4.50 -50.28 38.98
C PRO K 139 4.52 -49.53 40.30
N HIS K 140 3.91 -50.12 41.31
CA HIS K 140 3.90 -49.54 42.64
C HIS K 140 4.12 -50.63 43.68
N ALA K 141 5.21 -50.53 44.43
CA ALA K 141 5.54 -51.51 45.46
C ALA K 141 5.71 -52.90 44.86
N GLY K 142 6.13 -52.95 43.59
CA GLY K 142 6.36 -54.19 42.90
C GLY K 142 5.22 -54.62 41.99
N ALA K 143 3.99 -54.47 42.47
CA ALA K 143 2.81 -54.87 41.71
C ALA K 143 2.39 -53.80 40.70
N LYS K 144 1.61 -54.20 39.71
CA LYS K 144 1.07 -53.28 38.72
C LYS K 144 0.28 -52.17 39.41
N SER K 145 0.28 -50.99 38.82
CA SER K 145 -0.55 -49.91 39.32
C SER K 145 -0.96 -48.95 38.19
N PHE K 146 -1.20 -47.70 38.54
CA PHE K 146 -1.63 -46.69 37.57
C PHE K 146 -1.62 -45.32 38.23
N TYR K 147 -1.61 -44.27 37.42
CA TYR K 147 -1.70 -42.91 37.93
C TYR K 147 -2.83 -42.85 38.96
N LYS K 148 -2.71 -41.95 39.92
CA LYS K 148 -3.72 -41.84 40.97
C LYS K 148 -4.87 -40.94 40.57
N ASN K 149 -4.60 -39.98 39.69
CA ASN K 149 -5.59 -38.97 39.32
C ASN K 149 -6.46 -39.38 38.14
N LEU K 150 -6.19 -40.56 37.59
CA LEU K 150 -7.00 -41.09 36.49
C LEU K 150 -7.39 -42.54 36.80
N ILE K 151 -8.49 -42.97 36.20
CA ILE K 151 -8.92 -44.35 36.30
C ILE K 151 -9.06 -44.92 34.90
N TRP K 152 -8.39 -46.04 34.68
CA TRP K 152 -8.42 -46.69 33.37
C TRP K 152 -9.57 -47.69 33.33
N LEU K 153 -10.74 -47.23 32.89
CA LEU K 153 -11.92 -48.09 32.82
C LEU K 153 -11.77 -49.19 31.78
N VAL K 154 -12.28 -50.38 32.10
CA VAL K 154 -12.35 -51.49 31.15
C VAL K 154 -13.74 -52.10 31.23
N LYS K 155 -14.04 -53.03 30.33
CA LYS K 155 -15.36 -53.64 30.31
C LYS K 155 -15.63 -54.46 31.56
N LYS K 156 -16.90 -54.45 31.98
CA LYS K 156 -17.34 -55.22 33.13
C LYS K 156 -18.00 -56.48 32.60
N GLY K 157 -17.23 -57.56 32.53
CA GLY K 157 -17.72 -58.83 32.04
C GLY K 157 -18.52 -58.74 30.75
N ASN K 158 -17.82 -58.80 29.62
CA ASN K 158 -18.45 -58.96 28.30
C ASN K 158 -19.17 -57.75 27.71
N SER K 159 -19.20 -56.62 28.42
CA SER K 159 -19.84 -55.43 27.86
C SER K 159 -19.27 -54.09 28.34
N TYR K 160 -19.15 -53.16 27.40
CA TYR K 160 -18.73 -51.80 27.72
C TYR K 160 -19.80 -50.83 27.24
N PRO K 161 -20.75 -50.51 28.11
CA PRO K 161 -21.88 -49.65 27.73
C PRO K 161 -21.45 -48.21 27.53
N LYS K 162 -22.08 -47.52 26.59
CA LYS K 162 -21.78 -46.13 26.36
C LYS K 162 -21.78 -45.41 27.69
N LEU K 163 -20.67 -44.76 28.02
CA LEU K 163 -20.65 -44.00 29.26
C LEU K 163 -20.79 -42.51 28.96
N SER K 164 -21.44 -41.82 29.87
CA SER K 164 -21.68 -40.40 29.74
C SER K 164 -21.62 -39.80 31.14
N LYS K 165 -20.77 -38.79 31.32
CA LYS K 165 -20.60 -38.18 32.64
C LYS K 165 -20.29 -36.70 32.50
N SER K 166 -20.81 -35.90 33.42
CA SER K 166 -20.59 -34.47 33.35
C SER K 166 -20.26 -33.86 34.70
N TYR K 167 -19.50 -32.77 34.67
CA TYR K 167 -19.16 -32.04 35.88
C TYR K 167 -19.33 -30.54 35.67
N ILE K 168 -20.04 -29.90 36.59
CA ILE K 168 -20.21 -28.46 36.53
C ILE K 168 -19.30 -27.80 37.56
N ASN K 169 -18.56 -26.79 37.12
CA ASN K 169 -17.57 -26.13 37.97
C ASN K 169 -18.24 -25.25 39.01
N ASP K 170 -18.22 -25.70 40.25
CA ASP K 170 -18.81 -24.94 41.36
C ASP K 170 -17.72 -24.45 42.30
N LYS K 171 -16.50 -24.34 41.79
CA LYS K 171 -15.35 -24.06 42.64
C LYS K 171 -15.06 -22.57 42.78
N GLY K 172 -15.70 -21.77 41.94
CA GLY K 172 -15.48 -20.33 41.97
C GLY K 172 -14.15 -19.96 41.36
N LYS K 173 -13.54 -20.93 40.68
CA LYS K 173 -12.26 -20.72 40.05
C LYS K 173 -12.08 -21.73 38.92
N GLU K 174 -11.05 -21.55 38.11
CA GLU K 174 -10.74 -22.49 37.04
C GLU K 174 -10.51 -23.87 37.63
N VAL K 175 -10.90 -24.89 36.87
CA VAL K 175 -10.63 -26.26 37.25
C VAL K 175 -9.87 -26.95 36.12
N LEU K 176 -8.69 -27.47 36.45
CA LEU K 176 -7.87 -28.16 35.48
C LEU K 176 -8.28 -29.63 35.45
N VAL K 177 -8.73 -30.08 34.28
CA VAL K 177 -9.22 -31.44 34.12
C VAL K 177 -8.35 -32.21 33.13
N LEU K 178 -7.84 -33.37 33.56
CA LEU K 178 -6.98 -34.18 32.73
C LEU K 178 -7.59 -35.55 32.47
N TRP K 179 -7.32 -36.09 31.29
CA TRP K 179 -7.79 -37.43 30.94
C TRP K 179 -6.83 -38.07 29.95
N GLY K 180 -7.05 -39.34 29.65
CA GLY K 180 -6.22 -40.05 28.70
C GLY K 180 -7.05 -40.85 27.71
N ILE K 181 -6.47 -41.11 26.55
CA ILE K 181 -7.08 -41.94 25.54
C ILE K 181 -6.16 -43.11 25.28
N HIS K 182 -6.66 -44.33 25.46
CA HIS K 182 -5.81 -45.51 25.31
C HIS K 182 -5.86 -46.13 23.93
N HIS K 183 -4.69 -46.50 23.44
CA HIS K 183 -4.59 -47.12 22.13
C HIS K 183 -3.95 -48.49 22.27
N PRO K 184 -4.75 -49.56 22.17
CA PRO K 184 -4.19 -50.91 22.23
C PRO K 184 -3.31 -51.20 21.03
N SER K 185 -2.42 -52.17 21.17
CA SER K 185 -1.52 -52.55 20.10
C SER K 185 -2.18 -53.40 19.03
N THR K 186 -3.27 -54.07 19.38
CA THR K 186 -3.91 -55.05 18.49
C THR K 186 -5.44 -55.02 18.56
N SER K 187 -6.10 -55.64 17.57
CA SER K 187 -7.56 -55.71 17.59
C SER K 187 -8.05 -56.59 18.72
N ALA K 188 -7.29 -57.65 19.00
CA ALA K 188 -7.63 -58.57 20.08
C ALA K 188 -7.65 -57.84 21.41
N ASP K 189 -6.65 -56.99 21.63
CA ASP K 189 -6.53 -56.25 22.88
C ASP K 189 -7.63 -55.22 23.02
N GLN K 190 -8.01 -54.60 21.90
CA GLN K 190 -9.15 -53.70 21.89
C GLN K 190 -10.40 -54.42 22.39
N GLN K 191 -10.67 -55.60 21.84
CA GLN K 191 -11.85 -56.36 22.24
C GLN K 191 -11.75 -56.80 23.70
N SER K 192 -10.57 -57.26 24.10
CA SER K 192 -10.36 -57.76 25.45
C SER K 192 -10.52 -56.68 26.52
N LEU K 193 -10.21 -55.43 26.19
CA LEU K 193 -10.34 -54.35 27.17
C LEU K 193 -11.69 -53.65 27.10
N TYR K 194 -12.18 -53.40 25.89
CA TYR K 194 -13.37 -52.58 25.72
C TYR K 194 -14.50 -53.28 24.97
N GLN K 195 -14.23 -54.48 24.47
CA GLN K 195 -15.24 -55.27 23.75
C GLN K 195 -15.60 -54.72 22.37
N ASN K 196 -15.92 -53.43 22.32
CA ASN K 196 -16.59 -52.80 21.19
C ASN K 196 -15.85 -52.72 19.84
N ALA K 197 -14.53 -52.76 19.87
CA ALA K 197 -13.74 -52.80 18.64
C ALA K 197 -13.72 -51.49 17.84
N ASP K 198 -14.89 -50.97 17.52
CA ASP K 198 -14.98 -49.64 16.91
C ASP K 198 -15.59 -48.65 17.90
N THR K 199 -14.79 -47.73 18.40
CA THR K 199 -15.20 -46.85 19.48
C THR K 199 -14.91 -45.38 19.20
N TYR K 200 -15.41 -44.51 20.06
CA TYR K 200 -15.05 -43.09 20.04
C TYR K 200 -15.10 -42.55 21.45
N VAL K 201 -14.35 -41.48 21.69
CA VAL K 201 -14.46 -40.71 22.92
C VAL K 201 -14.76 -39.27 22.56
N PHE K 202 -15.63 -38.61 23.33
CA PHE K 202 -16.00 -37.24 23.04
C PHE K 202 -15.90 -36.40 24.31
N VAL K 203 -15.15 -35.30 24.24
CA VAL K 203 -15.02 -34.39 25.38
C VAL K 203 -15.37 -32.96 24.98
N CYS K 204 -16.21 -32.29 25.76
CA CYS K 204 -16.56 -30.90 25.44
C CYS K 204 -17.09 -30.06 26.61
N SER K 205 -16.75 -28.79 26.59
CA SER K 205 -17.29 -27.81 27.52
C SER K 205 -17.90 -26.71 26.68
N SER K 206 -17.99 -25.50 27.20
CA SER K 206 -18.53 -24.38 26.42
C SER K 206 -17.53 -23.91 25.38
N ARG K 207 -16.24 -24.07 25.69
CA ARG K 207 -15.17 -23.60 24.83
C ARG K 207 -14.38 -24.75 24.20
N TYR K 208 -14.35 -25.89 24.86
CA TYR K 208 -13.57 -27.04 24.39
C TYR K 208 -14.44 -28.07 23.68
N SER K 209 -13.90 -28.68 22.64
CA SER K 209 -14.58 -29.78 21.98
C SER K 209 -13.59 -30.60 21.16
N LYS K 210 -13.62 -31.91 21.34
CA LYS K 210 -12.77 -32.80 20.55
C LYS K 210 -13.29 -34.24 20.60
N LYS K 211 -13.25 -34.90 19.45
CA LYS K 211 -13.62 -36.32 19.37
C LYS K 211 -12.37 -37.15 19.13
N PHE K 212 -12.26 -38.27 19.84
CA PHE K 212 -11.11 -39.15 19.71
C PHE K 212 -11.53 -40.51 19.22
N LYS K 213 -10.65 -41.18 18.48
CA LYS K 213 -10.85 -42.56 18.07
C LYS K 213 -9.58 -43.34 18.34
N PRO K 214 -9.71 -44.61 18.74
CA PRO K 214 -8.51 -45.44 18.93
C PRO K 214 -7.67 -45.52 17.65
N GLU K 215 -6.36 -45.53 17.82
CA GLU K 215 -5.42 -45.71 16.73
C GLU K 215 -4.59 -46.95 17.02
N ILE K 216 -5.02 -48.09 16.49
CA ILE K 216 -4.44 -49.37 16.86
C ILE K 216 -3.28 -49.80 15.96
N ALA K 217 -2.19 -50.22 16.60
CA ALA K 217 -0.99 -50.67 15.90
C ALA K 217 0.09 -51.07 16.89
N ILE K 218 1.00 -51.93 16.47
CA ILE K 218 2.16 -52.28 17.27
C ILE K 218 3.22 -51.19 17.08
N CYS K 219 3.48 -50.43 18.13
CA CYS K 219 4.53 -49.42 18.10
C CYS K 219 5.70 -49.93 18.94
N PRO K 220 6.90 -49.39 18.72
CA PRO K 220 8.09 -49.86 19.45
C PRO K 220 7.87 -49.92 20.97
N LYS K 221 8.36 -50.99 21.58
CA LYS K 221 8.19 -51.19 23.02
C LYS K 221 8.84 -50.10 23.84
N VAL K 222 8.02 -49.42 24.65
CA VAL K 222 8.51 -48.46 25.63
C VAL K 222 7.98 -48.92 26.98
N ARG K 223 8.87 -49.15 27.94
CA ARG K 223 8.48 -49.69 29.23
C ARG K 223 7.62 -50.94 29.04
N ASP K 224 8.06 -51.76 28.09
CA ASP K 224 7.43 -53.06 27.75
C ASP K 224 6.01 -52.95 27.20
N GLN K 225 5.67 -51.77 26.66
CA GLN K 225 4.34 -51.55 26.11
C GLN K 225 4.41 -51.24 24.61
N GLU K 226 3.64 -51.99 23.82
CA GLU K 226 3.56 -51.77 22.39
C GLU K 226 2.40 -50.86 22.06
N GLY K 227 1.55 -50.61 23.05
CA GLY K 227 0.44 -49.70 22.89
C GLY K 227 0.80 -48.30 23.34
N ARG K 228 -0.16 -47.39 23.24
CA ARG K 228 0.07 -46.00 23.61
C ARG K 228 -1.09 -45.43 24.40
N MET K 229 -0.83 -44.33 25.11
CA MET K 229 -1.84 -43.63 25.88
C MET K 229 -1.54 -42.14 25.82
N ASN K 230 -2.44 -41.38 25.19
CA ASN K 230 -2.22 -39.96 25.02
C ASN K 230 -2.94 -39.22 26.13
N TYR K 231 -2.35 -38.12 26.59
CA TYR K 231 -2.90 -37.37 27.72
C TYR K 231 -3.37 -36.00 27.29
N TYR K 232 -4.54 -35.61 27.78
CA TYR K 232 -5.15 -34.36 27.37
C TYR K 232 -5.64 -33.62 28.60
N TRP K 233 -5.72 -32.29 28.48
CA TRP K 233 -6.17 -31.48 29.59
C TRP K 233 -6.92 -30.26 29.09
N THR K 234 -7.72 -29.66 29.97
CA THR K 234 -8.34 -28.39 29.67
C THR K 234 -8.69 -27.66 30.97
N LEU K 235 -8.83 -26.33 30.89
CA LEU K 235 -9.25 -25.55 32.03
C LEU K 235 -10.72 -25.15 31.89
N VAL K 236 -11.55 -25.62 32.82
CA VAL K 236 -12.98 -25.32 32.78
C VAL K 236 -13.26 -24.03 33.55
N GLU K 237 -13.90 -23.07 32.89
CA GLU K 237 -14.20 -21.78 33.51
C GLU K 237 -15.15 -21.91 34.70
N PRO K 238 -15.13 -20.92 35.60
CA PRO K 238 -15.94 -20.90 36.83
C PRO K 238 -17.36 -21.44 36.67
N GLY K 239 -18.14 -20.89 35.74
CA GLY K 239 -19.52 -21.32 35.61
C GLY K 239 -19.81 -22.42 34.60
N ASP K 240 -18.77 -23.09 34.12
CA ASP K 240 -18.95 -24.00 32.99
C ASP K 240 -19.14 -25.47 33.36
N LYS K 241 -19.57 -26.26 32.37
CA LYS K 241 -19.69 -27.71 32.51
C LYS K 241 -18.82 -28.42 31.49
N ILE K 242 -18.23 -29.54 31.89
CA ILE K 242 -17.51 -30.39 30.95
C ILE K 242 -18.14 -31.78 30.91
N THR K 243 -18.36 -32.27 29.69
CA THR K 243 -19.01 -33.56 29.48
C THR K 243 -18.07 -34.57 28.83
N PHE K 244 -18.11 -35.81 29.30
CA PHE K 244 -17.34 -36.93 28.75
C PHE K 244 -18.27 -38.01 28.23
N GLU K 245 -18.02 -38.48 27.01
CA GLU K 245 -18.78 -39.57 26.42
C GLU K 245 -17.82 -40.55 25.75
N ALA K 246 -18.04 -41.85 25.98
CA ALA K 246 -17.16 -42.86 25.38
C ALA K 246 -17.81 -44.22 25.23
N THR K 247 -17.40 -44.96 24.20
CA THR K 247 -17.79 -46.36 24.07
C THR K 247 -16.57 -47.25 24.26
N GLY K 248 -15.55 -46.69 24.87
CA GLY K 248 -14.30 -47.39 25.14
C GLY K 248 -13.10 -46.46 25.07
N ASN K 249 -11.95 -46.95 25.51
CA ASN K 249 -10.66 -46.25 25.33
C ASN K 249 -10.45 -44.97 26.13
N LEU K 250 -11.39 -44.65 27.02
CA LEU K 250 -11.23 -43.45 27.83
C LEU K 250 -10.59 -43.75 29.18
N VAL K 251 -9.52 -43.02 29.50
CA VAL K 251 -8.98 -43.06 30.84
C VAL K 251 -9.53 -41.83 31.55
N VAL K 252 -10.50 -42.06 32.42
CA VAL K 252 -11.33 -40.99 32.96
C VAL K 252 -10.66 -40.19 34.07
N PRO K 253 -11.06 -38.93 34.21
CA PRO K 253 -10.56 -38.15 35.33
C PRO K 253 -11.08 -38.77 36.61
N ARG K 254 -10.28 -38.74 37.67
CA ARG K 254 -10.78 -39.06 39.00
C ARG K 254 -10.55 -37.85 39.87
N TYR K 255 -9.31 -37.36 39.87
CA TYR K 255 -8.98 -36.11 40.55
C TYR K 255 -8.75 -34.99 39.56
N ALA K 256 -9.30 -33.82 39.86
CA ALA K 256 -9.05 -32.61 39.09
C ALA K 256 -8.49 -31.57 40.04
N PHE K 257 -8.23 -30.37 39.54
CA PHE K 257 -7.59 -29.35 40.35
C PHE K 257 -8.25 -27.99 40.19
N ALA K 258 -8.78 -27.46 41.28
CA ALA K 258 -9.29 -26.10 41.28
C ALA K 258 -8.09 -25.20 41.52
N MET K 259 -8.02 -24.07 40.82
CA MET K 259 -6.84 -23.23 40.93
C MET K 259 -7.05 -21.81 40.41
N GLU K 260 -6.28 -20.88 40.94
CA GLU K 260 -6.20 -19.54 40.40
C GLU K 260 -4.82 -19.34 39.81
N ARG K 261 -4.76 -18.96 38.54
CA ARG K 261 -3.48 -18.83 37.84
C ARG K 261 -2.95 -17.41 37.91
N ASN K 262 -1.66 -17.29 38.26
CA ASN K 262 -1.02 -15.99 38.37
C ASN K 262 -0.53 -15.49 37.02
N ALA K 263 0.00 -14.27 37.00
CA ALA K 263 0.58 -13.70 35.79
C ALA K 263 1.37 -14.79 35.07
N GLY K 264 2.35 -15.34 35.77
CA GLY K 264 3.17 -16.41 35.21
C GLY K 264 4.63 -16.26 35.60
N SER K 265 5.19 -17.31 36.18
CA SER K 265 6.61 -17.33 36.49
C SER K 265 7.32 -18.36 35.60
N GLY K 266 7.92 -19.37 36.20
CA GLY K 266 8.66 -20.33 35.42
C GLY K 266 9.08 -21.53 36.20
N ILE K 267 9.94 -22.31 35.58
CA ILE K 267 10.32 -23.59 36.13
C ILE K 267 11.83 -23.71 36.17
N ILE K 268 12.35 -23.82 37.38
CA ILE K 268 13.78 -23.97 37.52
C ILE K 268 14.10 -25.46 37.57
N ILE K 269 15.06 -25.87 36.75
CA ILE K 269 15.51 -27.26 36.73
C ILE K 269 16.94 -27.32 37.22
N SER K 270 17.12 -27.65 38.50
CA SER K 270 18.39 -27.51 39.18
C SER K 270 18.53 -28.42 40.39
N ASP K 271 19.77 -28.76 40.74
CA ASP K 271 20.06 -29.59 41.91
C ASP K 271 20.22 -28.75 43.17
N THR K 272 20.18 -27.44 43.02
CA THR K 272 20.34 -26.55 44.16
C THR K 272 19.24 -26.85 45.17
N PRO K 273 19.61 -26.97 46.45
CA PRO K 273 18.59 -27.33 47.44
C PRO K 273 17.63 -26.18 47.74
N VAL K 274 16.38 -26.50 48.04
CA VAL K 274 15.41 -25.51 48.48
C VAL K 274 15.64 -25.24 49.96
N HIS K 275 15.37 -24.02 50.40
CA HIS K 275 15.71 -23.62 51.76
C HIS K 275 14.71 -22.60 52.28
N ASP K 276 14.65 -22.45 53.60
CA ASP K 276 13.77 -21.45 54.18
C ASP K 276 14.43 -20.08 54.15
N CYS K 277 14.51 -19.50 52.95
CA CYS K 277 15.00 -18.15 52.78
C CYS K 277 14.05 -17.35 51.91
N ASN K 278 14.20 -16.03 51.94
CA ASN K 278 13.32 -15.14 51.19
C ASN K 278 14.12 -14.28 50.22
N THR K 279 13.61 -14.10 49.01
CA THR K 279 14.32 -13.34 47.99
C THR K 279 13.34 -12.67 47.05
N THR K 280 13.83 -11.68 46.30
CA THR K 280 13.03 -11.03 45.28
C THR K 280 13.61 -11.36 43.91
N CYS K 281 14.66 -12.16 43.90
CA CYS K 281 15.27 -12.60 42.64
C CYS K 281 15.88 -13.98 42.80
N GLN K 282 15.42 -14.93 42.00
CA GLN K 282 15.86 -16.30 42.13
C GLN K 282 16.58 -16.80 40.88
N THR K 283 17.66 -17.52 41.10
CA THR K 283 18.49 -18.04 40.02
C THR K 283 18.55 -19.55 40.19
N PRO K 284 18.79 -20.30 39.10
CA PRO K 284 18.90 -21.76 39.25
C PRO K 284 20.12 -22.18 40.09
N LYS K 285 21.12 -21.30 40.19
CA LYS K 285 22.31 -21.51 41.02
C LYS K 285 22.09 -21.13 42.49
N GLY K 286 21.10 -20.29 42.75
CA GLY K 286 20.87 -19.74 44.08
C GLY K 286 20.30 -18.33 44.02
N ALA K 287 19.71 -17.85 45.10
CA ALA K 287 19.11 -16.52 45.12
C ALA K 287 20.18 -15.43 45.20
N ILE K 288 19.87 -14.23 44.70
CA ILE K 288 20.78 -13.10 44.78
C ILE K 288 20.06 -11.87 45.33
N ASN K 289 20.82 -10.95 45.90
CA ASN K 289 20.26 -9.67 46.34
C ASN K 289 19.91 -8.81 45.14
N THR K 290 19.00 -7.86 45.35
CA THR K 290 18.63 -6.91 44.30
C THR K 290 18.98 -5.50 44.75
N SER K 291 20.12 -5.37 45.41
CA SER K 291 20.60 -4.07 45.88
C SER K 291 21.46 -3.40 44.81
N LEU K 292 21.89 -4.19 43.82
CA LEU K 292 22.71 -3.68 42.72
C LEU K 292 22.01 -3.85 41.38
N PRO K 293 22.31 -2.96 40.42
CA PRO K 293 21.65 -2.89 39.11
C PRO K 293 22.04 -4.00 38.13
N PHE K 294 23.22 -4.59 38.32
CA PHE K 294 23.72 -5.59 37.37
C PHE K 294 24.14 -6.85 38.09
N GLN K 295 24.10 -7.96 37.36
CA GLN K 295 24.32 -9.28 37.94
C GLN K 295 25.02 -10.18 36.92
N ASN K 296 25.96 -11.01 37.37
CA ASN K 296 26.60 -11.95 36.44
C ASN K 296 26.52 -13.43 36.87
N ILE K 297 25.64 -13.70 37.83
CA ILE K 297 25.39 -15.06 38.29
C ILE K 297 24.77 -15.95 37.21
N HIS K 298 23.64 -15.53 36.65
CA HIS K 298 22.91 -16.37 35.69
C HIS K 298 21.95 -15.54 34.85
N PRO K 299 21.85 -15.83 33.55
CA PRO K 299 20.91 -15.12 32.67
C PRO K 299 19.44 -15.51 32.86
N ILE K 300 19.17 -16.66 33.46
CA ILE K 300 17.81 -17.17 33.57
C ILE K 300 17.27 -16.98 34.97
N THR K 301 16.71 -15.81 35.25
CA THR K 301 16.27 -15.45 36.59
C THR K 301 14.75 -15.36 36.70
N ILE K 302 14.24 -15.48 37.91
CA ILE K 302 12.82 -15.27 38.17
C ILE K 302 12.63 -14.21 39.24
N GLY K 303 11.89 -13.15 38.92
CA GLY K 303 11.56 -12.13 39.90
C GLY K 303 11.89 -10.73 39.40
N LYS K 304 12.14 -9.82 40.35
CA LYS K 304 12.61 -8.47 40.01
C LYS K 304 14.10 -8.47 40.26
N CYS K 305 14.86 -8.51 39.18
CA CYS K 305 16.28 -8.88 39.24
C CYS K 305 17.20 -7.83 38.63
N PRO K 306 18.45 -7.77 39.11
CA PRO K 306 19.45 -6.95 38.43
C PRO K 306 19.57 -7.44 36.99
N LYS K 307 20.04 -6.59 36.08
CA LYS K 307 20.20 -7.00 34.70
C LYS K 307 21.41 -7.91 34.56
N TYR K 308 21.24 -9.02 33.84
CA TYR K 308 22.32 -9.95 33.60
C TYR K 308 23.35 -9.38 32.61
N VAL K 309 24.63 -9.42 32.98
CA VAL K 309 25.70 -8.98 32.09
C VAL K 309 26.83 -9.99 32.05
N LYS K 310 27.69 -9.85 31.06
CA LYS K 310 28.82 -10.74 30.91
C LYS K 310 30.03 -10.31 31.74
N SER K 311 29.96 -9.12 32.34
CA SER K 311 31.10 -8.54 33.04
C SER K 311 31.60 -9.38 34.21
N THR K 312 32.87 -9.23 34.53
CA THR K 312 33.46 -9.90 35.70
C THR K 312 33.64 -8.91 36.83
N LYS K 313 33.66 -7.63 36.51
CA LYS K 313 33.68 -6.60 37.55
C LYS K 313 33.20 -5.25 37.02
N LEU K 314 32.48 -4.54 37.87
CA LEU K 314 32.01 -3.21 37.55
C LEU K 314 32.14 -2.36 38.80
N ARG K 315 33.36 -1.97 39.15
CA ARG K 315 33.45 -1.12 40.32
C ARG K 315 33.60 0.36 40.03
N LEU K 316 32.84 1.11 40.81
CA LEU K 316 32.68 2.53 40.65
C LEU K 316 33.58 3.23 41.66
N ALA K 317 34.34 4.21 41.19
CA ALA K 317 35.16 5.02 42.08
C ALA K 317 34.27 5.94 42.90
N THR K 318 34.49 5.99 44.20
CA THR K 318 33.81 6.96 45.02
C THR K 318 34.83 7.92 45.60
N GLY K 319 35.96 7.38 46.01
CA GLY K 319 37.07 8.20 46.46
C GLY K 319 37.92 8.66 45.29
N LEU K 320 39.14 9.13 45.58
CA LEU K 320 39.99 9.68 44.54
C LEU K 320 41.19 8.79 44.29
N ARG K 321 41.97 9.15 43.27
CA ARG K 321 43.16 8.38 42.92
C ARG K 321 44.09 8.28 44.13
N ASN K 322 44.46 7.06 44.50
CA ASN K 322 45.24 6.83 45.71
C ASN K 322 46.74 6.94 45.47
N ILE K 323 47.34 8.00 46.03
CA ILE K 323 48.75 8.28 45.78
C ILE K 323 49.53 8.36 47.10
N PRO K 324 49.83 7.19 47.69
CA PRO K 324 50.50 7.11 49.00
C PRO K 324 51.97 7.51 48.94
N SER K 325 52.71 6.99 47.97
CA SER K 325 54.14 7.28 47.83
C SER K 325 54.88 7.15 49.17
N GLY L 1 45.12 14.94 35.83
CA GLY L 1 43.69 15.20 35.95
C GLY L 1 43.26 16.44 35.19
N LEU L 2 41.99 16.48 34.83
CA LEU L 2 41.43 17.57 34.04
C LEU L 2 41.59 18.94 34.71
N PHE L 3 41.80 18.95 36.03
CA PHE L 3 41.90 20.22 36.74
C PHE L 3 43.30 20.57 37.26
N GLY L 4 44.25 19.64 37.07
CA GLY L 4 45.65 19.93 37.31
C GLY L 4 46.12 19.93 38.74
N ALA L 5 45.20 19.74 39.68
CA ALA L 5 45.54 19.79 41.11
C ALA L 5 46.06 18.46 41.62
N ILE L 6 45.23 17.42 41.51
CA ILE L 6 45.61 16.09 41.96
C ILE L 6 46.62 15.46 41.00
N ALA L 7 47.70 14.93 41.56
CA ALA L 7 48.78 14.37 40.73
C ALA L 7 49.29 15.40 39.73
N GLY L 8 49.12 16.68 40.08
CA GLY L 8 49.60 17.78 39.26
C GLY L 8 50.49 18.71 40.08
N PHE L 9 49.98 19.89 40.42
CA PHE L 9 50.78 20.80 41.24
C PHE L 9 50.76 20.38 42.71
N ILE L 10 49.93 19.39 43.03
CA ILE L 10 50.04 18.72 44.33
C ILE L 10 50.29 17.25 44.06
N GLU L 11 51.56 16.89 43.95
CA GLU L 11 51.97 15.61 43.38
C GLU L 11 51.55 14.35 44.13
N GLY L 12 51.30 14.44 45.43
CA GLY L 12 51.00 13.25 46.20
C GLY L 12 49.89 13.42 47.22
N GLY L 13 49.48 12.29 47.81
CA GLY L 13 48.43 12.29 48.81
C GLY L 13 48.96 12.17 50.23
N TRP L 14 48.09 12.42 51.19
CA TRP L 14 48.47 12.47 52.59
C TRP L 14 47.91 11.30 53.40
N THR L 15 48.73 10.26 53.52
CA THR L 15 48.40 9.14 54.39
C THR L 15 48.06 9.66 55.79
N GLY L 16 48.69 10.77 56.17
CA GLY L 16 48.48 11.38 57.48
C GLY L 16 47.06 11.83 57.73
N MET L 17 46.45 12.50 56.75
CA MET L 17 45.11 13.04 56.92
C MET L 17 44.06 11.94 56.78
N VAL L 18 43.58 11.42 57.91
CA VAL L 18 42.71 10.25 57.90
C VAL L 18 41.25 10.54 58.22
N ASP L 19 40.85 11.81 58.18
CA ASP L 19 39.49 12.17 58.58
C ASP L 19 38.69 12.84 57.47
N GLY L 20 39.25 12.88 56.28
CA GLY L 20 38.56 13.50 55.14
C GLY L 20 39.29 13.33 53.83
N TRP L 21 38.62 13.70 52.75
CA TRP L 21 39.17 13.57 51.40
C TRP L 21 40.11 14.73 51.09
N TYR L 22 39.69 15.94 51.41
CA TYR L 22 40.51 17.12 51.19
C TYR L 22 40.76 17.87 52.52
N GLY L 23 41.96 18.41 52.68
CA GLY L 23 42.29 19.13 53.91
C GLY L 23 43.65 19.79 53.94
N TYR L 24 44.13 20.07 55.15
CA TYR L 24 45.32 20.87 55.35
C TYR L 24 46.38 20.21 56.23
N HIS L 25 47.63 20.63 56.03
CA HIS L 25 48.71 20.38 56.98
C HIS L 25 49.36 21.72 57.33
N HIS L 26 49.14 22.16 58.57
CA HIS L 26 49.69 23.43 59.02
C HIS L 26 51.02 23.21 59.74
N GLN L 27 51.71 24.30 60.02
CA GLN L 27 52.97 24.25 60.76
C GLN L 27 53.31 25.63 61.29
N ASN L 28 53.07 25.85 62.58
CA ASN L 28 53.33 27.15 63.20
C ASN L 28 54.28 27.02 64.39
N GLU L 29 54.22 28.02 65.29
CA GLU L 29 55.12 28.05 66.44
C GLU L 29 54.80 26.97 67.47
N GLN L 30 53.57 26.47 67.46
CA GLN L 30 53.15 25.47 68.43
C GLN L 30 52.78 24.13 67.81
N GLY L 31 53.68 23.60 66.99
CA GLY L 31 53.52 22.27 66.43
C GLY L 31 52.83 22.21 65.08
N SER L 32 52.85 21.03 64.47
CA SER L 32 52.20 20.83 63.18
C SER L 32 51.13 19.74 63.27
N GLY L 33 50.43 19.49 62.17
CA GLY L 33 49.39 18.49 62.16
C GLY L 33 48.51 18.50 60.91
N TYR L 34 47.78 17.41 60.72
CA TYR L 34 46.87 17.26 59.59
C TYR L 34 45.43 17.52 60.02
N ALA L 35 44.69 18.24 59.19
CA ALA L 35 43.30 18.52 59.45
C ALA L 35 42.49 18.56 58.16
N ALA L 36 41.45 17.73 58.09
CA ALA L 36 40.58 17.70 56.91
C ALA L 36 39.73 18.96 56.86
N ASP L 37 39.41 19.41 55.65
CA ASP L 37 38.43 20.48 55.48
C ASP L 37 37.04 19.85 55.49
N LEU L 38 36.34 20.04 56.60
CA LEU L 38 35.09 19.33 56.84
C LEU L 38 33.93 19.77 55.92
N LYS L 39 33.96 21.01 55.45
CA LYS L 39 32.86 21.49 54.61
C LYS L 39 32.93 20.95 53.19
N SER L 40 34.13 20.87 52.64
CA SER L 40 34.30 20.40 51.26
C SER L 40 34.32 18.90 51.19
N THR L 41 34.79 18.26 52.28
CA THR L 41 34.75 16.80 52.36
C THR L 41 33.32 16.29 52.50
N GLN L 42 32.57 16.84 53.45
CA GLN L 42 31.20 16.41 53.67
C GLN L 42 30.34 16.71 52.45
N ASN L 43 30.65 17.82 51.80
CA ASN L 43 29.92 18.23 50.61
C ASN L 43 30.18 17.25 49.46
N ALA L 44 31.41 16.78 49.36
CA ALA L 44 31.76 15.80 48.34
C ALA L 44 31.15 14.44 48.64
N ILE L 45 31.25 13.99 49.89
CA ILE L 45 30.63 12.74 50.31
C ILE L 45 29.14 12.70 49.98
N ASP L 46 28.45 13.82 50.16
CA ASP L 46 27.01 13.89 49.90
C ASP L 46 26.69 13.73 48.42
N GLU L 47 27.49 14.39 47.58
CA GLU L 47 27.25 14.36 46.14
C GLU L 47 27.66 13.03 45.53
N ILE L 48 28.73 12.43 46.04
CA ILE L 48 29.17 11.12 45.55
C ILE L 48 28.22 10.03 46.00
N THR L 49 27.66 10.17 47.19
CA THR L 49 26.64 9.24 47.66
C THR L 49 25.40 9.35 46.77
N ASN L 50 25.05 10.57 46.40
CA ASN L 50 23.93 10.77 45.48
C ASN L 50 24.20 10.10 44.13
N LYS L 51 25.43 10.21 43.66
CA LYS L 51 25.82 9.61 42.38
C LYS L 51 25.66 8.08 42.41
N VAL L 52 26.24 7.44 43.42
CA VAL L 52 26.11 6.01 43.58
C VAL L 52 24.64 5.59 43.70
N ASN L 53 23.90 6.26 44.58
CA ASN L 53 22.49 5.97 44.74
C ASN L 53 21.70 6.16 43.45
N SER L 54 22.10 7.14 42.65
CA SER L 54 21.41 7.40 41.39
C SER L 54 21.61 6.27 40.39
N VAL L 55 22.85 5.88 40.14
CA VAL L 55 23.10 4.81 39.17
C VAL L 55 22.42 3.49 39.57
N ILE L 56 22.23 3.30 40.87
CA ILE L 56 21.62 2.11 41.42
C ILE L 56 20.10 2.21 41.39
N GLU L 57 19.59 3.29 41.99
CA GLU L 57 18.16 3.44 42.20
C GLU L 57 17.34 3.68 40.94
N LYS L 58 17.94 4.28 39.92
CA LYS L 58 17.17 4.57 38.71
C LYS L 58 16.82 3.30 37.94
N MET L 59 17.44 2.19 38.33
CA MET L 59 17.17 0.92 37.66
C MET L 59 15.81 0.34 38.09
N ASN L 60 14.82 0.48 37.19
CA ASN L 60 13.52 -0.17 37.33
C ASN L 60 13.58 -1.58 36.79
N THR L 61 13.04 -2.53 37.54
CA THR L 61 13.05 -3.90 37.07
C THR L 61 11.68 -4.53 37.12
N GLN L 62 11.11 -4.76 35.94
CA GLN L 62 9.82 -5.43 35.85
C GLN L 62 10.00 -6.86 36.34
N PHE L 63 8.98 -7.41 36.98
CA PHE L 63 9.00 -8.82 37.33
C PHE L 63 9.00 -9.63 36.03
N THR L 64 9.91 -10.60 35.94
CA THR L 64 10.07 -11.37 34.73
C THR L 64 10.61 -12.75 35.05
N ALA L 65 9.97 -13.77 34.50
CA ALA L 65 10.55 -15.11 34.47
C ALA L 65 11.20 -15.32 33.11
N VAL L 66 12.53 -15.17 33.06
CA VAL L 66 13.28 -15.18 31.82
C VAL L 66 13.17 -16.49 31.06
N GLY L 67 13.18 -17.61 31.78
CA GLY L 67 13.19 -18.93 31.19
C GLY L 67 11.96 -19.30 30.38
N LYS L 68 12.16 -20.11 29.36
CA LYS L 68 11.08 -20.58 28.50
C LYS L 68 11.40 -22.00 28.04
N GLU L 69 10.37 -22.83 27.87
CA GLU L 69 10.53 -24.21 27.41
C GLU L 69 9.81 -24.42 26.10
N PHE L 70 10.57 -24.79 25.06
CA PHE L 70 9.99 -25.04 23.75
C PHE L 70 10.33 -26.47 23.36
N ASN L 71 9.41 -27.12 22.64
CA ASN L 71 9.62 -28.50 22.24
C ASN L 71 10.33 -28.61 20.89
N HIS L 72 10.56 -29.85 20.45
CA HIS L 72 11.41 -30.10 19.28
C HIS L 72 10.84 -29.58 17.96
N LEU L 73 9.62 -29.06 17.98
CA LEU L 73 9.04 -28.47 16.79
C LEU L 73 8.81 -26.97 16.96
N GLU L 74 9.47 -26.39 17.95
CA GLU L 74 9.35 -24.96 18.20
C GLU L 74 10.72 -24.29 18.21
N LYS L 75 11.63 -24.81 17.40
CA LYS L 75 13.01 -24.31 17.37
C LYS L 75 13.13 -22.86 16.90
N ARG L 76 12.26 -22.43 15.99
CA ARG L 76 12.35 -21.05 15.53
C ARG L 76 12.03 -20.08 16.66
N ILE L 77 10.95 -20.34 17.39
CA ILE L 77 10.63 -19.46 18.52
C ILE L 77 11.65 -19.61 19.65
N GLU L 78 12.17 -20.82 19.85
CA GLU L 78 13.22 -21.00 20.85
C GLU L 78 14.42 -20.10 20.51
N ASN L 79 14.77 -20.06 19.23
CA ASN L 79 15.84 -19.19 18.78
C ASN L 79 15.48 -17.71 18.80
N LEU L 80 14.23 -17.37 18.52
CA LEU L 80 13.75 -15.98 18.70
C LEU L 80 13.91 -15.52 20.16
N ASN L 81 13.46 -16.36 21.08
CA ASN L 81 13.68 -16.14 22.50
C ASN L 81 15.18 -15.94 22.80
N LYS L 82 16.02 -16.82 22.29
CA LYS L 82 17.47 -16.67 22.48
C LYS L 82 17.97 -15.33 21.96
N LYS L 83 17.46 -14.90 20.81
CA LYS L 83 17.82 -13.60 20.24
C LYS L 83 17.42 -12.44 21.17
N VAL L 84 16.27 -12.58 21.81
CA VAL L 84 15.80 -11.58 22.78
C VAL L 84 16.76 -11.50 23.97
N ASP L 85 16.99 -12.64 24.64
CA ASP L 85 17.91 -12.64 25.78
C ASP L 85 19.32 -12.15 25.43
N ASP L 86 19.83 -12.58 24.28
CA ASP L 86 21.17 -12.20 23.87
C ASP L 86 21.24 -10.71 23.54
N GLY L 87 20.19 -10.18 22.92
CA GLY L 87 20.15 -8.76 22.61
C GLY L 87 20.16 -7.88 23.85
N PHE L 88 19.39 -8.28 24.86
CA PHE L 88 19.38 -7.59 26.14
C PHE L 88 20.75 -7.70 26.83
N LEU L 89 21.33 -8.90 26.78
CA LEU L 89 22.68 -9.12 27.30
C LEU L 89 23.68 -8.16 26.65
N ASP L 90 23.72 -8.10 25.33
CA ASP L 90 24.67 -7.21 24.67
C ASP L 90 24.43 -5.75 25.03
N ILE L 91 23.17 -5.34 25.07
CA ILE L 91 22.84 -3.95 25.41
C ILE L 91 23.27 -3.60 26.82
N TRP L 92 22.88 -4.42 27.79
CA TRP L 92 23.20 -4.17 29.18
C TRP L 92 24.69 -4.29 29.50
N THR L 93 25.36 -5.30 28.93
CA THR L 93 26.80 -5.44 29.14
C THR L 93 27.57 -4.24 28.60
N TYR L 94 27.26 -3.85 27.37
CA TYR L 94 27.95 -2.72 26.77
C TYR L 94 27.66 -1.44 27.55
N ASN L 95 26.39 -1.21 27.85
CA ASN L 95 25.98 -0.02 28.59
C ASN L 95 26.54 0.05 30.01
N ALA L 96 26.64 -1.10 30.69
CA ALA L 96 27.22 -1.13 32.03
C ALA L 96 28.70 -0.81 31.99
N GLU L 97 29.42 -1.45 31.08
CA GLU L 97 30.86 -1.30 30.95
C GLU L 97 31.24 0.15 30.67
N LEU L 98 30.51 0.80 29.78
CA LEU L 98 30.79 2.19 29.42
C LEU L 98 30.38 3.16 30.53
N LEU L 99 29.26 2.88 31.18
CA LEU L 99 28.78 3.71 32.27
C LEU L 99 29.82 3.82 33.37
N VAL L 100 30.36 2.67 33.77
CA VAL L 100 31.40 2.65 34.80
C VAL L 100 32.68 3.36 34.33
N LEU L 101 33.11 3.09 33.10
CA LEU L 101 34.29 3.76 32.54
C LEU L 101 34.12 5.27 32.54
N LEU L 102 33.04 5.72 31.89
CA LEU L 102 32.74 7.15 31.79
C LEU L 102 32.61 7.84 33.14
N GLU L 103 31.86 7.25 34.04
CA GLU L 103 31.60 7.90 35.32
C GLU L 103 32.79 7.87 36.27
N ASN L 104 33.64 6.85 36.17
CA ASN L 104 34.86 6.84 36.96
C ASN L 104 35.74 8.02 36.58
N GLU L 105 35.89 8.27 35.28
CA GLU L 105 36.63 9.46 34.85
C GLU L 105 36.03 10.70 35.49
N ARG L 106 34.73 10.89 35.34
CA ARG L 106 34.07 12.06 35.91
C ARG L 106 34.30 12.18 37.42
N THR L 107 34.28 11.06 38.13
CA THR L 107 34.45 11.11 39.59
C THR L 107 35.85 11.57 39.99
N LEU L 108 36.87 11.12 39.26
CA LEU L 108 38.23 11.56 39.53
C LEU L 108 38.41 13.04 39.14
N ASP L 109 37.83 13.45 38.01
CA ASP L 109 37.83 14.87 37.64
C ASP L 109 37.20 15.70 38.74
N TYR L 110 36.09 15.19 39.28
CA TYR L 110 35.35 15.88 40.32
C TYR L 110 36.22 16.12 41.55
N HIS L 111 36.87 15.06 42.03
CA HIS L 111 37.78 15.20 43.17
C HIS L 111 38.89 16.22 42.86
N ASP L 112 39.47 16.12 41.67
CA ASP L 112 40.47 17.07 41.19
C ASP L 112 39.95 18.49 41.30
N SER L 113 38.75 18.71 40.79
CA SER L 113 38.13 20.03 40.82
C SER L 113 38.01 20.56 42.25
N ASN L 114 37.63 19.69 43.18
CA ASN L 114 37.44 20.09 44.57
C ASN L 114 38.74 20.56 45.23
N VAL L 115 39.82 19.81 45.03
CA VAL L 115 41.12 20.18 45.56
C VAL L 115 41.58 21.51 44.95
N LYS L 116 41.51 21.61 43.62
CA LYS L 116 41.79 22.85 42.92
C LYS L 116 41.01 23.99 43.58
N ASN L 117 39.68 23.88 43.61
CA ASN L 117 38.85 24.95 44.15
C ASN L 117 39.20 25.32 45.60
N LEU L 118 39.52 24.31 46.41
CA LEU L 118 39.93 24.53 47.79
C LEU L 118 41.18 25.39 47.85
N TYR L 119 42.20 24.98 47.11
CA TYR L 119 43.44 25.72 46.98
C TYR L 119 43.20 27.17 46.58
N GLU L 120 42.31 27.38 45.62
CA GLU L 120 41.97 28.72 45.13
C GLU L 120 41.31 29.54 46.23
N LYS L 121 40.47 28.88 47.01
CA LYS L 121 39.72 29.54 48.08
C LYS L 121 40.68 30.14 49.11
N VAL L 122 41.67 29.35 49.51
CA VAL L 122 42.65 29.79 50.49
C VAL L 122 43.54 30.90 49.93
N ARG L 123 44.05 30.70 48.71
CA ARG L 123 44.88 31.69 48.06
C ARG L 123 44.16 33.04 47.99
N SER L 124 42.86 32.98 47.71
CA SER L 124 42.02 34.17 47.63
C SER L 124 41.87 34.90 48.98
N GLN L 125 41.86 34.12 50.07
CA GLN L 125 41.81 34.70 51.41
C GLN L 125 43.13 35.39 51.76
N LEU L 126 44.22 34.63 51.67
CA LEU L 126 45.55 35.12 52.04
C LEU L 126 46.00 36.35 51.26
N LYS L 127 45.61 36.43 49.99
CA LYS L 127 46.06 37.51 49.13
C LYS L 127 47.59 37.55 49.07
N ASN L 128 48.21 38.52 49.76
CA ASN L 128 49.67 38.62 49.78
C ASN L 128 50.30 38.61 51.17
N ASN L 129 49.51 38.24 52.17
CA ASN L 129 50.01 38.00 53.52
C ASN L 129 50.82 36.71 53.59
N ALA L 130 50.98 36.05 52.45
CA ALA L 130 51.75 34.82 52.36
C ALA L 130 52.22 34.58 50.94
N LYS L 131 53.18 33.67 50.78
CA LYS L 131 53.75 33.35 49.47
C LYS L 131 53.36 31.94 49.01
N GLU L 132 53.12 31.78 47.71
CA GLU L 132 52.89 30.46 47.14
C GLU L 132 54.24 29.78 46.91
N ILE L 133 54.58 28.84 47.78
CA ILE L 133 55.89 28.18 47.71
C ILE L 133 55.82 26.88 46.91
N GLY L 134 54.71 26.67 46.20
CA GLY L 134 54.54 25.50 45.35
C GLY L 134 54.02 24.27 46.05
N ASN L 135 53.67 23.25 45.26
CA ASN L 135 53.17 22.00 45.80
C ASN L 135 51.92 22.19 46.65
N GLY L 136 51.15 23.22 46.33
CA GLY L 136 49.93 23.53 47.06
C GLY L 136 50.17 23.98 48.49
N CYS L 137 51.29 24.66 48.72
CA CYS L 137 51.64 25.13 50.05
C CYS L 137 51.76 26.65 50.11
N PHE L 138 51.37 27.23 51.24
CA PHE L 138 51.50 28.67 51.47
C PHE L 138 52.42 28.96 52.66
N GLU L 139 53.33 29.91 52.49
CA GLU L 139 54.20 30.35 53.59
C GLU L 139 53.80 31.75 54.04
N PHE L 140 53.36 31.87 55.28
CA PHE L 140 52.90 33.14 55.83
C PHE L 140 54.03 34.15 56.00
N TYR L 141 53.71 35.42 55.82
CA TYR L 141 54.68 36.49 56.07
C TYR L 141 54.52 36.97 57.51
N HIS L 142 53.38 36.68 58.12
CA HIS L 142 53.14 37.04 59.49
C HIS L 142 53.14 35.80 60.38
N LYS L 143 52.86 35.98 61.66
CA LYS L 143 52.75 34.86 62.59
C LYS L 143 51.32 34.35 62.60
N CYS L 144 51.13 33.12 62.15
CA CYS L 144 49.80 32.52 62.14
C CYS L 144 49.75 31.35 63.12
N ASP L 145 49.17 31.60 64.29
CA ASP L 145 49.04 30.57 65.31
C ASP L 145 47.84 29.70 65.04
N ASN L 146 47.45 28.91 66.03
CA ASN L 146 46.29 28.04 65.90
C ASN L 146 45.03 28.80 65.52
N THR L 147 44.73 29.88 66.25
CA THR L 147 43.54 30.69 66.00
C THR L 147 43.56 31.32 64.61
N CYS L 148 44.76 31.60 64.09
CA CYS L 148 44.89 32.12 62.74
C CYS L 148 44.63 31.03 61.70
N MET L 149 45.37 29.93 61.80
CA MET L 149 45.20 28.80 60.90
C MET L 149 43.73 28.38 60.89
N GLU L 150 43.16 28.21 62.08
CA GLU L 150 41.79 27.76 62.23
C GLU L 150 40.78 28.68 61.55
N SER L 151 41.18 29.94 61.34
CA SER L 151 40.32 30.92 60.69
C SER L 151 40.47 30.86 59.18
N VAL L 152 41.67 30.51 58.73
CA VAL L 152 41.91 30.32 57.30
C VAL L 152 41.09 29.13 56.84
N LYS L 153 41.09 28.07 57.66
CA LYS L 153 40.38 26.83 57.35
C LYS L 153 38.87 27.03 57.19
N ASN L 154 38.25 27.72 58.14
CA ASN L 154 36.81 27.93 58.06
C ASN L 154 36.42 29.22 57.34
N GLY L 155 37.31 29.69 56.47
CA GLY L 155 37.02 30.81 55.60
C GLY L 155 36.81 32.14 56.31
N THR L 156 36.97 32.15 57.62
CA THR L 156 36.81 33.37 58.40
C THR L 156 38.16 34.01 58.70
N TYR L 157 39.07 33.93 57.72
CA TYR L 157 40.37 34.59 57.86
C TYR L 157 40.17 36.10 57.92
N ASP L 158 40.94 36.77 58.77
CA ASP L 158 40.86 38.21 58.94
C ASP L 158 42.09 38.87 58.33
N TYR L 159 42.01 39.22 57.04
CA TYR L 159 43.15 39.76 56.30
C TYR L 159 43.76 41.02 56.93
N PRO L 160 42.92 42.04 57.21
CA PRO L 160 43.45 43.29 57.78
C PRO L 160 44.13 43.09 59.13
N LYS L 161 43.52 42.28 59.99
CA LYS L 161 44.06 42.02 61.34
C LYS L 161 45.48 41.48 61.31
N TYR L 162 45.97 41.11 60.12
CA TYR L 162 47.33 40.63 59.97
C TYR L 162 48.07 41.36 58.87
N SER L 163 47.34 42.17 58.11
CA SER L 163 47.91 42.90 56.97
C SER L 163 49.16 43.67 57.37
N GLU L 164 49.08 44.36 58.51
CA GLU L 164 50.20 45.16 59.01
C GLU L 164 51.48 44.32 59.15
N GLU L 165 51.49 43.41 60.13
CA GLU L 165 52.64 42.57 60.42
C GLU L 165 53.27 41.95 59.17
N ALA L 166 52.43 41.44 58.26
CA ALA L 166 52.92 40.79 57.05
C ALA L 166 53.61 41.77 56.12
N LYS L 167 52.95 42.88 55.83
CA LYS L 167 53.53 43.93 55.00
C LYS L 167 54.97 44.22 55.41
N LEU L 168 55.19 44.34 56.72
CA LEU L 168 56.50 44.69 57.26
C LEU L 168 57.59 43.69 56.86
N ASN L 169 57.24 42.41 56.82
CA ASN L 169 58.18 41.37 56.43
C ASN L 169 58.40 41.30 54.92
#